data_8EAS
#
_entry.id   8EAS
#
_cell.length_a   1.00
_cell.length_b   1.00
_cell.length_c   1.00
_cell.angle_alpha   90.00
_cell.angle_beta   90.00
_cell.angle_gamma   90.00
#
_symmetry.space_group_name_H-M   'P 1'
#
loop_
_entity.id
_entity.type
_entity.pdbx_description
1 polymer 'Vacuolar ATPase assembly protein VMA22'
2 polymer 'V-type proton ATPase assembly factor Vma12p'
3 polymer 'V-type proton ATPase subunit F'
4 polymer 'V-type proton ATPase subunit a, vacuolar isoform'
5 polymer 'V0 assembly protein 1'
6 polymer "V-type proton ATPase subunit c''"
7 polymer 'V-type proton ATPase subunit d'
8 polymer 'V-type proton ATPase subunit e'
9 polymer 'Yeast V-ATPase subunit f'
10 polymer 'V-type proton ATPase subunit c'
11 polymer "V-type proton ATPase subunit c'"
#
loop_
_entity_poly.entity_id
_entity_poly.type
_entity_poly.pdbx_seq_one_letter_code
_entity_poly.pdbx_strand_id
1 'polypeptide(L)'
;MSETRMAQNMDTTDEQYLRLIELLSNYDSTLEQLQKGFQDGYIQLSRSNYYNKDSLRGNYGEDYWDETYIGQLMATVEEK
NSKVVVEIVKRKAQDKQEKKEEEDNKLTQRKKGTKPEKQKTQSHKLKQDYDPILMFGGVLSVPSSLRQSQTSFKGCIPLI
AQLINYKNEILTLVETLSEQE
;
A
2 'polypeptide(L)'
;MFEIKLNDRITEFLRKFKNSAKSNEGIDEDIDLFLKRHAIPMQSLLFYVKEYRKDSDLQCSIKELLKPLEFEFKPKAVRG
LHYSEDFKKKLEFLKYQEQELEYQSMVK(UNK)(UNK)(UNK)(UNK)(UNK)(UNK)(UNK)(UNK)(UNK)(UNK)
(UNK)(UNK)(UNK)(UNK)(UNK)(UNK)(UNK)(UNK)(UNK)(UNK)(UNK)(UNK)(UNK)(UNK)(UNK)(UNK)
(UNK)(UNK)(UNK)(UNK)(UNK)(UNK)(UNK)(UNK)(UNK)(UNK)(UNK)(UNK)(UNK)
;
B
3 'polypeptide(L)'
;MAEKRTLIAVIADEDTTTGLLLAGIGQITPETQEKNFFVYQEGKTTKEEITDKFNHFTEERDDIAILLINQHIAENIRAR
VDSFTNAFPAILEIPSKDHPYDPEKDSVLKRVRKLFGE
;
F
4 'polypeptide(L)'
;MAEKEEAIFRSAEMALVQFYIPQEISRDSAYTLGQLGLVQFRDLNSKVRAFQRTFVNEIRRLDNVERQYRYFYSLLKKHD
IKLYEGDTDKYLDGSGELYVPPSGSVIDDYVRNASYLEERLIQMEDATDQIEVQKNDLEQYRFILQSGDEFFLKGDNTDS
TSYMDEDMIDANGENIAAAIGASVNYVTGVIARDKVATLEQILWRVLRGNLFFKTVEIEQPVYDVKTREYKHKNAFIVFS
HGDLIIKRIRKIAESLDANLYDVDSSNEGRSQQLAKVNKNLSDLYTVLKTTSTTLESELYAIAKELDSWFQDVTREKAIF
EILNKSNYDTNRKILIAEGWIPRDELATLQARLGEMIARLGIDVPSIIQVLDTNHTPPTFHRTNKFTAGFQSICDCYGIA
QYREINAGLPTIVTFPFMFAIMFGDMGHGFLMTLAALSLVLNEKKINKMKRGEIFDMAFTGRYIILLMGVFSMYTGFLYN
DIFSKTMTIFKSGWKWPDHWKKGESITATSVGTYPIGLDWAWHGTENALLFSNSYKMKLSILMGFIHMTYSYFFSLANHL
YFNSMIDIIGNFIPGLLFMQGIFGYLSVCIVYKWAVDWVKDGKPAPGLLNMLINMFLSPGTIDDELYPHQAKVQVFLLLM
ALVCIPWLLLVKPLHFKFTHKKKSHEPLPSTEADASSEDLEAQQLISAMDADDAEEEEVGSGSHGEDFGDIMIHQVIHTI
EFCLNCVSHTASYLRLWALSLAHAQLSSVLWTMTIQIAFGFRGFVGVFMTVALFAMWFALTCAVLVLMEGTSAMLHSLRL
HWVESMSKFFVGEGLPYEPFAFEYKDMEVAVASASSSASS
;
a
5 'polypeptide(L)'
;MVFGQLYALFIFTLSCCISKTVQADSSKESSSFISFDKESNWDTISTISSTADVISSVDSAIAVFEFDNFSLLDNLMIDE
EYPFFNRFFANDVSLTVHDDSPLNISQSLSPIMEQFTVDELPESASDLLYEYSLDDKSIVLFKFTSDAYDLKKLDEFIDS
CLSFLEDKSGDNLTVVINSLGWAFEDEDGDDEYATEETLSHHDNNKGKEGDDDILSSIWTEGLLMCLIVSALLLFILIVA
LSWISNLDITYGALEKSTNPIKKNN
;
b
6 'polypeptide(L)'
;MNKESKDDDMSLGKFSFSHFLYYLVLIVVIVYGLYKLFTGHGSDINFGKFLLRTSPYMWANLGIALCVGLSVVGAAWGIF
ITGSSMIGAGVRAPRITTKNLISIIFCEVVAIYGLIIAIVFSSKLTVATAENMYSKSNLYTGYSLFWAGITVGASNLICG
IAVGITGATAAISDAADSALFVKILVIEIFGSILGLLGLIVGLLMAGKASEFQ
;
c
7 'polypeptide(L)'
;MEGVYFNIDNGFIEGVVRGYRNGLLSNNQYINLTQCDTLEDLKLQLSSTDYGNFLSSVSSESLTTSLIQEYASSKLYHEF
NYIRDQSSGSTRKFMDYITYGYMIDNVALMITGTIHDRDKGEILQRCHPLGWFDTLPTLSVATDLESLYETVLVDTPLAP
YFKNCFDTAEELDDMNIEIIRNKLYKAYLEDFYNFVTEEIPEPAKECMQTLLGFEADRRSINIALNSLQSSDIDPDLKSD
LLPNIGKLYPLATFHLAQAQDFEGVRAALANVYEYRGFLETGNLEDHFYQLEMELCRDAFTQQFAISTVWAWMKSKEQEV
RNITWIAECIAQNQRERINNYISVY
;
d
8 'polypeptide(L)' MSSFYTVVGVFIVVSAMSVLFWIMAPKNNQAVWRSTVILTLAMMFLMWAITFLCQLHPLVAPRRSDLRPEFAE e
9 'polypeptide(L)'
;MRPVVSTGKAWCCTVLSAFGVVILSVIAHLFNTNHESFVGSINDPEDGPAVAHTVYLAALVYLVFFVFCGFQVYLARRKP
SIELR
;
f
10 'polypeptide(L)'
;MTELCPVYAPFFGAIGCASAIIFTSLGAAYGTAKSGVGICATCVLRPDLLFKNIVPVIMAGIIAIYGLVVSVLVCYSLGQ
KQALYTGFIQLGAGLSVGLSGLAAGFAIGIVGDAGVRGSSQQPRLFVGMILILIFAEVLGLYGLIVALLLNSRATQDVVC
;
g,h,i,j,k,l,m,n
11 'polypeptide(L)'
;MSTQLASNIYAPLYAPFFGFAGCAAAMVLSCLGAAIGTAKSGIGIAGIGTFKPELIMKSLIPVVMSGILAIYGLVVAVLI
AGNLSPTEDYTLFNGFMHLSCGLCVGFACLSSGYAIGMVGDVGVRKYMHQPRLFVGIVLILIFSEVLGLYGMIVALILNT
RGSE
;
o
#
# COMPACT_ATOMS: atom_id res chain seq x y z
N ASP A 14 52.37 -34.83 -66.46
CA ASP A 14 53.09 -34.47 -65.25
C ASP A 14 52.32 -34.86 -63.99
N GLU A 15 53.05 -35.16 -62.92
CA GLU A 15 52.44 -35.55 -61.66
C GLU A 15 52.09 -34.37 -60.78
N GLN A 16 52.39 -33.14 -61.21
CA GLN A 16 52.06 -31.97 -60.41
C GLN A 16 50.56 -31.81 -60.23
N TYR A 17 49.77 -32.22 -61.23
CA TYR A 17 48.32 -32.15 -61.09
C TYR A 17 47.81 -33.16 -60.07
N LEU A 18 48.45 -34.32 -59.97
CA LEU A 18 48.09 -35.28 -58.94
C LEU A 18 48.32 -34.71 -57.55
N ARG A 19 49.45 -34.02 -57.36
CA ARG A 19 49.70 -33.36 -56.08
C ARG A 19 48.73 -32.21 -55.85
N LEU A 20 48.30 -31.53 -56.92
CA LEU A 20 47.27 -30.52 -56.77
C LEU A 20 45.96 -31.13 -56.28
N ILE A 21 45.60 -32.30 -56.81
CA ILE A 21 44.39 -32.99 -56.36
C ILE A 21 44.52 -33.38 -54.89
N GLU A 22 45.69 -33.90 -54.51
CA GLU A 22 45.91 -34.29 -53.11
C GLU A 22 45.80 -33.08 -52.18
N LEU A 23 46.40 -31.95 -52.59
CA LEU A 23 46.32 -30.74 -51.80
C LEU A 23 44.89 -30.24 -51.70
N LEU A 24 44.12 -30.32 -52.79
CA LEU A 24 42.73 -29.92 -52.75
C LEU A 24 41.92 -30.82 -51.81
N SER A 25 42.24 -32.12 -51.78
CA SER A 25 41.57 -33.02 -50.85
C SER A 25 41.87 -32.63 -49.41
N ASN A 26 43.13 -32.38 -49.10
CA ASN A 26 43.48 -31.98 -47.74
C ASN A 26 42.87 -30.63 -47.39
N TYR A 27 42.79 -29.72 -48.36
CA TYR A 27 42.14 -28.43 -48.15
C TYR A 27 40.67 -28.62 -47.84
N ASP A 28 39.99 -29.52 -48.56
CA ASP A 28 38.60 -29.81 -48.28
C ASP A 28 38.42 -30.38 -46.88
N SER A 29 39.28 -31.33 -46.50
CA SER A 29 39.17 -31.93 -45.17
C SER A 29 39.41 -30.89 -44.08
N THR A 30 40.39 -30.00 -44.28
CA THR A 30 40.66 -28.99 -43.28
C THR A 30 39.54 -27.95 -43.22
N LEU A 31 38.94 -27.61 -44.37
CA LEU A 31 37.76 -26.76 -44.35
C LEU A 31 36.62 -27.41 -43.57
N GLU A 32 36.41 -28.71 -43.77
CA GLU A 32 35.35 -29.40 -43.06
C GLU A 32 35.60 -29.39 -41.56
N GLN A 33 36.84 -29.69 -41.15
CA GLN A 33 37.17 -29.66 -39.72
C GLN A 33 37.04 -28.26 -39.14
N LEU A 34 37.51 -27.25 -39.87
CA LEU A 34 37.40 -25.88 -39.39
C LEU A 34 35.95 -25.45 -39.26
N GLN A 35 35.12 -25.81 -40.24
CA GLN A 35 33.71 -25.46 -40.16
C GLN A 35 33.04 -26.16 -39.00
N LYS A 36 33.33 -27.44 -38.79
CA LYS A 36 32.76 -28.14 -37.64
C LYS A 36 33.21 -27.52 -36.32
N GLY A 37 34.48 -27.15 -36.23
CA GLY A 37 34.97 -26.52 -35.01
C GLY A 37 34.31 -25.18 -34.75
N PHE A 38 34.20 -24.36 -35.78
CA PHE A 38 33.53 -23.06 -35.62
C PHE A 38 32.06 -23.22 -35.28
N GLN A 39 31.38 -24.19 -35.90
CA GLN A 39 29.98 -24.45 -35.56
C GLN A 39 29.84 -24.84 -34.10
N ASP A 40 30.70 -25.74 -33.63
CA ASP A 40 30.64 -26.15 -32.23
C ASP A 40 30.91 -24.97 -31.31
N GLY A 41 31.94 -24.18 -31.64
CA GLY A 41 32.26 -23.04 -30.80
C GLY A 41 31.15 -22.00 -30.77
N TYR A 42 30.56 -21.71 -31.92
CA TYR A 42 29.48 -20.73 -31.98
C TYR A 42 28.24 -21.22 -31.26
N ILE A 43 27.88 -22.49 -31.42
CA ILE A 43 26.67 -22.96 -30.76
C ILE A 43 26.89 -23.06 -29.25
N GLN A 44 28.12 -23.37 -28.83
CA GLN A 44 28.39 -23.41 -27.39
C GLN A 44 28.52 -22.02 -26.81
N LEU A 45 28.96 -21.04 -27.59
CA LEU A 45 28.93 -19.66 -27.15
C LEU A 45 27.49 -19.14 -27.04
N SER A 46 26.64 -19.53 -27.99
CA SER A 46 25.23 -19.21 -27.90
C SER A 46 24.60 -19.86 -26.68
N ARG A 47 24.93 -21.13 -26.43
CA ARG A 47 24.44 -21.82 -25.25
C ARG A 47 25.08 -21.30 -23.97
N SER A 48 26.15 -20.51 -24.08
CA SER A 48 26.66 -19.75 -22.96
C SER A 48 25.86 -18.46 -22.76
N ASN A 49 25.31 -17.91 -23.83
CA ASN A 49 24.37 -16.80 -23.69
C ASN A 49 23.07 -17.25 -23.04
N TYR A 50 22.57 -18.42 -23.41
CA TYR A 50 21.77 -19.23 -22.50
C TYR A 50 22.66 -19.62 -21.33
N TYR A 51 22.08 -19.76 -20.15
CA TYR A 51 22.89 -19.91 -18.94
C TYR A 51 23.70 -18.65 -18.66
N ASN A 52 23.05 -17.49 -18.75
CA ASN A 52 23.70 -16.20 -18.53
C ASN A 52 23.42 -15.65 -17.15
N LYS A 53 23.00 -16.49 -16.21
CA LYS A 53 22.62 -15.98 -14.90
C LYS A 53 23.80 -15.43 -14.12
N ASP A 54 25.02 -15.91 -14.38
CA ASP A 54 26.21 -15.37 -13.76
C ASP A 54 26.88 -14.30 -14.61
N SER A 55 26.38 -14.04 -15.81
CA SER A 55 26.98 -13.03 -16.67
C SER A 55 26.67 -11.63 -16.17
N LEU A 56 27.51 -10.68 -16.57
CA LEU A 56 27.33 -9.30 -16.15
C LEU A 56 26.06 -8.70 -16.73
N ARG A 57 25.74 -9.04 -17.99
CA ARG A 57 24.68 -8.36 -18.71
C ARG A 57 23.85 -9.32 -19.56
N GLY A 58 23.88 -10.62 -19.25
CA GLY A 58 23.12 -11.59 -20.00
C GLY A 58 23.77 -12.09 -21.26
N ASN A 59 25.02 -11.72 -21.51
CA ASN A 59 25.70 -12.10 -22.74
C ASN A 59 27.17 -12.28 -22.43
N TYR A 60 27.80 -13.26 -23.08
CA TYR A 60 29.24 -13.47 -23.01
C TYR A 60 29.83 -12.97 -24.32
N GLY A 61 30.35 -11.75 -24.30
CA GLY A 61 30.75 -11.09 -25.51
C GLY A 61 31.52 -9.81 -25.26
N GLU A 62 31.16 -8.74 -25.98
CA GLU A 62 31.92 -7.49 -25.91
C GLU A 62 31.97 -6.91 -24.51
N ASP A 63 31.04 -7.30 -23.64
CA ASP A 63 31.08 -6.82 -22.27
C ASP A 63 32.35 -7.25 -21.55
N TYR A 64 32.93 -8.36 -21.99
CA TYR A 64 34.09 -8.95 -21.32
C TYR A 64 35.37 -8.79 -22.10
N TRP A 65 35.32 -8.21 -23.30
CA TRP A 65 36.52 -8.11 -24.12
C TRP A 65 37.54 -7.21 -23.46
N ASP A 66 38.73 -7.74 -23.27
CA ASP A 66 39.83 -7.02 -22.61
C ASP A 66 40.66 -6.43 -23.74
N GLU A 67 40.54 -5.12 -23.95
CA GLU A 67 41.28 -4.46 -25.02
C GLU A 67 42.77 -4.34 -24.72
N THR A 68 43.18 -4.64 -23.50
CA THR A 68 44.59 -4.73 -23.16
C THR A 68 45.11 -6.16 -23.24
N TYR A 69 44.30 -7.08 -23.75
CA TYR A 69 44.66 -8.49 -23.74
C TYR A 69 45.64 -8.79 -24.86
N ILE A 70 46.85 -9.20 -24.50
CA ILE A 70 47.78 -9.79 -25.45
C ILE A 70 47.58 -11.29 -25.41
N GLY A 71 47.50 -11.90 -26.58
CA GLY A 71 47.02 -13.27 -26.67
C GLY A 71 48.01 -14.29 -26.18
N GLN A 72 47.55 -15.53 -26.18
CA GLN A 72 48.41 -16.67 -25.91
C GLN A 72 49.10 -17.20 -27.14
N LEU A 73 48.80 -16.66 -28.32
CA LEU A 73 49.28 -17.21 -29.58
C LEU A 73 49.95 -16.14 -30.42
N MET A 74 50.96 -16.56 -31.18
CA MET A 74 51.57 -15.72 -32.19
C MET A 74 51.78 -16.56 -33.45
N ALA A 75 51.97 -15.88 -34.56
CA ALA A 75 52.22 -16.55 -35.83
C ALA A 75 53.70 -16.49 -36.18
N THR A 76 54.18 -17.55 -36.83
CA THR A 76 55.56 -17.63 -37.30
C THR A 76 55.55 -17.89 -38.80
N VAL A 77 56.25 -17.05 -39.55
CA VAL A 77 56.32 -17.16 -41.00
C VAL A 77 57.75 -17.43 -41.42
N GLU A 78 57.96 -18.51 -42.16
CA GLU A 78 59.26 -18.87 -42.71
C GLU A 78 59.08 -19.26 -44.17
N GLU A 79 60.19 -19.30 -44.91
CA GLU A 79 60.15 -19.63 -46.32
C GLU A 79 61.18 -20.70 -46.62
N LYS A 80 60.74 -21.74 -47.33
CA LYS A 80 61.63 -22.78 -47.83
C LYS A 80 61.33 -22.96 -49.32
N ASN A 81 62.34 -22.77 -50.16
CA ASN A 81 62.18 -22.78 -51.62
C ASN A 81 61.13 -21.70 -51.96
N SER A 82 60.18 -21.99 -52.84
CA SER A 82 59.12 -21.04 -53.15
C SER A 82 57.92 -21.15 -52.20
N LYS A 83 57.88 -22.18 -51.36
CA LYS A 83 56.77 -22.34 -50.43
C LYS A 83 56.98 -21.47 -49.21
N VAL A 84 55.88 -20.87 -48.74
CA VAL A 84 55.88 -20.05 -47.53
C VAL A 84 55.00 -20.75 -46.50
N VAL A 85 55.51 -20.89 -45.28
CA VAL A 85 54.84 -21.62 -44.21
C VAL A 85 54.49 -20.62 -43.11
N VAL A 86 53.24 -20.66 -42.66
CA VAL A 86 52.76 -19.85 -41.55
C VAL A 86 52.25 -20.79 -40.47
N GLU A 87 52.75 -20.60 -39.25
CA GLU A 87 52.39 -21.46 -38.14
C GLU A 87 52.01 -20.62 -36.93
N ILE A 88 50.98 -21.07 -36.21
CA ILE A 88 50.54 -20.41 -34.99
C ILE A 88 51.06 -21.21 -33.80
N VAL A 89 51.79 -20.54 -32.90
CA VAL A 89 52.42 -21.19 -31.76
C VAL A 89 51.93 -20.54 -30.48
N LYS A 90 52.11 -21.26 -29.38
CA LYS A 90 51.60 -20.84 -28.07
C LYS A 90 52.65 -20.00 -27.34
N ARG A 91 52.93 -18.83 -27.92
CA ARG A 91 53.80 -17.85 -27.29
C ARG A 91 53.30 -16.45 -27.66
N LYS A 92 53.69 -15.48 -26.83
CA LYS A 92 53.37 -14.07 -27.05
C LYS A 92 51.87 -13.83 -27.21
N LYS A 127 49.62 -10.76 -14.18
CA LYS A 127 50.08 -11.74 -15.16
C LYS A 127 49.38 -11.55 -16.50
N GLN A 128 50.18 -11.31 -17.54
CA GLN A 128 49.65 -11.13 -18.89
C GLN A 128 49.36 -12.51 -19.50
N ASP A 129 49.08 -12.53 -20.80
CA ASP A 129 48.81 -13.70 -21.65
C ASP A 129 48.11 -14.82 -20.88
N TYR A 130 47.06 -14.47 -20.15
CA TYR A 130 46.36 -15.42 -19.30
C TYR A 130 45.40 -16.29 -20.11
N ASP A 131 44.77 -17.22 -19.42
CA ASP A 131 43.74 -18.05 -20.04
C ASP A 131 42.57 -17.16 -20.45
N PRO A 132 42.17 -17.14 -21.73
CA PRO A 132 41.16 -16.17 -22.17
C PRO A 132 39.81 -16.35 -21.49
N ILE A 133 39.55 -17.50 -20.87
CA ILE A 133 38.30 -17.68 -20.17
C ILE A 133 38.17 -16.66 -19.04
N LEU A 134 39.30 -16.20 -18.50
CA LEU A 134 39.27 -15.25 -17.39
C LEU A 134 38.81 -13.88 -17.83
N MET A 135 38.92 -13.57 -19.13
CA MET A 135 38.33 -12.35 -19.67
C MET A 135 36.85 -12.27 -19.34
N PHE A 136 36.17 -13.42 -19.30
CA PHE A 136 34.73 -13.52 -19.20
C PHE A 136 34.28 -13.89 -17.79
N GLY A 137 35.10 -13.59 -16.79
CA GLY A 137 34.81 -14.09 -15.46
C GLY A 137 34.90 -15.59 -15.39
N GLY A 138 35.99 -16.16 -15.93
CA GLY A 138 36.06 -17.59 -16.15
C GLY A 138 36.26 -18.42 -14.90
N VAL A 139 36.53 -17.79 -13.76
CA VAL A 139 36.77 -18.55 -12.54
C VAL A 139 35.45 -19.00 -11.92
N LEU A 140 34.57 -18.05 -11.62
CA LEU A 140 33.33 -18.35 -10.91
C LEU A 140 32.07 -18.07 -11.71
N SER A 141 32.16 -17.32 -12.80
CA SER A 141 30.97 -16.74 -13.43
C SER A 141 30.87 -17.12 -14.90
N VAL A 142 31.23 -18.35 -15.26
CA VAL A 142 31.01 -18.81 -16.62
C VAL A 142 30.33 -20.17 -16.60
N PRO A 143 29.52 -20.49 -17.59
CA PRO A 143 29.00 -21.86 -17.73
C PRO A 143 30.07 -22.77 -18.31
N SER A 144 29.85 -24.07 -18.14
CA SER A 144 30.73 -25.06 -18.75
C SER A 144 30.66 -25.01 -20.26
N SER A 145 29.55 -24.54 -20.81
CA SER A 145 29.42 -24.42 -22.26
C SER A 145 30.38 -23.39 -22.82
N LEU A 146 30.72 -22.37 -22.04
CA LEU A 146 31.73 -21.40 -22.49
C LEU A 146 33.11 -22.04 -22.57
N ARG A 147 33.44 -22.91 -21.61
CA ARG A 147 34.69 -23.65 -21.68
C ARG A 147 34.70 -24.59 -22.88
N GLN A 148 33.56 -25.22 -23.17
CA GLN A 148 33.47 -26.07 -24.35
C GLN A 148 33.66 -25.26 -25.64
N SER A 149 33.07 -24.07 -25.68
CA SER A 149 33.24 -23.18 -26.82
C SER A 149 34.70 -22.78 -26.99
N GLN A 150 35.36 -22.45 -25.88
CA GLN A 150 36.79 -22.13 -25.94
C GLN A 150 37.59 -23.31 -26.46
N THR A 151 37.25 -24.52 -26.02
CA THR A 151 37.93 -25.71 -26.53
C THR A 151 37.74 -25.84 -28.04
N SER A 152 36.52 -25.61 -28.51
CA SER A 152 36.26 -25.71 -29.95
C SER A 152 37.06 -24.69 -30.74
N PHE A 153 37.15 -23.46 -30.24
CA PHE A 153 37.89 -22.44 -30.98
C PHE A 153 39.41 -22.68 -30.90
N LYS A 154 39.89 -23.14 -29.75
CA LYS A 154 41.30 -23.49 -29.63
C LYS A 154 41.64 -24.65 -30.54
N GLY A 155 40.68 -25.53 -30.81
CA GLY A 155 40.88 -26.55 -31.82
C GLY A 155 40.83 -25.98 -33.22
N CYS A 156 40.06 -24.92 -33.43
CA CYS A 156 40.02 -24.25 -34.72
C CYS A 156 41.37 -23.67 -35.09
N ILE A 157 42.12 -23.18 -34.09
CA ILE A 157 43.40 -22.52 -34.39
C ILE A 157 44.37 -23.40 -35.17
N PRO A 158 44.67 -24.65 -34.76
CA PRO A 158 45.53 -25.48 -35.61
C PRO A 158 44.95 -25.71 -36.99
N LEU A 159 43.62 -25.83 -37.07
CA LEU A 159 42.98 -25.96 -38.37
C LEU A 159 43.14 -24.70 -39.20
N ILE A 160 43.13 -23.54 -38.55
CA ILE A 160 43.39 -22.29 -39.26
C ILE A 160 44.79 -22.31 -39.86
N ALA A 161 45.78 -22.71 -39.06
CA ALA A 161 47.15 -22.74 -39.56
C ALA A 161 47.29 -23.74 -40.71
N GLN A 162 46.72 -24.93 -40.56
CA GLN A 162 46.80 -25.93 -41.61
C GLN A 162 46.10 -25.46 -42.87
N LEU A 163 44.95 -24.80 -42.73
CA LEU A 163 44.22 -24.30 -43.88
C LEU A 163 45.02 -23.23 -44.62
N ILE A 164 45.65 -22.32 -43.88
CA ILE A 164 46.48 -21.29 -44.52
C ILE A 164 47.65 -21.93 -45.26
N ASN A 165 48.29 -22.92 -44.62
CA ASN A 165 49.42 -23.58 -45.26
C ASN A 165 48.98 -24.32 -46.53
N TYR A 166 47.84 -25.01 -46.47
CA TYR A 166 47.32 -25.69 -47.65
C TYR A 166 46.97 -24.71 -48.75
N LYS A 167 46.36 -23.58 -48.40
CA LYS A 167 46.00 -22.60 -49.40
C LYS A 167 47.24 -22.03 -50.09
N ASN A 168 48.27 -21.71 -49.31
CA ASN A 168 49.51 -21.20 -49.88
C ASN A 168 50.18 -22.25 -50.75
N GLU A 169 50.18 -23.50 -50.30
CA GLU A 169 50.78 -24.58 -51.08
C GLU A 169 50.04 -24.78 -52.39
N ILE A 170 48.71 -24.73 -52.37
CA ILE A 170 47.93 -24.87 -53.60
C ILE A 170 48.22 -23.72 -54.54
N LEU A 171 48.28 -22.49 -54.01
CA LEU A 171 48.56 -21.34 -54.86
C LEU A 171 49.95 -21.44 -55.47
N THR A 172 50.95 -21.87 -54.70
CA THR A 172 52.29 -22.00 -55.23
C THR A 172 52.36 -23.09 -56.31
N LEU A 173 51.69 -24.22 -56.07
CA LEU A 173 51.68 -25.29 -57.07
C LEU A 173 50.96 -24.84 -58.34
N VAL A 174 49.88 -24.07 -58.19
CA VAL A 174 49.16 -23.57 -59.36
C VAL A 174 50.04 -22.59 -60.12
N GLU A 175 50.77 -21.72 -59.41
CA GLU A 175 51.71 -20.83 -60.06
C GLU A 175 52.79 -21.62 -60.82
N THR A 176 53.21 -22.75 -60.25
CA THR A 176 54.14 -23.62 -60.98
C THR A 176 53.52 -24.13 -62.27
N LEU A 177 52.24 -24.52 -62.23
CA LEU A 177 51.57 -25.02 -63.41
C LEU A 177 50.93 -23.89 -64.20
N MET B 1 33.39 -30.56 -48.07
CA MET B 1 32.84 -29.23 -48.34
C MET B 1 32.56 -29.04 -49.82
N PHE B 2 33.30 -29.75 -50.66
CA PHE B 2 33.04 -29.72 -52.09
C PHE B 2 33.50 -31.03 -52.70
N GLU B 3 32.95 -31.34 -53.87
CA GLU B 3 33.21 -32.59 -54.57
C GLU B 3 33.69 -32.29 -55.97
N ILE B 4 34.12 -33.34 -56.67
CA ILE B 4 34.51 -33.22 -58.07
C ILE B 4 33.30 -33.61 -58.92
N LYS B 5 32.79 -32.66 -59.69
CA LYS B 5 31.69 -32.95 -60.59
C LYS B 5 32.20 -33.76 -61.78
N LEU B 6 31.52 -34.88 -62.06
CA LEU B 6 31.98 -35.81 -63.07
C LEU B 6 31.84 -35.19 -64.46
N ASN B 7 32.96 -34.95 -65.11
CA ASN B 7 32.96 -34.51 -66.50
C ASN B 7 32.85 -35.72 -67.42
N ASP B 8 32.87 -35.46 -68.74
CA ASP B 8 32.75 -36.56 -69.70
C ASP B 8 33.91 -37.54 -69.56
N ARG B 9 35.14 -37.02 -69.55
CA ARG B 9 36.30 -37.88 -69.38
C ARG B 9 36.32 -38.52 -67.99
N ILE B 10 35.95 -37.76 -66.96
CA ILE B 10 35.91 -38.29 -65.61
C ILE B 10 34.86 -39.39 -65.50
N THR B 11 33.68 -39.17 -66.09
CA THR B 11 32.65 -40.20 -66.07
C THR B 11 33.08 -41.45 -66.83
N GLU B 12 33.74 -41.28 -67.97
CA GLU B 12 34.24 -42.43 -68.72
C GLU B 12 35.27 -43.20 -67.92
N PHE B 13 36.18 -42.49 -67.24
CA PHE B 13 37.17 -43.16 -66.41
C PHE B 13 36.51 -43.91 -65.26
N LEU B 14 35.52 -43.28 -64.61
CA LEU B 14 34.82 -43.94 -63.52
C LEU B 14 34.10 -45.20 -64.00
N ARG B 15 33.47 -45.13 -65.17
CA ARG B 15 32.77 -46.29 -65.71
C ARG B 15 33.74 -47.41 -66.05
N LYS B 16 34.88 -47.06 -66.67
CA LYS B 16 35.86 -48.07 -67.04
C LYS B 16 36.67 -48.58 -65.85
N PHE B 17 36.60 -47.91 -64.70
CA PHE B 17 37.34 -48.37 -63.53
C PHE B 17 36.79 -49.68 -62.98
N LYS B 18 35.50 -49.96 -63.21
CA LYS B 18 34.93 -51.21 -62.68
C LYS B 18 35.58 -52.44 -63.31
N ASN B 19 36.21 -52.28 -64.46
CA ASN B 19 37.00 -53.36 -65.07
C ASN B 19 38.44 -53.28 -64.58
N SER B 20 38.62 -53.58 -63.29
CA SER B 20 39.92 -53.54 -62.65
C SER B 20 40.13 -54.79 -61.81
N ALA B 21 41.40 -55.15 -61.63
CA ALA B 21 41.74 -56.34 -60.86
C ALA B 21 41.32 -56.21 -59.40
N LYS B 22 41.49 -55.02 -58.81
CA LYS B 22 41.14 -54.79 -57.42
C LYS B 22 39.70 -54.31 -57.24
N SER B 23 38.94 -54.21 -58.33
CA SER B 23 37.55 -53.78 -58.23
C SER B 23 36.73 -54.80 -57.43
N ASN B 24 35.79 -54.29 -56.63
CA ASN B 24 34.94 -55.12 -55.80
C ASN B 24 33.51 -54.59 -55.87
N GLU B 25 32.58 -55.37 -55.32
CA GLU B 25 31.17 -55.01 -55.38
C GLU B 25 30.90 -53.69 -54.64
N GLY B 26 31.50 -53.51 -53.47
CA GLY B 26 31.27 -52.28 -52.73
C GLY B 26 31.81 -51.07 -53.45
N ILE B 27 33.04 -51.18 -53.97
CA ILE B 27 33.64 -50.07 -54.71
C ILE B 27 32.87 -49.80 -55.99
N ASP B 28 32.41 -50.87 -56.66
CA ASP B 28 31.59 -50.69 -57.86
C ASP B 28 30.30 -49.94 -57.54
N GLU B 29 29.63 -50.32 -56.45
CA GLU B 29 28.40 -49.63 -56.07
C GLU B 29 28.68 -48.18 -55.69
N ASP B 30 29.80 -47.93 -55.00
CA ASP B 30 30.15 -46.56 -54.65
C ASP B 30 30.40 -45.72 -55.89
N ILE B 31 31.09 -46.28 -56.89
CA ILE B 31 31.33 -45.55 -58.13
C ILE B 31 30.03 -45.31 -58.87
N ASP B 32 29.14 -46.30 -58.86
CA ASP B 32 27.84 -46.14 -59.52
C ASP B 32 27.02 -45.03 -58.87
N LEU B 33 27.00 -44.99 -57.54
CA LEU B 33 26.29 -43.93 -56.84
C LEU B 33 26.93 -42.56 -57.09
N PHE B 34 28.26 -42.52 -57.13
CA PHE B 34 28.95 -41.27 -57.43
C PHE B 34 28.60 -40.77 -58.82
N LEU B 35 28.55 -41.66 -59.81
CA LEU B 35 28.10 -41.28 -61.14
C LEU B 35 26.63 -40.85 -61.13
N LYS B 36 25.83 -41.49 -60.27
CA LYS B 36 24.42 -41.13 -60.16
C LYS B 36 24.27 -39.69 -59.68
N ARG B 37 25.05 -39.28 -58.68
CA ARG B 37 25.00 -37.90 -58.22
C ARG B 37 26.02 -37.01 -58.92
N HIS B 38 26.82 -37.57 -59.83
CA HIS B 38 27.80 -36.79 -60.61
C HIS B 38 28.77 -36.04 -59.70
N ALA B 39 29.16 -36.69 -58.60
CA ALA B 39 30.14 -36.14 -57.67
C ALA B 39 31.04 -37.25 -57.19
N ILE B 40 32.33 -36.94 -57.08
CA ILE B 40 33.29 -37.91 -56.55
C ILE B 40 34.22 -37.19 -55.58
N PRO B 41 34.45 -37.74 -54.39
CA PRO B 41 35.37 -37.09 -53.45
C PRO B 41 36.79 -37.12 -53.95
N MET B 42 37.55 -36.09 -53.55
CA MET B 42 38.96 -36.02 -53.95
C MET B 42 39.75 -37.18 -53.37
N GLN B 43 39.46 -37.58 -52.13
CA GLN B 43 40.03 -38.81 -51.60
C GLN B 43 39.70 -40.00 -52.48
N SER B 44 38.42 -40.16 -52.83
CA SER B 44 38.03 -41.32 -53.64
C SER B 44 38.65 -41.27 -55.03
N LEU B 45 38.59 -40.12 -55.69
CA LEU B 45 39.15 -40.01 -57.03
C LEU B 45 40.66 -40.25 -57.02
N LEU B 46 41.37 -39.65 -56.07
CA LEU B 46 42.81 -39.82 -56.00
C LEU B 46 43.18 -41.26 -55.66
N PHE B 47 42.43 -41.89 -54.76
CA PHE B 47 42.70 -43.28 -54.44
C PHE B 47 42.48 -44.17 -55.66
N TYR B 48 41.43 -43.89 -56.44
CA TYR B 48 41.20 -44.65 -57.65
C TYR B 48 42.33 -44.47 -58.65
N VAL B 49 42.77 -43.22 -58.85
CA VAL B 49 43.84 -42.96 -59.81
C VAL B 49 45.13 -43.64 -59.36
N LYS B 50 45.47 -43.54 -58.07
CA LYS B 50 46.70 -44.15 -57.57
C LYS B 50 46.66 -45.66 -57.68
N GLU B 51 45.51 -46.27 -57.35
CA GLU B 51 45.39 -47.72 -57.49
C GLU B 51 45.51 -48.15 -58.95
N TYR B 52 44.88 -47.39 -59.86
CA TYR B 52 45.02 -47.68 -61.28
C TYR B 52 46.45 -47.43 -61.76
N ARG B 53 47.15 -46.49 -61.14
CA ARG B 53 48.54 -46.21 -61.49
C ARG B 53 49.49 -47.09 -60.69
N ILE B 62 47.63 -45.74 -69.52
CA ILE B 62 47.92 -44.46 -68.90
C ILE B 62 47.21 -43.35 -69.67
N LYS B 63 46.54 -42.45 -68.95
CA LYS B 63 45.82 -41.34 -69.55
C LYS B 63 46.30 -40.03 -68.94
N GLU B 64 46.00 -38.94 -69.64
CA GLU B 64 46.37 -37.61 -69.17
C GLU B 64 45.59 -37.23 -67.92
N LEU B 65 46.28 -36.61 -66.97
CA LEU B 65 45.59 -36.14 -65.76
C LEU B 65 44.73 -34.92 -66.06
N LEU B 66 45.13 -34.11 -67.04
CA LEU B 66 44.42 -32.87 -67.34
C LEU B 66 42.99 -33.16 -67.78
N LYS B 67 42.04 -32.82 -66.93
CA LYS B 67 40.61 -32.94 -67.20
C LYS B 67 39.92 -31.66 -66.77
N PRO B 68 38.90 -31.22 -67.51
CA PRO B 68 38.19 -29.98 -67.13
C PRO B 68 37.35 -30.19 -65.88
N LEU B 69 38.02 -30.22 -64.72
CA LEU B 69 37.33 -30.57 -63.48
C LEU B 69 36.31 -29.50 -63.09
N GLU B 70 35.25 -29.95 -62.44
CA GLU B 70 34.23 -29.06 -61.90
C GLU B 70 33.98 -29.42 -60.44
N PHE B 71 33.76 -28.38 -59.63
CA PHE B 71 33.54 -28.53 -58.20
C PHE B 71 32.04 -28.46 -57.92
N GLU B 72 31.50 -29.54 -57.37
CA GLU B 72 30.10 -29.57 -56.95
C GLU B 72 30.07 -29.37 -55.44
N PHE B 73 29.72 -28.15 -55.03
CA PHE B 73 29.73 -27.80 -53.61
C PHE B 73 28.55 -28.42 -52.89
N LYS B 74 28.64 -28.40 -51.57
CA LYS B 74 27.60 -29.00 -50.75
C LYS B 74 26.27 -28.26 -50.97
N PRO B 75 25.17 -28.97 -51.13
CA PRO B 75 23.90 -28.30 -51.43
C PRO B 75 23.53 -27.32 -50.32
N LYS B 76 22.98 -26.18 -50.73
CA LYS B 76 22.62 -25.14 -49.78
C LYS B 76 21.42 -25.57 -48.96
N ALA B 77 21.41 -25.14 -47.69
CA ALA B 77 20.31 -25.46 -46.80
C ALA B 77 19.07 -24.64 -47.19
N VAL B 78 18.03 -25.32 -47.62
CA VAL B 78 16.80 -24.67 -48.05
C VAL B 78 15.94 -24.44 -46.80
N ARG B 79 15.95 -23.20 -46.32
CA ARG B 79 15.18 -22.86 -45.12
C ARG B 79 13.68 -22.94 -45.40
N GLY B 80 12.93 -23.46 -44.44
CA GLY B 80 11.51 -23.63 -44.61
C GLY B 80 11.09 -24.89 -45.31
N LEU B 81 12.03 -25.82 -45.55
CA LEU B 81 11.69 -27.07 -46.22
C LEU B 81 10.77 -27.93 -45.37
N HIS B 82 11.01 -27.97 -44.06
CA HIS B 82 10.25 -28.82 -43.16
C HIS B 82 8.91 -28.22 -42.75
N TYR B 83 8.56 -27.04 -43.27
CA TYR B 83 7.32 -26.40 -42.87
C TYR B 83 6.13 -27.25 -43.26
N SER B 84 5.32 -27.62 -42.27
CA SER B 84 4.02 -28.20 -42.58
C SER B 84 3.18 -27.16 -43.30
N GLU B 85 2.34 -27.60 -44.23
CA GLU B 85 1.60 -26.66 -45.04
C GLU B 85 0.65 -25.82 -44.19
N ASP B 86 0.17 -26.37 -43.08
CA ASP B 86 -0.59 -25.58 -42.12
C ASP B 86 0.26 -24.47 -41.52
N PHE B 87 1.50 -24.80 -41.15
CA PHE B 87 2.41 -23.78 -40.64
C PHE B 87 2.74 -22.74 -41.71
N LYS B 88 2.83 -23.17 -42.97
CA LYS B 88 3.07 -22.23 -44.06
C LYS B 88 1.89 -21.27 -44.23
N LYS B 89 0.67 -21.80 -44.14
CA LYS B 89 -0.51 -20.93 -44.19
C LYS B 89 -0.52 -19.95 -43.04
N LYS B 90 -0.18 -20.42 -41.84
CA LYS B 90 -0.15 -19.53 -40.68
C LYS B 90 0.91 -18.44 -40.85
N LEU B 91 2.06 -18.79 -41.41
CA LEU B 91 3.10 -17.80 -41.65
C LEU B 91 2.65 -16.75 -42.66
N GLU B 92 2.00 -17.19 -43.73
CA GLU B 92 1.46 -16.24 -44.71
C GLU B 92 0.43 -15.33 -44.05
N PHE B 93 -0.45 -15.90 -43.23
CA PHE B 93 -1.43 -15.12 -42.51
C PHE B 93 -0.77 -14.09 -41.62
N LEU B 94 0.33 -14.46 -40.96
CA LEU B 94 1.01 -13.51 -40.08
C LEU B 94 1.72 -12.42 -40.86
N LYS B 95 2.25 -12.76 -42.04
CA LYS B 95 2.81 -11.73 -42.92
C LYS B 95 1.73 -10.72 -43.29
N TYR B 96 0.57 -11.20 -43.71
CA TYR B 96 -0.51 -10.29 -44.10
C TYR B 96 -1.01 -9.50 -42.89
N GLN B 97 -1.00 -10.11 -41.71
CA GLN B 97 -1.44 -9.42 -40.50
C GLN B 97 -0.49 -8.29 -40.12
N GLU B 98 0.83 -8.54 -40.19
CA GLU B 98 1.76 -7.46 -39.90
C GLU B 98 1.65 -6.35 -40.94
N GLN B 99 1.43 -6.72 -42.20
CA GLN B 99 1.23 -5.71 -43.22
C GLN B 99 -0.02 -4.87 -42.93
N GLU B 100 -1.09 -5.52 -42.47
CA GLU B 100 -2.30 -4.78 -42.11
C GLU B 100 -2.06 -3.86 -40.93
N LEU B 101 -1.33 -4.33 -39.91
CA LEU B 101 -1.03 -3.48 -38.77
C LEU B 101 -0.17 -2.30 -39.17
N GLU B 102 0.81 -2.52 -40.04
CA GLU B 102 1.63 -1.42 -40.55
C GLU B 102 0.80 -0.43 -41.35
N TYR B 103 -0.14 -0.92 -42.17
CA TYR B 103 -1.00 -0.04 -42.93
C TYR B 103 -1.89 0.78 -42.01
N GLN B 104 -2.44 0.16 -40.98
CA GLN B 104 -3.30 0.84 -40.03
C GLN B 104 -2.52 1.71 -39.06
N SER B 105 -1.18 1.62 -39.05
CA SER B 105 -0.36 2.62 -38.39
C SER B 105 -0.22 3.90 -39.19
N MET B 106 -0.15 3.80 -40.53
CA MET B 106 -0.19 4.99 -41.36
C MET B 106 -1.56 5.63 -41.34
N VAL B 107 -2.61 4.82 -41.25
CA VAL B 107 -3.96 5.32 -41.11
C VAL B 107 -4.23 5.67 -39.65
N LYS B 108 -5.05 6.69 -39.44
CA LYS B 108 -5.43 7.10 -38.08
C LYS B 108 -6.16 5.98 -37.36
N UNK B 109 -21.33 -11.91 -26.28
CA UNK B 109 -21.05 -12.60 -25.03
C UNK B 109 -22.23 -13.48 -24.61
N UNK B 110 -22.21 -14.73 -25.07
CA UNK B 110 -23.29 -15.66 -24.76
C UNK B 110 -22.75 -17.02 -24.35
N UNK B 111 -21.46 -17.26 -24.61
CA UNK B 111 -20.84 -18.52 -24.21
C UNK B 111 -20.83 -18.68 -22.69
N UNK B 112 -20.82 -17.55 -21.96
CA UNK B 112 -20.93 -17.62 -20.50
C UNK B 112 -22.25 -18.23 -20.07
N UNK B 113 -23.34 -17.90 -20.77
CA UNK B 113 -24.63 -18.51 -20.46
C UNK B 113 -24.61 -20.02 -20.68
N UNK B 114 -23.99 -20.47 -21.79
CA UNK B 114 -23.91 -21.90 -22.06
C UNK B 114 -23.06 -22.61 -21.02
N UNK B 115 -21.94 -22.00 -20.62
CA UNK B 115 -21.10 -22.59 -19.59
C UNK B 115 -21.82 -22.65 -18.24
N UNK B 116 -22.54 -21.59 -17.88
CA UNK B 116 -23.32 -21.55 -16.65
C UNK B 116 -24.45 -22.56 -16.62
N UNK B 117 -25.16 -22.76 -17.73
CA UNK B 117 -26.23 -23.73 -17.79
C UNK B 117 -25.75 -25.16 -17.51
N UNK B 118 -24.43 -25.40 -17.64
CA UNK B 118 -23.85 -26.68 -17.25
C UNK B 118 -23.30 -26.65 -15.83
N UNK B 119 -22.51 -25.62 -15.49
CA UNK B 119 -21.84 -25.62 -14.19
C UNK B 119 -22.83 -25.40 -13.04
N UNK B 120 -23.70 -24.39 -13.14
CA UNK B 120 -24.66 -24.11 -12.09
C UNK B 120 -25.77 -25.14 -12.03
N UNK B 121 -25.95 -25.94 -13.08
CA UNK B 121 -26.84 -27.09 -13.03
C UNK B 121 -26.19 -28.30 -12.39
N UNK B 122 -24.91 -28.57 -12.69
CA UNK B 122 -24.22 -29.67 -12.02
C UNK B 122 -24.06 -29.41 -10.53
N UNK B 123 -23.72 -28.18 -10.15
CA UNK B 123 -23.60 -27.84 -8.74
C UNK B 123 -24.95 -27.98 -8.03
N UNK B 124 -26.02 -27.51 -8.66
CA UNK B 124 -27.35 -27.63 -8.08
C UNK B 124 -27.76 -29.09 -7.94
N UNK B 125 -27.48 -29.91 -8.96
CA UNK B 125 -27.81 -31.32 -8.90
C UNK B 125 -27.04 -32.03 -7.79
N UNK B 126 -25.75 -31.70 -7.65
CA UNK B 126 -24.96 -32.30 -6.58
C UNK B 126 -25.48 -31.90 -5.21
N UNK B 127 -25.83 -30.61 -5.04
CA UNK B 127 -26.36 -30.15 -3.76
C UNK B 127 -27.69 -30.83 -3.45
N UNK B 128 -28.56 -30.97 -4.45
CA UNK B 128 -29.84 -31.64 -4.25
C UNK B 128 -29.64 -33.11 -3.90
N UNK B 129 -28.67 -33.76 -4.56
CA UNK B 129 -28.39 -35.16 -4.26
C UNK B 129 -27.88 -35.32 -2.82
N UNK B 130 -26.99 -34.42 -2.40
CA UNK B 130 -26.48 -34.48 -1.03
C UNK B 130 -27.60 -34.25 -0.02
N UNK B 131 -28.48 -33.28 -0.28
CA UNK B 131 -29.59 -33.03 0.61
C UNK B 131 -30.54 -34.22 0.68
N UNK B 132 -30.80 -34.86 -0.46
CA UNK B 132 -31.65 -36.04 -0.48
C UNK B 132 -31.01 -37.19 0.29
N UNK B 133 -29.69 -37.37 0.14
CA UNK B 133 -28.99 -38.42 0.86
C UNK B 133 -29.06 -38.19 2.36
N UNK B 134 -28.87 -36.94 2.80
CA UNK B 134 -28.98 -36.62 4.22
C UNK B 134 -30.40 -36.80 4.72
N UNK B 135 -31.40 -36.40 3.94
CA UNK B 135 -32.80 -36.51 4.38
C UNK B 135 -33.23 -37.97 4.48
N UNK B 136 -32.79 -38.81 3.54
CA UNK B 136 -33.16 -40.22 3.58
C UNK B 136 -32.55 -40.91 4.80
N UNK B 137 -31.48 -40.36 5.35
CA UNK B 137 -30.86 -40.92 6.55
C UNK B 137 -31.79 -40.77 7.74
N UNK B 138 -31.84 -41.81 8.58
CA UNK B 138 -32.74 -41.82 9.73
C UNK B 138 -32.41 -40.72 10.73
N UNK B 139 -31.20 -40.16 10.69
CA UNK B 139 -30.85 -39.05 11.56
C UNK B 139 -31.57 -37.77 11.20
N UNK B 140 -32.12 -37.67 9.99
CA UNK B 140 -32.85 -36.47 9.59
C UNK B 140 -34.12 -36.79 8.81
N UNK B 141 -34.58 -38.05 8.81
CA UNK B 141 -35.77 -38.41 8.05
C UNK B 141 -37.05 -37.81 8.64
N UNK B 142 -37.01 -37.34 9.88
CA UNK B 142 -38.21 -36.80 10.52
C UNK B 142 -38.64 -35.48 9.90
N UNK B 143 -37.77 -34.84 9.11
CA UNK B 143 -38.13 -33.58 8.47
C UNK B 143 -39.23 -33.79 7.43
N UNK B 144 -40.12 -32.81 7.33
CA UNK B 144 -41.23 -32.86 6.39
C UNK B 144 -40.91 -32.04 5.15
N UNK B 145 -41.24 -32.60 3.98
CA UNK B 145 -40.98 -31.97 2.69
C UNK B 145 -39.50 -31.61 2.54
N UNK B 146 -38.63 -32.51 2.97
CA UNK B 146 -37.19 -32.26 2.90
C UNK B 146 -36.69 -32.30 1.46
N UNK B 147 -35.47 -31.78 1.28
CA UNK B 147 -34.78 -31.76 -0.02
C UNK B 147 -35.47 -30.87 -1.04
N GLU C 3 62.35 -12.37 -39.43
CA GLU C 3 61.02 -11.98 -39.91
C GLU C 3 60.27 -11.18 -38.85
N LYS C 4 59.71 -10.04 -39.24
CA LYS C 4 58.99 -9.18 -38.33
C LYS C 4 57.52 -9.54 -38.20
N ARG C 5 56.92 -10.15 -39.22
CA ARG C 5 55.50 -10.45 -39.22
C ARG C 5 55.24 -11.62 -38.27
N THR C 6 54.63 -11.31 -37.14
CA THR C 6 54.33 -12.33 -36.14
C THR C 6 52.92 -12.25 -35.55
N LEU C 7 52.18 -11.18 -35.79
CA LEU C 7 50.89 -10.96 -35.13
C LEU C 7 49.74 -11.46 -35.99
N ILE C 8 48.62 -11.72 -35.34
CA ILE C 8 47.40 -12.17 -36.00
C ILE C 8 46.38 -11.05 -35.91
N ALA C 9 45.93 -10.56 -37.07
CA ALA C 9 44.90 -9.54 -37.13
C ALA C 9 43.56 -10.18 -37.46
N VAL C 10 42.49 -9.59 -36.93
CA VAL C 10 41.15 -10.15 -37.06
C VAL C 10 40.19 -9.05 -37.51
N ILE C 11 39.45 -9.32 -38.56
CA ILE C 11 38.32 -8.48 -38.98
C ILE C 11 37.10 -9.40 -38.92
N ALA C 12 36.39 -9.38 -37.80
CA ALA C 12 35.30 -10.31 -37.57
C ALA C 12 34.16 -9.60 -36.87
N ASP C 13 33.02 -10.28 -36.78
CA ASP C 13 31.87 -9.74 -36.07
C ASP C 13 32.05 -10.02 -34.58
N GLU C 14 30.98 -9.79 -33.81
CA GLU C 14 31.08 -9.83 -32.36
C GLU C 14 31.29 -11.25 -31.85
N ASP C 15 30.51 -12.20 -32.34
CA ASP C 15 30.62 -13.58 -31.85
C ASP C 15 31.91 -14.22 -32.32
N THR C 16 32.33 -13.96 -33.56
CA THR C 16 33.60 -14.50 -34.03
C THR C 16 34.76 -13.90 -33.27
N THR C 17 34.69 -12.62 -32.93
CA THR C 17 35.73 -12.01 -32.11
C THR C 17 35.78 -12.66 -30.73
N THR C 18 34.60 -12.92 -30.13
CA THR C 18 34.59 -13.61 -28.84
C THR C 18 35.22 -14.98 -28.95
N GLY C 19 34.90 -15.71 -30.02
CA GLY C 19 35.49 -17.03 -30.20
C GLY C 19 36.99 -17.00 -30.41
N LEU C 20 37.47 -16.04 -31.19
CA LEU C 20 38.90 -15.96 -31.45
C LEU C 20 39.67 -15.49 -30.23
N LEU C 21 39.07 -14.61 -29.43
CA LEU C 21 39.67 -14.27 -28.14
C LEU C 21 39.74 -15.47 -27.23
N LEU C 22 38.66 -16.26 -27.18
CA LEU C 22 38.68 -17.49 -26.39
C LEU C 22 39.77 -18.44 -26.89
N ALA C 23 40.01 -18.44 -28.21
CA ALA C 23 41.08 -19.24 -28.78
C ALA C 23 42.46 -18.78 -28.32
N GLY C 24 42.58 -17.56 -27.82
CA GLY C 24 43.84 -17.02 -27.38
C GLY C 24 44.47 -15.98 -28.27
N ILE C 25 43.74 -15.48 -29.28
CA ILE C 25 44.27 -14.42 -30.12
C ILE C 25 44.16 -13.08 -29.39
N GLY C 26 45.20 -12.26 -29.53
CA GLY C 26 45.31 -11.06 -28.72
C GLY C 26 44.71 -9.83 -29.36
N GLN C 27 44.24 -8.94 -28.49
CA GLN C 27 43.59 -7.72 -28.95
C GLN C 27 44.60 -6.68 -29.45
N ILE C 28 45.76 -6.59 -28.79
CA ILE C 28 46.73 -5.54 -29.06
C ILE C 28 48.11 -6.13 -29.25
N THR C 29 48.98 -5.33 -29.86
CA THR C 29 50.37 -5.70 -30.01
C THR C 29 51.05 -5.73 -28.64
N PRO C 30 51.84 -6.76 -28.33
CA PRO C 30 52.42 -6.87 -26.98
C PRO C 30 53.28 -5.68 -26.57
N GLU C 31 53.96 -5.02 -27.52
CA GLU C 31 54.83 -3.90 -27.19
C GLU C 31 54.29 -2.56 -27.68
N THR C 32 53.94 -2.47 -28.97
CA THR C 32 53.39 -1.23 -29.51
C THR C 32 52.03 -0.92 -28.91
N GLN C 33 51.32 -1.93 -28.40
CA GLN C 33 49.98 -1.77 -27.85
C GLN C 33 49.04 -1.20 -28.90
N GLU C 34 49.08 -1.79 -30.09
CA GLU C 34 48.27 -1.36 -31.23
C GLU C 34 47.17 -2.38 -31.45
N LYS C 35 45.93 -1.91 -31.51
CA LYS C 35 44.77 -2.79 -31.60
C LYS C 35 44.76 -3.49 -32.95
N ASN C 36 44.99 -4.81 -32.94
CA ASN C 36 44.97 -5.60 -34.16
C ASN C 36 43.68 -6.41 -34.31
N PHE C 37 42.61 -5.96 -33.67
CA PHE C 37 41.27 -6.47 -33.91
C PHE C 37 40.40 -5.37 -34.48
N PHE C 38 39.54 -5.73 -35.43
CA PHE C 38 38.48 -4.85 -35.89
C PHE C 38 37.15 -5.59 -35.72
N VAL C 39 36.24 -4.98 -34.96
CA VAL C 39 34.96 -5.59 -34.66
C VAL C 39 33.94 -5.06 -35.65
N TYR C 40 33.57 -5.88 -36.62
CA TYR C 40 32.59 -5.50 -37.63
C TYR C 40 31.19 -5.66 -37.08
N GLN C 41 30.37 -4.63 -37.26
CA GLN C 41 28.98 -4.63 -36.81
C GLN C 41 28.10 -4.53 -38.04
N GLU C 42 27.17 -5.47 -38.19
CA GLU C 42 26.38 -5.53 -39.41
C GLU C 42 25.46 -4.31 -39.53
N GLY C 43 25.37 -3.78 -40.73
CA GLY C 43 24.58 -2.58 -40.97
C GLY C 43 25.22 -1.30 -40.51
N LYS C 44 25.70 -1.26 -39.27
CA LYS C 44 26.28 -0.04 -38.73
C LYS C 44 27.66 0.23 -39.33
N THR C 45 28.39 -0.82 -39.66
CA THR C 45 29.72 -0.67 -40.25
C THR C 45 29.59 -0.64 -41.78
N THR C 46 30.06 0.44 -42.38
CA THR C 46 30.00 0.62 -43.83
C THR C 46 31.19 -0.04 -44.50
N LYS C 47 31.14 -0.08 -45.84
CA LYS C 47 32.23 -0.69 -46.60
C LYS C 47 33.53 0.07 -46.43
N GLU C 48 33.47 1.39 -46.28
CA GLU C 48 34.71 2.17 -46.24
C GLU C 48 35.51 1.85 -44.99
N GLU C 49 34.85 1.61 -43.86
CA GLU C 49 35.56 1.28 -42.63
C GLU C 49 36.30 -0.04 -42.77
N ILE C 50 35.65 -1.07 -43.31
CA ILE C 50 36.30 -2.37 -43.42
C ILE C 50 37.36 -2.37 -44.50
N THR C 51 37.17 -1.60 -45.58
CA THR C 51 38.25 -1.44 -46.55
C THR C 51 39.46 -0.77 -45.92
N ASP C 52 39.23 0.29 -45.12
CA ASP C 52 40.34 0.97 -44.46
C ASP C 52 41.06 0.03 -43.51
N LYS C 53 40.32 -0.77 -42.75
CA LYS C 53 40.95 -1.67 -41.80
C LYS C 53 41.67 -2.83 -42.50
N PHE C 54 41.12 -3.31 -43.61
CA PHE C 54 41.83 -4.30 -44.41
C PHE C 54 43.16 -3.73 -44.92
N ASN C 55 43.13 -2.51 -45.43
CA ASN C 55 44.36 -1.87 -45.88
C ASN C 55 45.33 -1.69 -44.71
N HIS C 56 44.81 -1.30 -43.55
CA HIS C 56 45.64 -1.09 -42.38
C HIS C 56 46.34 -2.37 -41.96
N PHE C 57 45.60 -3.47 -41.88
CA PHE C 57 46.20 -4.72 -41.44
C PHE C 57 47.10 -5.32 -42.52
N THR C 58 46.88 -4.96 -43.78
CA THR C 58 47.64 -5.56 -44.87
C THR C 58 48.79 -4.69 -45.37
N GLU C 59 48.70 -3.36 -45.27
CA GLU C 59 49.71 -2.50 -45.86
C GLU C 59 50.51 -1.72 -44.81
N GLU C 60 49.85 -0.87 -44.02
CA GLU C 60 50.59 -0.05 -43.05
C GLU C 60 51.26 -0.90 -41.98
N ARG C 61 50.58 -1.93 -41.47
CA ARG C 61 51.19 -2.80 -40.49
C ARG C 61 52.18 -3.75 -41.17
N ASP C 62 53.43 -3.74 -40.70
CA ASP C 62 54.46 -4.62 -41.22
C ASP C 62 54.71 -5.81 -40.31
N ASP C 63 53.89 -6.01 -39.28
CA ASP C 63 54.04 -7.11 -38.34
C ASP C 63 52.89 -8.10 -38.38
N ILE C 64 51.84 -7.83 -39.14
CA ILE C 64 50.67 -8.70 -39.20
C ILE C 64 51.02 -9.88 -40.11
N ALA C 65 51.04 -11.09 -39.54
CA ALA C 65 51.32 -12.29 -40.31
C ALA C 65 50.07 -12.95 -40.86
N ILE C 66 48.99 -12.96 -40.07
CA ILE C 66 47.73 -13.59 -40.45
C ILE C 66 46.62 -12.56 -40.29
N LEU C 67 45.75 -12.48 -41.28
CA LEU C 67 44.56 -11.63 -41.20
C LEU C 67 43.34 -12.54 -41.31
N LEU C 68 42.68 -12.79 -40.18
CA LEU C 68 41.46 -13.58 -40.14
C LEU C 68 40.27 -12.66 -40.36
N ILE C 69 39.49 -12.94 -41.41
CA ILE C 69 38.32 -12.13 -41.74
C ILE C 69 37.15 -13.05 -41.99
N ASN C 70 35.99 -12.72 -41.44
CA ASN C 70 34.78 -13.49 -41.69
C ASN C 70 34.43 -13.45 -43.18
N GLN C 71 33.98 -14.59 -43.71
CA GLN C 71 33.77 -14.69 -45.15
C GLN C 71 32.69 -13.74 -45.63
N HIS C 72 31.71 -13.41 -44.79
CA HIS C 72 30.70 -12.45 -45.23
C HIS C 72 31.25 -11.03 -45.26
N ILE C 73 32.15 -10.69 -44.33
CA ILE C 73 32.84 -9.41 -44.41
C ILE C 73 33.75 -9.38 -45.64
N ALA C 74 34.44 -10.48 -45.92
CA ALA C 74 35.28 -10.54 -47.10
C ALA C 74 34.46 -10.41 -48.37
N GLU C 75 33.28 -11.04 -48.41
CA GLU C 75 32.39 -10.91 -49.56
C GLU C 75 31.87 -9.48 -49.68
N ASN C 76 31.71 -8.79 -48.55
CA ASN C 76 31.30 -7.40 -48.59
C ASN C 76 32.27 -6.57 -49.41
N ILE C 77 33.57 -6.88 -49.32
CA ILE C 77 34.60 -6.13 -50.04
C ILE C 77 35.43 -7.07 -50.92
N ARG C 78 34.79 -8.07 -51.51
CA ARG C 78 35.52 -9.08 -52.28
C ARG C 78 36.39 -8.47 -53.37
N ALA C 79 35.98 -7.33 -53.94
CA ALA C 79 36.82 -6.67 -54.92
C ALA C 79 38.16 -6.24 -54.30
N ARG C 80 38.10 -5.62 -53.13
CA ARG C 80 39.33 -5.19 -52.47
C ARG C 80 40.15 -6.38 -52.00
N VAL C 81 39.50 -7.43 -51.50
CA VAL C 81 40.23 -8.59 -51.00
C VAL C 81 40.96 -9.29 -52.14
N ASP C 82 40.29 -9.46 -53.28
CA ASP C 82 40.92 -10.09 -54.44
C ASP C 82 41.92 -9.15 -55.11
N SER C 83 41.78 -7.84 -54.92
CA SER C 83 42.79 -6.90 -55.42
C SER C 83 44.11 -7.00 -54.65
N PHE C 84 44.12 -7.71 -53.52
CA PHE C 84 45.32 -7.88 -52.72
C PHE C 84 46.08 -9.11 -53.22
N THR C 85 47.36 -8.94 -53.52
CA THR C 85 48.18 -10.02 -54.05
C THR C 85 49.38 -10.38 -53.19
N ASN C 86 49.79 -9.52 -52.26
CA ASN C 86 50.95 -9.79 -51.43
C ASN C 86 50.73 -11.06 -50.62
N ALA C 87 51.75 -11.91 -50.58
CA ALA C 87 51.68 -13.18 -49.87
C ALA C 87 52.21 -13.09 -48.44
N PHE C 88 52.70 -11.93 -48.01
CA PHE C 88 53.30 -11.83 -46.68
C PHE C 88 52.21 -11.92 -45.61
N PRO C 89 51.17 -11.05 -45.59
CA PRO C 89 50.08 -11.26 -44.63
C PRO C 89 49.09 -12.28 -45.17
N ALA C 90 49.07 -13.46 -44.55
CA ALA C 90 48.23 -14.54 -45.03
C ALA C 90 46.78 -14.29 -44.62
N ILE C 91 45.90 -14.15 -45.61
CA ILE C 91 44.49 -13.88 -45.34
C ILE C 91 43.71 -15.19 -45.39
N LEU C 92 42.92 -15.43 -44.36
CA LEU C 92 42.05 -16.60 -44.30
C LEU C 92 40.63 -16.15 -44.01
N GLU C 93 39.68 -16.65 -44.80
CA GLU C 93 38.27 -16.42 -44.54
C GLU C 93 37.76 -17.50 -43.60
N ILE C 94 37.08 -17.10 -42.55
CA ILE C 94 36.65 -18.03 -41.50
C ILE C 94 35.13 -17.95 -41.42
N PRO C 95 34.49 -19.05 -41.01
CA PRO C 95 33.03 -19.03 -40.87
C PRO C 95 32.57 -18.07 -39.78
N SER C 96 31.40 -17.50 -40.01
CA SER C 96 30.73 -16.66 -39.02
C SER C 96 29.67 -17.47 -38.29
N LYS C 97 29.07 -16.86 -37.27
CA LYS C 97 28.08 -17.55 -36.47
C LYS C 97 26.88 -17.95 -37.31
N ASP C 98 26.30 -16.99 -38.02
CA ASP C 98 25.09 -17.22 -38.81
C ASP C 98 25.35 -17.47 -40.28
N HIS C 99 26.59 -17.32 -40.75
CA HIS C 99 26.94 -17.56 -42.15
C HIS C 99 28.01 -18.64 -42.24
N PRO C 100 27.67 -19.88 -42.56
CA PRO C 100 28.70 -20.91 -42.73
C PRO C 100 29.60 -20.59 -43.91
N TYR C 101 30.80 -21.18 -43.89
CA TYR C 101 31.78 -20.97 -44.93
C TYR C 101 31.23 -21.43 -46.27
N ASP C 102 31.08 -20.50 -47.21
CA ASP C 102 30.50 -20.81 -48.50
C ASP C 102 31.61 -21.04 -49.53
N PRO C 103 31.79 -22.26 -50.02
CA PRO C 103 32.84 -22.50 -51.03
C PRO C 103 32.62 -21.78 -52.34
N GLU C 104 31.41 -21.25 -52.60
CA GLU C 104 31.20 -20.41 -53.76
C GLU C 104 32.15 -19.22 -53.76
N LYS C 105 32.42 -18.66 -52.59
CA LYS C 105 33.24 -17.47 -52.46
C LYS C 105 34.70 -17.77 -52.22
N ASP C 106 35.11 -19.03 -52.29
CA ASP C 106 36.50 -19.39 -52.11
C ASP C 106 37.34 -18.87 -53.27
N SER C 107 38.45 -18.21 -52.95
CA SER C 107 39.35 -17.73 -53.98
C SER C 107 40.21 -18.86 -54.55
N VAL C 108 40.58 -19.83 -53.70
CA VAL C 108 41.43 -20.93 -54.14
C VAL C 108 40.70 -21.77 -55.18
N LEU C 109 39.42 -22.06 -54.94
CA LEU C 109 38.66 -22.87 -55.87
C LEU C 109 38.49 -22.17 -57.22
N LYS C 110 38.28 -20.86 -57.20
CA LYS C 110 38.19 -20.13 -58.46
C LYS C 110 39.54 -20.08 -59.17
N ARG C 111 40.64 -20.00 -58.41
CA ARG C 111 41.95 -20.00 -59.06
C ARG C 111 42.23 -21.36 -59.69
N VAL C 112 41.80 -22.45 -59.04
CA VAL C 112 41.91 -23.78 -59.66
C VAL C 112 41.02 -23.87 -60.89
N ARG C 113 39.83 -23.28 -60.82
CA ARG C 113 38.98 -23.11 -62.01
C ARG C 113 39.77 -22.48 -63.15
N LYS C 114 40.58 -21.46 -62.83
CA LYS C 114 41.32 -20.74 -63.87
C LYS C 114 42.21 -21.67 -64.68
N LEU C 115 42.79 -22.70 -64.06
CA LEU C 115 43.62 -23.64 -64.80
C LEU C 115 42.81 -24.58 -65.69
N PHE C 116 41.49 -24.63 -65.53
CA PHE C 116 40.63 -25.55 -66.26
C PHE C 116 41.09 -26.99 -66.07
N GLY C 117 41.49 -27.33 -64.85
CA GLY C 117 41.98 -28.66 -64.55
C GLY C 117 43.05 -28.67 -63.48
N GLU D 3 -38.68 15.70 -46.69
CA GLU D 3 -37.75 16.83 -46.62
C GLU D 3 -36.52 16.47 -45.78
N LYS D 4 -35.70 17.48 -45.51
CA LYS D 4 -34.49 17.27 -44.71
C LYS D 4 -34.87 16.86 -43.29
N GLU D 5 -34.49 15.65 -42.91
CA GLU D 5 -34.87 15.10 -41.62
C GLU D 5 -34.14 15.82 -40.49
N GLU D 6 -34.88 16.24 -39.46
CA GLU D 6 -34.26 16.92 -38.33
C GLU D 6 -33.33 15.98 -37.57
N ALA D 7 -33.78 14.76 -37.32
CA ALA D 7 -32.94 13.68 -36.80
C ALA D 7 -32.23 14.07 -35.50
N ILE D 8 -33.00 14.65 -34.58
CA ILE D 8 -32.46 14.93 -33.25
C ILE D 8 -33.23 14.16 -32.21
N PHE D 9 -34.52 13.90 -32.47
CA PHE D 9 -35.30 13.05 -31.58
C PHE D 9 -34.88 11.60 -31.72
N ARG D 10 -34.76 11.13 -32.95
CA ARG D 10 -34.20 9.82 -33.26
C ARG D 10 -33.07 10.02 -34.26
N SER D 11 -32.23 9.00 -34.39
CA SER D 11 -31.13 9.08 -35.34
C SER D 11 -31.66 9.17 -36.77
N ALA D 12 -30.83 9.72 -37.66
CA ALA D 12 -31.21 9.83 -39.05
C ALA D 12 -31.34 8.45 -39.69
N GLU D 13 -32.21 8.36 -40.69
CA GLU D 13 -32.39 7.11 -41.42
C GLU D 13 -31.21 6.88 -42.35
N MET D 14 -30.66 5.67 -42.31
CA MET D 14 -29.49 5.31 -43.11
C MET D 14 -29.85 4.31 -44.19
N ALA D 15 -29.13 4.43 -45.30
CA ALA D 15 -29.20 3.48 -46.41
C ALA D 15 -27.79 3.08 -46.80
N LEU D 16 -27.59 1.80 -47.03
CA LEU D 16 -26.31 1.30 -47.51
C LEU D 16 -26.31 1.36 -49.03
N VAL D 17 -25.29 2.00 -49.59
CA VAL D 17 -25.19 2.21 -51.03
C VAL D 17 -23.90 1.59 -51.54
N GLN D 18 -23.96 0.99 -52.72
CA GLN D 18 -22.77 0.53 -53.42
C GLN D 18 -22.38 1.56 -54.47
N PHE D 19 -21.11 1.92 -54.49
CA PHE D 19 -20.55 2.80 -55.51
C PHE D 19 -19.82 1.94 -56.54
N TYR D 20 -20.29 1.99 -57.78
CA TYR D 20 -19.71 1.20 -58.87
C TYR D 20 -18.72 2.08 -59.64
N ILE D 21 -17.65 2.45 -58.94
CA ILE D 21 -16.70 3.44 -59.44
C ILE D 21 -15.81 2.86 -60.53
N PRO D 22 -15.78 3.45 -61.72
CA PRO D 22 -14.76 3.06 -62.71
C PRO D 22 -13.36 3.43 -62.22
N GLN D 23 -12.37 2.66 -62.69
CA GLN D 23 -11.01 2.87 -62.22
C GLN D 23 -10.46 4.23 -62.63
N GLU D 24 -10.78 4.68 -63.85
CA GLU D 24 -10.19 5.90 -64.36
C GLU D 24 -10.68 7.15 -63.63
N ILE D 25 -11.83 7.08 -62.96
CA ILE D 25 -12.37 8.21 -62.23
C ILE D 25 -12.44 7.94 -60.73
N SER D 26 -11.62 7.02 -60.23
CA SER D 26 -11.68 6.65 -58.82
C SER D 26 -11.26 7.81 -57.93
N ARG D 27 -10.17 8.49 -58.28
CA ARG D 27 -9.73 9.63 -57.48
C ARG D 27 -10.77 10.74 -57.50
N ASP D 28 -11.35 11.01 -58.66
CA ASP D 28 -12.36 12.05 -58.77
C ASP D 28 -13.59 11.72 -57.95
N SER D 29 -14.03 10.46 -58.00
CA SER D 29 -15.18 10.02 -57.22
C SER D 29 -14.90 10.12 -55.72
N ALA D 30 -13.71 9.70 -55.30
CA ALA D 30 -13.35 9.77 -53.89
C ALA D 30 -13.30 11.22 -53.42
N TYR D 31 -12.75 12.11 -54.24
CA TYR D 31 -12.73 13.53 -53.88
C TYR D 31 -14.14 14.10 -53.79
N THR D 32 -15.02 13.76 -54.73
CA THR D 32 -16.38 14.27 -54.70
C THR D 32 -17.10 13.79 -53.46
N LEU D 33 -16.92 12.51 -53.11
CA LEU D 33 -17.52 12.01 -51.88
C LEU D 33 -16.90 12.65 -50.65
N GLY D 34 -15.63 13.05 -50.75
CA GLY D 34 -15.00 13.76 -49.64
C GLY D 34 -15.58 15.13 -49.42
N GLN D 35 -15.75 15.91 -50.50
CA GLN D 35 -16.38 17.21 -50.33
C GLN D 35 -17.83 17.07 -49.90
N LEU D 36 -18.52 16.02 -50.37
CA LEU D 36 -19.89 15.80 -49.93
C LEU D 36 -19.94 15.53 -48.43
N GLY D 37 -19.06 14.68 -47.94
CA GLY D 37 -18.94 14.45 -46.51
C GLY D 37 -20.10 13.73 -45.88
N LEU D 38 -20.87 12.96 -46.64
CA LEU D 38 -22.07 12.31 -46.12
C LEU D 38 -22.04 10.80 -46.26
N VAL D 39 -20.90 10.21 -46.59
CA VAL D 39 -20.80 8.77 -46.80
C VAL D 39 -19.79 8.20 -45.81
N GLN D 40 -20.22 7.23 -45.02
CA GLN D 40 -19.35 6.47 -44.15
C GLN D 40 -19.10 5.13 -44.81
N PHE D 41 -17.86 4.89 -45.21
CA PHE D 41 -17.53 3.74 -46.04
C PHE D 41 -17.23 2.52 -45.20
N ARG D 42 -17.88 1.41 -45.51
CA ARG D 42 -17.53 0.13 -44.91
C ARG D 42 -16.18 -0.33 -45.44
N ASP D 43 -15.43 -1.02 -44.58
CA ASP D 43 -14.12 -1.55 -44.96
C ASP D 43 -14.35 -2.94 -45.55
N LEU D 44 -14.50 -2.99 -46.87
CA LEU D 44 -14.70 -4.26 -47.54
C LEU D 44 -13.45 -5.12 -47.57
N ASN D 45 -12.27 -4.50 -47.43
CA ASN D 45 -11.01 -5.22 -47.33
C ASN D 45 -10.61 -5.49 -45.89
N SER D 46 -11.59 -5.57 -44.98
CA SER D 46 -11.27 -5.69 -43.56
C SER D 46 -10.61 -7.02 -43.24
N LYS D 47 -11.01 -8.09 -43.93
CA LYS D 47 -10.40 -9.39 -43.70
C LYS D 47 -8.96 -9.41 -44.17
N VAL D 48 -8.12 -10.09 -43.40
CA VAL D 48 -6.68 -10.12 -43.66
C VAL D 48 -6.39 -11.15 -44.75
N ARG D 49 -5.67 -10.73 -45.78
CA ARG D 49 -5.37 -11.56 -46.94
C ARG D 49 -4.25 -10.90 -47.73
N ALA D 50 -3.76 -11.61 -48.74
CA ALA D 50 -2.70 -11.09 -49.59
C ALA D 50 -3.22 -9.94 -50.45
N PHE D 51 -2.39 -8.90 -50.59
CA PHE D 51 -2.74 -7.70 -51.34
C PHE D 51 -4.07 -7.12 -50.85
N GLN D 52 -4.17 -7.00 -49.53
CA GLN D 52 -5.43 -6.57 -48.92
C GLN D 52 -5.79 -5.16 -49.33
N ARG D 53 -4.81 -4.26 -49.36
CA ARG D 53 -5.03 -2.88 -49.74
C ARG D 53 -4.38 -2.64 -51.10
N THR D 54 -5.18 -2.17 -52.06
CA THR D 54 -4.67 -1.99 -53.41
C THR D 54 -3.70 -0.81 -53.49
N PHE D 55 -3.84 0.16 -52.60
CA PHE D 55 -3.10 1.40 -52.66
C PHE D 55 -2.20 1.58 -51.44
N VAL D 56 -1.50 0.51 -51.05
CA VAL D 56 -0.55 0.61 -49.95
C VAL D 56 0.58 1.57 -50.33
N ASN D 57 1.06 1.49 -51.57
CA ASN D 57 2.19 2.32 -51.98
C ASN D 57 1.82 3.80 -51.95
N GLU D 58 0.63 4.15 -52.42
CA GLU D 58 0.19 5.54 -52.38
C GLU D 58 0.05 6.03 -50.94
N ILE D 59 -0.49 5.20 -50.06
CA ILE D 59 -0.61 5.57 -48.65
C ILE D 59 0.77 5.76 -48.03
N ARG D 60 1.72 4.87 -48.37
CA ARG D 60 3.08 5.01 -47.86
C ARG D 60 3.72 6.32 -48.34
N ARG D 61 3.56 6.63 -49.62
CA ARG D 61 4.11 7.86 -50.16
C ARG D 61 3.53 9.07 -49.44
N LEU D 62 2.21 9.12 -49.30
CA LEU D 62 1.58 10.28 -48.71
C LEU D 62 1.84 10.37 -47.22
N ASP D 63 1.98 9.23 -46.54
CA ASP D 63 2.36 9.24 -45.13
C ASP D 63 3.78 9.74 -44.94
N ASN D 64 4.68 9.35 -45.84
CA ASN D 64 6.04 9.89 -45.81
C ASN D 64 6.05 11.39 -46.05
N VAL D 65 5.23 11.85 -46.99
CA VAL D 65 5.14 13.28 -47.27
C VAL D 65 4.57 14.02 -46.08
N GLU D 66 3.59 13.44 -45.40
CA GLU D 66 3.03 14.04 -44.19
C GLU D 66 4.07 14.08 -43.08
N ARG D 67 4.87 13.03 -42.95
CA ARG D 67 5.94 13.05 -41.96
C ARG D 67 6.97 14.12 -42.27
N GLN D 68 7.30 14.30 -43.55
CA GLN D 68 8.22 15.36 -43.94
C GLN D 68 7.63 16.72 -43.67
N TYR D 69 6.32 16.89 -43.87
CA TYR D 69 5.66 18.15 -43.56
C TYR D 69 5.66 18.41 -42.05
N ARG D 70 5.48 17.36 -41.25
CA ARG D 70 5.58 17.51 -39.81
C ARG D 70 6.98 17.92 -39.39
N TYR D 71 8.00 17.34 -40.04
CA TYR D 71 9.38 17.75 -39.77
C TYR D 71 9.60 19.21 -40.15
N PHE D 72 9.06 19.63 -41.30
CA PHE D 72 9.16 21.03 -41.71
C PHE D 72 8.50 21.94 -40.68
N TYR D 73 7.33 21.53 -40.18
CA TYR D 73 6.63 22.35 -39.21
C TYR D 73 7.37 22.39 -37.87
N SER D 74 8.02 21.29 -37.49
CA SER D 74 8.84 21.30 -36.30
C SER D 74 9.99 22.27 -36.44
N LEU D 75 10.63 22.29 -37.62
CA LEU D 75 11.67 23.29 -37.85
C LEU D 75 11.12 24.71 -37.82
N LEU D 76 9.92 24.91 -38.37
CA LEU D 76 9.32 26.24 -38.38
C LEU D 76 9.03 26.71 -36.96
N LYS D 77 8.52 25.83 -36.11
CA LYS D 77 8.29 26.20 -34.71
C LYS D 77 9.61 26.38 -33.97
N LYS D 78 10.64 25.64 -34.37
CA LYS D 78 11.95 25.79 -33.75
C LYS D 78 12.49 27.20 -33.96
N HIS D 79 12.22 27.79 -35.12
CA HIS D 79 12.71 29.12 -35.47
C HIS D 79 11.64 30.19 -35.29
N ASP D 80 10.53 29.86 -34.63
CA ASP D 80 9.46 30.81 -34.33
C ASP D 80 8.91 31.45 -35.60
N ILE D 81 8.70 30.64 -36.63
CA ILE D 81 8.17 31.10 -37.90
C ILE D 81 6.71 30.68 -38.00
N LYS D 82 5.86 31.61 -38.45
CA LYS D 82 4.43 31.37 -38.53
C LYS D 82 4.05 30.96 -39.95
N LEU D 83 3.18 29.96 -40.05
CA LEU D 83 2.66 29.55 -41.34
C LEU D 83 1.72 30.61 -41.91
N TYR D 84 1.47 30.51 -43.21
CA TYR D 84 0.42 31.28 -43.86
C TYR D 84 -0.84 30.43 -43.88
N GLU D 85 -1.76 30.70 -42.95
CA GLU D 85 -2.98 29.91 -42.82
C GLU D 85 -4.07 30.35 -43.78
N GLY D 86 -3.89 31.45 -44.50
CA GLY D 86 -4.90 31.95 -45.41
C GLY D 86 -5.19 31.01 -46.56
N VAL D 100 -12.17 21.14 -57.52
CA VAL D 100 -11.44 20.28 -58.43
C VAL D 100 -10.24 19.65 -57.71
N PRO D 101 -10.05 18.35 -57.88
CA PRO D 101 -8.92 17.67 -57.26
C PRO D 101 -7.61 18.06 -57.92
N PRO D 102 -6.48 17.81 -57.26
CA PRO D 102 -5.19 18.05 -57.90
C PRO D 102 -4.97 17.13 -59.10
N SER D 103 -4.06 17.55 -59.97
CA SER D 103 -3.91 16.93 -61.28
C SER D 103 -3.49 15.47 -61.20
N GLY D 104 -2.97 15.01 -60.07
CA GLY D 104 -2.42 13.68 -59.98
C GLY D 104 -0.91 13.74 -60.19
N SER D 105 -0.49 14.58 -61.14
CA SER D 105 0.91 14.95 -61.24
C SER D 105 1.29 15.96 -60.16
N VAL D 106 0.32 16.72 -59.67
CA VAL D 106 0.59 17.66 -58.58
C VAL D 106 0.97 16.90 -57.31
N ILE D 107 0.36 15.74 -57.09
CA ILE D 107 0.73 14.91 -55.94
C ILE D 107 2.16 14.41 -56.07
N ASP D 108 2.55 13.99 -57.28
CA ASP D 108 3.94 13.60 -57.50
C ASP D 108 4.89 14.76 -57.27
N ASP D 109 4.49 15.96 -57.70
CA ASP D 109 5.31 17.14 -57.45
C ASP D 109 5.46 17.40 -55.95
N TYR D 110 4.37 17.25 -55.19
CA TYR D 110 4.45 17.38 -53.74
C TYR D 110 5.40 16.35 -53.14
N VAL D 111 5.31 15.10 -53.60
CA VAL D 111 6.19 14.06 -53.05
C VAL D 111 7.66 14.37 -53.32
N ARG D 112 7.97 14.72 -54.58
CA ARG D 112 9.35 15.02 -54.93
C ARG D 112 9.86 16.27 -54.22
N ASN D 113 9.04 17.31 -54.15
CA ASN D 113 9.43 18.54 -53.47
C ASN D 113 9.64 18.29 -51.99
N ALA D 114 8.79 17.47 -51.38
CA ALA D 114 8.95 17.14 -49.97
C ALA D 114 10.25 16.40 -49.72
N SER D 115 10.58 15.43 -50.58
CA SER D 115 11.84 14.71 -50.41
C SER D 115 13.04 15.64 -50.58
N TYR D 116 13.00 16.48 -51.62
CA TYR D 116 14.12 17.38 -51.90
C TYR D 116 14.30 18.41 -50.79
N LEU D 117 13.20 19.02 -50.34
CA LEU D 117 13.28 19.99 -49.26
C LEU D 117 13.68 19.34 -47.94
N GLU D 118 13.24 18.10 -47.69
CA GLU D 118 13.68 17.41 -46.49
C GLU D 118 15.19 17.19 -46.53
N GLU D 119 15.72 16.76 -47.67
CA GLU D 119 17.16 16.57 -47.77
C GLU D 119 17.90 17.88 -47.50
N ARG D 120 17.47 18.97 -48.17
CA ARG D 120 18.14 20.25 -47.98
C ARG D 120 18.04 20.73 -46.54
N LEU D 121 16.87 20.58 -45.93
CA LEU D 121 16.67 21.10 -44.58
C LEU D 121 17.42 20.27 -43.54
N ILE D 122 17.51 18.95 -43.73
CA ILE D 122 18.35 18.15 -42.82
C ILE D 122 19.80 18.55 -42.96
N GLN D 123 20.28 18.77 -44.19
CA GLN D 123 21.66 19.20 -44.36
C GLN D 123 21.91 20.53 -43.65
N MET D 124 21.03 21.51 -43.88
CA MET D 124 21.17 22.82 -43.26
C MET D 124 21.09 22.73 -41.74
N GLU D 125 20.16 21.93 -41.23
CA GLU D 125 19.99 21.79 -39.79
C GLU D 125 21.21 21.14 -39.16
N ASP D 126 21.79 20.14 -39.82
CA ASP D 126 23.01 19.53 -39.30
C ASP D 126 24.16 20.53 -39.27
N ALA D 127 24.33 21.29 -40.35
CA ALA D 127 25.41 22.27 -40.39
C ALA D 127 25.24 23.31 -39.28
N THR D 128 24.05 23.88 -39.15
CA THR D 128 23.83 24.89 -38.13
C THR D 128 23.87 24.28 -36.74
N ASP D 129 23.58 22.98 -36.60
CA ASP D 129 23.65 22.34 -35.29
C ASP D 129 25.10 22.15 -34.85
N GLN D 130 25.98 21.78 -35.78
CA GLN D 130 27.40 21.75 -35.47
C GLN D 130 27.90 23.14 -35.09
N ILE D 131 27.46 24.15 -35.84
CA ILE D 131 27.88 25.52 -35.51
C ILE D 131 27.37 25.91 -34.12
N GLU D 132 26.12 25.55 -33.80
CA GLU D 132 25.55 25.87 -32.49
C GLU D 132 26.30 25.16 -31.37
N VAL D 133 26.65 23.88 -31.56
CA VAL D 133 27.31 23.17 -30.46
C VAL D 133 28.72 23.73 -30.24
N GLN D 134 29.42 24.07 -31.32
CA GLN D 134 30.73 24.69 -31.13
C GLN D 134 30.60 26.07 -30.50
N LYS D 135 29.55 26.81 -30.87
CA LYS D 135 29.32 28.12 -30.26
C LYS D 135 29.01 27.98 -28.78
N ASN D 136 28.24 26.96 -28.40
CA ASN D 136 27.94 26.74 -26.99
C ASN D 136 29.20 26.38 -26.22
N ASP D 137 30.07 25.53 -26.81
CA ASP D 137 31.34 25.23 -26.16
C ASP D 137 32.16 26.49 -25.93
N LEU D 138 32.28 27.31 -26.98
CA LEU D 138 33.06 28.54 -26.85
C LEU D 138 32.42 29.54 -25.90
N GLU D 139 31.08 29.59 -25.85
CA GLU D 139 30.39 30.49 -24.94
C GLU D 139 30.61 30.07 -23.50
N GLN D 140 30.55 28.76 -23.22
CA GLN D 140 30.85 28.28 -21.88
C GLN D 140 32.28 28.58 -21.48
N TYR D 141 33.22 28.40 -22.42
CA TYR D 141 34.61 28.66 -22.11
C TYR D 141 34.85 30.15 -21.86
N ARG D 142 34.17 31.01 -22.63
CA ARG D 142 34.22 32.45 -22.38
C ARG D 142 33.62 32.80 -21.03
N PHE D 143 32.48 32.19 -20.69
CA PHE D 143 31.84 32.47 -19.41
C PHE D 143 32.74 32.11 -18.25
N ILE D 144 33.45 30.98 -18.34
CA ILE D 144 34.42 30.65 -17.31
C ILE D 144 35.55 31.67 -17.31
N LEU D 145 36.04 32.03 -18.49
CA LEU D 145 37.09 33.05 -18.56
C LEU D 145 36.59 34.43 -18.13
N GLN D 146 35.28 34.65 -18.11
CA GLN D 146 34.70 35.91 -17.70
C GLN D 146 34.37 35.96 -16.22
N SER D 147 34.76 34.94 -15.46
CA SER D 147 34.53 34.92 -14.04
C SER D 147 35.52 35.84 -13.32
N GLY D 148 35.20 36.17 -12.08
CA GLY D 148 36.05 37.05 -11.30
C GLY D 148 37.33 36.38 -10.88
N ASP D 149 38.26 37.21 -10.38
CA ASP D 149 39.52 36.69 -9.88
C ASP D 149 39.31 35.82 -8.65
N GLU D 150 38.38 36.21 -7.77
CA GLU D 150 38.11 35.43 -6.58
C GLU D 150 37.52 34.07 -6.92
N PHE D 151 36.92 33.93 -8.10
CA PHE D 151 36.43 32.62 -8.54
C PHE D 151 37.58 31.65 -8.73
N PHE D 152 38.76 32.15 -9.08
CA PHE D 152 39.92 31.31 -9.34
C PHE D 152 40.90 31.30 -8.18
N LEU D 153 40.55 31.89 -7.04
CA LEU D 153 41.39 31.90 -5.85
C LEU D 153 40.78 30.97 -4.81
N LYS D 154 41.62 30.14 -4.20
CA LYS D 154 41.18 29.19 -3.19
C LYS D 154 40.52 29.90 -2.01
N SER D 183 52.73 24.18 -14.00
CA SER D 183 51.96 23.27 -13.18
C SER D 183 50.48 23.57 -13.26
N VAL D 184 49.67 22.68 -12.71
CA VAL D 184 48.22 22.81 -12.68
C VAL D 184 47.77 22.87 -11.23
N ASN D 185 46.95 23.86 -10.89
CA ASN D 185 46.53 24.07 -9.52
C ASN D 185 45.04 23.82 -9.31
N TYR D 186 44.25 23.63 -10.37
CA TYR D 186 42.81 23.51 -10.22
C TYR D 186 42.22 22.86 -11.47
N VAL D 187 40.97 22.44 -11.35
CA VAL D 187 40.17 21.95 -12.47
C VAL D 187 38.93 22.81 -12.57
N THR D 188 38.69 23.37 -13.75
CA THR D 188 37.54 24.24 -13.98
C THR D 188 36.78 23.74 -15.19
N GLY D 189 35.46 23.88 -15.14
CA GLY D 189 34.63 23.40 -16.22
C GLY D 189 33.19 23.82 -16.03
N VAL D 190 32.34 23.33 -16.93
CA VAL D 190 30.90 23.57 -16.90
C VAL D 190 30.19 22.23 -16.82
N ILE D 191 29.28 22.11 -15.85
CA ILE D 191 28.55 20.87 -15.62
C ILE D 191 27.07 21.20 -15.52
N ALA D 192 26.24 20.20 -15.80
CA ALA D 192 24.79 20.39 -15.72
C ALA D 192 24.37 20.64 -14.28
N ARG D 193 23.32 21.44 -14.12
CA ARG D 193 22.86 21.82 -12.79
C ARG D 193 22.42 20.60 -11.98
N ASP D 194 21.83 19.60 -12.66
CA ASP D 194 21.36 18.42 -11.94
C ASP D 194 22.50 17.57 -11.39
N LYS D 195 23.73 17.82 -11.83
CA LYS D 195 24.87 17.03 -11.38
C LYS D 195 25.88 17.81 -10.57
N VAL D 196 25.63 19.10 -10.28
CA VAL D 196 26.58 19.89 -9.50
C VAL D 196 26.70 19.33 -8.09
N ALA D 197 25.55 19.02 -7.47
CA ALA D 197 25.56 18.46 -6.12
C ALA D 197 26.25 17.11 -6.09
N THR D 198 25.97 16.27 -7.08
CA THR D 198 26.62 14.97 -7.19
C THR D 198 28.13 15.12 -7.32
N LEU D 199 28.56 16.05 -8.17
CA LEU D 199 29.99 16.29 -8.36
C LEU D 199 30.64 16.77 -7.08
N GLU D 200 29.99 17.68 -6.36
CA GLU D 200 30.55 18.19 -5.12
C GLU D 200 30.67 17.09 -4.07
N GLN D 201 29.64 16.24 -3.96
CA GLN D 201 29.69 15.14 -3.00
C GLN D 201 30.83 14.18 -3.34
N ILE D 202 30.96 13.84 -4.62
CA ILE D 202 32.01 12.90 -5.04
C ILE D 202 33.39 13.50 -4.80
N LEU D 203 33.56 14.79 -5.13
CA LEU D 203 34.85 15.43 -4.93
C LEU D 203 35.20 15.55 -3.46
N TRP D 204 34.19 15.77 -2.61
CA TRP D 204 34.42 15.77 -1.18
C TRP D 204 34.89 14.40 -0.70
N ARG D 205 34.26 13.35 -1.20
CA ARG D 205 34.62 12.00 -0.74
C ARG D 205 35.98 11.55 -1.27
N VAL D 206 36.32 11.87 -2.51
CA VAL D 206 37.60 11.43 -3.07
C VAL D 206 38.75 12.21 -2.43
N LEU D 207 38.56 13.51 -2.19
CA LEU D 207 39.57 14.34 -1.58
C LEU D 207 39.59 14.22 -0.06
N ARG D 208 38.69 13.43 0.52
CA ARG D 208 38.61 13.21 1.96
C ARG D 208 38.52 14.55 2.70
N GLY D 209 37.41 15.25 2.44
CA GLY D 209 37.36 16.63 2.86
C GLY D 209 38.35 17.44 2.05
N ASN D 210 38.84 18.53 2.64
CA ASN D 210 39.89 19.35 2.02
C ASN D 210 39.46 19.79 0.62
N LEU D 211 38.19 20.17 0.50
CA LEU D 211 37.60 20.50 -0.80
C LEU D 211 37.33 22.00 -0.87
N PHE D 212 37.91 22.65 -1.86
CA PHE D 212 37.64 24.05 -2.18
C PHE D 212 36.92 24.07 -3.51
N PHE D 213 35.60 23.94 -3.46
CA PHE D 213 34.75 23.81 -4.63
C PHE D 213 33.85 25.03 -4.74
N LYS D 214 33.89 25.68 -5.90
CA LYS D 214 32.99 26.79 -6.19
C LYS D 214 32.18 26.46 -7.43
N THR D 215 30.90 26.84 -7.41
CA THR D 215 30.04 26.69 -8.56
C THR D 215 29.23 27.97 -8.73
N VAL D 216 29.04 28.39 -9.98
CA VAL D 216 28.27 29.58 -10.30
C VAL D 216 27.20 29.22 -11.31
N GLU D 217 25.98 29.67 -11.07
CA GLU D 217 24.87 29.39 -11.97
C GLU D 217 25.10 30.09 -13.30
N ILE D 218 24.75 29.40 -14.39
CA ILE D 218 24.68 30.02 -15.71
C ILE D 218 23.24 30.45 -15.95
N GLU D 219 23.05 31.72 -16.29
CA GLU D 219 21.72 32.30 -16.34
C GLU D 219 20.85 31.64 -17.40
N GLN D 220 21.42 31.32 -18.56
CA GLN D 220 20.62 30.79 -19.65
C GLN D 220 20.85 29.30 -19.83
N PRO D 221 19.79 28.52 -20.02
CA PRO D 221 19.97 27.10 -20.32
C PRO D 221 20.66 26.90 -21.66
N VAL D 222 21.44 25.82 -21.74
CA VAL D 222 22.26 25.51 -22.91
C VAL D 222 21.79 24.19 -23.49
N TYR D 223 21.55 24.17 -24.79
CA TYR D 223 21.09 22.97 -25.47
C TYR D 223 22.19 21.92 -25.48
N ASP D 224 21.82 20.67 -25.20
CA ASP D 224 22.73 19.54 -25.26
C ASP D 224 22.24 18.55 -26.31
N VAL D 225 23.12 18.17 -27.23
CA VAL D 225 22.72 17.30 -28.33
C VAL D 225 22.49 15.86 -27.85
N LYS D 226 23.14 15.46 -26.75
CA LYS D 226 23.03 14.08 -26.30
C LYS D 226 21.61 13.74 -25.88
N THR D 227 20.97 14.62 -25.11
CA THR D 227 19.61 14.40 -24.63
C THR D 227 18.59 15.25 -25.36
N ARG D 228 19.02 16.14 -26.26
CA ARG D 228 18.13 17.07 -26.95
C ARG D 228 17.30 17.87 -25.95
N GLU D 229 17.96 18.34 -24.90
CA GLU D 229 17.31 19.07 -23.83
C GLU D 229 18.05 20.39 -23.56
N TYR D 230 17.29 21.41 -23.18
CA TYR D 230 17.84 22.71 -22.82
C TYR D 230 18.15 22.71 -21.33
N LYS D 231 19.33 22.19 -21.00
CA LYS D 231 19.69 21.94 -19.61
C LYS D 231 20.41 23.14 -19.02
N HIS D 232 20.01 23.50 -17.81
CA HIS D 232 20.75 24.50 -17.04
C HIS D 232 22.11 23.96 -16.65
N LYS D 233 23.11 24.83 -16.65
CA LYS D 233 24.47 24.42 -16.39
C LYS D 233 25.11 25.35 -15.36
N ASN D 234 26.16 24.84 -14.71
CA ASN D 234 26.90 25.60 -13.72
C ASN D 234 28.38 25.55 -14.08
N ALA D 235 29.05 26.70 -13.96
CA ALA D 235 30.50 26.75 -14.10
C ALA D 235 31.11 26.48 -12.73
N PHE D 236 31.97 25.47 -12.67
CA PHE D 236 32.55 25.04 -11.41
C PHE D 236 34.06 25.13 -11.45
N ILE D 237 34.67 25.28 -10.28
CA ILE D 237 36.11 25.22 -10.13
C ILE D 237 36.43 24.45 -8.86
N VAL D 238 37.45 23.61 -8.94
CA VAL D 238 37.90 22.81 -7.80
C VAL D 238 39.42 22.87 -7.76
N PHE D 239 39.99 23.01 -6.56
CA PHE D 239 41.40 23.27 -6.39
C PHE D 239 42.10 22.08 -5.75
N SER D 240 43.20 21.64 -6.36
CA SER D 240 44.04 20.60 -5.80
C SER D 240 45.42 20.68 -6.44
N HIS D 241 46.40 20.08 -5.77
CA HIS D 241 47.80 20.26 -6.13
C HIS D 241 48.38 19.11 -6.94
N GLY D 242 48.26 17.87 -6.46
CA GLY D 242 48.95 16.78 -7.11
C GLY D 242 48.41 16.48 -8.49
N ASP D 243 49.30 16.03 -9.37
CA ASP D 243 48.88 15.70 -10.73
C ASP D 243 47.91 14.52 -10.73
N LEU D 244 48.14 13.55 -9.87
CA LEU D 244 47.26 12.39 -9.81
C LEU D 244 45.85 12.79 -9.39
N ILE D 245 45.74 13.66 -8.38
CA ILE D 245 44.41 14.07 -7.95
C ILE D 245 43.77 15.00 -8.99
N ILE D 246 44.57 15.79 -9.71
CA ILE D 246 44.03 16.59 -10.81
C ILE D 246 43.40 15.69 -11.86
N LYS D 247 44.12 14.65 -12.28
CA LYS D 247 43.57 13.80 -13.32
C LYS D 247 42.40 12.97 -12.82
N ARG D 248 42.41 12.58 -11.54
CA ARG D 248 41.25 11.90 -10.97
C ARG D 248 40.03 12.80 -10.95
N ILE D 249 40.21 14.07 -10.56
CA ILE D 249 39.11 15.03 -10.59
C ILE D 249 38.61 15.23 -12.01
N ARG D 250 39.53 15.32 -12.97
CA ARG D 250 39.12 15.51 -14.36
C ARG D 250 38.31 14.33 -14.86
N LYS D 251 38.74 13.11 -14.53
CA LYS D 251 37.99 11.93 -14.94
C LYS D 251 36.63 11.89 -14.27
N ILE D 252 36.56 12.28 -12.99
CA ILE D 252 35.29 12.29 -12.28
C ILE D 252 34.32 13.28 -12.92
N ALA D 253 34.80 14.50 -13.20
CA ALA D 253 33.94 15.51 -13.79
C ALA D 253 33.50 15.10 -15.19
N GLU D 254 34.42 14.56 -15.99
CA GLU D 254 34.06 14.14 -17.34
C GLU D 254 33.11 12.95 -17.34
N SER D 255 33.18 12.11 -16.29
CA SER D 255 32.22 11.02 -16.16
C SER D 255 30.81 11.56 -15.92
N LEU D 256 30.70 12.74 -15.33
CA LEU D 256 29.42 13.42 -15.16
C LEU D 256 29.09 14.32 -16.34
N ASP D 257 29.74 14.09 -17.48
CA ASP D 257 29.47 14.84 -18.71
C ASP D 257 29.70 16.34 -18.51
N ALA D 258 30.73 16.69 -17.76
CA ALA D 258 31.11 18.07 -17.55
C ALA D 258 32.16 18.48 -18.56
N ASN D 259 31.96 19.64 -19.19
CA ASN D 259 32.89 20.16 -20.17
C ASN D 259 34.01 20.88 -19.44
N LEU D 260 35.17 20.25 -19.36
CA LEU D 260 36.32 20.83 -18.68
C LEU D 260 37.05 21.78 -19.61
N TYR D 261 37.64 22.82 -19.02
CA TYR D 261 38.32 23.85 -19.77
C TYR D 261 39.65 24.18 -19.10
N ASP D 262 40.59 24.66 -19.90
CA ASP D 262 41.93 25.00 -19.42
C ASP D 262 42.03 26.52 -19.32
N VAL D 263 41.91 27.03 -18.10
CA VAL D 263 42.13 28.45 -17.85
C VAL D 263 43.62 28.68 -17.62
N ASP D 264 44.16 29.73 -18.23
CA ASP D 264 45.62 29.91 -18.27
C ASP D 264 46.19 30.07 -16.87
N SER D 265 45.59 30.94 -16.06
CA SER D 265 46.16 31.23 -14.75
C SER D 265 45.08 31.76 -13.82
N SER D 266 45.41 31.81 -12.53
CA SER D 266 44.53 32.38 -11.53
C SER D 266 44.54 33.91 -11.54
N ASN D 267 45.42 34.52 -12.34
CA ASN D 267 45.53 35.96 -12.45
C ASN D 267 44.89 36.42 -13.75
N GLU D 268 44.99 37.74 -14.00
CA GLU D 268 44.39 38.35 -15.18
C GLU D 268 45.10 37.98 -16.48
N GLY D 269 46.06 37.07 -16.45
CA GLY D 269 46.70 36.63 -17.69
C GLY D 269 45.75 35.90 -18.61
N ARG D 270 44.59 35.47 -18.08
CA ARG D 270 43.58 34.82 -18.89
C ARG D 270 42.87 35.81 -19.80
N SER D 271 43.20 37.09 -19.73
CA SER D 271 42.57 38.08 -20.59
C SER D 271 42.90 37.82 -22.06
N GLN D 272 44.10 37.32 -22.33
CA GLN D 272 44.47 37.00 -23.70
C GLN D 272 43.64 35.84 -24.24
N GLN D 273 43.41 34.81 -23.41
CA GLN D 273 42.51 33.73 -23.82
C GLN D 273 41.09 34.24 -24.00
N LEU D 274 40.65 35.16 -23.15
CA LEU D 274 39.31 35.73 -23.30
C LEU D 274 39.20 36.47 -24.63
N ALA D 275 40.24 37.22 -25.00
CA ALA D 275 40.24 37.92 -26.28
C ALA D 275 40.24 36.93 -27.45
N LYS D 276 41.01 35.86 -27.33
CA LYS D 276 41.02 34.81 -28.36
C LYS D 276 39.64 34.20 -28.53
N VAL D 277 38.96 33.93 -27.41
CA VAL D 277 37.62 33.35 -27.46
C VAL D 277 36.64 34.35 -28.05
N ASN D 278 36.82 35.63 -27.74
CA ASN D 278 35.97 36.65 -28.35
C ASN D 278 36.17 36.70 -29.85
N LYS D 279 37.40 36.59 -30.34
CA LYS D 279 37.64 36.54 -31.77
C LYS D 279 37.00 35.30 -32.40
N ASN D 280 37.16 34.15 -31.76
CA ASN D 280 36.56 32.92 -32.27
C ASN D 280 35.04 33.02 -32.30
N LEU D 281 34.46 33.58 -31.25
CA LEU D 281 33.01 33.74 -31.19
C LEU D 281 32.52 34.75 -32.21
N SER D 282 33.32 35.79 -32.49
CA SER D 282 32.93 36.74 -33.53
C SER D 282 32.88 36.07 -34.89
N ASP D 283 33.93 35.32 -35.23
CA ASP D 283 33.95 34.60 -36.50
C ASP D 283 32.81 33.58 -36.56
N LEU D 284 32.57 32.90 -35.43
CA LEU D 284 31.53 31.88 -35.39
C LEU D 284 30.14 32.51 -35.49
N TYR D 285 29.95 33.69 -34.91
CA TYR D 285 28.71 34.43 -35.09
C TYR D 285 28.50 34.82 -36.54
N THR D 286 29.57 35.26 -37.22
CA THR D 286 29.44 35.57 -38.64
C THR D 286 29.02 34.34 -39.44
N VAL D 287 29.67 33.21 -39.17
CA VAL D 287 29.34 31.97 -39.89
C VAL D 287 27.92 31.53 -39.56
N LEU D 288 27.52 31.66 -38.29
CA LEU D 288 26.20 31.23 -37.86
C LEU D 288 25.12 32.09 -38.49
N LYS D 289 25.35 33.41 -38.57
CA LYS D 289 24.41 34.28 -39.26
C LYS D 289 24.33 33.94 -40.74
N THR D 290 25.47 33.66 -41.37
CA THR D 290 25.47 33.29 -42.78
C THR D 290 24.65 32.03 -43.02
N THR D 291 24.79 31.02 -42.15
CA THR D 291 24.02 29.79 -42.32
C THR D 291 22.55 29.99 -41.96
N SER D 292 22.29 30.72 -40.89
CA SER D 292 20.93 30.84 -40.38
C SER D 292 20.06 31.70 -41.28
N THR D 293 20.67 32.70 -41.93
CA THR D 293 19.86 33.51 -42.86
C THR D 293 19.38 32.68 -44.04
N THR D 294 20.24 31.80 -44.58
CA THR D 294 19.82 30.93 -45.67
C THR D 294 18.79 29.91 -45.19
N LEU D 295 19.02 29.34 -44.01
CA LEU D 295 18.08 28.35 -43.48
C LEU D 295 16.71 28.98 -43.23
N GLU D 296 16.68 30.20 -42.68
CA GLU D 296 15.42 30.86 -42.42
C GLU D 296 14.77 31.34 -43.71
N SER D 297 15.58 31.64 -44.73
CA SER D 297 15.00 31.97 -46.03
C SER D 297 14.29 30.76 -46.62
N GLU D 298 14.90 29.58 -46.55
CA GLU D 298 14.23 28.38 -47.04
C GLU D 298 12.99 28.07 -46.21
N LEU D 299 13.07 28.24 -44.89
CA LEU D 299 11.93 27.98 -44.03
C LEU D 299 10.78 28.96 -44.32
N TYR D 300 11.12 30.22 -44.58
CA TYR D 300 10.09 31.19 -44.98
C TYR D 300 9.47 30.79 -46.30
N ALA D 301 10.28 30.32 -47.24
CA ALA D 301 9.76 29.91 -48.55
C ALA D 301 8.77 28.77 -48.40
N ILE D 302 9.10 27.76 -47.58
CA ILE D 302 8.19 26.63 -47.42
C ILE D 302 7.04 26.93 -46.47
N ALA D 303 7.17 27.94 -45.61
CA ALA D 303 6.12 28.22 -44.64
C ALA D 303 4.89 28.86 -45.28
N LYS D 304 5.10 29.65 -46.33
CA LYS D 304 3.97 30.30 -46.99
C LYS D 304 3.07 29.32 -47.74
N GLU D 305 3.55 28.10 -48.00
CA GLU D 305 2.78 27.10 -48.72
C GLU D 305 2.75 25.74 -48.03
N LEU D 306 3.28 25.62 -46.82
CA LEU D 306 3.29 24.33 -46.15
C LEU D 306 1.88 23.88 -45.77
N ASP D 307 1.03 24.83 -45.36
CA ASP D 307 -0.32 24.47 -44.95
C ASP D 307 -1.14 23.94 -46.13
N SER D 308 -1.02 24.59 -47.29
CA SER D 308 -1.73 24.09 -48.47
C SER D 308 -1.23 22.70 -48.86
N TRP D 309 0.09 22.50 -48.80
CA TRP D 309 0.65 21.18 -49.09
C TRP D 309 0.10 20.14 -48.13
N PHE D 310 0.05 20.46 -46.84
CA PHE D 310 -0.43 19.51 -45.85
C PHE D 310 -1.91 19.18 -46.10
N GLN D 311 -2.71 20.20 -46.41
CA GLN D 311 -4.12 19.95 -46.68
C GLN D 311 -4.29 19.04 -47.89
N ASP D 312 -3.59 19.35 -48.98
CA ASP D 312 -3.73 18.55 -50.20
C ASP D 312 -3.25 17.11 -49.98
N VAL D 313 -2.13 16.94 -49.27
CA VAL D 313 -1.58 15.62 -49.07
C VAL D 313 -2.46 14.81 -48.13
N THR D 314 -2.99 15.43 -47.08
CA THR D 314 -3.90 14.73 -46.19
C THR D 314 -5.16 14.30 -46.91
N ARG D 315 -5.69 15.17 -47.78
CA ARG D 315 -6.87 14.79 -48.55
C ARG D 315 -6.56 13.63 -49.50
N GLU D 316 -5.39 13.64 -50.13
CA GLU D 316 -5.02 12.53 -51.02
C GLU D 316 -4.88 11.24 -50.23
N LYS D 317 -4.24 11.29 -49.06
CA LYS D 317 -4.13 10.09 -48.24
C LYS D 317 -5.49 9.60 -47.81
N ALA D 318 -6.42 10.52 -47.50
CA ALA D 318 -7.76 10.13 -47.11
C ALA D 318 -8.50 9.45 -48.25
N ILE D 319 -8.42 10.00 -49.46
CA ILE D 319 -9.13 9.38 -50.57
C ILE D 319 -8.53 8.03 -50.88
N PHE D 320 -7.22 7.86 -50.72
CA PHE D 320 -6.62 6.57 -51.01
C PHE D 320 -6.92 5.57 -49.90
N GLU D 321 -7.09 6.04 -48.66
CA GLU D 321 -7.62 5.19 -47.60
C GLU D 321 -9.02 4.70 -47.94
N ILE D 322 -9.87 5.59 -48.46
CA ILE D 322 -11.22 5.19 -48.83
C ILE D 322 -11.19 4.21 -49.99
N LEU D 323 -10.34 4.47 -50.99
CA LEU D 323 -10.21 3.54 -52.11
C LEU D 323 -9.68 2.19 -51.68
N ASN D 324 -8.85 2.17 -50.63
CA ASN D 324 -8.39 0.89 -50.08
C ASN D 324 -9.52 0.10 -49.44
N LYS D 325 -10.60 0.76 -49.04
CA LYS D 325 -11.77 0.07 -48.51
C LYS D 325 -12.66 -0.51 -49.59
N SER D 326 -12.37 -0.22 -50.86
CA SER D 326 -13.21 -0.64 -51.96
C SER D 326 -12.64 -1.89 -52.61
N ASN D 327 -13.49 -2.88 -52.84
CA ASN D 327 -13.08 -4.07 -53.58
C ASN D 327 -12.71 -3.67 -55.00
N TYR D 328 -11.54 -4.13 -55.45
CA TYR D 328 -11.06 -3.86 -56.80
C TYR D 328 -11.36 -5.08 -57.66
N ASP D 329 -12.44 -4.99 -58.44
CA ASP D 329 -12.82 -6.07 -59.34
C ASP D 329 -12.03 -5.88 -60.63
N THR D 330 -10.96 -6.65 -60.80
CA THR D 330 -10.06 -6.49 -61.93
C THR D 330 -10.71 -6.83 -63.26
N ASN D 331 -11.73 -7.71 -63.26
CA ASN D 331 -12.33 -8.14 -64.51
C ASN D 331 -12.94 -6.97 -65.28
N ARG D 332 -13.64 -6.07 -64.58
CA ARG D 332 -14.28 -4.93 -65.22
C ARG D 332 -13.71 -3.60 -64.75
N LYS D 333 -12.56 -3.61 -64.06
CA LYS D 333 -11.82 -2.42 -63.63
C LYS D 333 -12.71 -1.41 -62.90
N ILE D 334 -13.50 -1.93 -61.96
CA ILE D 334 -14.39 -1.14 -61.13
C ILE D 334 -14.00 -1.29 -59.67
N LEU D 335 -14.22 -0.23 -58.89
CA LEU D 335 -14.07 -0.27 -57.44
C LEU D 335 -15.44 -0.37 -56.79
N ILE D 336 -15.65 -1.46 -56.05
CA ILE D 336 -16.89 -1.67 -55.32
C ILE D 336 -16.76 -1.03 -53.95
N ALA D 337 -17.48 0.07 -53.73
CA ALA D 337 -17.44 0.79 -52.47
C ALA D 337 -18.80 0.73 -51.81
N GLU D 338 -18.85 0.26 -50.57
CA GLU D 338 -20.07 0.21 -49.79
C GLU D 338 -20.01 1.29 -48.72
N GLY D 339 -21.03 2.13 -48.67
CA GLY D 339 -21.04 3.25 -47.75
C GLY D 339 -22.39 3.43 -47.11
N TRP D 340 -22.37 4.02 -45.92
CA TRP D 340 -23.59 4.37 -45.21
C TRP D 340 -23.87 5.85 -45.40
N ILE D 341 -25.07 6.18 -45.86
CA ILE D 341 -25.44 7.58 -46.08
C ILE D 341 -26.84 7.81 -45.53
N PRO D 342 -27.12 9.00 -44.99
CA PRO D 342 -28.50 9.31 -44.62
C PRO D 342 -29.42 9.23 -45.84
N ARG D 343 -30.62 8.68 -45.62
CA ARG D 343 -31.54 8.45 -46.72
C ARG D 343 -32.03 9.75 -47.34
N ASP D 344 -32.17 10.80 -46.51
CA ASP D 344 -32.57 12.09 -47.06
C ASP D 344 -31.43 12.80 -47.79
N GLU D 345 -30.19 12.36 -47.59
CA GLU D 345 -29.06 12.88 -48.34
C GLU D 345 -28.75 12.05 -49.57
N LEU D 346 -29.54 11.02 -49.85
CA LEU D 346 -29.29 10.16 -51.00
C LEU D 346 -29.50 10.93 -52.30
N ALA D 347 -30.49 11.81 -52.34
CA ALA D 347 -30.71 12.65 -53.51
C ALA D 347 -29.51 13.56 -53.74
N THR D 348 -28.95 14.12 -52.67
CA THR D 348 -27.77 14.97 -52.81
C THR D 348 -26.56 14.17 -53.30
N LEU D 349 -26.40 12.96 -52.75
CA LEU D 349 -25.38 12.05 -53.26
C LEU D 349 -25.51 11.83 -54.76
N GLN D 350 -26.71 11.47 -55.21
CA GLN D 350 -26.94 11.21 -56.61
C GLN D 350 -26.74 12.44 -57.47
N ALA D 351 -27.18 13.61 -57.00
CA ALA D 351 -27.01 14.84 -57.78
C ALA D 351 -25.53 15.20 -57.92
N ARG D 352 -24.77 15.12 -56.82
CA ARG D 352 -23.35 15.49 -56.88
C ARG D 352 -22.57 14.50 -57.74
N LEU D 353 -22.87 13.20 -57.61
CA LEU D 353 -22.17 12.21 -58.43
C LEU D 353 -22.57 12.34 -59.90
N GLY D 354 -23.83 12.69 -60.16
CA GLY D 354 -24.24 12.95 -61.54
C GLY D 354 -23.53 14.15 -62.14
N GLU D 355 -23.37 15.21 -61.34
CA GLU D 355 -22.62 16.37 -61.82
C GLU D 355 -21.16 16.02 -62.10
N MET D 356 -20.54 15.25 -61.19
CA MET D 356 -19.15 14.85 -61.38
C MET D 356 -19.01 13.98 -62.63
N ILE D 357 -19.97 13.08 -62.86
CA ILE D 357 -19.96 12.28 -64.07
C ILE D 357 -20.12 13.16 -65.30
N ALA D 358 -21.06 14.11 -65.25
CA ALA D 358 -21.30 15.00 -66.38
C ALA D 358 -20.04 15.79 -66.74
N ARG D 359 -19.27 16.19 -65.73
CA ARG D 359 -17.98 16.80 -66.01
C ARG D 359 -17.01 15.80 -66.62
N LEU D 360 -17.06 14.55 -66.18
CA LEU D 360 -16.13 13.51 -66.65
C LEU D 360 -16.78 12.69 -67.75
N GLY D 361 -17.07 13.36 -68.86
CA GLY D 361 -17.64 12.67 -70.00
C GLY D 361 -19.00 12.09 -69.67
N ILE D 362 -19.28 10.91 -70.26
CA ILE D 362 -20.53 10.20 -69.99
C ILE D 362 -20.24 8.73 -69.73
N ASP D 363 -19.01 8.42 -69.31
CA ASP D 363 -18.55 7.04 -69.20
C ASP D 363 -18.73 6.45 -67.80
N VAL D 364 -19.69 6.94 -67.04
CA VAL D 364 -19.92 6.42 -65.68
C VAL D 364 -21.41 6.12 -65.50
N PRO D 365 -21.90 4.98 -65.98
CA PRO D 365 -23.33 4.69 -65.84
C PRO D 365 -23.65 4.02 -64.51
N SER D 366 -24.74 4.47 -63.90
CA SER D 366 -25.32 3.86 -62.70
C SER D 366 -24.26 3.70 -61.59
N ILE D 367 -23.74 4.85 -61.15
CA ILE D 367 -22.69 4.86 -60.13
C ILE D 367 -23.22 4.64 -58.73
N ILE D 368 -24.54 4.69 -58.53
CA ILE D 368 -25.16 4.55 -57.22
C ILE D 368 -26.18 3.43 -57.27
N GLN D 369 -26.09 2.50 -56.33
CA GLN D 369 -27.05 1.40 -56.22
C GLN D 369 -27.30 1.16 -54.74
N VAL D 370 -28.49 1.52 -54.26
CA VAL D 370 -28.87 1.25 -52.89
C VAL D 370 -29.16 -0.24 -52.74
N LEU D 371 -28.56 -0.86 -51.73
CA LEU D 371 -28.74 -2.29 -51.52
C LEU D 371 -29.14 -2.54 -50.08
N ASP D 372 -30.16 -3.37 -49.89
CA ASP D 372 -30.62 -3.70 -48.56
C ASP D 372 -29.66 -4.66 -47.87
N THR D 373 -29.55 -4.51 -46.55
CA THR D 373 -28.54 -5.25 -45.79
C THR D 373 -29.04 -5.49 -44.38
N ASN D 374 -28.41 -6.47 -43.72
CA ASN D 374 -28.63 -6.75 -42.32
C ASN D 374 -27.58 -6.13 -41.40
N HIS D 375 -26.65 -5.34 -41.96
CA HIS D 375 -25.68 -4.63 -41.14
C HIS D 375 -26.37 -3.54 -40.33
N THR D 376 -25.77 -3.21 -39.20
CA THR D 376 -26.32 -2.17 -38.33
C THR D 376 -25.99 -0.80 -38.89
N PRO D 377 -26.98 0.03 -39.22
CA PRO D 377 -26.68 1.37 -39.70
C PRO D 377 -26.05 2.21 -38.61
N PRO D 378 -25.20 3.17 -38.97
CA PRO D 378 -24.63 4.07 -37.97
C PRO D 378 -25.67 5.02 -37.41
N THR D 379 -25.39 5.50 -36.19
CA THR D 379 -26.28 6.41 -35.48
C THR D 379 -25.85 7.84 -35.76
N PHE D 380 -26.73 8.61 -36.40
CA PHE D 380 -26.44 9.99 -36.76
C PHE D 380 -27.52 10.91 -36.21
N HIS D 381 -27.10 11.89 -35.41
CA HIS D 381 -27.98 12.92 -34.91
C HIS D 381 -27.50 14.26 -35.44
N ARG D 382 -28.40 14.99 -36.08
CA ARG D 382 -28.08 16.27 -36.69
C ARG D 382 -28.09 17.33 -35.60
N THR D 383 -26.90 17.61 -35.05
CA THR D 383 -26.76 18.61 -34.01
C THR D 383 -26.38 19.95 -34.62
N ASN D 384 -26.55 21.01 -33.82
CA ASN D 384 -26.09 22.34 -34.17
C ASN D 384 -25.23 22.85 -33.04
N LYS D 385 -24.84 24.12 -33.10
CA LYS D 385 -23.98 24.67 -32.05
C LYS D 385 -24.63 24.57 -30.69
N PHE D 386 -25.96 24.59 -30.63
CA PHE D 386 -26.67 24.54 -29.36
C PHE D 386 -26.73 23.13 -28.80
N THR D 387 -27.07 22.15 -29.63
CA THR D 387 -27.30 20.79 -29.18
C THR D 387 -26.06 19.90 -29.24
N ALA D 388 -24.95 20.40 -29.79
CA ALA D 388 -23.76 19.56 -29.93
C ALA D 388 -23.20 19.14 -28.59
N GLY D 389 -23.15 20.05 -27.62
CA GLY D 389 -22.56 19.72 -26.34
C GLY D 389 -23.37 18.69 -25.56
N PHE D 390 -24.69 18.85 -25.55
CA PHE D 390 -25.54 17.90 -24.84
C PHE D 390 -25.52 16.53 -25.50
N GLN D 391 -25.52 16.49 -26.83
CA GLN D 391 -25.38 15.23 -27.53
C GLN D 391 -24.04 14.59 -27.22
N SER D 392 -22.98 15.40 -27.12
CA SER D 392 -21.67 14.87 -26.81
C SER D 392 -21.63 14.27 -25.41
N ILE D 393 -22.26 14.94 -24.43
CA ILE D 393 -22.21 14.41 -23.07
C ILE D 393 -23.05 13.15 -22.96
N CYS D 394 -24.13 13.03 -23.75
CA CYS D 394 -24.85 11.76 -23.77
C CYS D 394 -24.07 10.68 -24.48
N ASP D 395 -23.37 11.02 -25.56
CA ASP D 395 -22.63 10.04 -26.35
C ASP D 395 -21.37 9.58 -25.65
N CYS D 396 -20.93 10.28 -24.60
CA CYS D 396 -19.78 9.82 -23.83
C CYS D 396 -20.08 8.50 -23.13
N TYR D 397 -21.30 8.35 -22.59
CA TYR D 397 -21.69 7.08 -22.02
C TYR D 397 -21.80 6.00 -23.08
N GLY D 398 -22.40 6.33 -24.22
CA GLY D 398 -22.53 5.38 -25.30
C GLY D 398 -23.25 6.01 -26.46
N ILE D 399 -23.05 5.42 -27.63
CA ILE D 399 -23.70 5.88 -28.86
C ILE D 399 -25.08 5.24 -28.93
N ALA D 400 -26.08 6.03 -29.32
CA ALA D 400 -27.44 5.54 -29.36
C ALA D 400 -27.57 4.41 -30.36
N GLN D 401 -28.48 3.47 -30.07
CA GLN D 401 -28.83 2.47 -31.05
C GLN D 401 -29.52 3.13 -32.24
N TYR D 402 -29.38 2.51 -33.40
CA TYR D 402 -29.94 3.07 -34.62
C TYR D 402 -31.45 3.26 -34.49
N ARG D 403 -31.89 4.52 -34.56
CA ARG D 403 -33.27 4.99 -34.58
C ARG D 403 -33.94 5.00 -33.21
N GLU D 404 -33.27 4.61 -32.14
CA GLU D 404 -33.89 4.77 -30.83
C GLU D 404 -33.92 6.24 -30.45
N ILE D 405 -34.71 6.56 -29.42
CA ILE D 405 -34.83 7.93 -28.96
C ILE D 405 -33.49 8.43 -28.45
N ASN D 406 -33.11 9.61 -28.90
CA ASN D 406 -31.85 10.22 -28.51
C ASN D 406 -31.99 10.86 -27.13
N ALA D 407 -31.02 10.58 -26.26
CA ALA D 407 -31.04 11.13 -24.91
C ALA D 407 -30.56 12.58 -24.86
N GLY D 408 -29.85 13.03 -25.89
CA GLY D 408 -29.30 14.38 -25.86
C GLY D 408 -30.38 15.45 -25.88
N LEU D 409 -31.46 15.19 -26.62
CA LEU D 409 -32.54 16.17 -26.70
C LEU D 409 -33.21 16.43 -25.35
N PRO D 410 -33.61 15.42 -24.57
CA PRO D 410 -34.04 15.71 -23.19
C PRO D 410 -32.92 16.27 -22.33
N THR D 411 -31.68 15.81 -22.57
CA THR D 411 -30.57 16.22 -21.75
C THR D 411 -30.38 17.73 -21.78
N ILE D 412 -30.61 18.34 -22.95
CA ILE D 412 -30.50 19.79 -23.15
C ILE D 412 -31.11 20.57 -21.99
N VAL D 413 -32.27 20.12 -21.50
CA VAL D 413 -32.94 20.77 -20.39
C VAL D 413 -32.65 20.07 -19.07
N THR D 414 -32.74 18.74 -19.04
CA THR D 414 -32.71 18.05 -17.76
C THR D 414 -31.34 18.14 -17.09
N PHE D 415 -30.26 18.08 -17.88
CA PHE D 415 -28.93 18.14 -17.28
C PHE D 415 -28.65 19.51 -16.67
N PRO D 416 -28.81 20.63 -17.39
CA PRO D 416 -28.64 21.93 -16.73
C PRO D 416 -29.60 22.16 -15.59
N PHE D 417 -30.82 21.62 -15.65
CA PHE D 417 -31.76 21.91 -14.58
C PHE D 417 -31.48 21.07 -13.35
N MET D 418 -31.06 19.81 -13.51
CA MET D 418 -30.61 19.04 -12.35
C MET D 418 -29.38 19.67 -11.72
N PHE D 419 -28.43 20.10 -12.56
CA PHE D 419 -27.31 20.87 -12.05
C PHE D 419 -27.79 22.07 -11.25
N ALA D 420 -28.78 22.79 -11.80
CA ALA D 420 -29.30 23.99 -11.16
C ALA D 420 -29.94 23.69 -9.81
N ILE D 421 -30.65 22.57 -9.72
CA ILE D 421 -31.18 22.13 -8.44
C ILE D 421 -30.05 21.92 -7.44
N MET D 422 -28.95 21.32 -7.89
CA MET D 422 -27.80 21.16 -7.01
C MET D 422 -26.90 22.39 -6.94
N PHE D 423 -27.17 23.40 -7.76
CA PHE D 423 -26.39 24.63 -7.80
C PHE D 423 -27.27 25.86 -7.61
N GLY D 424 -28.29 25.74 -6.75
CA GLY D 424 -29.32 26.75 -6.68
C GLY D 424 -28.92 28.03 -5.97
N ASP D 425 -28.08 28.83 -6.60
CA ASP D 425 -27.73 30.15 -6.08
C ASP D 425 -27.79 31.15 -7.22
N MET D 426 -28.56 32.22 -7.03
CA MET D 426 -28.65 33.24 -8.08
C MET D 426 -27.34 33.96 -8.29
N GLY D 427 -26.54 34.15 -7.23
CA GLY D 427 -25.26 34.82 -7.41
C GLY D 427 -24.29 34.01 -8.23
N HIS D 428 -24.05 32.76 -7.85
CA HIS D 428 -23.14 31.92 -8.61
C HIS D 428 -23.73 31.53 -9.95
N GLY D 429 -25.06 31.37 -10.00
CA GLY D 429 -25.71 31.16 -11.28
C GLY D 429 -25.47 32.32 -12.23
N PHE D 430 -25.54 33.54 -11.71
CA PHE D 430 -25.26 34.72 -12.53
C PHE D 430 -23.80 34.79 -12.94
N LEU D 431 -22.89 34.44 -12.04
CA LEU D 431 -21.47 34.44 -12.40
C LEU D 431 -21.20 33.47 -13.54
N MET D 432 -21.72 32.25 -13.44
CA MET D 432 -21.48 31.25 -14.46
C MET D 432 -22.25 31.57 -15.74
N THR D 433 -23.42 32.21 -15.62
CA THR D 433 -24.12 32.72 -16.79
C THR D 433 -23.29 33.78 -17.51
N LEU D 434 -22.62 34.65 -16.74
CA LEU D 434 -21.77 35.67 -17.35
C LEU D 434 -20.60 35.04 -18.07
N ALA D 435 -19.98 34.01 -17.48
CA ALA D 435 -18.91 33.31 -18.17
C ALA D 435 -19.40 32.70 -19.48
N ALA D 436 -20.57 32.06 -19.43
CA ALA D 436 -21.12 31.43 -20.62
C ALA D 436 -21.53 32.44 -21.66
N LEU D 437 -22.03 33.60 -21.24
CA LEU D 437 -22.37 34.66 -22.17
C LEU D 437 -21.12 35.22 -22.84
N SER D 438 -20.04 35.37 -22.09
CA SER D 438 -18.79 35.77 -22.71
C SER D 438 -18.33 34.75 -23.73
N LEU D 439 -18.57 33.46 -23.46
CA LEU D 439 -18.20 32.43 -24.41
C LEU D 439 -19.06 32.46 -25.66
N VAL D 440 -20.37 32.68 -25.52
CA VAL D 440 -21.29 32.55 -26.65
C VAL D 440 -21.41 33.84 -27.46
N LEU D 441 -21.20 35.00 -26.84
CA LEU D 441 -21.28 36.25 -27.60
C LEU D 441 -20.03 36.45 -28.45
N ASN D 442 -18.88 36.05 -27.93
CA ASN D 442 -17.64 36.02 -28.68
C ASN D 442 -17.41 34.70 -29.40
N GLU D 443 -18.50 34.00 -29.73
CA GLU D 443 -18.41 32.66 -30.26
C GLU D 443 -17.63 32.62 -31.57
N LYS D 444 -17.89 33.57 -32.46
CA LYS D 444 -17.19 33.59 -33.74
C LYS D 444 -15.75 34.05 -33.58
N LYS D 445 -15.49 34.96 -32.64
CA LYS D 445 -14.12 35.34 -32.34
C LYS D 445 -13.34 34.17 -31.75
N ILE D 446 -13.96 33.43 -30.82
CA ILE D 446 -13.31 32.27 -30.22
C ILE D 446 -13.22 31.10 -31.20
N ASN D 447 -14.18 30.96 -32.12
CA ASN D 447 -13.96 30.09 -33.26
C ASN D 447 -12.84 30.67 -34.12
N LYS D 448 -12.09 29.77 -34.77
CA LYS D 448 -10.86 30.14 -35.45
C LYS D 448 -9.91 30.84 -34.48
N MET D 449 -9.77 30.25 -33.30
CA MET D 449 -8.83 30.71 -32.29
C MET D 449 -8.26 29.50 -31.57
N LYS D 450 -6.98 29.58 -31.21
CA LYS D 450 -6.30 28.50 -30.51
C LYS D 450 -6.68 28.56 -29.04
N ARG D 451 -7.34 27.51 -28.55
CA ARG D 451 -7.90 27.52 -27.20
C ARG D 451 -7.12 26.68 -26.21
N GLY D 452 -6.79 25.45 -26.52
CA GLY D 452 -6.09 24.58 -25.59
C GLY D 452 -6.99 23.46 -25.10
N GLU D 453 -7.07 23.29 -23.78
CA GLU D 453 -7.88 22.23 -23.19
C GLU D 453 -8.99 22.76 -22.29
N ILE D 454 -8.66 23.57 -21.30
CA ILE D 454 -9.68 24.13 -20.42
C ILE D 454 -10.56 25.11 -21.18
N PHE D 455 -9.93 26.02 -21.93
CA PHE D 455 -10.69 26.94 -22.77
C PHE D 455 -11.49 26.20 -23.83
N ASP D 456 -10.92 25.15 -24.41
CA ASP D 456 -11.65 24.36 -25.40
C ASP D 456 -12.87 23.68 -24.77
N MET D 457 -12.70 23.13 -23.57
CA MET D 457 -13.84 22.51 -22.88
C MET D 457 -14.91 23.53 -22.56
N ALA D 458 -14.52 24.70 -22.08
CA ALA D 458 -15.49 25.74 -21.77
C ALA D 458 -16.22 26.21 -23.03
N PHE D 459 -15.50 26.31 -24.14
CA PHE D 459 -16.11 26.76 -25.39
C PHE D 459 -17.07 25.72 -25.95
N THR D 460 -16.68 24.44 -25.91
CA THR D 460 -17.54 23.40 -26.45
C THR D 460 -18.83 23.28 -25.66
N GLY D 461 -18.75 23.42 -24.34
CA GLY D 461 -19.92 23.38 -23.50
C GLY D 461 -20.40 24.76 -23.12
N ARG D 462 -20.21 25.73 -24.01
CA ARG D 462 -20.63 27.10 -23.69
C ARG D 462 -22.13 27.21 -23.52
N TYR D 463 -22.91 26.50 -24.35
CA TYR D 463 -24.35 26.52 -24.19
C TYR D 463 -24.80 25.65 -23.03
N ILE D 464 -24.06 24.58 -22.75
CA ILE D 464 -24.30 23.82 -21.53
C ILE D 464 -24.13 24.72 -20.32
N ILE D 465 -23.05 25.49 -20.28
CA ILE D 465 -22.80 26.40 -19.18
C ILE D 465 -23.84 27.51 -19.16
N LEU D 466 -24.31 27.95 -20.33
CA LEU D 466 -25.32 28.99 -20.40
C LEU D 466 -26.63 28.53 -19.76
N LEU D 467 -27.11 27.35 -20.15
CA LEU D 467 -28.33 26.84 -19.55
C LEU D 467 -28.14 26.47 -18.08
N MET D 468 -26.96 25.94 -17.70
CA MET D 468 -26.74 25.69 -16.29
C MET D 468 -26.81 26.97 -15.48
N GLY D 469 -26.22 28.05 -16.00
CA GLY D 469 -26.27 29.31 -15.30
C GLY D 469 -27.66 29.92 -15.24
N VAL D 470 -28.40 29.87 -16.35
CA VAL D 470 -29.75 30.45 -16.37
C VAL D 470 -30.66 29.68 -15.42
N PHE D 471 -30.62 28.35 -15.49
CA PHE D 471 -31.44 27.55 -14.59
C PHE D 471 -30.96 27.67 -13.16
N SER D 472 -29.67 27.91 -12.92
CA SER D 472 -29.19 28.11 -11.56
C SER D 472 -29.68 29.42 -10.99
N MET D 473 -29.77 30.46 -11.82
CA MET D 473 -30.41 31.70 -11.39
C MET D 473 -31.88 31.45 -11.05
N TYR D 474 -32.59 30.68 -11.88
CA TYR D 474 -33.99 30.40 -11.59
C TYR D 474 -34.15 29.59 -10.31
N THR D 475 -33.33 28.57 -10.11
CA THR D 475 -33.45 27.72 -8.93
C THR D 475 -32.93 28.40 -7.68
N GLY D 476 -31.98 29.33 -7.82
CA GLY D 476 -31.62 30.16 -6.69
C GLY D 476 -32.72 31.12 -6.31
N PHE D 477 -33.43 31.65 -7.31
CA PHE D 477 -34.62 32.45 -7.02
C PHE D 477 -35.66 31.62 -6.27
N LEU D 478 -35.86 30.37 -6.68
CA LEU D 478 -36.80 29.50 -5.99
C LEU D 478 -36.33 29.15 -4.59
N TYR D 479 -35.03 28.91 -4.42
CA TYR D 479 -34.48 28.75 -3.08
C TYR D 479 -34.42 30.07 -2.35
N ASN D 480 -34.61 31.18 -3.06
CA ASN D 480 -34.46 32.52 -2.50
C ASN D 480 -33.04 32.72 -1.95
N ASP D 481 -32.04 32.43 -2.77
CA ASP D 481 -30.65 32.41 -2.32
C ASP D 481 -29.81 33.15 -3.34
N ILE D 482 -29.09 34.17 -2.90
CA ILE D 482 -28.12 34.89 -3.72
C ILE D 482 -26.92 35.19 -2.84
N PHE D 483 -25.80 34.51 -3.11
CA PHE D 483 -24.58 34.68 -2.32
C PHE D 483 -24.85 34.49 -0.84
N SER D 484 -25.68 33.49 -0.52
CA SER D 484 -26.16 33.12 0.80
C SER D 484 -27.22 34.08 1.33
N LYS D 485 -27.51 35.17 0.65
CA LYS D 485 -28.52 36.13 1.07
C LYS D 485 -29.84 35.81 0.39
N THR D 486 -30.90 36.50 0.83
CA THR D 486 -32.23 36.27 0.29
C THR D 486 -32.78 37.54 -0.34
N MET D 487 -33.68 37.34 -1.30
CA MET D 487 -34.44 38.41 -1.90
C MET D 487 -35.68 38.70 -1.07
N THR D 488 -36.16 39.94 -1.16
CA THR D 488 -37.37 40.35 -0.45
C THR D 488 -38.36 40.87 -1.49
N ILE D 489 -38.56 40.08 -2.56
CA ILE D 489 -39.32 40.57 -3.71
C ILE D 489 -40.77 40.83 -3.34
N PHE D 490 -41.40 39.87 -2.66
CA PHE D 490 -42.82 39.91 -2.39
C PHE D 490 -43.07 40.00 -0.90
N LYS D 491 -44.32 40.30 -0.54
CA LYS D 491 -44.68 40.29 0.87
C LYS D 491 -44.53 38.89 1.42
N SER D 492 -44.01 38.80 2.64
CA SER D 492 -43.78 37.51 3.26
C SER D 492 -45.10 36.87 3.66
N GLY D 493 -45.13 35.54 3.63
CA GLY D 493 -46.27 34.82 4.14
C GLY D 493 -46.25 34.64 5.64
N TRP D 494 -45.26 35.21 6.32
CA TRP D 494 -45.07 35.05 7.75
C TRP D 494 -45.11 36.42 8.42
N LYS D 495 -45.88 36.53 9.49
CA LYS D 495 -45.96 37.75 10.28
C LYS D 495 -45.33 37.47 11.65
N TRP D 496 -44.28 38.22 11.96
CA TRP D 496 -43.66 38.11 13.28
C TRP D 496 -44.59 38.73 14.33
N PRO D 497 -44.43 38.33 15.59
CA PRO D 497 -45.27 38.89 16.66
C PRO D 497 -45.19 40.41 16.69
N ASP D 498 -46.24 41.03 17.23
CA ASP D 498 -46.33 42.49 17.24
C ASP D 498 -45.21 43.10 18.06
N HIS D 499 -44.88 42.51 19.21
CA HIS D 499 -43.86 43.07 20.09
C HIS D 499 -43.08 41.94 20.74
N TRP D 500 -41.79 42.18 20.96
CA TRP D 500 -40.93 41.24 21.67
C TRP D 500 -39.72 42.00 22.20
N LYS D 501 -39.01 41.35 23.12
CA LYS D 501 -37.85 41.95 23.74
C LYS D 501 -36.56 41.51 23.05
N LYS D 502 -35.50 42.26 23.31
CA LYS D 502 -34.19 42.00 22.71
C LYS D 502 -33.69 40.62 23.09
N GLY D 503 -33.55 39.75 22.08
CA GLY D 503 -33.12 38.39 22.30
C GLY D 503 -34.20 37.39 22.61
N GLU D 504 -35.47 37.78 22.48
CA GLU D 504 -36.58 36.86 22.73
C GLU D 504 -36.79 35.94 21.55
N SER D 505 -37.14 34.69 21.85
CA SER D 505 -37.48 33.74 20.80
C SER D 505 -38.91 34.01 20.33
N ILE D 506 -39.06 34.31 19.04
CA ILE D 506 -40.35 34.62 18.45
C ILE D 506 -40.62 33.64 17.32
N THR D 507 -41.88 33.22 17.21
CA THR D 507 -42.34 32.32 16.16
C THR D 507 -43.35 33.06 15.30
N ALA D 508 -43.18 32.98 13.98
CA ALA D 508 -44.04 33.70 13.05
C ALA D 508 -45.38 32.99 12.89
N THR D 509 -46.32 33.71 12.30
CA THR D 509 -47.66 33.20 12.01
C THR D 509 -47.89 33.22 10.51
N SER D 510 -48.42 32.12 9.98
CA SER D 510 -48.66 31.99 8.55
C SER D 510 -49.84 32.86 8.15
N VAL D 511 -49.56 33.94 7.42
CA VAL D 511 -50.60 34.83 6.91
C VAL D 511 -50.80 34.68 5.41
N GLY D 512 -50.14 33.72 4.78
CA GLY D 512 -50.28 33.53 3.35
C GLY D 512 -49.19 32.61 2.84
N THR D 513 -49.05 32.59 1.52
CA THR D 513 -48.01 31.82 0.85
C THR D 513 -47.16 32.73 0.00
N TYR D 514 -45.85 32.53 0.04
CA TYR D 514 -44.95 33.28 -0.82
C TYR D 514 -45.25 32.94 -2.28
N PRO D 515 -45.38 33.94 -3.16
CA PRO D 515 -45.79 33.68 -4.54
C PRO D 515 -44.86 32.73 -5.27
N ILE D 516 -43.58 33.08 -5.35
CA ILE D 516 -42.58 32.25 -6.01
C ILE D 516 -41.32 32.22 -5.15
N GLY D 517 -40.81 31.03 -4.89
CA GLY D 517 -39.61 30.86 -4.11
C GLY D 517 -39.89 30.59 -2.64
N LEU D 518 -38.83 30.23 -1.92
CA LEU D 518 -38.93 30.11 -0.47
C LEU D 518 -39.10 31.47 0.16
N ASP D 519 -39.98 31.54 1.16
CA ASP D 519 -40.27 32.81 1.81
C ASP D 519 -39.04 33.34 2.52
N TRP D 520 -38.79 34.64 2.36
CA TRP D 520 -37.59 35.23 2.93
C TRP D 520 -37.65 35.35 4.45
N ALA D 521 -38.80 35.08 5.06
CA ALA D 521 -38.88 35.05 6.51
C ALA D 521 -37.99 33.97 7.10
N TRP D 522 -37.69 32.93 6.32
CA TRP D 522 -36.85 31.84 6.79
C TRP D 522 -35.38 32.23 6.90
N HIS D 523 -34.95 33.30 6.25
CA HIS D 523 -33.55 33.71 6.36
C HIS D 523 -33.25 34.17 7.77
N GLY D 524 -32.19 33.62 8.35
CA GLY D 524 -31.76 34.00 9.68
C GLY D 524 -32.50 33.33 10.81
N THR D 525 -33.48 32.47 10.52
CA THR D 525 -34.19 31.76 11.57
C THR D 525 -33.38 30.56 12.03
N GLU D 526 -33.67 30.10 13.24
CA GLU D 526 -32.96 28.97 13.83
C GLU D 526 -33.53 27.62 13.40
N ASN D 527 -34.58 27.61 12.60
CA ASN D 527 -35.14 26.38 12.05
C ASN D 527 -35.34 26.50 10.54
N ALA D 528 -34.55 27.36 9.90
CA ALA D 528 -34.62 27.50 8.45
C ALA D 528 -34.24 26.21 7.76
N LEU D 529 -33.14 25.59 8.20
CA LEU D 529 -32.73 24.32 7.62
C LEU D 529 -33.72 23.21 7.91
N LEU D 530 -34.43 23.28 9.03
CA LEU D 530 -35.44 22.26 9.31
C LEU D 530 -36.52 22.24 8.24
N PHE D 531 -37.00 23.42 7.83
CA PHE D 531 -38.02 23.50 6.78
C PHE D 531 -37.42 23.23 5.41
N SER D 532 -36.25 23.80 5.12
CA SER D 532 -35.69 23.70 3.78
C SER D 532 -35.17 22.31 3.49
N ASN D 533 -34.75 21.56 4.51
CA ASN D 533 -34.32 20.18 4.27
C ASN D 533 -35.49 19.31 3.88
N SER D 534 -36.63 19.45 4.55
CA SER D 534 -37.82 18.74 4.13
C SER D 534 -38.22 19.14 2.72
N TYR D 535 -38.22 20.44 2.45
CA TYR D 535 -38.57 20.95 1.12
C TYR D 535 -37.67 20.35 0.05
N LYS D 536 -36.35 20.41 0.26
CA LYS D 536 -35.41 20.00 -0.77
C LYS D 536 -35.32 18.48 -0.88
N MET D 537 -35.51 17.75 0.21
CA MET D 537 -35.56 16.30 0.14
C MET D 537 -36.77 15.83 -0.66
N LYS D 538 -37.94 16.39 -0.37
CA LYS D 538 -39.12 16.04 -1.15
C LYS D 538 -39.01 16.52 -2.58
N LEU D 539 -38.38 17.69 -2.78
CA LEU D 539 -38.16 18.20 -4.14
C LEU D 539 -37.25 17.27 -4.93
N SER D 540 -36.18 16.79 -4.31
CA SER D 540 -35.30 15.84 -4.95
C SER D 540 -36.03 14.58 -5.34
N ILE D 541 -36.84 14.04 -4.42
CA ILE D 541 -37.59 12.83 -4.71
C ILE D 541 -38.56 13.07 -5.86
N LEU D 542 -39.27 14.20 -5.84
CA LEU D 542 -40.27 14.47 -6.87
C LEU D 542 -39.65 14.69 -8.24
N MET D 543 -38.60 15.51 -8.32
CA MET D 543 -37.97 15.74 -9.60
C MET D 543 -37.32 14.48 -10.14
N GLY D 544 -36.71 13.68 -9.26
CA GLY D 544 -36.17 12.40 -9.71
C GLY D 544 -37.24 11.45 -10.20
N PHE D 545 -38.39 11.42 -9.52
CA PHE D 545 -39.49 10.58 -9.97
C PHE D 545 -39.99 11.02 -11.34
N ILE D 546 -40.12 12.33 -11.56
CA ILE D 546 -40.57 12.83 -12.86
C ILE D 546 -39.55 12.49 -13.95
N HIS D 547 -38.27 12.67 -13.65
CA HIS D 547 -37.22 12.35 -14.62
C HIS D 547 -37.22 10.86 -14.98
N MET D 548 -37.31 10.00 -13.97
CA MET D 548 -37.37 8.56 -14.20
C MET D 548 -38.61 8.16 -15.00
N THR D 549 -39.77 8.75 -14.69
CA THR D 549 -40.98 8.44 -15.42
C THR D 549 -40.87 8.87 -16.88
N TYR D 550 -40.29 10.05 -17.12
CA TYR D 550 -40.09 10.52 -18.49
C TYR D 550 -39.19 9.57 -19.27
N SER D 551 -38.09 9.15 -18.66
CA SER D 551 -37.19 8.22 -19.33
C SER D 551 -37.85 6.87 -19.58
N TYR D 552 -38.68 6.40 -18.66
CA TYR D 552 -39.30 5.10 -18.86
C TYR D 552 -40.36 5.18 -19.96
N PHE D 553 -41.02 6.33 -20.08
CA PHE D 553 -41.91 6.51 -21.21
C PHE D 553 -41.15 6.65 -22.53
N PHE D 554 -39.89 7.10 -22.47
CA PHE D 554 -39.04 7.00 -23.64
C PHE D 554 -38.82 5.55 -24.03
N SER D 555 -38.67 4.68 -23.03
CA SER D 555 -38.60 3.24 -23.31
C SER D 555 -39.88 2.75 -23.98
N LEU D 556 -41.04 3.24 -23.51
CA LEU D 556 -42.30 2.95 -24.20
C LEU D 556 -42.22 3.32 -25.68
N ALA D 557 -41.81 4.56 -25.97
CA ALA D 557 -41.85 5.04 -27.34
C ALA D 557 -40.85 4.28 -28.21
N ASN D 558 -39.73 3.86 -27.63
CA ASN D 558 -38.81 2.99 -28.34
C ASN D 558 -39.48 1.67 -28.71
N HIS D 559 -40.20 1.08 -27.74
CA HIS D 559 -40.88 -0.18 -28.01
C HIS D 559 -41.92 -0.02 -29.12
N LEU D 560 -42.67 1.08 -29.10
CA LEU D 560 -43.63 1.32 -30.19
C LEU D 560 -42.93 1.52 -31.53
N TYR D 561 -41.82 2.25 -31.56
CA TYR D 561 -41.14 2.49 -32.83
C TYR D 561 -40.57 1.21 -33.42
N PHE D 562 -40.00 0.35 -32.59
CA PHE D 562 -39.47 -0.92 -33.06
C PHE D 562 -40.53 -2.00 -33.13
N ASN D 563 -41.78 -1.67 -32.80
CA ASN D 563 -42.93 -2.58 -32.90
C ASN D 563 -42.66 -3.86 -32.11
N SER D 564 -42.06 -3.71 -30.93
CA SER D 564 -41.88 -4.83 -30.01
C SER D 564 -42.96 -4.78 -28.94
N MET D 565 -44.17 -5.16 -29.35
CA MET D 565 -45.30 -5.22 -28.42
C MET D 565 -45.04 -6.20 -27.28
N ILE D 566 -44.23 -7.24 -27.53
CA ILE D 566 -43.88 -8.17 -26.47
C ILE D 566 -43.13 -7.44 -25.35
N ASP D 567 -42.27 -6.48 -25.73
CA ASP D 567 -41.59 -5.67 -24.72
C ASP D 567 -42.56 -4.78 -23.98
N ILE D 568 -43.58 -4.25 -24.67
CA ILE D 568 -44.56 -3.41 -24.00
C ILE D 568 -45.31 -4.22 -22.95
N ILE D 569 -45.77 -5.41 -23.33
CA ILE D 569 -46.60 -6.21 -22.43
C ILE D 569 -45.77 -6.78 -21.30
N GLY D 570 -44.59 -7.32 -21.60
CA GLY D 570 -43.85 -8.07 -20.61
C GLY D 570 -42.65 -7.36 -20.00
N ASN D 571 -42.29 -6.19 -20.53
CA ASN D 571 -41.16 -5.45 -19.98
C ASN D 571 -41.55 -4.04 -19.58
N PHE D 572 -42.37 -3.35 -20.37
CA PHE D 572 -42.72 -1.97 -20.03
C PHE D 572 -43.83 -1.91 -18.99
N ILE D 573 -44.96 -2.58 -19.25
CA ILE D 573 -46.12 -2.43 -18.37
C ILE D 573 -45.85 -2.89 -16.94
N PRO D 574 -45.30 -4.08 -16.70
CA PRO D 574 -45.02 -4.45 -15.30
C PRO D 574 -44.08 -3.48 -14.60
N GLY D 575 -43.05 -3.01 -15.30
CA GLY D 575 -42.13 -2.07 -14.68
C GLY D 575 -42.77 -0.73 -14.39
N LEU D 576 -43.59 -0.24 -15.31
CA LEU D 576 -44.31 1.01 -15.08
C LEU D 576 -45.24 0.88 -13.89
N LEU D 577 -45.99 -0.21 -13.81
CA LEU D 577 -46.90 -0.39 -12.69
C LEU D 577 -46.15 -0.49 -11.38
N PHE D 578 -45.04 -1.25 -11.36
CA PHE D 578 -44.21 -1.34 -10.16
C PHE D 578 -43.73 0.03 -9.72
N MET D 579 -43.09 0.75 -10.64
CA MET D 579 -42.46 2.02 -10.31
C MET D 579 -43.48 3.06 -9.90
N GLN D 580 -44.60 3.15 -10.62
CA GLN D 580 -45.66 4.05 -10.21
C GLN D 580 -46.24 3.62 -8.86
N GLY D 581 -46.88 2.46 -8.80
CA GLY D 581 -47.53 2.01 -7.59
C GLY D 581 -46.67 2.01 -6.34
N ILE D 582 -45.35 2.14 -6.48
CA ILE D 582 -44.56 2.36 -5.28
C ILE D 582 -44.14 3.83 -5.18
N PHE D 583 -43.29 4.29 -6.10
CA PHE D 583 -42.67 5.59 -5.88
C PHE D 583 -43.47 6.75 -6.44
N GLY D 584 -44.26 6.53 -7.49
CA GLY D 584 -45.22 7.54 -7.87
C GLY D 584 -46.29 7.72 -6.82
N TYR D 585 -46.66 6.62 -6.16
CA TYR D 585 -47.56 6.73 -5.02
C TYR D 585 -46.91 7.52 -3.90
N LEU D 586 -45.63 7.29 -3.64
CA LEU D 586 -44.91 8.08 -2.64
C LEU D 586 -44.90 9.56 -3.03
N SER D 587 -44.67 9.86 -4.31
CA SER D 587 -44.61 11.24 -4.78
C SER D 587 -45.96 11.94 -4.65
N VAL D 588 -47.03 11.26 -5.06
CA VAL D 588 -48.35 11.86 -4.92
C VAL D 588 -48.73 11.99 -3.45
N CYS D 589 -48.25 11.08 -2.60
CA CYS D 589 -48.47 11.22 -1.17
C CYS D 589 -47.76 12.44 -0.62
N ILE D 590 -46.55 12.71 -1.11
CA ILE D 590 -45.82 13.92 -0.70
C ILE D 590 -46.62 15.15 -1.08
N VAL D 591 -47.09 15.20 -2.32
CA VAL D 591 -47.84 16.36 -2.79
C VAL D 591 -49.14 16.51 -2.02
N TYR D 592 -49.84 15.41 -1.80
CA TYR D 592 -51.12 15.45 -1.09
C TYR D 592 -50.95 15.89 0.35
N LYS D 593 -49.93 15.37 1.04
CA LYS D 593 -49.65 15.81 2.40
C LYS D 593 -49.29 17.29 2.42
N TRP D 594 -48.65 17.78 1.37
CA TRP D 594 -48.43 19.22 1.26
C TRP D 594 -49.74 19.98 1.11
N ALA D 595 -50.69 19.40 0.38
CA ALA D 595 -51.94 20.09 0.08
C ALA D 595 -52.88 20.11 1.28
N VAL D 596 -52.77 19.14 2.18
CA VAL D 596 -53.70 19.03 3.30
C VAL D 596 -53.21 19.87 4.47
N ASP D 597 -54.11 20.63 5.07
CA ASP D 597 -53.81 21.41 6.27
C ASP D 597 -54.11 20.55 7.48
N TRP D 598 -53.07 19.93 8.04
CA TRP D 598 -53.26 19.01 9.16
C TRP D 598 -53.54 19.73 10.46
N VAL D 599 -52.90 20.87 10.70
CA VAL D 599 -53.14 21.61 11.93
C VAL D 599 -54.58 22.10 11.98
N LYS D 600 -55.07 22.65 10.88
CA LYS D 600 -56.44 23.15 10.83
C LYS D 600 -57.44 22.01 10.97
N ASP D 601 -57.20 20.89 10.29
CA ASP D 601 -58.12 19.76 10.36
C ASP D 601 -58.04 19.04 11.70
N GLY D 602 -56.99 19.28 12.47
CA GLY D 602 -56.79 18.58 13.72
C GLY D 602 -56.21 17.19 13.58
N LYS D 603 -56.02 16.71 12.36
CA LYS D 603 -55.43 15.40 12.13
C LYS D 603 -53.91 15.46 12.26
N PRO D 604 -53.28 14.36 12.68
CA PRO D 604 -51.82 14.34 12.75
C PRO D 604 -51.22 14.16 11.36
N ALA D 605 -50.20 14.95 11.06
CA ALA D 605 -49.55 14.87 9.76
C ALA D 605 -48.74 13.59 9.68
N PRO D 606 -49.06 12.66 8.79
CA PRO D 606 -48.39 11.36 8.81
C PRO D 606 -46.94 11.46 8.37
N GLY D 607 -46.09 10.65 8.99
CA GLY D 607 -44.74 10.50 8.49
C GLY D 607 -44.75 9.67 7.23
N LEU D 608 -44.33 10.26 6.12
CA LEU D 608 -44.40 9.55 4.85
C LEU D 608 -43.38 8.42 4.77
N LEU D 609 -42.22 8.59 5.39
CA LEU D 609 -41.25 7.49 5.46
C LEU D 609 -41.82 6.32 6.23
N ASN D 610 -42.41 6.59 7.39
CA ASN D 610 -43.06 5.54 8.16
C ASN D 610 -44.21 4.94 7.40
N MET D 611 -45.00 5.78 6.72
CA MET D 611 -46.08 5.30 5.87
C MET D 611 -45.57 4.31 4.83
N LEU D 612 -44.52 4.69 4.11
CA LEU D 612 -43.99 3.84 3.05
C LEU D 612 -43.41 2.55 3.59
N ILE D 613 -42.71 2.62 4.73
CA ILE D 613 -42.12 1.41 5.30
C ILE D 613 -43.19 0.47 5.81
N ASN D 614 -44.20 0.98 6.51
CA ASN D 614 -45.28 0.14 7.00
C ASN D 614 -46.18 -0.35 5.88
N MET D 615 -46.18 0.32 4.73
CA MET D 615 -46.90 -0.20 3.58
C MET D 615 -46.42 -1.59 3.19
N PHE D 616 -45.14 -1.88 3.42
CA PHE D 616 -44.56 -3.17 3.10
C PHE D 616 -44.43 -4.07 4.33
N LEU D 617 -43.95 -3.53 5.44
CA LEU D 617 -43.76 -4.36 6.64
C LEU D 617 -45.09 -4.73 7.28
N SER D 618 -46.04 -3.79 7.32
CA SER D 618 -47.32 -3.98 7.99
C SER D 618 -48.46 -3.63 7.04
N PRO D 619 -48.71 -4.47 6.04
CA PRO D 619 -49.79 -4.17 5.09
C PRO D 619 -51.14 -4.14 5.78
N GLY D 620 -51.98 -3.20 5.36
CA GLY D 620 -53.32 -3.08 5.87
C GLY D 620 -53.46 -2.31 7.16
N THR D 621 -52.36 -1.86 7.76
CA THR D 621 -52.41 -1.08 8.99
C THR D 621 -51.87 0.31 8.70
N ILE D 622 -52.59 1.33 9.15
CA ILE D 622 -52.22 2.72 8.96
C ILE D 622 -52.07 3.34 10.34
N ASP D 623 -50.89 3.92 10.61
CA ASP D 623 -50.68 4.60 11.89
C ASP D 623 -51.38 5.96 11.91
N ASP D 624 -50.98 6.85 11.01
CA ASP D 624 -51.68 8.11 10.78
C ASP D 624 -52.27 8.07 9.37
N GLU D 625 -53.57 8.35 9.27
CA GLU D 625 -54.28 8.21 8.01
C GLU D 625 -54.06 9.44 7.15
N LEU D 626 -53.38 9.26 6.01
CA LEU D 626 -53.19 10.35 5.07
C LEU D 626 -54.49 10.71 4.37
N TYR D 627 -55.20 9.70 3.86
CA TYR D 627 -56.45 9.88 3.15
C TYR D 627 -57.38 8.73 3.48
N PRO D 628 -58.69 8.93 3.32
CA PRO D 628 -59.64 7.83 3.56
C PRO D 628 -59.37 6.64 2.66
N HIS D 629 -59.68 5.45 3.19
CA HIS D 629 -59.48 4.19 2.49
C HIS D 629 -58.01 3.95 2.16
N GLN D 630 -57.12 4.46 3.03
CA GLN D 630 -55.69 4.32 2.78
C GLN D 630 -55.25 2.87 2.82
N ALA D 631 -55.79 2.09 3.77
CA ALA D 631 -55.36 0.71 3.91
C ALA D 631 -55.67 -0.11 2.66
N LYS D 632 -56.87 0.06 2.11
CA LYS D 632 -57.26 -0.70 0.92
C LYS D 632 -56.43 -0.30 -0.29
N VAL D 633 -56.24 1.00 -0.50
CA VAL D 633 -55.46 1.45 -1.65
C VAL D 633 -54.02 0.97 -1.51
N GLN D 634 -53.47 1.04 -0.31
CA GLN D 634 -52.08 0.64 -0.09
C GLN D 634 -51.90 -0.86 -0.29
N VAL D 635 -52.83 -1.68 0.20
CA VAL D 635 -52.68 -3.12 -0.02
C VAL D 635 -52.86 -3.46 -1.49
N PHE D 636 -53.77 -2.75 -2.19
CA PHE D 636 -53.88 -3.00 -3.63
C PHE D 636 -52.60 -2.66 -4.34
N LEU D 637 -51.98 -1.52 -4.00
CA LEU D 637 -50.73 -1.12 -4.62
C LEU D 637 -49.61 -2.10 -4.31
N LEU D 638 -49.57 -2.60 -3.07
CA LEU D 638 -48.54 -3.56 -2.70
C LEU D 638 -48.71 -4.87 -3.46
N LEU D 639 -49.94 -5.38 -3.56
CA LEU D 639 -50.16 -6.59 -4.34
C LEU D 639 -49.83 -6.37 -5.81
N MET D 640 -50.17 -5.20 -6.35
CA MET D 640 -49.84 -4.90 -7.75
C MET D 640 -48.33 -4.92 -7.97
N ALA D 641 -47.58 -4.24 -7.09
CA ALA D 641 -46.13 -4.19 -7.24
C ALA D 641 -45.51 -5.57 -7.06
N LEU D 642 -46.02 -6.36 -6.11
CA LEU D 642 -45.50 -7.70 -5.92
C LEU D 642 -45.78 -8.59 -7.12
N VAL D 643 -46.97 -8.47 -7.70
CA VAL D 643 -47.31 -9.26 -8.89
C VAL D 643 -46.45 -8.86 -10.07
N CYS D 644 -46.11 -7.57 -10.18
CA CYS D 644 -45.34 -7.11 -11.33
C CYS D 644 -43.96 -7.72 -11.43
N ILE D 645 -43.46 -8.34 -10.37
CA ILE D 645 -42.13 -8.95 -10.42
C ILE D 645 -42.20 -10.28 -11.16
N PRO D 646 -43.10 -11.22 -10.80
CA PRO D 646 -43.30 -12.38 -11.67
C PRO D 646 -43.75 -12.00 -13.07
N TRP D 647 -44.57 -10.96 -13.20
CA TRP D 647 -44.96 -10.45 -14.51
C TRP D 647 -43.74 -10.22 -15.38
N LEU D 648 -42.85 -9.34 -14.94
CA LEU D 648 -41.66 -9.02 -15.73
C LEU D 648 -40.78 -10.25 -15.90
N LEU D 649 -40.60 -11.04 -14.85
CA LEU D 649 -39.67 -12.17 -14.91
C LEU D 649 -40.19 -13.33 -15.75
N LEU D 650 -41.48 -13.35 -16.09
CA LEU D 650 -41.98 -14.55 -16.77
C LEU D 650 -42.71 -14.29 -18.08
N VAL D 651 -43.46 -13.19 -18.20
CA VAL D 651 -44.37 -13.04 -19.33
C VAL D 651 -43.61 -13.06 -20.67
N LYS D 652 -42.41 -12.49 -20.70
CA LYS D 652 -41.69 -12.52 -21.97
C LYS D 652 -41.04 -13.89 -22.22
N PRO D 653 -40.27 -14.45 -21.28
CA PRO D 653 -39.70 -15.78 -21.54
C PRO D 653 -40.74 -16.87 -21.74
N LEU D 654 -41.87 -16.78 -21.03
CA LEU D 654 -42.93 -17.76 -21.25
C LEU D 654 -43.62 -17.54 -22.58
N HIS D 655 -43.67 -16.29 -23.06
CA HIS D 655 -44.16 -16.05 -24.41
C HIS D 655 -43.23 -16.66 -25.44
N PHE D 656 -41.92 -16.61 -25.20
CA PHE D 656 -40.96 -17.25 -26.10
C PHE D 656 -41.12 -18.76 -26.07
N LYS D 657 -41.17 -19.35 -24.87
CA LYS D 657 -41.16 -20.80 -24.75
C LYS D 657 -42.50 -21.41 -25.16
N PHE D 658 -43.61 -20.74 -24.82
CA PHE D 658 -44.93 -21.30 -25.04
C PHE D 658 -45.61 -20.74 -26.29
N THR D 659 -44.88 -19.99 -27.10
CA THR D 659 -45.42 -19.46 -28.35
C THR D 659 -44.31 -19.02 -29.30
N GLY D 709 -34.71 -20.79 -22.28
CA GLY D 709 -33.46 -20.51 -22.96
C GLY D 709 -32.69 -19.35 -22.37
N ASP D 710 -31.85 -18.71 -23.18
CA ASP D 710 -31.10 -17.55 -22.71
C ASP D 710 -32.00 -16.34 -22.49
N ILE D 711 -33.18 -16.30 -23.13
CA ILE D 711 -34.11 -15.21 -22.89
C ILE D 711 -34.61 -15.25 -21.44
N MET D 712 -34.76 -16.45 -20.88
CA MET D 712 -35.19 -16.55 -19.48
C MET D 712 -34.18 -15.90 -18.53
N ILE D 713 -32.90 -16.29 -18.65
CA ILE D 713 -31.90 -15.74 -17.75
C ILE D 713 -31.70 -14.25 -18.02
N HIS D 714 -31.76 -13.85 -19.29
CA HIS D 714 -31.64 -12.43 -19.62
C HIS D 714 -32.76 -11.62 -18.97
N GLN D 715 -34.00 -12.11 -19.06
CA GLN D 715 -35.14 -11.43 -18.46
C GLN D 715 -35.09 -11.45 -16.94
N VAL D 716 -34.58 -12.53 -16.35
CA VAL D 716 -34.46 -12.58 -14.90
C VAL D 716 -33.44 -11.56 -14.42
N ILE D 717 -32.30 -11.48 -15.11
CA ILE D 717 -31.29 -10.48 -14.78
C ILE D 717 -31.85 -9.08 -14.97
N HIS D 718 -32.60 -8.87 -16.05
CA HIS D 718 -33.20 -7.57 -16.32
C HIS D 718 -34.19 -7.18 -15.23
N THR D 719 -35.01 -8.13 -14.78
CA THR D 719 -35.99 -7.82 -13.76
C THR D 719 -35.33 -7.54 -12.41
N ILE D 720 -34.31 -8.32 -12.05
CA ILE D 720 -33.58 -8.05 -10.81
C ILE D 720 -32.96 -6.66 -10.88
N GLU D 721 -32.32 -6.34 -11.99
CA GLU D 721 -31.69 -5.04 -12.15
C GLU D 721 -32.71 -3.91 -12.09
N PHE D 722 -33.86 -4.08 -12.76
CA PHE D 722 -34.88 -3.05 -12.76
C PHE D 722 -35.48 -2.85 -11.38
N CYS D 723 -35.76 -3.94 -10.66
CA CYS D 723 -36.33 -3.79 -9.32
C CYS D 723 -35.36 -3.12 -8.37
N LEU D 724 -34.07 -3.49 -8.45
CA LEU D 724 -33.08 -2.79 -7.64
C LEU D 724 -32.97 -1.32 -8.04
N ASN D 725 -33.02 -1.05 -9.34
CA ASN D 725 -32.83 0.32 -9.81
C ASN D 725 -34.00 1.20 -9.43
N CYS D 726 -35.22 0.68 -9.47
CA CYS D 726 -36.40 1.49 -9.19
C CYS D 726 -36.33 2.10 -7.79
N VAL D 727 -35.67 1.44 -6.84
CA VAL D 727 -35.49 1.99 -5.51
C VAL D 727 -34.17 2.74 -5.38
N SER D 728 -33.09 2.19 -5.95
CA SER D 728 -31.78 2.80 -5.77
C SER D 728 -31.67 4.15 -6.47
N HIS D 729 -32.33 4.31 -7.61
CA HIS D 729 -32.28 5.57 -8.35
C HIS D 729 -33.13 6.64 -7.69
N THR D 730 -34.30 6.27 -7.17
CA THR D 730 -35.07 7.21 -6.36
C THR D 730 -34.27 7.66 -5.17
N ALA D 731 -33.57 6.73 -4.51
CA ALA D 731 -32.68 7.10 -3.43
C ALA D 731 -31.56 8.00 -3.90
N SER D 732 -31.01 7.72 -5.09
CA SER D 732 -29.87 8.46 -5.61
C SER D 732 -30.22 9.89 -5.93
N TYR D 733 -31.48 10.16 -6.24
CA TYR D 733 -31.87 11.54 -6.52
C TYR D 733 -31.86 12.40 -5.26
N LEU D 734 -31.65 11.82 -4.08
CA LEU D 734 -31.42 12.62 -2.89
C LEU D 734 -30.12 13.41 -2.95
N ARG D 735 -29.25 13.10 -3.91
CA ARG D 735 -28.03 13.88 -4.07
C ARG D 735 -28.35 15.29 -4.52
N LEU D 736 -29.49 15.51 -5.16
CA LEU D 736 -29.92 16.87 -5.47
C LEU D 736 -30.01 17.71 -4.20
N TRP D 737 -30.75 17.19 -3.21
CA TRP D 737 -30.86 17.88 -1.94
C TRP D 737 -29.51 17.93 -1.22
N ALA D 738 -28.75 16.84 -1.28
CA ALA D 738 -27.46 16.81 -0.60
C ALA D 738 -26.55 17.92 -1.10
N LEU D 739 -26.38 18.02 -2.42
CA LEU D 739 -25.49 19.03 -2.98
C LEU D 739 -26.07 20.43 -2.84
N SER D 740 -27.40 20.58 -2.90
CA SER D 740 -27.98 21.89 -2.66
C SER D 740 -27.71 22.36 -1.24
N LEU D 741 -27.83 21.45 -0.27
CA LEU D 741 -27.52 21.77 1.12
C LEU D 741 -26.06 22.14 1.28
N ALA D 742 -25.16 21.34 0.69
CA ALA D 742 -23.74 21.63 0.81
C ALA D 742 -23.39 22.95 0.16
N HIS D 743 -23.99 23.25 -1.00
CA HIS D 743 -23.75 24.50 -1.69
C HIS D 743 -24.21 25.70 -0.86
N ALA D 744 -25.41 25.59 -0.28
CA ALA D 744 -25.93 26.68 0.53
C ALA D 744 -25.10 26.88 1.79
N GLN D 745 -24.67 25.79 2.42
CA GLN D 745 -23.85 25.92 3.63
C GLN D 745 -22.48 26.49 3.32
N LEU D 746 -21.90 26.11 2.18
CA LEU D 746 -20.62 26.68 1.78
C LEU D 746 -20.76 28.16 1.48
N SER D 747 -21.84 28.56 0.81
CA SER D 747 -22.08 29.98 0.58
C SER D 747 -22.23 30.74 1.89
N SER D 748 -22.97 30.17 2.84
CA SER D 748 -23.16 30.83 4.13
C SER D 748 -21.86 30.95 4.89
N VAL D 749 -21.01 29.91 4.87
CA VAL D 749 -19.77 29.97 5.63
C VAL D 749 -18.78 30.91 4.95
N LEU D 750 -18.82 31.00 3.63
CA LEU D 750 -17.95 31.94 2.93
C LEU D 750 -18.41 33.38 3.13
N TRP D 751 -19.71 33.59 3.31
CA TRP D 751 -20.20 34.94 3.55
C TRP D 751 -19.98 35.36 4.99
N THR D 752 -20.33 34.50 5.95
CA THR D 752 -20.20 34.85 7.36
C THR D 752 -18.73 35.03 7.74
N MET D 753 -17.87 34.15 7.26
CA MET D 753 -16.45 34.42 7.27
C MET D 753 -16.15 35.48 6.21
N THR D 754 -14.93 36.02 6.22
CA THR D 754 -14.52 37.01 5.24
C THR D 754 -15.45 38.22 5.20
N ILE D 755 -16.36 38.27 4.22
CA ILE D 755 -16.97 39.53 3.83
C ILE D 755 -17.88 40.10 4.93
N GLN D 756 -18.61 39.23 5.64
CA GLN D 756 -19.52 39.73 6.66
C GLN D 756 -18.76 40.37 7.82
N ILE D 757 -17.56 39.86 8.10
CA ILE D 757 -16.76 40.40 9.21
C ILE D 757 -16.40 41.85 8.93
N ALA D 758 -16.17 42.18 7.65
CA ALA D 758 -15.79 43.54 7.27
C ALA D 758 -16.86 44.56 7.62
N PHE D 759 -18.12 44.14 7.64
CA PHE D 759 -19.22 45.09 7.82
C PHE D 759 -19.28 45.67 9.22
N GLY D 760 -18.57 45.09 10.18
CA GLY D 760 -18.57 45.59 11.54
C GLY D 760 -17.51 46.61 11.85
N PHE D 761 -16.71 47.03 10.88
CA PHE D 761 -15.63 47.98 11.10
C PHE D 761 -15.91 49.28 10.37
N ARG D 762 -15.26 50.34 10.83
CA ARG D 762 -15.43 51.69 10.29
C ARG D 762 -14.07 52.29 9.97
N GLY D 763 -14.10 53.48 9.37
CA GLY D 763 -12.88 54.21 9.11
C GLY D 763 -12.08 53.62 7.97
N PHE D 764 -10.83 54.08 7.86
CA PHE D 764 -9.94 53.57 6.83
C PHE D 764 -9.66 52.09 7.04
N VAL D 765 -9.52 51.67 8.29
CA VAL D 765 -9.36 50.25 8.57
C VAL D 765 -10.58 49.48 8.08
N GLY D 766 -11.77 50.02 8.30
CA GLY D 766 -12.97 49.38 7.81
C GLY D 766 -13.01 49.28 6.29
N VAL D 767 -12.59 50.35 5.61
CA VAL D 767 -12.64 50.36 4.15
C VAL D 767 -11.64 49.37 3.57
N PHE D 768 -10.40 49.39 4.08
CA PHE D 768 -9.40 48.43 3.61
C PHE D 768 -9.82 47.01 3.91
N MET D 769 -10.37 46.78 5.10
CA MET D 769 -10.81 45.45 5.48
C MET D 769 -11.94 44.97 4.58
N THR D 770 -12.85 45.87 4.22
CA THR D 770 -13.92 45.52 3.28
C THR D 770 -13.36 45.17 1.92
N VAL D 771 -12.40 45.95 1.43
CA VAL D 771 -11.82 45.67 0.11
C VAL D 771 -11.13 44.31 0.11
N ALA D 772 -10.26 44.08 1.10
CA ALA D 772 -9.51 42.83 1.16
C ALA D 772 -10.43 41.64 1.36
N LEU D 773 -11.44 41.78 2.22
CA LEU D 773 -12.33 40.66 2.49
C LEU D 773 -13.28 40.41 1.33
N PHE D 774 -13.66 41.43 0.57
CA PHE D 774 -14.39 41.15 -0.66
C PHE D 774 -13.52 40.40 -1.66
N ALA D 775 -12.26 40.81 -1.80
CA ALA D 775 -11.38 40.10 -2.72
C ALA D 775 -11.25 38.63 -2.31
N MET D 776 -11.08 38.39 -1.01
CA MET D 776 -10.98 37.03 -0.51
C MET D 776 -12.28 36.26 -0.73
N TRP D 777 -13.43 36.90 -0.45
CA TRP D 777 -14.70 36.23 -0.61
C TRP D 777 -14.98 35.89 -2.07
N PHE D 778 -14.66 36.80 -2.98
CA PHE D 778 -14.86 36.52 -4.40
C PHE D 778 -13.94 35.42 -4.88
N ALA D 779 -12.68 35.42 -4.43
CA ALA D 779 -11.77 34.36 -4.83
C ALA D 779 -12.25 33.00 -4.34
N LEU D 780 -12.68 32.91 -3.08
CA LEU D 780 -13.16 31.63 -2.56
C LEU D 780 -14.50 31.24 -3.17
N THR D 781 -15.32 32.22 -3.51
CA THR D 781 -16.57 31.93 -4.22
C THR D 781 -16.30 31.31 -5.57
N CYS D 782 -15.36 31.88 -6.33
CA CYS D 782 -15.06 31.36 -7.64
C CYS D 782 -14.37 30.01 -7.57
N ALA D 783 -13.48 29.83 -6.59
CA ALA D 783 -12.68 28.61 -6.53
C ALA D 783 -13.42 27.45 -5.87
N VAL D 784 -14.28 27.73 -4.90
CA VAL D 784 -14.96 26.70 -4.12
C VAL D 784 -16.39 26.50 -4.59
N LEU D 785 -17.15 27.58 -4.73
CA LEU D 785 -18.55 27.43 -5.07
C LEU D 785 -18.75 27.22 -6.55
N VAL D 786 -18.18 28.08 -7.39
CA VAL D 786 -18.34 27.92 -8.83
C VAL D 786 -17.52 26.74 -9.35
N LEU D 787 -16.32 26.55 -8.82
CA LEU D 787 -15.38 25.58 -9.40
C LEU D 787 -15.51 24.20 -8.78
N MET D 788 -15.39 24.10 -7.46
CA MET D 788 -15.52 22.80 -6.80
C MET D 788 -16.97 22.32 -6.84
N GLU D 789 -17.88 23.12 -6.26
CA GLU D 789 -19.28 22.71 -6.19
C GLU D 789 -19.90 22.65 -7.58
N GLY D 790 -19.49 23.54 -8.47
CA GLY D 790 -19.98 23.47 -9.84
C GLY D 790 -19.58 22.19 -10.54
N THR D 791 -18.33 21.78 -10.40
CA THR D 791 -17.88 20.54 -11.02
C THR D 791 -18.56 19.34 -10.38
N SER D 792 -18.76 19.37 -9.06
CA SER D 792 -19.49 18.31 -8.39
C SER D 792 -20.92 18.20 -8.92
N ALA D 793 -21.59 19.35 -9.07
CA ALA D 793 -22.97 19.33 -9.56
C ALA D 793 -23.04 18.87 -11.01
N MET D 794 -22.09 19.28 -11.85
CA MET D 794 -22.05 18.76 -13.21
C MET D 794 -21.88 17.25 -13.22
N LEU D 795 -20.95 16.73 -12.41
CA LEU D 795 -20.72 15.30 -12.41
C LEU D 795 -21.93 14.54 -11.90
N HIS D 796 -22.59 15.05 -10.88
CA HIS D 796 -23.73 14.31 -10.34
C HIS D 796 -24.95 14.42 -11.23
N SER D 797 -25.11 15.53 -11.95
CA SER D 797 -26.14 15.59 -12.98
C SER D 797 -25.85 14.60 -14.11
N LEU D 798 -24.59 14.51 -14.54
CA LEU D 798 -24.21 13.52 -15.55
C LEU D 798 -24.46 12.11 -15.05
N ARG D 799 -24.14 11.83 -13.79
CA ARG D 799 -24.42 10.53 -13.20
C ARG D 799 -25.91 10.23 -13.25
N LEU D 800 -26.74 11.20 -12.85
CA LEU D 800 -28.17 10.97 -12.82
C LEU D 800 -28.75 10.80 -14.20
N HIS D 801 -28.09 11.33 -15.23
CA HIS D 801 -28.58 11.10 -16.58
C HIS D 801 -28.09 9.77 -17.15
N TRP D 802 -26.85 9.39 -16.87
CA TRP D 802 -26.31 8.15 -17.42
C TRP D 802 -26.85 6.93 -16.69
N VAL D 803 -27.01 7.03 -15.37
CA VAL D 803 -27.33 5.87 -14.55
C VAL D 803 -28.83 5.84 -14.24
N GLU D 804 -29.36 6.96 -13.73
CA GLU D 804 -30.74 6.97 -13.30
C GLU D 804 -31.71 7.13 -14.47
N SER D 805 -31.34 7.95 -15.45
CA SER D 805 -32.25 8.26 -16.55
C SER D 805 -32.06 7.31 -17.72
N MET D 806 -30.84 7.21 -18.24
CA MET D 806 -30.62 6.44 -19.47
C MET D 806 -30.69 4.94 -19.24
N SER D 807 -30.61 4.48 -17.98
CA SER D 807 -30.87 3.06 -17.75
C SER D 807 -32.33 2.71 -17.98
N LYS D 808 -33.22 3.70 -18.03
CA LYS D 808 -34.64 3.43 -18.28
C LYS D 808 -34.92 3.15 -19.74
N PHE D 809 -34.22 3.79 -20.66
CA PHE D 809 -34.59 3.71 -22.07
C PHE D 809 -33.41 3.46 -23.00
N PHE D 810 -32.22 3.90 -22.62
CA PHE D 810 -31.08 3.94 -23.53
C PHE D 810 -30.46 2.55 -23.64
N VAL D 811 -30.60 1.94 -24.81
CA VAL D 811 -29.99 0.64 -25.05
C VAL D 811 -28.51 0.79 -25.36
N GLY D 812 -28.15 1.76 -26.18
CA GLY D 812 -26.76 1.99 -26.51
C GLY D 812 -26.24 1.04 -27.57
N GLU D 813 -24.93 0.83 -27.54
CA GLU D 813 -24.18 -0.09 -28.39
C GLU D 813 -24.24 0.29 -29.87
N GLY D 814 -24.80 1.44 -30.21
CA GLY D 814 -24.88 1.83 -31.60
C GLY D 814 -23.53 2.21 -32.16
N LEU D 815 -23.42 2.11 -33.48
CA LEU D 815 -22.20 2.46 -34.20
C LEU D 815 -22.22 3.95 -34.53
N PRO D 816 -21.20 4.70 -34.13
CA PRO D 816 -21.19 6.13 -34.43
C PRO D 816 -21.10 6.38 -35.93
N TYR D 817 -21.77 7.45 -36.37
CA TYR D 817 -21.74 7.86 -37.77
C TYR D 817 -20.52 8.74 -37.99
N GLU D 818 -19.57 8.25 -38.78
CA GLU D 818 -18.32 8.94 -39.05
C GLU D 818 -18.15 9.00 -40.57
N PRO D 819 -18.85 9.91 -41.24
CA PRO D 819 -18.77 9.98 -42.69
C PRO D 819 -17.39 10.39 -43.17
N PHE D 820 -17.02 9.90 -44.34
CA PHE D 820 -15.78 10.32 -44.97
C PHE D 820 -15.93 11.77 -45.45
N ALA D 821 -15.26 12.69 -44.78
CA ALA D 821 -15.35 14.10 -45.10
C ALA D 821 -13.98 14.74 -45.02
N PHE D 822 -13.80 15.82 -45.74
CA PHE D 822 -12.58 16.61 -45.68
C PHE D 822 -12.70 17.68 -44.60
N GLU D 823 -11.57 17.99 -43.98
CA GLU D 823 -11.53 19.02 -42.95
C GLU D 823 -10.15 19.66 -42.94
N TYR D 824 -10.07 20.82 -42.31
CA TYR D 824 -8.78 21.52 -42.16
C TYR D 824 -8.07 20.91 -40.96
N LYS D 825 -7.17 19.98 -41.24
CA LYS D 825 -6.35 19.41 -40.18
C LYS D 825 -5.29 20.42 -39.75
N ASP D 826 -5.17 20.63 -38.44
CA ASP D 826 -4.22 21.60 -37.91
C ASP D 826 -2.84 20.97 -37.80
N MET D 827 -1.81 21.79 -38.06
CA MET D 827 -0.44 21.30 -37.94
C MET D 827 -0.05 21.09 -36.49
N GLU D 828 -0.57 21.94 -35.59
CA GLU D 828 -0.35 21.72 -34.16
C GLU D 828 -0.90 20.37 -33.72
N VAL D 829 -2.12 20.04 -34.14
CA VAL D 829 -2.72 18.77 -33.74
C VAL D 829 -1.98 17.61 -34.39
N ALA D 830 -1.55 17.79 -35.65
CA ALA D 830 -0.83 16.73 -36.35
C ALA D 830 0.49 16.41 -35.67
N VAL D 831 1.25 17.45 -35.29
CA VAL D 831 2.53 17.23 -34.62
C VAL D 831 2.30 16.69 -33.21
N ALA D 832 1.28 17.19 -32.51
CA ALA D 832 0.97 16.72 -31.18
C ALA D 832 0.48 15.28 -31.16
N SER D 833 -0.06 14.79 -32.28
CA SER D 833 -0.52 13.42 -32.40
C SER D 833 0.52 12.49 -33.01
N ALA D 834 1.71 12.99 -33.28
CA ALA D 834 2.78 12.16 -33.84
C ALA D 834 3.24 11.10 -32.84
N ASP E 211 -26.48 1.56 47.34
CA ASP E 211 -27.78 2.06 47.77
C ASP E 211 -28.63 2.45 46.57
N ASP E 212 -29.94 2.27 46.71
CA ASP E 212 -30.96 2.61 45.70
C ASP E 212 -30.86 1.74 44.45
N ASP E 213 -30.22 0.57 44.53
CA ASP E 213 -30.14 -0.37 43.41
C ASP E 213 -29.45 0.25 42.20
N ILE E 214 -28.42 1.04 42.45
CA ILE E 214 -27.70 1.73 41.40
C ILE E 214 -26.46 0.92 41.02
N LEU E 215 -25.92 1.19 39.84
CA LEU E 215 -24.62 0.63 39.47
C LEU E 215 -23.52 1.23 40.33
N SER E 216 -23.37 2.55 40.27
CA SER E 216 -22.33 3.23 41.01
C SER E 216 -22.70 4.71 41.11
N SER E 217 -22.11 5.37 42.09
CA SER E 217 -22.19 6.83 42.12
C SER E 217 -21.18 7.47 41.17
N ILE E 218 -20.19 6.72 40.71
CA ILE E 218 -19.22 7.20 39.74
C ILE E 218 -19.56 6.60 38.38
N TRP E 219 -19.48 5.28 38.29
CA TRP E 219 -19.71 4.56 37.04
C TRP E 219 -21.21 4.31 36.87
N THR E 220 -21.93 5.40 36.66
CA THR E 220 -23.36 5.30 36.44
C THR E 220 -23.64 4.70 35.07
N GLU E 221 -24.88 4.31 34.85
CA GLU E 221 -25.26 3.83 33.53
C GLU E 221 -25.13 4.93 32.48
N GLY E 222 -25.43 6.18 32.85
CA GLY E 222 -25.26 7.25 31.88
C GLY E 222 -23.82 7.47 31.50
N LEU E 223 -22.93 7.51 32.49
CA LEU E 223 -21.49 7.62 32.19
C LEU E 223 -20.99 6.41 31.43
N LEU E 224 -21.47 5.22 31.79
CA LEU E 224 -21.02 4.01 31.10
C LEU E 224 -21.49 3.98 29.65
N MET E 225 -22.72 4.40 29.38
CA MET E 225 -23.17 4.49 27.99
C MET E 225 -22.37 5.52 27.22
N CYS E 226 -22.11 6.68 27.83
CA CYS E 226 -21.28 7.67 27.15
C CYS E 226 -19.89 7.12 26.85
N LEU E 227 -19.30 6.41 27.80
CA LEU E 227 -17.95 5.88 27.61
C LEU E 227 -17.93 4.75 26.59
N ILE E 228 -18.95 3.88 26.59
CA ILE E 228 -19.02 2.80 25.62
C ILE E 228 -19.17 3.36 24.21
N VAL E 229 -20.04 4.36 24.05
CA VAL E 229 -20.20 4.99 22.75
C VAL E 229 -18.92 5.69 22.33
N SER E 230 -18.27 6.39 23.27
CA SER E 230 -17.00 7.05 22.96
C SER E 230 -15.94 6.03 22.56
N ALA E 231 -15.92 4.87 23.21
CA ALA E 231 -14.94 3.84 22.88
C ALA E 231 -15.20 3.24 21.52
N LEU E 232 -16.46 2.96 21.18
CA LEU E 232 -16.76 2.45 19.85
C LEU E 232 -16.40 3.46 18.78
N LEU E 233 -16.75 4.73 19.00
CA LEU E 233 -16.44 5.79 18.05
C LEU E 233 -14.94 6.00 17.92
N LEU E 234 -14.22 5.96 19.03
CA LEU E 234 -12.77 6.12 19.00
C LEU E 234 -12.09 4.92 18.35
N PHE E 235 -12.65 3.72 18.51
CA PHE E 235 -12.11 2.56 17.81
C PHE E 235 -12.29 2.71 16.30
N ILE E 236 -13.47 3.15 15.87
CA ILE E 236 -13.69 3.40 14.45
C ILE E 236 -12.74 4.48 13.94
N LEU E 237 -12.55 5.53 14.73
CA LEU E 237 -11.63 6.60 14.36
C LEU E 237 -10.20 6.10 14.27
N ILE E 238 -9.78 5.25 15.19
CA ILE E 238 -8.41 4.73 15.19
C ILE E 238 -8.18 3.81 14.01
N VAL E 239 -9.17 2.96 13.69
CA VAL E 239 -9.05 2.09 12.52
C VAL E 239 -8.98 2.93 11.25
N ALA E 240 -9.82 3.96 11.15
CA ALA E 240 -9.82 4.82 9.99
C ALA E 240 -8.51 5.60 9.86
N LEU E 241 -7.94 6.03 10.99
CA LEU E 241 -6.69 6.76 10.94
C LEU E 241 -5.51 5.84 10.63
N SER E 242 -5.58 4.58 11.05
CA SER E 242 -4.57 3.62 10.64
C SER E 242 -4.65 3.36 9.15
N TRP E 243 -5.87 3.35 8.60
CA TRP E 243 -6.04 3.22 7.16
C TRP E 243 -5.48 4.43 6.43
N ILE E 244 -5.85 5.63 6.87
CA ILE E 244 -5.48 6.84 6.14
C ILE E 244 -4.02 7.22 6.34
N SER E 245 -3.38 6.73 7.41
CA SER E 245 -1.96 6.96 7.60
C SER E 245 -1.11 5.98 6.80
N ASN E 246 -1.70 4.91 6.29
CA ASN E 246 -0.99 3.98 5.43
C ASN E 246 -0.98 4.42 3.98
N LEU E 247 -1.63 5.53 3.65
CA LEU E 247 -1.60 6.02 2.28
C LEU E 247 -0.20 6.48 1.92
N ASP E 248 0.37 5.85 0.90
CA ASP E 248 1.69 6.20 0.43
C ASP E 248 1.62 6.56 -1.04
N ILE E 249 2.32 7.63 -1.41
CA ILE E 249 2.33 8.09 -2.79
C ILE E 249 3.20 7.18 -3.63
N THR E 250 2.70 6.77 -4.79
CA THR E 250 3.48 5.98 -5.74
C THR E 250 4.44 6.90 -6.46
N TYR E 251 5.56 7.18 -5.80
CA TYR E 251 6.64 7.90 -6.45
C TYR E 251 7.23 7.03 -7.56
N GLY E 252 7.87 7.68 -8.52
CA GLY E 252 8.38 6.95 -9.65
C GLY E 252 7.50 7.17 -10.85
N ALA E 253 6.18 7.18 -10.62
CA ALA E 253 5.25 7.65 -11.63
C ALA E 253 5.21 9.17 -11.68
N LEU E 254 5.78 9.84 -10.70
CA LEU E 254 5.88 11.29 -10.65
C LEU E 254 7.30 11.80 -10.87
N GLU E 255 8.29 11.13 -10.31
CA GLU E 255 9.68 11.53 -10.46
C GLU E 255 10.15 11.27 -11.88
N LYS E 256 11.05 12.14 -12.35
CA LYS E 256 11.67 11.96 -13.65
C LYS E 256 12.77 10.91 -13.55
N SER E 257 12.77 9.96 -14.48
CA SER E 257 13.78 8.92 -14.49
C SER E 257 15.07 9.47 -15.09
N THR E 258 16.17 9.32 -14.37
CA THR E 258 17.47 9.77 -14.82
C THR E 258 18.17 8.76 -15.72
N ASN E 259 17.54 7.62 -15.98
CA ASN E 259 18.14 6.58 -16.81
C ASN E 259 18.22 7.03 -18.25
N PRO E 260 19.42 7.06 -18.87
CA PRO E 260 19.60 7.43 -20.27
C PRO E 260 18.90 6.47 -21.23
N SER F 16 4.57 -3.89 21.17
CA SER F 16 4.36 -2.54 20.66
C SER F 16 3.59 -1.69 21.66
N PHE F 17 3.15 -0.52 21.21
CA PHE F 17 2.35 0.36 22.06
C PHE F 17 0.94 -0.18 22.23
N SER F 18 0.31 -0.61 21.15
CA SER F 18 -1.05 -1.14 21.25
C SER F 18 -1.10 -2.37 22.13
N HIS F 19 -0.14 -3.29 21.96
CA HIS F 19 -0.07 -4.46 22.82
C HIS F 19 0.23 -4.06 24.26
N PHE F 20 1.00 -2.99 24.46
CA PHE F 20 1.23 -2.50 25.81
C PHE F 20 -0.07 -2.04 26.45
N LEU F 21 -0.91 -1.32 25.69
CA LEU F 21 -2.22 -0.94 26.21
C LEU F 21 -3.09 -2.15 26.49
N TYR F 22 -3.05 -3.15 25.61
CA TYR F 22 -3.84 -4.36 25.88
C TYR F 22 -3.42 -5.01 27.19
N TYR F 23 -2.11 -5.17 27.39
CA TYR F 23 -1.61 -5.76 28.64
C TYR F 23 -1.95 -4.90 29.84
N LEU F 24 -1.82 -3.58 29.71
CA LEU F 24 -2.11 -2.69 30.82
C LEU F 24 -3.58 -2.72 31.19
N VAL F 25 -4.46 -2.75 30.19
CA VAL F 25 -5.89 -2.82 30.45
C VAL F 25 -6.25 -4.15 31.10
N LEU F 26 -5.66 -5.25 30.62
CA LEU F 26 -5.90 -6.55 31.25
C LEU F 26 -5.42 -6.55 32.68
N ILE F 27 -4.26 -5.97 32.95
CA ILE F 27 -3.72 -5.91 34.30
C ILE F 27 -4.62 -5.06 35.20
N VAL F 28 -5.07 -3.92 34.70
CA VAL F 28 -5.95 -3.05 35.48
C VAL F 28 -7.26 -3.76 35.77
N VAL F 29 -7.82 -4.44 34.78
CA VAL F 29 -9.07 -5.17 34.98
C VAL F 29 -8.90 -6.27 36.02
N ILE F 30 -7.80 -7.02 35.93
CA ILE F 30 -7.58 -8.10 36.89
C ILE F 30 -7.35 -7.55 38.29
N VAL F 31 -6.55 -6.50 38.42
CA VAL F 31 -6.29 -5.90 39.72
C VAL F 31 -7.57 -5.33 40.32
N TYR F 32 -8.38 -4.66 39.51
CA TYR F 32 -9.64 -4.10 39.98
C TYR F 32 -10.62 -5.20 40.39
N GLY F 33 -10.74 -6.24 39.58
CA GLY F 33 -11.62 -7.34 39.92
C GLY F 33 -11.19 -8.06 41.18
N LEU F 34 -9.87 -8.27 41.34
CA LEU F 34 -9.37 -8.91 42.55
C LEU F 34 -9.55 -8.02 43.77
N TYR F 35 -9.37 -6.71 43.62
CA TYR F 35 -9.59 -5.80 44.72
C TYR F 35 -11.06 -5.80 45.14
N LYS F 36 -11.97 -5.78 44.17
CA LYS F 36 -13.39 -5.84 44.48
C LYS F 36 -13.75 -7.17 45.11
N LEU F 37 -13.20 -8.27 44.61
CA LEU F 37 -13.49 -9.59 45.14
C LEU F 37 -12.99 -9.74 46.57
N PHE F 38 -11.75 -9.31 46.83
CA PHE F 38 -11.14 -9.54 48.14
C PHE F 38 -11.81 -8.69 49.21
N THR F 39 -12.22 -7.48 48.86
CA THR F 39 -12.86 -6.57 49.80
C THR F 39 -14.33 -6.89 50.02
N GLY F 40 -14.83 -7.98 49.44
CA GLY F 40 -16.22 -8.35 49.63
C GLY F 40 -17.20 -7.66 48.73
N HIS F 41 -16.74 -7.02 47.67
CA HIS F 41 -17.59 -6.25 46.77
C HIS F 41 -17.48 -6.75 45.35
N GLY F 42 -17.39 -8.07 45.19
CA GLY F 42 -17.32 -8.63 43.85
C GLY F 42 -18.57 -8.38 43.05
N SER F 43 -19.73 -8.35 43.71
CA SER F 43 -20.99 -8.07 43.05
C SER F 43 -21.13 -6.61 42.65
N ASP F 44 -20.24 -5.73 43.11
CA ASP F 44 -20.28 -4.35 42.66
C ASP F 44 -20.01 -4.23 41.18
N ILE F 45 -19.27 -5.18 40.61
CA ILE F 45 -19.10 -5.28 39.15
C ILE F 45 -20.29 -6.08 38.67
N ASN F 46 -21.40 -5.37 38.46
CA ASN F 46 -22.71 -5.96 38.21
C ASN F 46 -23.02 -5.78 36.73
N PHE F 47 -22.68 -6.79 35.93
CA PHE F 47 -23.00 -6.74 34.52
C PHE F 47 -24.50 -6.86 34.29
N GLY F 48 -25.19 -7.63 35.13
CA GLY F 48 -26.63 -7.74 35.00
C GLY F 48 -27.33 -6.43 35.27
N LYS F 49 -26.93 -5.74 36.34
CA LYS F 49 -27.51 -4.43 36.65
C LYS F 49 -27.18 -3.42 35.57
N PHE F 50 -25.98 -3.52 35.00
CA PHE F 50 -25.60 -2.64 33.90
C PHE F 50 -26.50 -2.88 32.69
N LEU F 51 -26.79 -4.14 32.38
CA LEU F 51 -27.69 -4.44 31.27
C LEU F 51 -29.12 -4.01 31.57
N LEU F 52 -29.54 -4.11 32.82
CA LEU F 52 -30.90 -3.73 33.19
C LEU F 52 -31.10 -2.23 33.14
N ARG F 53 -30.12 -1.46 33.60
CA ARG F 53 -30.28 -0.02 33.76
C ARG F 53 -29.86 0.77 32.53
N THR F 54 -29.13 0.15 31.62
CA THR F 54 -28.76 0.81 30.37
C THR F 54 -29.99 0.94 29.47
N SER F 55 -30.04 2.05 28.73
CA SER F 55 -31.18 2.32 27.87
C SER F 55 -31.33 1.22 26.82
N PRO F 56 -32.53 0.65 26.65
CA PRO F 56 -32.75 -0.23 25.50
C PRO F 56 -32.55 0.48 24.18
N TYR F 57 -32.72 1.80 24.17
CA TYR F 57 -32.53 2.59 22.96
C TYR F 57 -31.07 2.56 22.52
N MET F 58 -30.12 2.56 23.47
CA MET F 58 -28.72 2.49 23.06
C MET F 58 -28.45 1.19 22.34
N TRP F 59 -28.93 0.08 22.90
CA TRP F 59 -28.73 -1.22 22.27
C TRP F 59 -29.39 -1.30 20.91
N ALA F 60 -30.65 -0.84 20.81
CA ALA F 60 -31.36 -0.91 19.55
C ALA F 60 -30.70 -0.04 18.49
N ASN F 61 -30.32 1.18 18.84
CA ASN F 61 -29.73 2.09 17.86
C ASN F 61 -28.32 1.66 17.48
N LEU F 62 -27.56 1.14 18.44
CA LEU F 62 -26.25 0.59 18.12
C LEU F 62 -26.41 -0.61 17.20
N GLY F 63 -27.40 -1.46 17.45
CA GLY F 63 -27.64 -2.57 16.56
C GLY F 63 -27.96 -2.14 15.15
N ILE F 64 -28.85 -1.16 15.00
CA ILE F 64 -29.22 -0.69 13.67
C ILE F 64 -28.03 -0.04 12.97
N ALA F 65 -27.35 0.86 13.66
CA ALA F 65 -26.24 1.58 13.06
C ALA F 65 -25.09 0.65 12.72
N LEU F 66 -24.76 -0.29 13.62
CA LEU F 66 -23.71 -1.25 13.33
C LEU F 66 -24.12 -2.21 12.23
N CYS F 67 -25.39 -2.60 12.18
CA CYS F 67 -25.87 -3.43 11.10
C CYS F 67 -25.62 -2.78 9.75
N VAL F 68 -26.19 -1.60 9.54
CA VAL F 68 -26.04 -0.96 8.23
C VAL F 68 -24.59 -0.58 7.98
N GLY F 69 -23.90 -0.05 8.99
CA GLY F 69 -22.54 0.40 8.78
C GLY F 69 -21.57 -0.72 8.49
N LEU F 70 -21.67 -1.84 9.22
CA LEU F 70 -20.78 -2.96 8.97
C LEU F 70 -21.13 -3.67 7.67
N SER F 71 -22.42 -3.73 7.33
CA SER F 71 -22.80 -4.30 6.04
C SER F 71 -22.22 -3.47 4.90
N VAL F 72 -22.30 -2.14 5.02
CA VAL F 72 -21.69 -1.28 4.01
C VAL F 72 -20.18 -1.40 4.04
N VAL F 73 -19.58 -1.59 5.21
CA VAL F 73 -18.13 -1.73 5.29
C VAL F 73 -17.70 -2.98 4.54
N GLY F 74 -18.40 -4.10 4.74
CA GLY F 74 -18.08 -5.30 3.99
C GLY F 74 -18.34 -5.16 2.50
N ALA F 75 -19.46 -4.54 2.14
CA ALA F 75 -19.77 -4.33 0.74
C ALA F 75 -18.70 -3.50 0.05
N ALA F 76 -18.33 -2.36 0.65
CA ALA F 76 -17.29 -1.52 0.08
C ALA F 76 -15.94 -2.20 0.11
N TRP F 77 -15.72 -3.06 1.11
CA TRP F 77 -14.44 -3.72 1.25
C TRP F 77 -14.25 -4.62 0.05
N GLY F 78 -15.20 -5.54 -0.14
CA GLY F 78 -15.20 -6.44 -1.26
C GLY F 78 -15.27 -5.73 -2.59
N ILE F 79 -15.96 -4.59 -2.66
CA ILE F 79 -15.97 -3.81 -3.89
C ILE F 79 -14.56 -3.33 -4.22
N PHE F 80 -13.82 -2.80 -3.24
CA PHE F 80 -12.51 -2.33 -3.69
C PHE F 80 -11.57 -3.50 -3.98
N ILE F 81 -11.71 -4.62 -3.27
CA ILE F 81 -10.90 -5.79 -3.59
C ILE F 81 -11.16 -6.25 -5.02
N THR F 82 -12.43 -6.57 -5.31
CA THR F 82 -12.82 -7.03 -6.64
C THR F 82 -12.50 -5.98 -7.70
N GLY F 83 -12.80 -4.71 -7.43
CA GLY F 83 -12.63 -3.68 -8.43
C GLY F 83 -11.18 -3.40 -8.76
N SER F 84 -10.31 -3.36 -7.76
CA SER F 84 -8.88 -3.19 -8.04
C SER F 84 -8.36 -4.36 -8.85
N SER F 85 -8.76 -5.59 -8.49
CA SER F 85 -8.33 -6.73 -9.30
C SER F 85 -8.90 -6.68 -10.71
N MET F 86 -10.16 -6.28 -10.86
CA MET F 86 -10.77 -6.19 -12.19
C MET F 86 -10.07 -5.16 -13.06
N ILE F 87 -9.73 -4.01 -12.48
CA ILE F 87 -9.09 -2.97 -13.28
C ILE F 87 -7.67 -3.37 -13.63
N GLY F 88 -6.95 -4.01 -12.69
CA GLY F 88 -5.64 -4.52 -13.03
C GLY F 88 -5.68 -5.58 -14.11
N ALA F 89 -6.61 -6.52 -14.00
CA ALA F 89 -6.74 -7.58 -14.98
C ALA F 89 -7.34 -7.11 -16.30
N GLY F 90 -7.96 -5.94 -16.31
CA GLY F 90 -8.55 -5.40 -17.51
C GLY F 90 -7.63 -4.63 -18.39
N VAL F 91 -6.41 -4.36 -17.93
CA VAL F 91 -5.43 -3.67 -18.76
C VAL F 91 -5.09 -4.52 -19.97
N ARG F 92 -4.91 -5.82 -19.77
CA ARG F 92 -4.69 -6.76 -20.85
C ARG F 92 -5.97 -7.44 -21.33
N ALA F 93 -6.98 -7.56 -20.48
CA ALA F 93 -8.24 -8.22 -20.83
C ALA F 93 -9.41 -7.33 -20.47
N PRO F 94 -9.63 -6.26 -21.25
CA PRO F 94 -10.77 -5.37 -20.96
C PRO F 94 -12.13 -6.05 -21.12
N ARG F 95 -12.17 -7.21 -21.77
CA ARG F 95 -13.43 -7.93 -21.93
C ARG F 95 -14.02 -8.38 -20.61
N ILE F 96 -13.19 -8.58 -19.60
CA ILE F 96 -13.64 -9.25 -18.38
C ILE F 96 -14.60 -8.36 -17.59
N THR F 97 -14.54 -7.05 -17.80
CA THR F 97 -15.22 -6.08 -16.96
C THR F 97 -16.73 -6.29 -16.91
N THR F 98 -17.34 -6.50 -18.08
CA THR F 98 -18.79 -6.54 -18.17
C THR F 98 -19.37 -7.66 -17.34
N LYS F 99 -18.78 -8.85 -17.40
CA LYS F 99 -19.32 -9.95 -16.61
C LYS F 99 -18.66 -10.09 -15.26
N ASN F 100 -17.57 -9.37 -14.99
CA ASN F 100 -17.04 -9.34 -13.64
C ASN F 100 -17.73 -8.31 -12.78
N LEU F 101 -18.59 -7.47 -13.36
CA LEU F 101 -19.46 -6.64 -12.55
C LEU F 101 -20.41 -7.46 -11.69
N ILE F 102 -20.58 -8.75 -11.99
CA ILE F 102 -21.43 -9.61 -11.16
C ILE F 102 -20.85 -9.72 -9.75
N SER F 103 -19.52 -9.67 -9.64
CA SER F 103 -18.89 -9.70 -8.32
C SER F 103 -19.18 -8.41 -7.55
N ILE F 104 -19.16 -7.28 -8.24
CA ILE F 104 -19.51 -6.01 -7.62
C ILE F 104 -20.95 -6.05 -7.14
N ILE F 105 -21.83 -6.65 -7.94
CA ILE F 105 -23.24 -6.79 -7.55
C ILE F 105 -23.38 -7.69 -6.33
N PHE F 106 -22.62 -8.78 -6.29
CA PHE F 106 -22.66 -9.67 -5.13
C PHE F 106 -22.18 -8.97 -3.87
N CYS F 107 -21.20 -8.09 -3.99
CA CYS F 107 -20.77 -7.30 -2.84
C CYS F 107 -21.83 -6.26 -2.45
N GLU F 108 -22.51 -5.68 -3.44
CA GLU F 108 -23.58 -4.71 -3.16
C GLU F 108 -24.75 -5.34 -2.42
N VAL F 109 -25.11 -6.57 -2.79
CA VAL F 109 -26.29 -7.20 -2.20
C VAL F 109 -26.13 -7.32 -0.69
N VAL F 110 -24.88 -7.40 -0.23
CA VAL F 110 -24.57 -7.38 1.20
C VAL F 110 -25.05 -6.10 1.87
N ALA F 111 -24.71 -4.95 1.29
CA ALA F 111 -25.18 -3.69 1.85
C ALA F 111 -26.68 -3.56 1.70
N ILE F 112 -27.26 -4.18 0.67
CA ILE F 112 -28.71 -4.22 0.55
C ILE F 112 -29.32 -4.95 1.75
N TYR F 113 -28.74 -6.10 2.13
CA TYR F 113 -29.15 -6.82 3.33
C TYR F 113 -29.09 -5.92 4.56
N GLY F 114 -27.96 -5.24 4.74
CA GLY F 114 -27.81 -4.36 5.88
C GLY F 114 -28.83 -3.24 5.91
N LEU F 115 -29.09 -2.63 4.75
CA LEU F 115 -30.09 -1.57 4.64
C LEU F 115 -31.48 -2.08 4.96
N ILE F 116 -31.84 -3.26 4.46
CA ILE F 116 -33.16 -3.82 4.70
C ILE F 116 -33.34 -4.12 6.19
N ILE F 117 -32.31 -4.70 6.81
CA ILE F 117 -32.40 -4.97 8.24
C ILE F 117 -32.49 -3.68 9.03
N ALA F 118 -31.74 -2.65 8.62
CA ALA F 118 -31.82 -1.37 9.31
C ALA F 118 -33.22 -0.79 9.24
N ILE F 119 -33.87 -0.87 8.07
CA ILE F 119 -35.23 -0.36 7.93
C ILE F 119 -36.18 -1.16 8.81
N VAL F 120 -36.12 -2.49 8.73
CA VAL F 120 -37.03 -3.34 9.48
C VAL F 120 -36.87 -3.12 10.97
N PHE F 121 -35.64 -2.93 11.43
CA PHE F 121 -35.39 -2.76 12.85
C PHE F 121 -35.77 -1.37 13.32
N SER F 122 -35.53 -0.35 12.50
CA SER F 122 -35.90 1.00 12.87
C SER F 122 -37.42 1.14 12.93
N SER F 123 -38.14 0.27 12.22
CA SER F 123 -39.58 0.23 12.40
C SER F 123 -39.98 -0.09 13.84
N LYS F 124 -39.08 -0.71 14.61
CA LYS F 124 -39.34 -1.03 16.01
C LYS F 124 -38.94 0.09 16.96
N LEU F 125 -38.38 1.19 16.46
CA LEU F 125 -37.84 2.24 17.34
C LEU F 125 -38.93 3.25 17.69
N THR F 126 -39.94 2.74 18.39
CA THR F 126 -40.96 3.63 18.91
C THR F 126 -40.55 4.12 20.29
N VAL F 127 -41.28 5.09 20.81
CA VAL F 127 -40.99 5.67 22.11
C VAL F 127 -41.73 4.87 23.17
N ALA F 128 -40.98 4.33 24.12
CA ALA F 128 -41.55 3.64 25.25
C ALA F 128 -41.95 4.65 26.32
N THR F 129 -42.93 4.27 27.13
CA THR F 129 -43.38 5.13 28.21
C THR F 129 -42.34 5.09 29.33
N ALA F 130 -42.32 6.15 30.14
CA ALA F 130 -41.28 6.28 31.16
C ALA F 130 -41.31 5.13 32.16
N GLU F 131 -42.50 4.70 32.58
CA GLU F 131 -42.58 3.63 33.57
C GLU F 131 -42.41 2.25 32.95
N ASN F 132 -42.43 2.13 31.62
CA ASN F 132 -42.20 0.86 30.94
C ASN F 132 -40.89 0.85 30.17
N MET F 133 -39.96 1.74 30.50
CA MET F 133 -38.72 1.82 29.74
C MET F 133 -37.91 0.53 29.86
N TYR F 134 -37.82 -0.02 31.05
CA TYR F 134 -36.96 -1.17 31.33
C TYR F 134 -37.78 -2.41 31.63
N SER F 135 -38.88 -2.58 30.92
CA SER F 135 -39.70 -3.76 31.07
C SER F 135 -39.03 -4.97 30.44
N LYS F 136 -39.63 -6.13 30.67
CA LYS F 136 -39.17 -7.36 30.04
C LYS F 136 -39.13 -7.21 28.52
N SER F 137 -40.21 -6.74 27.93
CA SER F 137 -40.30 -6.62 26.49
C SER F 137 -39.34 -5.56 25.95
N ASN F 138 -39.21 -4.44 26.64
CA ASN F 138 -38.34 -3.38 26.14
C ASN F 138 -36.86 -3.76 26.22
N LEU F 139 -36.45 -4.37 27.34
CA LEU F 139 -35.10 -4.87 27.45
C LEU F 139 -34.83 -5.95 26.41
N TYR F 140 -35.81 -6.83 26.20
CA TYR F 140 -35.68 -7.85 25.17
C TYR F 140 -35.48 -7.22 23.81
N THR F 141 -36.28 -6.20 23.48
CA THR F 141 -36.16 -5.57 22.16
C THR F 141 -34.82 -4.89 22.00
N GLY F 142 -34.33 -4.22 23.04
CA GLY F 142 -33.02 -3.61 22.96
C GLY F 142 -31.93 -4.63 22.71
N TYR F 143 -31.90 -5.70 23.50
CA TYR F 143 -30.90 -6.74 23.31
C TYR F 143 -31.04 -7.40 21.94
N SER F 144 -32.28 -7.65 21.52
CA SER F 144 -32.54 -8.33 20.26
C SER F 144 -32.08 -7.50 19.08
N LEU F 145 -32.43 -6.22 19.07
CA LEU F 145 -32.01 -5.36 17.97
C LEU F 145 -30.51 -5.17 17.98
N PHE F 146 -29.90 -5.04 19.15
CA PHE F 146 -28.45 -4.93 19.23
C PHE F 146 -27.76 -6.14 18.62
N TRP F 147 -28.14 -7.33 19.07
CA TRP F 147 -27.43 -8.53 18.66
C TRP F 147 -27.80 -8.94 17.24
N ALA F 148 -29.04 -8.71 16.81
CA ALA F 148 -29.39 -9.01 15.43
C ALA F 148 -28.74 -8.02 14.47
N GLY F 149 -28.59 -6.76 14.88
CA GLY F 149 -27.85 -5.82 14.08
C GLY F 149 -26.39 -6.19 13.96
N ILE F 150 -25.77 -6.58 15.08
CA ILE F 150 -24.39 -7.06 15.00
C ILE F 150 -24.28 -8.32 14.15
N THR F 151 -25.24 -9.23 14.29
CA THR F 151 -25.20 -10.45 13.49
C THR F 151 -25.26 -10.13 12.01
N VAL F 152 -26.25 -9.33 11.60
CA VAL F 152 -26.39 -9.00 10.19
C VAL F 152 -25.18 -8.21 9.71
N GLY F 153 -24.75 -7.21 10.48
CA GLY F 153 -23.64 -6.38 10.04
C GLY F 153 -22.33 -7.12 9.96
N ALA F 154 -22.04 -7.97 10.95
CA ALA F 154 -20.79 -8.71 10.95
C ALA F 154 -20.80 -9.83 9.92
N SER F 155 -21.91 -10.54 9.80
CA SER F 155 -22.03 -11.53 8.75
C SER F 155 -21.92 -10.90 7.38
N ASN F 156 -22.46 -9.69 7.22
CA ASN F 156 -22.38 -8.98 5.96
C ASN F 156 -20.98 -8.46 5.71
N LEU F 157 -20.29 -7.99 6.74
CA LEU F 157 -18.90 -7.57 6.60
C LEU F 157 -18.04 -8.76 6.17
N ILE F 158 -18.20 -9.89 6.83
CA ILE F 158 -17.46 -11.10 6.48
C ILE F 158 -17.82 -11.56 5.08
N CYS F 159 -19.10 -11.58 4.75
CA CYS F 159 -19.54 -12.02 3.43
C CYS F 159 -19.04 -11.09 2.34
N GLY F 160 -19.05 -9.79 2.59
CA GLY F 160 -18.56 -8.84 1.60
C GLY F 160 -17.08 -8.99 1.38
N ILE F 161 -16.30 -9.14 2.45
CA ILE F 161 -14.86 -9.35 2.29
C ILE F 161 -14.60 -10.64 1.52
N ALA F 162 -15.30 -11.72 1.89
CA ALA F 162 -15.07 -12.99 1.22
C ALA F 162 -15.48 -12.95 -0.24
N VAL F 163 -16.63 -12.35 -0.54
CA VAL F 163 -17.11 -12.26 -1.91
C VAL F 163 -16.19 -11.37 -2.72
N GLY F 164 -15.64 -10.32 -2.12
CA GLY F 164 -14.67 -9.51 -2.82
C GLY F 164 -13.39 -10.23 -3.13
N ILE F 165 -12.90 -11.03 -2.18
CA ILE F 165 -11.71 -11.83 -2.44
C ILE F 165 -11.98 -12.81 -3.58
N THR F 166 -13.13 -13.47 -3.54
CA THR F 166 -13.45 -14.44 -4.57
C THR F 166 -13.69 -13.76 -5.92
N GLY F 167 -14.22 -12.54 -5.91
CA GLY F 167 -14.38 -11.82 -7.17
C GLY F 167 -13.08 -11.31 -7.73
N ALA F 168 -12.12 -11.01 -6.85
CA ALA F 168 -10.76 -10.71 -7.31
C ALA F 168 -10.15 -11.92 -8.00
N THR F 169 -10.25 -13.09 -7.36
CA THR F 169 -9.76 -14.31 -7.99
C THR F 169 -10.51 -14.61 -9.27
N ALA F 170 -11.81 -14.29 -9.31
CA ALA F 170 -12.62 -14.52 -10.51
C ALA F 170 -12.19 -13.61 -11.64
N ALA F 171 -11.90 -12.35 -11.34
CA ALA F 171 -11.40 -11.44 -12.38
C ALA F 171 -10.07 -11.90 -12.91
N ILE F 172 -9.17 -12.34 -12.03
CA ILE F 172 -7.87 -12.83 -12.46
C ILE F 172 -8.03 -14.06 -13.34
N SER F 173 -8.87 -15.00 -12.91
CA SER F 173 -9.08 -16.23 -13.67
C SER F 173 -9.74 -15.96 -15.00
N ASP F 174 -10.70 -15.04 -15.03
CA ASP F 174 -11.36 -14.65 -16.27
C ASP F 174 -10.36 -14.03 -17.24
N ALA F 175 -9.49 -13.16 -16.74
CA ALA F 175 -8.46 -12.59 -17.60
C ALA F 175 -7.52 -13.67 -18.13
N ALA F 176 -7.17 -14.64 -17.29
CA ALA F 176 -6.31 -15.73 -17.72
C ALA F 176 -7.00 -16.58 -18.79
N ASP F 177 -8.24 -17.00 -18.52
CA ASP F 177 -9.00 -17.81 -19.46
C ASP F 177 -10.48 -17.52 -19.26
N SER F 178 -11.21 -17.37 -20.37
CA SER F 178 -12.62 -17.05 -20.30
C SER F 178 -13.41 -18.15 -19.61
N ALA F 179 -13.03 -19.40 -19.85
CA ALA F 179 -13.77 -20.54 -19.33
C ALA F 179 -13.68 -20.69 -17.82
N LEU F 180 -12.68 -20.09 -17.18
CA LEU F 180 -12.44 -20.30 -15.76
C LEU F 180 -13.32 -19.43 -14.87
N PHE F 181 -14.13 -18.53 -15.44
CA PHE F 181 -14.83 -17.55 -14.63
C PHE F 181 -16.02 -18.17 -13.90
N VAL F 182 -16.68 -19.14 -14.52
CA VAL F 182 -17.96 -19.63 -14.00
C VAL F 182 -17.76 -20.40 -12.70
N LYS F 183 -16.67 -21.15 -12.60
CA LYS F 183 -16.39 -21.90 -11.37
C LYS F 183 -16.15 -20.96 -10.19
N ILE F 184 -15.36 -19.92 -10.41
CA ILE F 184 -15.13 -18.94 -9.34
C ILE F 184 -16.41 -18.18 -9.04
N LEU F 185 -17.28 -18.02 -10.05
CA LEU F 185 -18.58 -17.40 -9.80
C LEU F 185 -19.44 -18.27 -8.90
N VAL F 186 -19.37 -19.59 -9.08
CA VAL F 186 -20.06 -20.49 -8.17
C VAL F 186 -19.52 -20.35 -6.76
N ILE F 187 -18.19 -20.21 -6.64
CA ILE F 187 -17.60 -19.96 -5.32
C ILE F 187 -18.13 -18.64 -4.74
N GLU F 188 -18.34 -17.64 -5.61
CA GLU F 188 -18.90 -16.37 -5.16
C GLU F 188 -20.33 -16.54 -4.66
N ILE F 189 -21.11 -17.38 -5.32
CA ILE F 189 -22.47 -17.65 -4.84
C ILE F 189 -22.44 -18.29 -3.47
N PHE F 190 -21.53 -19.25 -3.28
CA PHE F 190 -21.35 -19.85 -1.96
C PHE F 190 -20.95 -18.82 -0.92
N GLY F 191 -20.14 -17.84 -1.31
CA GLY F 191 -19.82 -16.75 -0.39
C GLY F 191 -21.02 -15.87 -0.07
N SER F 192 -21.89 -15.64 -1.05
CA SER F 192 -23.03 -14.76 -0.86
C SER F 192 -24.08 -15.40 0.04
N ILE F 193 -24.12 -16.74 0.04
CA ILE F 193 -25.04 -17.44 0.94
C ILE F 193 -24.79 -17.05 2.39
N LEU F 194 -23.55 -16.70 2.74
CA LEU F 194 -23.23 -16.33 4.11
C LEU F 194 -23.95 -15.05 4.53
N GLY F 195 -23.90 -14.02 3.69
CA GLY F 195 -24.64 -12.81 3.96
C GLY F 195 -26.14 -13.04 3.99
N LEU F 196 -26.63 -13.92 3.13
CA LEU F 196 -28.04 -14.24 3.18
C LEU F 196 -28.42 -14.91 4.50
N LEU F 197 -27.56 -15.81 4.99
CA LEU F 197 -27.84 -16.49 6.26
C LEU F 197 -27.78 -15.53 7.43
N GLY F 198 -26.84 -14.58 7.38
CA GLY F 198 -26.84 -13.53 8.39
C GLY F 198 -28.10 -12.70 8.37
N LEU F 199 -28.59 -12.35 7.18
CA LEU F 199 -29.89 -11.69 7.05
C LEU F 199 -30.99 -12.51 7.72
N ILE F 200 -31.06 -13.80 7.40
CA ILE F 200 -32.15 -14.65 7.89
C ILE F 200 -32.10 -14.74 9.41
N VAL F 201 -30.90 -14.92 9.96
CA VAL F 201 -30.76 -15.05 11.40
C VAL F 201 -31.06 -13.74 12.10
N GLY F 202 -30.63 -12.61 11.52
CA GLY F 202 -30.99 -11.32 12.09
C GLY F 202 -32.48 -11.11 12.11
N LEU F 203 -33.17 -11.51 11.04
CA LEU F 203 -34.63 -11.41 11.02
C LEU F 203 -35.28 -12.32 12.05
N LEU F 204 -34.73 -13.52 12.26
CA LEU F 204 -35.29 -14.44 13.25
C LEU F 204 -35.03 -13.98 14.68
N MET F 205 -33.89 -13.35 14.93
CA MET F 205 -33.58 -12.90 16.28
C MET F 205 -34.49 -11.74 16.69
N ALA F 206 -34.76 -10.83 15.76
CA ALA F 206 -35.69 -9.73 16.00
C ALA F 206 -37.11 -10.08 15.61
N GLY F 207 -37.38 -11.33 15.27
CA GLY F 207 -38.70 -11.70 14.80
C GLY F 207 -39.78 -11.51 15.85
N LYS F 208 -39.48 -11.87 17.09
CA LYS F 208 -40.42 -11.73 18.19
C LYS F 208 -40.16 -10.50 19.05
N ALA F 209 -39.23 -9.64 18.64
CA ALA F 209 -38.98 -8.40 19.36
C ALA F 209 -40.07 -7.39 19.05
N SER F 210 -40.84 -7.01 20.06
CA SER F 210 -41.86 -5.99 19.89
C SER F 210 -41.23 -4.62 19.77
N GLU F 211 -41.99 -3.67 19.24
CA GLU F 211 -41.56 -2.30 19.27
C GLU F 211 -41.61 -1.77 20.71
N PHE F 212 -40.80 -0.76 21.00
CA PHE F 212 -40.75 -0.22 22.35
C PHE F 212 -42.11 0.36 22.74
N GLN F 213 -42.55 0.02 23.94
CA GLN F 213 -43.89 0.39 24.38
C GLN F 213 -43.87 1.00 25.78
N MET G 1 -5.95 -12.57 6.60
CA MET G 1 -5.88 -13.32 5.36
C MET G 1 -5.21 -12.49 4.27
N GLU G 2 -4.63 -13.19 3.29
CA GLU G 2 -3.83 -12.52 2.27
C GLU G 2 -4.65 -11.54 1.45
N GLY G 3 -5.86 -11.90 1.07
CA GLY G 3 -6.66 -11.04 0.23
C GLY G 3 -7.34 -9.89 0.93
N VAL G 4 -7.22 -9.83 2.25
CA VAL G 4 -7.97 -8.84 3.04
C VAL G 4 -7.40 -7.44 2.82
N TYR G 5 -6.08 -7.28 2.96
CA TYR G 5 -5.46 -5.97 2.84
C TYR G 5 -4.59 -5.80 1.61
N PHE G 6 -4.36 -6.87 0.85
CA PHE G 6 -3.40 -6.81 -0.25
C PHE G 6 -3.85 -5.83 -1.33
N ASN G 7 -5.14 -5.84 -1.65
CA ASN G 7 -5.64 -5.09 -2.79
C ASN G 7 -5.78 -3.61 -2.51
N ILE G 8 -5.56 -3.16 -1.28
CA ILE G 8 -5.60 -1.74 -0.99
C ILE G 8 -4.56 -0.99 -1.80
N ASP G 9 -3.34 -1.54 -1.87
CA ASP G 9 -2.26 -0.90 -2.60
C ASP G 9 -1.76 -1.72 -3.77
N ASN G 10 -1.99 -3.03 -3.80
CA ASN G 10 -1.37 -3.92 -4.77
C ASN G 10 -2.39 -4.63 -5.66
N GLY G 11 -3.68 -4.32 -5.56
CA GLY G 11 -4.65 -5.02 -6.38
C GLY G 11 -4.46 -4.74 -7.85
N PHE G 12 -4.29 -3.46 -8.21
CA PHE G 12 -4.02 -3.10 -9.59
C PHE G 12 -2.68 -3.64 -10.06
N ILE G 13 -1.64 -3.48 -9.23
CA ILE G 13 -0.32 -3.96 -9.59
C ILE G 13 -0.35 -5.46 -9.83
N GLU G 14 -1.02 -6.20 -8.95
CA GLU G 14 -0.98 -7.64 -9.04
C GLU G 14 -1.82 -8.13 -10.21
N GLY G 15 -2.93 -7.46 -10.50
CA GLY G 15 -3.69 -7.77 -11.69
C GLY G 15 -2.90 -7.54 -12.97
N VAL G 16 -2.15 -6.44 -13.02
CA VAL G 16 -1.34 -6.15 -14.21
C VAL G 16 -0.20 -7.17 -14.35
N VAL G 17 0.45 -7.50 -13.24
CA VAL G 17 1.52 -8.49 -13.30
C VAL G 17 0.98 -9.86 -13.69
N ARG G 18 -0.24 -10.18 -13.28
CA ARG G 18 -0.83 -11.44 -13.70
C ARG G 18 -1.24 -11.43 -15.16
N GLY G 19 -1.64 -10.27 -15.68
CA GLY G 19 -1.77 -10.14 -17.13
C GLY G 19 -0.44 -10.38 -17.84
N TYR G 20 0.64 -9.85 -17.28
CA TYR G 20 1.97 -10.12 -17.79
C TYR G 20 2.26 -11.62 -17.79
N ARG G 21 1.88 -12.30 -16.70
CA ARG G 21 2.08 -13.75 -16.61
C ARG G 21 1.27 -14.48 -17.67
N ASN G 22 0.04 -14.02 -17.91
CA ASN G 22 -0.74 -14.56 -19.02
C ASN G 22 -0.04 -14.32 -20.34
N GLY G 23 0.80 -13.29 -20.42
CA GLY G 23 1.58 -13.05 -21.60
C GLY G 23 2.78 -13.96 -21.81
N LEU G 24 3.14 -14.75 -20.80
CA LEU G 24 4.25 -15.67 -20.95
C LEU G 24 3.93 -16.71 -22.02
N LEU G 25 4.95 -17.09 -22.79
CA LEU G 25 4.73 -18.01 -23.89
C LEU G 25 4.38 -19.39 -23.36
N SER G 26 3.31 -19.96 -23.90
CA SER G 26 2.90 -21.30 -23.55
C SER G 26 3.72 -22.32 -24.33
N ASN G 27 3.50 -23.59 -24.02
CA ASN G 27 4.23 -24.65 -24.70
C ASN G 27 3.91 -24.67 -26.18
N ASN G 28 2.65 -24.45 -26.55
CA ASN G 28 2.27 -24.41 -27.96
C ASN G 28 2.96 -23.26 -28.68
N GLN G 29 3.02 -22.08 -28.06
CA GLN G 29 3.69 -20.96 -28.68
C GLN G 29 5.18 -21.21 -28.84
N TYR G 30 5.79 -21.87 -27.86
CA TYR G 30 7.19 -22.26 -27.99
C TYR G 30 7.39 -23.26 -29.12
N ILE G 31 6.44 -24.19 -29.29
CA ILE G 31 6.53 -25.15 -30.38
C ILE G 31 6.43 -24.44 -31.73
N ASN G 32 5.53 -23.46 -31.83
CA ASN G 32 5.42 -22.68 -33.06
C ASN G 32 6.70 -21.92 -33.33
N LEU G 33 7.32 -21.36 -32.29
CA LEU G 33 8.62 -20.70 -32.46
C LEU G 33 9.67 -21.68 -32.94
N THR G 34 9.68 -22.88 -32.36
CA THR G 34 10.64 -23.91 -32.75
C THR G 34 10.47 -24.32 -34.19
N GLN G 35 9.24 -24.34 -34.69
CA GLN G 35 9.00 -24.74 -36.08
C GLN G 35 9.60 -23.75 -37.08
N CYS G 36 9.96 -22.55 -36.64
CA CYS G 36 10.52 -21.56 -37.54
C CYS G 36 11.90 -21.98 -38.03
N ASP G 37 12.21 -21.60 -39.27
CA ASP G 37 13.50 -21.90 -39.86
C ASP G 37 14.28 -20.66 -40.24
N THR G 38 13.65 -19.49 -40.26
CA THR G 38 14.33 -18.23 -40.49
C THR G 38 14.01 -17.30 -39.34
N LEU G 39 14.88 -16.31 -39.12
CA LEU G 39 14.62 -15.32 -38.08
C LEU G 39 13.44 -14.44 -38.42
N GLU G 40 13.19 -14.22 -39.71
CA GLU G 40 11.98 -13.51 -40.12
C GLU G 40 10.73 -14.31 -39.79
N ASP G 41 10.77 -15.63 -39.99
CA ASP G 41 9.65 -16.47 -39.57
C ASP G 41 9.49 -16.46 -38.06
N LEU G 42 10.61 -16.45 -37.34
CA LEU G 42 10.54 -16.35 -35.88
C LEU G 42 9.88 -15.05 -35.46
N LYS G 43 10.22 -13.95 -36.13
CA LYS G 43 9.58 -12.68 -35.85
C LYS G 43 8.10 -12.73 -36.17
N LEU G 44 7.73 -13.38 -37.26
CA LEU G 44 6.32 -13.52 -37.63
C LEU G 44 5.55 -14.27 -36.55
N GLN G 45 6.04 -15.44 -36.14
CA GLN G 45 5.37 -16.19 -35.09
C GLN G 45 5.36 -15.44 -33.77
N LEU G 46 6.44 -14.75 -33.45
CA LEU G 46 6.54 -14.05 -32.19
C LEU G 46 5.63 -12.82 -32.14
N SER G 47 5.22 -12.33 -33.31
CA SER G 47 4.21 -11.29 -33.42
C SER G 47 2.80 -11.79 -33.15
N SER G 48 2.58 -13.11 -33.14
CA SER G 48 1.30 -13.68 -32.77
C SER G 48 1.16 -13.88 -31.27
N THR G 49 2.17 -13.51 -30.50
CA THR G 49 2.18 -13.56 -29.05
C THR G 49 2.08 -12.14 -28.51
N ASP G 50 2.19 -12.01 -27.18
CA ASP G 50 2.15 -10.67 -26.60
C ASP G 50 3.41 -9.86 -26.86
N TYR G 51 4.45 -10.47 -27.44
CA TYR G 51 5.56 -9.66 -27.94
C TYR G 51 5.09 -8.74 -29.05
N GLY G 52 4.20 -9.23 -29.90
CA GLY G 52 3.57 -8.38 -30.89
C GLY G 52 4.57 -7.82 -31.88
N ASN G 53 4.47 -6.52 -32.13
CA ASN G 53 5.28 -5.85 -33.13
C ASN G 53 6.52 -5.21 -32.53
N PHE G 54 7.09 -5.82 -31.48
CA PHE G 54 8.28 -5.29 -30.84
C PHE G 54 9.49 -5.28 -31.75
N LEU G 55 9.46 -6.03 -32.85
CA LEU G 55 10.53 -6.03 -33.84
C LEU G 55 10.14 -5.32 -35.12
N SER G 56 8.97 -4.67 -35.14
CA SER G 56 8.51 -4.02 -36.38
C SER G 56 9.45 -2.91 -36.82
N SER G 57 10.15 -2.28 -35.88
CA SER G 57 11.12 -1.24 -36.23
C SER G 57 12.38 -1.81 -36.84
N VAL G 58 12.56 -3.13 -36.83
CA VAL G 58 13.75 -3.78 -37.35
C VAL G 58 13.42 -4.37 -38.71
N SER G 59 14.25 -4.04 -39.70
CA SER G 59 14.04 -4.58 -41.04
C SER G 59 14.37 -6.07 -41.07
N SER G 60 13.97 -6.73 -42.15
CA SER G 60 14.17 -8.17 -42.27
C SER G 60 15.64 -8.53 -42.30
N GLU G 61 16.45 -7.76 -43.04
CA GLU G 61 17.87 -8.09 -43.16
C GLU G 61 18.66 -7.71 -41.92
N SER G 62 18.22 -6.67 -41.20
CA SER G 62 18.93 -6.24 -39.99
C SER G 62 18.67 -7.16 -38.81
N LEU G 63 17.74 -8.10 -38.93
CA LEU G 63 17.32 -8.90 -37.79
C LEU G 63 18.42 -9.87 -37.38
N THR G 64 18.86 -9.75 -36.12
CA THR G 64 19.86 -10.65 -35.56
C THR G 64 19.35 -11.16 -34.21
N THR G 65 19.95 -12.24 -33.75
CA THR G 65 19.55 -12.82 -32.47
C THR G 65 19.84 -11.87 -31.32
N SER G 66 20.92 -11.10 -31.42
CA SER G 66 21.21 -10.09 -30.41
C SER G 66 20.13 -9.02 -30.39
N LEU G 67 19.65 -8.62 -31.56
CA LEU G 67 18.55 -7.65 -31.61
C LEU G 67 17.28 -8.22 -31.00
N ILE G 68 16.97 -9.49 -31.29
CA ILE G 68 15.78 -10.11 -30.74
C ILE G 68 15.85 -10.15 -29.23
N GLN G 69 17.00 -10.56 -28.70
CA GLN G 69 17.17 -10.60 -27.26
C GLN G 69 17.09 -9.22 -26.64
N GLU G 70 17.71 -8.22 -27.29
CA GLU G 70 17.70 -6.87 -26.76
C GLU G 70 16.29 -6.29 -26.71
N TYR G 71 15.50 -6.49 -27.77
CA TYR G 71 14.15 -5.93 -27.78
C TYR G 71 13.22 -6.68 -26.83
N ALA G 72 13.34 -8.00 -26.74
CA ALA G 72 12.54 -8.73 -25.77
C ALA G 72 12.87 -8.31 -24.34
N SER G 73 14.15 -8.16 -24.04
CA SER G 73 14.55 -7.70 -22.72
C SER G 73 14.08 -6.27 -22.46
N SER G 74 14.11 -5.41 -23.48
CA SER G 74 13.63 -4.05 -23.31
C SER G 74 12.15 -4.02 -22.99
N LYS G 75 11.38 -4.89 -23.63
CA LYS G 75 9.96 -5.01 -23.30
C LYS G 75 9.78 -5.42 -21.85
N LEU G 76 10.58 -6.40 -21.40
CA LEU G 76 10.60 -6.79 -20.01
C LEU G 76 10.88 -5.60 -19.10
N TYR G 77 11.90 -4.82 -19.44
CA TYR G 77 12.33 -3.72 -18.59
C TYR G 77 11.27 -2.64 -18.49
N HIS G 78 10.63 -2.32 -19.61
CA HIS G 78 9.56 -1.31 -19.59
C HIS G 78 8.38 -1.78 -18.77
N GLU G 79 8.04 -3.07 -18.88
CA GLU G 79 6.95 -3.59 -18.05
C GLU G 79 7.29 -3.52 -16.56
N PHE G 80 8.52 -3.89 -16.21
CA PHE G 80 8.93 -3.79 -14.81
C PHE G 80 8.92 -2.36 -14.32
N ASN G 81 9.39 -1.43 -15.15
CA ASN G 81 9.41 -0.03 -14.76
C ASN G 81 8.00 0.51 -14.56
N TYR G 82 7.06 0.11 -15.42
CA TYR G 82 5.68 0.53 -15.23
C TYR G 82 5.12 -0.03 -13.93
N ILE G 83 5.40 -1.30 -13.65
CA ILE G 83 4.88 -1.89 -12.42
C ILE G 83 5.49 -1.22 -11.20
N ARG G 84 6.77 -0.85 -11.26
CA ARG G 84 7.41 -0.19 -10.13
C ARG G 84 6.94 1.25 -9.97
N ASP G 85 6.56 1.90 -11.06
CA ASP G 85 6.03 3.26 -10.96
C ASP G 85 4.67 3.31 -10.28
N GLN G 86 3.90 2.22 -10.32
CA GLN G 86 2.63 2.15 -9.64
C GLN G 86 2.77 1.65 -8.21
N SER G 87 3.99 1.36 -7.76
CA SER G 87 4.23 0.79 -6.44
C SER G 87 4.50 1.87 -5.40
N SER G 88 4.13 1.56 -4.17
CA SER G 88 4.39 2.44 -3.04
C SER G 88 4.62 1.58 -1.81
N GLY G 89 5.25 2.18 -0.81
CA GLY G 89 5.38 1.52 0.48
C GLY G 89 6.32 0.33 0.44
N SER G 90 5.85 -0.81 0.92
CA SER G 90 6.68 -2.00 0.96
C SER G 90 6.81 -2.65 -0.41
N THR G 91 5.83 -2.48 -1.29
CA THR G 91 5.96 -3.02 -2.64
C THR G 91 7.01 -2.26 -3.43
N ARG G 92 7.08 -0.94 -3.26
CA ARG G 92 8.14 -0.17 -3.89
C ARG G 92 9.51 -0.61 -3.39
N LYS G 93 9.63 -0.86 -2.08
CA LYS G 93 10.88 -1.38 -1.53
C LYS G 93 11.20 -2.76 -2.09
N PHE G 94 10.18 -3.60 -2.25
CA PHE G 94 10.39 -4.94 -2.79
C PHE G 94 10.94 -4.88 -4.21
N MET G 95 10.38 -4.01 -5.04
CA MET G 95 10.86 -3.90 -6.42
C MET G 95 12.20 -3.17 -6.50
N ASP G 96 12.47 -2.25 -5.59
CA ASP G 96 13.81 -1.69 -5.49
C ASP G 96 14.83 -2.77 -5.15
N TYR G 97 14.49 -3.66 -4.22
CA TYR G 97 15.37 -4.78 -3.91
C TYR G 97 15.56 -5.67 -5.14
N ILE G 98 14.50 -5.86 -5.91
CA ILE G 98 14.65 -6.59 -7.18
C ILE G 98 15.68 -5.91 -8.07
N THR G 99 15.66 -4.57 -8.10
CA THR G 99 16.62 -3.84 -8.92
C THR G 99 18.04 -3.85 -8.37
N TYR G 100 18.21 -4.13 -7.07
CA TYR G 100 19.55 -4.07 -6.48
C TYR G 100 20.49 -5.10 -7.09
N GLY G 101 19.98 -6.26 -7.48
CA GLY G 101 20.83 -7.23 -8.15
C GLY G 101 21.33 -6.74 -9.49
N TYR G 102 20.48 -6.07 -10.25
CA TYR G 102 20.92 -5.46 -11.50
C TYR G 102 21.88 -4.30 -11.23
N MET G 103 21.72 -3.61 -10.10
CA MET G 103 22.71 -2.61 -9.71
C MET G 103 24.08 -3.24 -9.50
N ILE G 104 24.11 -4.39 -8.82
CA ILE G 104 25.37 -5.11 -8.62
C ILE G 104 25.95 -5.55 -9.96
N ASP G 105 25.10 -6.04 -10.85
CA ASP G 105 25.55 -6.39 -12.20
C ASP G 105 26.17 -5.20 -12.91
N ASN G 106 25.52 -4.04 -12.81
CA ASN G 106 26.03 -2.84 -13.48
C ASN G 106 27.36 -2.41 -12.88
N VAL G 107 27.49 -2.49 -11.56
CA VAL G 107 28.76 -2.13 -10.93
C VAL G 107 29.87 -3.04 -11.43
N ALA G 108 29.63 -4.34 -11.44
CA ALA G 108 30.65 -5.28 -11.90
C ALA G 108 30.95 -5.08 -13.37
N LEU G 109 29.93 -4.80 -14.18
CA LEU G 109 30.12 -4.53 -15.60
C LEU G 109 30.96 -3.27 -15.82
N MET G 110 30.69 -2.22 -15.06
CA MET G 110 31.45 -0.98 -15.18
C MET G 110 32.90 -1.20 -14.81
N ILE G 111 33.15 -1.91 -13.71
CA ILE G 111 34.53 -2.15 -13.30
C ILE G 111 35.24 -3.07 -14.28
N THR G 112 34.53 -4.07 -14.81
CA THR G 112 35.14 -4.96 -15.78
C THR G 112 35.52 -4.21 -17.05
N GLY G 113 34.64 -3.33 -17.54
CA GLY G 113 34.97 -2.53 -18.69
C GLY G 113 36.11 -1.56 -18.42
N THR G 114 36.17 -1.03 -17.20
CA THR G 114 37.23 -0.09 -16.85
C THR G 114 38.60 -0.77 -16.81
N ILE G 115 38.70 -1.91 -16.13
CA ILE G 115 39.98 -2.60 -16.07
C ILE G 115 40.37 -3.15 -17.44
N HIS G 116 39.41 -3.37 -18.32
CA HIS G 116 39.66 -3.84 -19.68
C HIS G 116 39.84 -2.69 -20.66
N ASP G 117 39.78 -1.45 -20.18
CA ASP G 117 39.93 -0.27 -21.02
C ASP G 117 38.97 -0.28 -22.21
N ARG G 118 37.73 -0.67 -21.94
CA ARG G 118 36.66 -0.49 -22.91
C ARG G 118 36.21 0.95 -22.92
N ASP G 119 35.55 1.34 -24.02
CA ASP G 119 35.01 2.68 -24.11
C ASP G 119 33.97 2.92 -23.03
N LYS G 120 34.06 4.08 -22.36
CA LYS G 120 33.12 4.41 -21.30
C LYS G 120 31.69 4.46 -21.83
N GLY G 121 31.50 5.09 -22.99
CA GLY G 121 30.16 5.16 -23.56
C GLY G 121 29.59 3.80 -23.90
N GLU G 122 30.43 2.90 -24.40
CA GLU G 122 29.96 1.55 -24.71
C GLU G 122 29.50 0.81 -23.45
N ILE G 123 30.26 0.94 -22.36
CA ILE G 123 29.87 0.28 -21.12
C ILE G 123 28.57 0.88 -20.58
N LEU G 124 28.44 2.21 -20.65
CA LEU G 124 27.19 2.83 -20.18
C LEU G 124 26.00 2.41 -21.02
N GLN G 125 26.18 2.31 -22.34
CA GLN G 125 25.09 1.85 -23.18
C GLN G 125 24.76 0.39 -22.90
N ARG G 126 25.74 -0.39 -22.48
CA ARG G 126 25.52 -1.80 -22.17
C ARG G 126 25.03 -2.02 -20.74
N CYS G 127 24.91 -0.98 -19.93
CA CYS G 127 24.44 -1.17 -18.57
C CYS G 127 22.97 -1.53 -18.54
N HIS G 128 22.60 -2.37 -17.58
CA HIS G 128 21.22 -2.80 -17.44
C HIS G 128 20.34 -1.61 -17.07
N PRO G 129 19.22 -1.40 -17.80
CA PRO G 129 18.35 -0.27 -17.45
C PRO G 129 17.81 -0.37 -16.04
N LEU G 130 17.37 -1.55 -15.64
CA LEU G 130 17.10 -1.83 -14.24
C LEU G 130 18.41 -1.86 -13.49
N GLY G 131 18.41 -1.40 -12.25
CA GLY G 131 19.68 -1.32 -11.60
C GLY G 131 20.57 -0.21 -12.10
N TRP G 132 20.01 0.82 -12.70
CA TRP G 132 20.76 2.03 -13.00
C TRP G 132 20.73 2.96 -11.81
N PHE G 133 21.85 3.63 -11.56
CA PHE G 133 21.89 4.73 -10.60
C PHE G 133 22.68 5.88 -11.21
N ASP G 134 22.49 7.07 -10.64
CA ASP G 134 23.00 8.28 -11.26
C ASP G 134 24.53 8.30 -11.30
N THR G 135 25.18 7.84 -10.25
CA THR G 135 26.64 7.82 -10.17
C THR G 135 27.25 6.59 -10.80
N LEU G 136 26.47 5.84 -11.59
CA LEU G 136 27.03 4.67 -12.28
C LEU G 136 28.13 5.03 -13.26
N PRO G 137 28.00 6.06 -14.11
CA PRO G 137 29.10 6.39 -15.01
C PRO G 137 30.38 6.82 -14.30
N THR G 138 30.28 7.22 -13.04
CA THR G 138 31.45 7.65 -12.29
C THR G 138 32.33 6.46 -11.89
N LEU G 139 31.83 5.23 -12.03
CA LEU G 139 32.60 4.05 -11.68
C LEU G 139 33.78 3.80 -12.62
N SER G 140 33.87 4.54 -13.73
CA SER G 140 34.99 4.35 -14.65
C SER G 140 36.25 5.07 -14.20
N VAL G 141 36.19 5.88 -13.14
CA VAL G 141 37.32 6.75 -12.80
C VAL G 141 38.49 5.94 -12.23
N ALA G 142 38.18 4.89 -11.47
CA ALA G 142 39.22 4.16 -10.75
C ALA G 142 39.11 2.67 -11.00
N THR G 143 40.21 1.97 -10.76
CA THR G 143 40.26 0.51 -10.76
C THR G 143 40.55 -0.03 -9.37
N ASP G 144 40.30 0.75 -8.32
CA ASP G 144 40.53 0.36 -6.95
C ASP G 144 39.20 0.20 -6.23
N LEU G 145 39.03 -0.90 -5.50
CA LEU G 145 37.78 -1.14 -4.81
C LEU G 145 37.49 -0.05 -3.78
N GLU G 146 38.51 0.33 -3.00
CA GLU G 146 38.33 1.39 -2.01
C GLU G 146 38.01 2.72 -2.67
N SER G 147 38.70 3.02 -3.77
CA SER G 147 38.47 4.29 -4.46
C SER G 147 37.06 4.36 -5.04
N LEU G 148 36.59 3.27 -5.66
CA LEU G 148 35.23 3.27 -6.20
C LEU G 148 34.19 3.28 -5.09
N TYR G 149 34.47 2.60 -3.97
CA TYR G 149 33.51 2.60 -2.88
C TYR G 149 33.35 4.00 -2.29
N GLU G 150 34.46 4.68 -2.02
CA GLU G 150 34.37 6.03 -1.48
C GLU G 150 33.82 7.00 -2.51
N THR G 151 34.18 6.80 -3.78
CA THR G 151 33.79 7.73 -4.83
C THR G 151 32.31 7.59 -5.15
N VAL G 152 31.83 6.37 -5.30
CA VAL G 152 30.50 6.11 -5.84
C VAL G 152 29.66 5.27 -4.89
N LEU G 153 30.16 4.06 -4.58
CA LEU G 153 29.34 3.01 -4.02
C LEU G 153 28.87 3.29 -2.60
N VAL G 154 29.46 4.28 -1.92
CA VAL G 154 29.02 4.58 -0.56
C VAL G 154 27.67 5.28 -0.57
N ASP G 155 27.33 5.98 -1.65
CA ASP G 155 26.05 6.66 -1.77
C ASP G 155 24.98 5.81 -2.43
N THR G 156 25.33 4.66 -2.98
CA THR G 156 24.37 3.78 -3.62
C THR G 156 23.66 2.91 -2.60
N PRO G 157 22.51 2.33 -2.96
CA PRO G 157 21.86 1.35 -2.07
C PRO G 157 22.70 0.11 -1.82
N LEU G 158 23.76 -0.10 -2.59
CA LEU G 158 24.67 -1.22 -2.38
C LEU G 158 25.69 -0.94 -1.28
N ALA G 159 25.68 0.26 -0.71
CA ALA G 159 26.63 0.60 0.34
C ALA G 159 26.63 -0.36 1.53
N PRO G 160 25.48 -0.81 2.06
CA PRO G 160 25.53 -1.79 3.15
C PRO G 160 26.19 -3.11 2.77
N TYR G 161 26.25 -3.43 1.48
CA TYR G 161 26.70 -4.75 1.05
C TYR G 161 28.21 -4.87 0.95
N PHE G 162 28.95 -3.78 1.15
CA PHE G 162 30.40 -3.79 1.05
C PHE G 162 31.10 -4.04 2.39
N LYS G 163 30.35 -4.19 3.47
CA LYS G 163 30.95 -4.40 4.78
C LYS G 163 31.69 -5.72 4.85
N GLU G 171 45.16 -2.94 -7.18
CA GLU G 171 44.11 -2.61 -8.13
C GLU G 171 43.27 -3.86 -8.43
N LEU G 172 42.15 -3.67 -9.11
CA LEU G 172 41.22 -4.75 -9.36
C LEU G 172 41.56 -5.49 -10.65
N ASP G 173 41.40 -6.80 -10.63
CA ASP G 173 41.53 -7.65 -11.79
C ASP G 173 40.24 -8.46 -11.96
N ASP G 174 40.24 -9.36 -12.93
CA ASP G 174 39.03 -10.12 -13.24
C ASP G 174 38.57 -10.96 -12.06
N MET G 175 39.50 -11.67 -11.42
CA MET G 175 39.16 -12.49 -10.26
C MET G 175 38.71 -11.62 -9.09
N ASN G 176 39.37 -10.48 -8.88
CA ASN G 176 38.95 -9.58 -7.81
C ASN G 176 37.55 -9.04 -8.04
N ILE G 177 37.24 -8.66 -9.29
CA ILE G 177 35.89 -8.19 -9.60
C ILE G 177 34.88 -9.30 -9.38
N GLU G 178 35.24 -10.53 -9.74
CA GLU G 178 34.36 -11.66 -9.48
C GLU G 178 34.09 -11.83 -8.00
N ILE G 179 35.13 -11.74 -7.18
CA ILE G 179 34.98 -11.88 -5.74
C ILE G 179 34.09 -10.77 -5.19
N ILE G 180 34.32 -9.53 -5.64
CA ILE G 180 33.52 -8.41 -5.16
C ILE G 180 32.06 -8.59 -5.55
N ARG G 181 31.81 -9.01 -6.79
CA ARG G 181 30.45 -9.21 -7.25
C ARG G 181 29.74 -10.30 -6.46
N ASN G 182 30.44 -11.40 -6.16
CA ASN G 182 29.81 -12.48 -5.42
C ASN G 182 29.62 -12.12 -3.94
N LYS G 183 30.52 -11.35 -3.35
CA LYS G 183 30.27 -10.85 -2.00
C LYS G 183 29.08 -9.91 -1.98
N LEU G 184 28.96 -9.05 -3.00
CA LEU G 184 27.82 -8.16 -3.10
C LEU G 184 26.53 -8.95 -3.22
N TYR G 185 26.54 -10.00 -4.03
CA TYR G 185 25.37 -10.86 -4.15
C TYR G 185 25.04 -11.56 -2.84
N LYS G 186 26.04 -12.04 -2.12
CA LYS G 186 25.76 -12.71 -0.85
C LYS G 186 25.11 -11.75 0.13
N ALA G 187 25.69 -10.56 0.28
CA ALA G 187 25.12 -9.57 1.18
C ALA G 187 23.72 -9.15 0.73
N TYR G 188 23.54 -8.95 -0.58
CA TYR G 188 22.26 -8.50 -1.11
C TYR G 188 21.19 -9.55 -0.93
N LEU G 189 21.53 -10.82 -1.19
CA LEU G 189 20.57 -11.90 -0.99
C LEU G 189 20.18 -12.01 0.48
N GLU G 190 21.14 -11.88 1.38
CA GLU G 190 20.81 -11.92 2.80
C GLU G 190 19.91 -10.76 3.20
N ASP G 191 20.22 -9.56 2.72
CA ASP G 191 19.42 -8.39 3.06
C ASP G 191 18.02 -8.48 2.47
N PHE G 192 17.89 -8.99 1.25
CA PHE G 192 16.59 -9.13 0.61
C PHE G 192 15.78 -10.22 1.29
N TYR G 193 16.43 -11.30 1.72
CA TYR G 193 15.75 -12.32 2.51
C TYR G 193 15.25 -11.74 3.83
N ASN G 194 16.06 -10.94 4.50
CA ASN G 194 15.62 -10.33 5.75
C ASN G 194 14.46 -9.38 5.51
N PHE G 195 14.54 -8.59 4.44
CA PHE G 195 13.45 -7.67 4.12
C PHE G 195 12.15 -8.41 3.85
N VAL G 196 12.22 -9.53 3.12
CA VAL G 196 11.03 -10.34 2.91
C VAL G 196 10.50 -10.88 4.22
N THR G 197 11.39 -11.38 5.08
CA THR G 197 10.96 -11.96 6.34
C THR G 197 10.24 -10.95 7.22
N GLU G 198 10.73 -9.70 7.25
CA GLU G 198 10.17 -8.74 8.17
C GLU G 198 9.05 -7.88 7.58
N GLU G 199 9.01 -7.68 6.27
CA GLU G 199 8.13 -6.65 5.72
C GLU G 199 7.19 -7.13 4.62
N ILE G 200 7.18 -8.42 4.29
CA ILE G 200 6.38 -8.95 3.19
C ILE G 200 5.36 -9.92 3.78
N PRO G 201 4.08 -9.79 3.45
CA PRO G 201 3.05 -10.62 4.08
C PRO G 201 3.21 -12.09 3.72
N GLU G 202 2.48 -12.93 4.45
CA GLU G 202 2.87 -14.33 4.64
C GLU G 202 2.98 -15.15 3.36
N PRO G 203 1.98 -15.20 2.46
CA PRO G 203 2.16 -16.08 1.29
C PRO G 203 3.32 -15.63 0.42
N ALA G 204 3.38 -14.33 0.11
CA ALA G 204 4.52 -13.80 -0.61
C ALA G 204 5.79 -13.94 0.21
N LYS G 205 5.71 -13.86 1.54
CA LYS G 205 6.89 -14.04 2.36
C LYS G 205 7.49 -15.43 2.16
N GLU G 206 6.66 -16.46 2.27
CA GLU G 206 7.16 -17.82 2.09
C GLU G 206 7.63 -18.07 0.66
N CYS G 207 6.87 -17.58 -0.34
CA CYS G 207 7.29 -17.78 -1.72
C CYS G 207 8.62 -17.09 -2.01
N MET G 208 8.77 -15.85 -1.53
CA MET G 208 10.01 -15.12 -1.76
C MET G 208 11.17 -15.71 -0.98
N GLN G 209 10.92 -16.21 0.23
CA GLN G 209 11.97 -16.90 0.96
C GLN G 209 12.43 -18.14 0.22
N THR G 210 11.49 -18.91 -0.33
CA THR G 210 11.84 -20.08 -1.11
C THR G 210 12.63 -19.70 -2.36
N LEU G 211 12.19 -18.65 -3.07
CA LEU G 211 12.84 -18.26 -4.32
C LEU G 211 14.24 -17.70 -4.06
N LEU G 212 14.38 -16.84 -3.04
CA LEU G 212 15.69 -16.31 -2.71
C LEU G 212 16.61 -17.38 -2.15
N GLY G 213 16.06 -18.32 -1.39
CA GLY G 213 16.87 -19.45 -0.95
C GLY G 213 17.35 -20.30 -2.10
N PHE G 214 16.50 -20.51 -3.10
CA PHE G 214 16.92 -21.25 -4.28
C PHE G 214 18.02 -20.51 -5.03
N GLU G 215 17.88 -19.19 -5.18
CA GLU G 215 18.91 -18.41 -5.84
C GLU G 215 20.22 -18.48 -5.08
N ALA G 216 20.16 -18.39 -3.75
CA ALA G 216 21.34 -18.53 -2.92
C ALA G 216 21.96 -19.91 -3.08
N ASP G 217 21.14 -20.95 -3.12
CA ASP G 217 21.66 -22.31 -3.29
C ASP G 217 22.32 -22.48 -4.64
N ARG G 218 21.73 -21.90 -5.67
CA ARG G 218 22.33 -21.96 -7.01
C ARG G 218 23.70 -21.29 -7.01
N ARG G 219 23.79 -20.11 -6.39
CA ARG G 219 25.07 -19.43 -6.31
C ARG G 219 26.08 -20.19 -5.46
N SER G 220 25.63 -20.77 -4.35
CA SER G 220 26.53 -21.52 -3.49
C SER G 220 27.08 -22.74 -4.19
N ILE G 221 26.23 -23.47 -4.90
CA ILE G 221 26.69 -24.66 -5.61
C ILE G 221 27.61 -24.27 -6.76
N ASN G 222 27.30 -23.17 -7.45
CA ASN G 222 28.19 -22.70 -8.51
C ASN G 222 29.56 -22.33 -7.95
N ILE G 223 29.58 -21.61 -6.83
CA ILE G 223 30.85 -21.19 -6.24
C ILE G 223 31.63 -22.41 -5.77
N ALA G 224 30.95 -23.37 -5.14
CA ALA G 224 31.63 -24.56 -4.66
C ALA G 224 32.23 -25.36 -5.81
N LEU G 225 31.49 -25.51 -6.90
CA LEU G 225 31.97 -26.29 -8.03
C LEU G 225 33.01 -25.56 -8.86
N ASN G 226 32.98 -24.24 -8.88
CA ASN G 226 33.92 -23.47 -9.69
C ASN G 226 35.17 -23.08 -8.91
N SER G 227 35.14 -23.17 -7.58
CA SER G 227 36.34 -22.95 -6.79
C SER G 227 37.28 -24.14 -6.85
N LEU G 228 36.78 -25.32 -7.21
CA LEU G 228 37.64 -26.48 -7.35
C LEU G 228 38.67 -26.29 -8.46
N GLN G 229 38.24 -25.73 -9.59
CA GLN G 229 39.14 -25.46 -10.71
C GLN G 229 39.94 -24.18 -10.53
N SER G 230 40.02 -23.67 -9.30
CA SER G 230 40.81 -22.47 -9.01
C SER G 230 41.67 -22.73 -7.78
N SER G 231 42.79 -22.02 -7.72
CA SER G 231 43.70 -22.13 -6.58
C SER G 231 43.71 -20.90 -5.69
N ASP G 232 43.28 -19.75 -6.19
CA ASP G 232 43.26 -18.52 -5.39
C ASP G 232 42.02 -18.43 -4.51
N ILE G 233 41.01 -19.27 -4.74
CA ILE G 233 39.81 -19.23 -3.93
C ILE G 233 40.07 -20.01 -2.64
N ASP G 234 40.51 -19.31 -1.60
CA ASP G 234 40.82 -19.95 -0.34
C ASP G 234 39.54 -20.47 0.32
N PRO G 235 39.65 -21.53 1.13
CA PRO G 235 38.47 -22.02 1.86
C PRO G 235 37.85 -20.97 2.75
N ASP G 236 38.63 -20.02 3.26
CA ASP G 236 38.07 -18.90 4.00
C ASP G 236 37.35 -17.92 3.07
N LEU G 237 37.82 -17.80 1.83
CA LEU G 237 37.14 -16.92 0.87
C LEU G 237 35.82 -17.53 0.42
N LYS G 238 35.75 -18.85 0.29
CA LYS G 238 34.50 -19.49 -0.13
C LYS G 238 33.39 -19.24 0.88
N SER G 239 33.73 -19.18 2.17
CA SER G 239 32.74 -18.86 3.18
C SER G 239 32.20 -17.45 2.97
N ASP G 240 33.06 -16.53 2.55
CA ASP G 240 32.65 -15.15 2.30
C ASP G 240 31.80 -14.99 1.05
N LEU G 241 31.68 -16.04 0.24
CA LEU G 241 30.90 -15.98 -0.99
C LEU G 241 29.60 -16.77 -0.95
N LEU G 242 29.47 -17.73 -0.03
CA LEU G 242 28.30 -18.56 0.04
C LEU G 242 27.21 -17.86 0.84
N PRO G 243 26.03 -17.62 0.27
CA PRO G 243 24.97 -16.96 1.03
C PRO G 243 24.48 -17.81 2.19
N ASN G 244 23.87 -17.14 3.16
CA ASN G 244 23.44 -17.76 4.41
C ASN G 244 21.93 -17.80 4.56
N ILE G 245 21.20 -18.09 3.47
CA ILE G 245 19.74 -18.04 3.52
C ILE G 245 19.11 -19.27 2.90
N GLY G 246 19.87 -20.06 2.17
CA GLY G 246 19.30 -21.14 1.41
C GLY G 246 19.02 -22.39 2.24
N LYS G 247 18.59 -23.44 1.54
CA LYS G 247 18.46 -24.75 2.16
C LYS G 247 19.81 -25.40 2.44
N LEU G 248 20.85 -25.00 1.71
CA LEU G 248 22.19 -25.48 2.00
C LEU G 248 22.77 -24.86 3.26
N TYR G 249 22.22 -23.75 3.71
CA TYR G 249 22.71 -23.14 4.93
C TYR G 249 22.02 -23.75 6.14
N PRO G 250 22.76 -24.07 7.21
CA PRO G 250 24.21 -23.90 7.30
C PRO G 250 25.02 -25.18 7.08
N LEU G 251 24.34 -26.33 7.01
CA LEU G 251 25.01 -27.61 6.94
C LEU G 251 25.82 -27.74 5.66
N ALA G 252 25.11 -27.80 4.53
CA ALA G 252 25.78 -28.00 3.26
C ALA G 252 26.63 -26.81 2.89
N THR G 253 26.24 -25.61 3.31
CA THR G 253 27.08 -24.44 3.08
C THR G 253 28.43 -24.59 3.75
N PHE G 254 28.45 -25.08 5.00
CA PHE G 254 29.70 -25.34 5.67
C PHE G 254 30.49 -26.45 4.99
N HIS G 255 29.80 -27.50 4.53
CA HIS G 255 30.50 -28.57 3.85
C HIS G 255 31.16 -28.09 2.56
N LEU G 256 30.47 -27.26 1.77
CA LEU G 256 31.03 -26.78 0.51
C LEU G 256 32.15 -25.78 0.75
N ALA G 257 32.08 -25.01 1.83
CA ALA G 257 33.12 -24.04 2.14
C ALA G 257 34.46 -24.70 2.45
N GLN G 258 34.46 -26.03 2.68
CA GLN G 258 35.68 -26.76 2.98
C GLN G 258 36.08 -27.76 1.91
N ALA G 259 35.24 -28.01 0.91
CA ALA G 259 35.49 -29.06 -0.06
C ALA G 259 36.59 -28.67 -1.03
N GLN G 260 37.35 -29.67 -1.48
CA GLN G 260 38.38 -29.50 -2.50
C GLN G 260 38.20 -30.41 -3.70
N ASP G 261 37.19 -31.28 -3.70
CA ASP G 261 36.98 -32.21 -4.80
C ASP G 261 35.50 -32.24 -5.18
N PHE G 262 35.24 -32.70 -6.39
CA PHE G 262 33.86 -32.78 -6.87
C PHE G 262 33.03 -33.73 -6.04
N GLU G 263 33.63 -34.83 -5.57
CA GLU G 263 32.88 -35.79 -4.77
C GLU G 263 32.45 -35.21 -3.43
N GLY G 264 33.29 -34.36 -2.82
CA GLY G 264 32.88 -33.69 -1.60
C GLY G 264 31.69 -32.77 -1.83
N VAL G 265 31.70 -32.04 -2.94
CA VAL G 265 30.56 -31.18 -3.27
C VAL G 265 29.31 -32.01 -3.50
N ARG G 266 29.43 -33.12 -4.20
CA ARG G 266 28.27 -33.95 -4.47
C ARG G 266 27.72 -34.58 -3.19
N ALA G 267 28.61 -35.00 -2.28
CA ALA G 267 28.17 -35.54 -1.00
C ALA G 267 27.49 -34.46 -0.17
N ALA G 268 27.99 -33.23 -0.22
CA ALA G 268 27.32 -32.12 0.46
C ALA G 268 25.94 -31.86 -0.13
N LEU G 269 25.79 -31.98 -1.45
CA LEU G 269 24.49 -31.77 -2.07
C LEU G 269 23.54 -32.96 -1.90
N ALA G 270 24.05 -34.13 -1.55
CA ALA G 270 23.19 -35.24 -1.17
C ALA G 270 22.53 -35.02 0.18
N ASN G 271 22.99 -34.04 0.96
CA ASN G 271 22.32 -33.67 2.20
C ASN G 271 20.89 -33.22 1.93
N VAL G 272 20.69 -32.39 0.92
CA VAL G 272 19.40 -31.78 0.65
C VAL G 272 18.63 -32.65 -0.32
N TYR G 273 17.36 -32.94 0.02
CA TYR G 273 16.48 -33.70 -0.85
C TYR G 273 15.98 -32.87 -2.03
N GLU G 274 16.26 -31.57 -2.04
CA GLU G 274 15.78 -30.74 -3.14
C GLU G 274 16.75 -30.76 -4.31
N TYR G 275 18.04 -30.92 -4.05
CA TYR G 275 19.07 -30.74 -5.06
C TYR G 275 19.86 -32.01 -5.37
N ARG G 276 19.49 -33.15 -4.82
CA ARG G 276 20.15 -34.38 -5.23
C ARG G 276 19.69 -34.74 -6.64
N GLY G 277 20.58 -35.33 -7.42
CA GLY G 277 20.34 -35.57 -8.81
C GLY G 277 20.75 -34.43 -9.72
N PHE G 278 20.97 -33.24 -9.15
CA PHE G 278 21.51 -32.14 -9.93
C PHE G 278 22.91 -32.45 -10.43
N LEU G 279 23.73 -33.07 -9.58
CA LEU G 279 25.10 -33.41 -9.92
C LEU G 279 25.24 -34.83 -10.45
N GLU G 280 24.25 -35.68 -10.25
CA GLU G 280 24.33 -37.08 -10.65
C GLU G 280 23.86 -37.32 -12.08
N THR G 281 23.26 -36.33 -12.73
CA THR G 281 22.81 -36.50 -14.11
C THR G 281 22.65 -35.13 -14.74
N GLY G 282 22.56 -35.12 -16.06
CA GLY G 282 22.28 -33.93 -16.84
C GLY G 282 23.30 -32.82 -16.65
N ASN G 283 22.84 -31.61 -16.90
CA ASN G 283 23.63 -30.39 -16.71
C ASN G 283 23.17 -29.71 -15.43
N LEU G 284 24.13 -29.18 -14.67
CA LEU G 284 23.79 -28.52 -13.41
C LEU G 284 22.93 -27.29 -13.65
N GLU G 285 23.23 -26.53 -14.70
CA GLU G 285 22.49 -25.30 -14.97
C GLU G 285 21.09 -25.58 -15.49
N ASP G 286 20.91 -26.68 -16.22
CA ASP G 286 19.56 -27.06 -16.63
C ASP G 286 18.68 -27.38 -15.43
N HIS G 287 19.25 -28.05 -14.43
CA HIS G 287 18.47 -28.36 -13.23
C HIS G 287 18.06 -27.10 -12.50
N PHE G 288 18.97 -26.13 -12.38
CA PHE G 288 18.63 -24.89 -11.70
C PHE G 288 17.61 -24.08 -12.49
N TYR G 289 17.74 -24.04 -13.82
CA TYR G 289 16.76 -23.34 -14.63
C TYR G 289 15.38 -23.98 -14.52
N GLN G 290 15.34 -25.32 -14.58
CA GLN G 290 14.07 -26.01 -14.45
C GLN G 290 13.45 -25.79 -13.07
N LEU G 291 14.27 -25.83 -12.02
CA LEU G 291 13.75 -25.60 -10.69
C LEU G 291 13.26 -24.19 -10.50
N GLU G 292 13.97 -23.20 -11.06
CA GLU G 292 13.52 -21.82 -10.97
C GLU G 292 12.19 -21.63 -11.68
N MET G 293 12.02 -22.24 -12.86
CA MET G 293 10.75 -22.14 -13.55
C MET G 293 9.64 -22.90 -12.84
N GLU G 294 9.96 -24.01 -12.19
CA GLU G 294 8.95 -24.71 -11.41
C GLU G 294 8.52 -23.88 -10.20
N LEU G 295 9.48 -23.27 -9.51
CA LEU G 295 9.15 -22.43 -8.36
C LEU G 295 8.37 -21.19 -8.77
N CYS G 296 8.76 -20.56 -9.89
CA CYS G 296 8.03 -19.40 -10.37
C CYS G 296 6.64 -19.77 -10.84
N ARG G 297 6.49 -20.94 -11.45
CA ARG G 297 5.16 -21.43 -11.82
C ARG G 297 4.30 -21.67 -10.59
N ASP G 298 4.88 -22.18 -9.50
CA ASP G 298 4.15 -22.37 -8.26
C ASP G 298 3.83 -21.05 -7.58
N ALA G 299 4.71 -20.06 -7.70
CA ALA G 299 4.42 -18.75 -7.11
C ALA G 299 3.24 -18.07 -7.76
N PHE G 300 2.92 -18.43 -9.00
CA PHE G 300 1.74 -17.92 -9.68
C PHE G 300 0.46 -18.59 -9.23
N THR G 301 0.54 -19.62 -8.40
CA THR G 301 -0.66 -20.20 -7.81
C THR G 301 -1.13 -19.43 -6.60
N GLN G 302 -0.35 -18.48 -6.11
CA GLN G 302 -0.75 -17.61 -5.01
C GLN G 302 -1.33 -16.32 -5.58
N GLN G 303 -2.53 -15.98 -5.15
CA GLN G 303 -3.30 -14.92 -5.78
C GLN G 303 -3.06 -13.55 -5.17
N PHE G 304 -2.80 -13.46 -3.87
CA PHE G 304 -2.63 -12.16 -3.25
C PHE G 304 -1.24 -12.00 -2.68
N ALA G 305 -0.24 -12.37 -3.49
CA ALA G 305 1.16 -12.34 -3.10
C ALA G 305 1.91 -11.40 -4.02
N ILE G 306 2.78 -10.57 -3.45
CA ILE G 306 3.64 -9.71 -4.27
C ILE G 306 4.84 -10.47 -4.82
N SER G 307 5.05 -11.71 -4.37
CA SER G 307 6.08 -12.55 -4.97
C SER G 307 5.80 -12.83 -6.43
N THR G 308 4.57 -12.58 -6.88
CA THR G 308 4.22 -12.69 -8.28
C THR G 308 5.08 -11.80 -9.15
N VAL G 309 5.47 -10.63 -8.66
CA VAL G 309 6.33 -9.75 -9.44
C VAL G 309 7.67 -10.40 -9.71
N TRP G 310 8.28 -10.98 -8.67
CA TRP G 310 9.56 -11.65 -8.82
C TRP G 310 9.42 -12.88 -9.72
N ALA G 311 8.35 -13.65 -9.52
CA ALA G 311 8.13 -14.84 -10.34
C ALA G 311 7.98 -14.47 -11.81
N TRP G 312 7.22 -13.41 -12.10
CA TRP G 312 7.05 -12.96 -13.47
C TRP G 312 8.36 -12.45 -14.05
N MET G 313 9.14 -11.74 -13.24
CA MET G 313 10.40 -11.21 -13.71
C MET G 313 11.35 -12.33 -14.12
N LYS G 314 11.47 -13.35 -13.26
CA LYS G 314 12.33 -14.48 -13.57
C LYS G 314 11.79 -15.30 -14.73
N SER G 315 10.47 -15.44 -14.82
CA SER G 315 9.89 -16.18 -15.94
C SER G 315 10.12 -15.48 -17.26
N LYS G 316 10.03 -14.14 -17.28
CA LYS G 316 10.34 -13.41 -18.51
C LYS G 316 11.82 -13.45 -18.84
N GLU G 317 12.69 -13.43 -17.83
CA GLU G 317 14.11 -13.59 -18.13
C GLU G 317 14.39 -14.94 -18.75
N GLN G 318 13.77 -16.00 -18.20
CA GLN G 318 13.90 -17.32 -18.79
C GLN G 318 13.27 -17.37 -20.19
N GLU G 319 12.17 -16.66 -20.38
CA GLU G 319 11.50 -16.64 -21.68
C GLU G 319 12.38 -15.99 -22.73
N VAL G 320 13.06 -14.90 -22.35
CA VAL G 320 13.96 -14.24 -23.27
C VAL G 320 15.15 -15.15 -23.57
N ARG G 321 15.62 -15.88 -22.56
CA ARG G 321 16.67 -16.88 -22.79
C ARG G 321 16.21 -17.94 -23.78
N ASN G 322 14.99 -18.44 -23.61
CA ASN G 322 14.46 -19.47 -24.49
C ASN G 322 14.32 -18.97 -25.92
N ILE G 323 13.78 -17.76 -26.07
CA ILE G 323 13.56 -17.20 -27.40
C ILE G 323 14.89 -16.91 -28.07
N THR G 324 15.87 -16.44 -27.29
CA THR G 324 17.19 -16.20 -27.85
C THR G 324 17.86 -17.50 -28.25
N TRP G 325 17.68 -18.56 -27.46
CA TRP G 325 18.21 -19.86 -27.85
C TRP G 325 17.56 -20.37 -29.12
N ILE G 326 16.25 -20.20 -29.24
CA ILE G 326 15.56 -20.63 -30.45
C ILE G 326 16.04 -19.81 -31.64
N ALA G 327 16.30 -18.53 -31.43
CA ALA G 327 16.85 -17.68 -32.48
C ALA G 327 18.25 -18.15 -32.86
N GLU G 328 19.03 -18.63 -31.90
CA GLU G 328 20.37 -19.14 -32.21
C GLU G 328 20.30 -20.46 -32.95
N CYS G 329 19.35 -21.31 -32.61
CA CYS G 329 19.13 -22.57 -33.31
C CYS G 329 18.33 -22.39 -34.59
N ILE G 330 17.94 -21.17 -34.92
CA ILE G 330 17.45 -20.85 -36.24
C ILE G 330 18.55 -20.24 -37.10
N ALA G 331 19.32 -19.31 -36.54
CA ALA G 331 20.38 -18.64 -37.31
C ALA G 331 21.51 -19.61 -37.62
N GLN G 332 21.98 -20.34 -36.63
CA GLN G 332 23.12 -21.23 -36.77
C GLN G 332 22.76 -22.61 -37.31
N ASN G 333 21.58 -22.75 -37.91
CA ASN G 333 20.97 -24.05 -38.12
C ASN G 333 20.89 -24.70 -36.75
N GLN G 334 21.48 -25.87 -36.54
CA GLN G 334 21.52 -26.50 -35.22
C GLN G 334 20.10 -26.72 -34.68
N ARG G 335 19.25 -27.34 -35.50
CA ARG G 335 17.87 -27.56 -35.11
C ARG G 335 17.69 -28.79 -34.23
N GLU G 336 18.76 -29.52 -33.91
CA GLU G 336 18.63 -30.62 -32.97
C GLU G 336 18.59 -30.12 -31.53
N ARG G 337 19.20 -28.98 -31.25
CA ARG G 337 19.24 -28.40 -29.92
C ARG G 337 18.16 -27.34 -29.72
N ILE G 338 17.26 -27.17 -30.68
CA ILE G 338 16.31 -26.07 -30.65
C ILE G 338 15.30 -26.25 -29.52
N ASN G 339 15.09 -27.48 -29.06
CA ASN G 339 14.11 -27.78 -28.03
C ASN G 339 14.71 -27.75 -26.63
N ASN G 340 15.98 -27.38 -26.50
CA ASN G 340 16.65 -27.35 -25.20
C ASN G 340 16.42 -26.01 -24.52
N TYR G 341 15.15 -25.75 -24.20
CA TYR G 341 14.75 -24.57 -23.45
C TYR G 341 13.81 -25.00 -22.33
N ILE G 342 13.80 -24.21 -21.26
CA ILE G 342 12.95 -24.49 -20.11
C ILE G 342 11.62 -23.79 -20.31
N SER G 343 10.53 -24.57 -20.31
CA SER G 343 9.19 -24.03 -20.41
C SER G 343 8.30 -24.73 -19.39
N VAL G 344 7.49 -23.95 -18.68
CA VAL G 344 6.60 -24.50 -17.65
C VAL G 344 5.19 -23.95 -17.82
N TYR G 345 5.04 -22.89 -18.61
CA TYR G 345 3.73 -22.30 -18.83
C TYR G 345 3.15 -22.76 -20.15
N SER H 2 -52.01 30.72 -1.56
CA SER H 2 -53.46 30.70 -1.47
C SER H 2 -53.98 29.29 -1.19
N SER H 3 -53.89 28.41 -2.18
CA SER H 3 -54.40 27.05 -2.04
C SER H 3 -53.76 26.19 -3.12
N PHE H 4 -54.15 24.91 -3.14
CA PHE H 4 -53.74 24.03 -4.23
C PHE H 4 -54.30 24.48 -5.57
N TYR H 5 -55.41 25.21 -5.55
CA TYR H 5 -56.00 25.71 -6.79
C TYR H 5 -55.12 26.76 -7.45
N THR H 6 -54.26 27.44 -6.69
CA THR H 6 -53.26 28.29 -7.31
C THR H 6 -52.30 27.48 -8.17
N VAL H 7 -51.85 26.34 -7.65
CA VAL H 7 -51.01 25.43 -8.42
C VAL H 7 -51.77 24.93 -9.64
N VAL H 8 -53.04 24.59 -9.47
CA VAL H 8 -53.83 24.08 -10.59
C VAL H 8 -53.99 25.14 -11.67
N GLY H 9 -54.24 26.39 -11.28
CA GLY H 9 -54.37 27.45 -12.26
C GLY H 9 -53.07 27.74 -12.98
N VAL H 10 -51.96 27.77 -12.25
CA VAL H 10 -50.67 27.97 -12.91
C VAL H 10 -50.37 26.81 -13.84
N PHE H 11 -50.75 25.59 -13.46
CA PHE H 11 -50.59 24.44 -14.34
C PHE H 11 -51.42 24.60 -15.60
N ILE H 12 -52.65 25.11 -15.46
CA ILE H 12 -53.49 25.34 -16.64
C ILE H 12 -52.83 26.34 -17.57
N VAL H 13 -52.29 27.43 -17.01
CA VAL H 13 -51.62 28.44 -17.83
C VAL H 13 -50.41 27.84 -18.53
N VAL H 14 -49.60 27.07 -17.79
CA VAL H 14 -48.37 26.52 -18.35
C VAL H 14 -48.69 25.48 -19.41
N SER H 15 -49.73 24.67 -19.20
CA SER H 15 -50.16 23.70 -20.20
C SER H 15 -50.66 24.40 -21.46
N ALA H 16 -51.42 25.49 -21.30
CA ALA H 16 -51.87 26.24 -22.46
C ALA H 16 -50.68 26.79 -23.25
N MET H 17 -49.69 27.34 -22.54
CA MET H 17 -48.49 27.83 -23.21
C MET H 17 -47.74 26.70 -23.91
N SER H 18 -47.65 25.54 -23.27
CA SER H 18 -46.95 24.41 -23.88
C SER H 18 -47.65 23.95 -25.14
N VAL H 19 -48.98 23.86 -25.11
CA VAL H 19 -49.71 23.43 -26.31
C VAL H 19 -49.57 24.47 -27.43
N LEU H 20 -49.71 25.75 -27.09
CA LEU H 20 -49.63 26.76 -28.14
C LEU H 20 -48.22 26.86 -28.71
N PHE H 21 -47.19 26.57 -27.90
CA PHE H 21 -45.83 26.56 -28.45
C PHE H 21 -45.59 25.32 -29.29
N TRP H 22 -46.12 24.17 -28.87
CA TRP H 22 -46.02 22.98 -29.70
C TRP H 22 -46.67 23.21 -31.06
N ILE H 23 -47.80 23.90 -31.08
CA ILE H 23 -48.44 24.23 -32.35
C ILE H 23 -47.63 25.26 -33.12
N MET H 24 -47.05 26.25 -32.42
CA MET H 24 -46.39 27.38 -33.05
C MET H 24 -44.87 27.25 -33.04
N ALA H 25 -44.33 26.06 -32.80
CA ALA H 25 -42.88 25.91 -32.78
C ALA H 25 -42.30 26.18 -34.17
N PRO H 26 -41.18 26.89 -34.26
CA PRO H 26 -40.56 27.14 -35.57
C PRO H 26 -40.20 25.82 -36.25
N LYS H 27 -40.33 25.81 -37.57
CA LYS H 27 -40.06 24.58 -38.33
C LYS H 27 -38.60 24.18 -38.25
N ASN H 28 -37.69 25.16 -38.33
CA ASN H 28 -36.28 24.86 -38.19
C ASN H 28 -35.99 24.45 -36.75
N ASN H 29 -35.37 23.28 -36.58
CA ASN H 29 -35.10 22.70 -35.27
C ASN H 29 -36.38 22.60 -34.45
N GLN H 30 -37.45 22.11 -35.09
CA GLN H 30 -38.76 22.07 -34.44
C GLN H 30 -38.74 21.14 -33.23
N ALA H 31 -38.11 19.97 -33.34
CA ALA H 31 -38.03 19.07 -32.20
C ALA H 31 -37.18 19.69 -31.09
N VAL H 32 -36.10 20.37 -31.45
CA VAL H 32 -35.28 21.03 -30.45
C VAL H 32 -36.09 22.11 -29.73
N TRP H 33 -36.78 22.95 -30.49
CA TRP H 33 -37.61 24.00 -29.89
C TRP H 33 -38.65 23.39 -28.97
N ARG H 34 -39.39 22.40 -29.47
CA ARG H 34 -40.48 21.81 -28.70
C ARG H 34 -39.97 21.17 -27.42
N SER H 35 -38.98 20.28 -27.53
CA SER H 35 -38.47 19.61 -26.35
C SER H 35 -37.90 20.60 -25.36
N THR H 36 -37.00 21.49 -25.82
CA THR H 36 -36.35 22.41 -24.90
C THR H 36 -37.36 23.30 -24.19
N VAL H 37 -38.25 23.96 -24.95
CA VAL H 37 -39.16 24.91 -24.33
C VAL H 37 -40.18 24.20 -23.44
N ILE H 38 -40.79 23.12 -23.94
CA ILE H 38 -41.86 22.47 -23.18
C ILE H 38 -41.30 21.77 -21.95
N LEU H 39 -40.15 21.13 -22.08
CA LEU H 39 -39.54 20.47 -20.94
C LEU H 39 -39.00 21.49 -19.93
N THR H 40 -38.50 22.62 -20.42
CA THR H 40 -38.09 23.71 -19.53
C THR H 40 -39.27 24.25 -18.76
N LEU H 41 -40.40 24.46 -19.44
CA LEU H 41 -41.61 24.91 -18.74
C LEU H 41 -42.06 23.88 -17.73
N ALA H 42 -42.01 22.60 -18.10
CA ALA H 42 -42.42 21.55 -17.17
C ALA H 42 -41.54 21.55 -15.92
N MET H 43 -40.22 21.63 -16.09
CA MET H 43 -39.33 21.59 -14.93
C MET H 43 -39.44 22.86 -14.09
N MET H 44 -39.51 24.02 -14.73
CA MET H 44 -39.66 25.27 -13.99
C MET H 44 -40.97 25.29 -13.20
N PHE H 45 -42.06 24.91 -13.85
CA PHE H 45 -43.35 24.88 -13.17
C PHE H 45 -43.36 23.83 -12.06
N LEU H 46 -42.77 22.66 -12.31
CA LEU H 46 -42.77 21.62 -11.30
C LEU H 46 -42.02 22.06 -10.06
N MET H 47 -40.87 22.70 -10.25
CA MET H 47 -40.09 23.11 -9.10
C MET H 47 -40.74 24.30 -8.39
N TRP H 48 -41.36 25.21 -9.15
CA TRP H 48 -42.15 26.27 -8.52
C TRP H 48 -43.31 25.70 -7.73
N ALA H 49 -44.00 24.71 -8.28
CA ALA H 49 -45.14 24.13 -7.60
C ALA H 49 -44.73 23.41 -6.33
N ILE H 50 -43.59 22.72 -6.37
CA ILE H 50 -43.08 22.07 -5.16
C ILE H 50 -42.75 23.12 -4.11
N THR H 51 -42.07 24.20 -4.50
CA THR H 51 -41.73 25.25 -3.55
C THR H 51 -42.98 25.94 -3.01
N PHE H 52 -44.00 26.08 -3.84
CA PHE H 52 -45.25 26.71 -3.42
C PHE H 52 -46.04 25.82 -2.49
N LEU H 53 -46.06 24.51 -2.75
CA LEU H 53 -46.83 23.58 -1.95
C LEU H 53 -46.18 23.32 -0.60
N CYS H 54 -44.85 23.29 -0.55
CA CYS H 54 -44.18 23.09 0.73
C CYS H 54 -44.49 24.22 1.70
N GLN H 55 -44.81 25.41 1.17
CA GLN H 55 -45.12 26.57 1.99
C GLN H 55 -46.62 26.81 2.13
N LEU H 56 -47.46 26.00 1.48
CA LEU H 56 -48.89 26.26 1.47
C LEU H 56 -49.50 26.05 2.84
N HIS H 57 -49.25 24.90 3.45
CA HIS H 57 -49.76 24.56 4.78
C HIS H 57 -48.59 24.05 5.61
N PRO H 58 -47.65 24.93 5.94
CA PRO H 58 -46.42 24.47 6.58
C PRO H 58 -46.68 23.94 7.97
N LEU H 59 -45.88 22.94 8.36
CA LEU H 59 -45.97 22.36 9.69
C LEU H 59 -44.98 22.98 10.66
N VAL H 60 -44.00 23.74 10.16
CA VAL H 60 -43.00 24.40 10.98
C VAL H 60 -43.02 25.88 10.61
N ALA H 61 -43.07 26.73 11.63
CA ALA H 61 -43.05 28.17 11.43
C ALA H 61 -41.65 28.72 11.72
N PRO H 62 -41.27 29.83 11.09
CA PRO H 62 -39.98 30.43 11.39
C PRO H 62 -39.88 30.84 12.86
N ARG H 63 -38.71 30.60 13.44
CA ARG H 63 -38.45 30.88 14.84
C ARG H 63 -37.04 31.44 14.94
N ARG H 64 -36.89 32.55 15.64
CA ARG H 64 -35.57 33.14 15.79
C ARG H 64 -35.52 33.96 17.07
N SER H 65 -34.31 34.16 17.58
CA SER H 65 -34.07 34.90 18.81
C SER H 65 -33.15 36.10 18.59
N ASP H 66 -32.99 36.53 17.33
CA ASP H 66 -32.05 37.59 17.01
C ASP H 66 -32.67 38.70 16.17
N LEU H 67 -34.00 38.77 16.08
CA LEU H 67 -34.65 39.81 15.31
C LEU H 67 -34.95 41.01 16.22
N ARG H 68 -34.47 42.19 15.82
CA ARG H 68 -34.69 43.36 16.65
C ARG H 68 -36.17 43.74 16.66
N PRO H 69 -36.69 44.19 17.80
CA PRO H 69 -38.13 44.52 17.89
C PRO H 69 -38.58 45.60 16.93
N GLU H 70 -37.70 46.54 16.56
CA GLU H 70 -38.13 47.65 15.71
C GLU H 70 -38.57 47.16 14.33
N PHE H 71 -37.87 46.17 13.78
CA PHE H 71 -38.24 45.60 12.49
C PHE H 71 -39.50 44.74 12.61
N THR I 7 -0.46 41.54 -19.45
CA THR I 7 -0.59 40.25 -18.80
C THR I 7 -2.03 40.05 -18.32
N GLY I 8 -2.34 38.81 -17.93
CA GLY I 8 -3.68 38.49 -17.45
C GLY I 8 -3.98 39.00 -16.06
N LYS I 9 -2.96 39.46 -15.34
CA LYS I 9 -3.19 40.03 -14.00
C LYS I 9 -4.10 41.25 -14.08
N ALA I 10 -3.87 42.12 -15.07
CA ALA I 10 -4.71 43.30 -15.21
C ALA I 10 -6.14 42.93 -15.52
N TRP I 11 -6.36 41.96 -16.41
CA TRP I 11 -7.73 41.56 -16.74
C TRP I 11 -8.42 40.90 -15.56
N CYS I 12 -7.71 40.06 -14.81
CA CYS I 12 -8.30 39.45 -13.64
C CYS I 12 -8.68 40.49 -12.59
N CYS I 13 -7.80 41.45 -12.36
CA CYS I 13 -8.12 42.51 -11.41
C CYS I 13 -9.28 43.36 -11.92
N THR I 14 -9.36 43.57 -13.23
CA THR I 14 -10.49 44.32 -13.79
C THR I 14 -11.80 43.60 -13.55
N VAL I 15 -11.83 42.29 -13.78
CA VAL I 15 -13.05 41.52 -13.55
C VAL I 15 -13.43 41.55 -12.08
N LEU I 16 -12.46 41.31 -11.20
CA LEU I 16 -12.74 41.30 -9.77
C LEU I 16 -13.20 42.67 -9.29
N SER I 17 -12.62 43.75 -9.84
CA SER I 17 -12.98 45.09 -9.40
C SER I 17 -14.35 45.51 -9.94
N ALA I 18 -14.71 45.09 -11.15
CA ALA I 18 -16.06 45.36 -11.64
C ALA I 18 -17.08 44.63 -10.79
N PHE I 19 -16.82 43.37 -10.46
CA PHE I 19 -17.72 42.65 -9.58
C PHE I 19 -17.75 43.29 -8.20
N GLY I 20 -16.62 43.83 -7.75
CA GLY I 20 -16.58 44.53 -6.48
C GLY I 20 -17.44 45.77 -6.49
N VAL I 21 -17.33 46.56 -7.56
CA VAL I 21 -18.16 47.76 -7.68
C VAL I 21 -19.63 47.38 -7.62
N VAL I 22 -20.03 46.40 -8.43
CA VAL I 22 -21.45 46.04 -8.50
C VAL I 22 -21.94 45.52 -7.16
N ILE I 23 -21.22 44.54 -6.59
CA ILE I 23 -21.71 43.87 -5.39
C ILE I 23 -21.64 44.78 -4.19
N LEU I 24 -20.56 45.55 -4.04
CA LEU I 24 -20.44 46.44 -2.90
C LEU I 24 -21.37 47.63 -3.02
N SER I 25 -21.68 48.09 -4.24
CA SER I 25 -22.71 49.12 -4.39
C SER I 25 -24.07 48.58 -3.96
N VAL I 26 -24.41 47.35 -4.37
CA VAL I 26 -25.67 46.77 -3.95
C VAL I 26 -25.71 46.60 -2.44
N ILE I 27 -24.61 46.14 -1.85
CA ILE I 27 -24.55 45.92 -0.40
C ILE I 27 -24.66 47.25 0.34
N ALA I 28 -23.96 48.28 -0.13
CA ALA I 28 -24.04 49.59 0.52
C ALA I 28 -25.45 50.16 0.41
N HIS I 29 -26.11 49.99 -0.73
CA HIS I 29 -27.48 50.46 -0.84
C HIS I 29 -28.39 49.71 0.10
N LEU I 30 -28.23 48.39 0.21
CA LEU I 30 -29.08 47.61 1.10
C LEU I 30 -28.85 47.98 2.56
N PHE I 31 -27.60 48.25 2.91
CA PHE I 31 -27.29 48.72 4.27
C PHE I 31 -27.90 50.09 4.52
N ASN I 32 -27.82 50.99 3.54
CA ASN I 32 -28.37 52.33 3.71
C ASN I 32 -29.89 52.29 3.85
N THR I 33 -30.56 51.44 3.08
CA THR I 33 -32.00 51.31 3.20
C THR I 33 -32.43 50.43 4.36
N ASN I 34 -31.47 49.97 5.18
CA ASN I 34 -31.75 49.15 6.35
C ASN I 34 -32.53 47.89 5.97
N HIS I 35 -31.98 47.14 5.02
CA HIS I 35 -32.63 45.95 4.52
C HIS I 35 -32.70 44.86 5.58
N GLU I 36 -33.74 44.03 5.49
CA GLU I 36 -33.94 42.96 6.46
C GLU I 36 -32.78 41.99 6.47
N SER I 37 -32.30 41.59 5.29
CA SER I 37 -31.29 40.55 5.19
C SER I 37 -29.91 41.00 5.66
N PHE I 38 -29.72 42.29 5.94
CA PHE I 38 -28.40 42.81 6.26
C PHE I 38 -28.31 43.48 7.63
N VAL I 39 -29.37 44.11 8.11
CA VAL I 39 -29.33 44.76 9.43
C VAL I 39 -30.47 44.25 10.30
N GLY I 40 -31.18 43.23 9.83
CA GLY I 40 -32.30 42.72 10.60
C GLY I 40 -31.88 42.05 11.89
N SER I 41 -30.79 41.30 11.86
CA SER I 41 -30.39 40.50 13.00
C SER I 41 -29.68 41.35 14.05
N ILE I 42 -29.71 40.85 15.28
CA ILE I 42 -29.00 41.51 16.37
C ILE I 42 -27.50 41.46 16.12
N ASN I 43 -27.00 40.32 15.63
CA ASN I 43 -25.58 40.18 15.30
C ASN I 43 -25.16 41.09 14.16
N ASP I 44 -26.08 41.44 13.26
CA ASP I 44 -25.77 42.32 12.16
C ASP I 44 -25.42 43.71 12.68
N PRO I 45 -24.64 44.48 11.92
CA PRO I 45 -24.20 45.79 12.42
C PRO I 45 -25.38 46.68 12.76
N GLU I 46 -25.26 47.38 13.89
CA GLU I 46 -26.28 48.33 14.33
C GLU I 46 -26.19 49.64 13.56
N ASP I 47 -25.05 49.92 12.92
CA ASP I 47 -24.82 51.22 12.34
C ASP I 47 -25.78 51.52 11.20
N GLY I 48 -25.94 50.58 10.26
CA GLY I 48 -26.81 50.77 9.14
C GLY I 48 -26.21 51.63 8.05
N PRO I 49 -26.69 52.89 7.95
CA PRO I 49 -26.08 53.82 6.98
C PRO I 49 -24.61 54.07 7.23
N ALA I 50 -24.14 53.94 8.47
CA ALA I 50 -22.71 54.09 8.72
C ALA I 50 -21.91 52.96 8.09
N VAL I 51 -22.46 51.73 8.10
CA VAL I 51 -21.84 50.64 7.35
C VAL I 51 -21.97 50.91 5.86
N ALA I 52 -23.09 51.49 5.44
CA ALA I 52 -23.30 51.79 4.03
C ALA I 52 -22.24 52.74 3.51
N HIS I 53 -21.86 53.73 4.33
CA HIS I 53 -20.81 54.67 3.92
C HIS I 53 -19.48 53.96 3.71
N THR I 54 -19.12 53.06 4.63
CA THR I 54 -17.87 52.32 4.51
C THR I 54 -17.88 51.43 3.28
N VAL I 55 -18.99 50.76 3.02
CA VAL I 55 -19.08 49.89 1.85
C VAL I 55 -19.08 50.71 0.57
N TYR I 56 -19.66 51.91 0.60
CA TYR I 56 -19.57 52.81 -0.54
C TYR I 56 -18.12 53.21 -0.80
N LEU I 57 -17.37 53.50 0.26
CA LEU I 57 -15.97 53.84 0.10
C LEU I 57 -15.18 52.66 -0.47
N ALA I 58 -15.49 51.44 -0.03
CA ALA I 58 -14.84 50.26 -0.57
C ALA I 58 -15.20 50.07 -2.04
N ALA I 59 -16.46 50.30 -2.39
CA ALA I 59 -16.88 50.20 -3.79
C ALA I 59 -16.17 51.24 -4.64
N LEU I 60 -15.95 52.44 -4.08
CA LEU I 60 -15.22 53.47 -4.80
C LEU I 60 -13.75 53.07 -4.99
N VAL I 61 -13.16 52.44 -3.97
CA VAL I 61 -11.80 51.93 -4.12
C VAL I 61 -11.73 50.90 -5.23
N TYR I 62 -12.72 49.99 -5.26
CA TYR I 62 -12.75 48.99 -6.32
C TYR I 62 -13.01 49.63 -7.68
N LEU I 63 -13.75 50.75 -7.70
CA LEU I 63 -13.94 51.49 -8.94
C LEU I 63 -12.64 52.10 -9.44
N VAL I 64 -11.85 52.65 -8.52
CA VAL I 64 -10.54 53.19 -8.89
C VAL I 64 -9.66 52.07 -9.45
N PHE I 65 -9.65 50.92 -8.78
CA PHE I 65 -8.91 49.77 -9.29
C PHE I 65 -9.42 49.34 -10.66
N PHE I 66 -10.73 49.30 -10.83
CA PHE I 66 -11.34 48.90 -12.09
C PHE I 66 -10.94 49.86 -13.21
N VAL I 67 -11.01 51.15 -12.96
CA VAL I 67 -10.64 52.13 -13.98
C VAL I 67 -9.17 52.00 -14.34
N PHE I 68 -8.30 51.89 -13.33
CA PHE I 68 -6.87 51.79 -13.59
C PHE I 68 -6.55 50.54 -14.41
N CYS I 69 -7.08 49.38 -13.99
CA CYS I 69 -6.74 48.14 -14.68
C CYS I 69 -7.39 48.07 -16.06
N GLY I 70 -8.60 48.64 -16.21
CA GLY I 70 -9.23 48.67 -17.52
C GLY I 70 -8.50 49.57 -18.50
N PHE I 71 -7.97 50.70 -18.01
CA PHE I 71 -7.11 51.51 -18.85
C PHE I 71 -5.82 50.77 -19.20
N GLN I 72 -5.23 50.07 -18.22
CA GLN I 72 -3.97 49.38 -18.46
C GLN I 72 -4.13 48.26 -19.48
N VAL I 73 -5.21 47.48 -19.36
CA VAL I 73 -5.38 46.33 -20.26
C VAL I 73 -5.63 46.81 -21.69
N TYR I 74 -6.40 47.89 -21.85
CA TYR I 74 -6.58 48.46 -23.17
C TYR I 74 -5.28 49.01 -23.72
N LEU I 75 -4.50 49.68 -22.87
CA LEU I 75 -3.21 50.21 -23.30
C LEU I 75 -2.23 49.09 -23.67
N ALA I 76 -2.21 48.03 -22.86
CA ALA I 76 -1.29 46.92 -23.10
C ALA I 76 -1.82 45.98 -24.18
N THR J 2 -34.34 14.15 34.26
CA THR J 2 -35.46 13.21 34.41
C THR J 2 -35.03 11.82 33.98
N GLU J 3 -35.95 10.86 34.04
CA GLU J 3 -35.64 9.51 33.56
C GLU J 3 -35.52 9.49 32.04
N LEU J 4 -36.51 10.06 31.34
CA LEU J 4 -36.49 10.01 29.89
C LEU J 4 -35.58 11.07 29.28
N CYS J 5 -35.32 12.17 29.99
CA CYS J 5 -34.44 13.23 29.52
C CYS J 5 -33.36 13.50 30.55
N PRO J 6 -32.36 12.63 30.64
CA PRO J 6 -31.20 12.91 31.49
C PRO J 6 -30.32 13.98 30.86
N VAL J 7 -29.45 14.56 31.69
CA VAL J 7 -28.63 15.69 31.24
C VAL J 7 -27.62 15.28 30.17
N TYR J 8 -27.19 14.03 30.17
CA TYR J 8 -26.20 13.54 29.23
C TYR J 8 -26.81 13.07 27.93
N ALA J 9 -28.14 13.10 27.80
CA ALA J 9 -28.76 12.72 26.54
C ALA J 9 -28.25 13.51 25.34
N PRO J 10 -28.04 14.83 25.42
CA PRO J 10 -27.46 15.54 24.27
C PRO J 10 -26.06 15.09 23.88
N PHE J 11 -25.35 14.39 24.76
CA PHE J 11 -24.01 13.92 24.39
C PHE J 11 -24.06 12.99 23.18
N PHE J 12 -25.03 12.08 23.16
CA PHE J 12 -25.12 11.14 22.06
C PHE J 12 -25.51 11.83 20.77
N GLY J 13 -26.37 12.84 20.86
CA GLY J 13 -26.70 13.61 19.67
C GLY J 13 -25.53 14.43 19.14
N ALA J 14 -24.81 15.10 20.04
CA ALA J 14 -23.67 15.90 19.62
C ALA J 14 -22.56 15.03 19.06
N ILE J 15 -22.31 13.89 19.68
CA ILE J 15 -21.26 13.01 19.21
C ILE J 15 -21.70 12.26 17.96
N GLY J 16 -23.01 12.06 17.77
CA GLY J 16 -23.49 11.54 16.50
C GLY J 16 -23.33 12.53 15.37
N CYS J 17 -23.59 13.80 15.63
CA CYS J 17 -23.32 14.84 14.64
C CYS J 17 -21.83 14.88 14.28
N ALA J 18 -20.98 14.88 15.30
CA ALA J 18 -19.55 14.86 15.07
C ALA J 18 -19.14 13.62 14.28
N SER J 19 -19.68 12.45 14.62
CA SER J 19 -19.35 11.22 13.90
C SER J 19 -19.79 11.31 12.45
N ALA J 20 -20.99 11.83 12.22
CA ALA J 20 -21.51 11.92 10.86
C ALA J 20 -20.58 12.76 10.00
N ILE J 21 -20.12 13.89 10.52
CA ILE J 21 -19.22 14.69 9.70
C ILE J 21 -17.82 14.07 9.64
N ILE J 22 -17.34 13.52 10.75
CA ILE J 22 -15.94 13.16 10.87
C ILE J 22 -15.63 11.90 10.08
N PHE J 23 -16.45 10.86 10.22
CA PHE J 23 -16.17 9.61 9.54
C PHE J 23 -16.37 9.74 8.04
N THR J 24 -17.38 10.50 7.62
CA THR J 24 -17.57 10.76 6.20
C THR J 24 -16.45 11.63 5.63
N SER J 25 -15.96 12.60 6.42
CA SER J 25 -14.82 13.39 5.95
C SER J 25 -13.56 12.56 5.88
N LEU J 26 -13.38 11.61 6.79
CA LEU J 26 -12.21 10.74 6.72
C LEU J 26 -12.29 9.82 5.51
N GLY J 27 -13.48 9.27 5.23
CA GLY J 27 -13.65 8.47 4.04
C GLY J 27 -13.42 9.28 2.78
N ALA J 28 -13.98 10.49 2.72
CA ALA J 28 -13.80 11.36 1.58
C ALA J 28 -12.37 11.81 1.42
N ALA J 29 -11.65 11.98 2.53
CA ALA J 29 -10.25 12.39 2.45
C ALA J 29 -9.37 11.25 1.98
N TYR J 30 -9.64 10.03 2.44
CA TYR J 30 -8.94 8.87 1.92
C TYR J 30 -9.21 8.71 0.43
N GLY J 31 -10.48 8.86 0.02
CA GLY J 31 -10.81 8.77 -1.39
C GLY J 31 -10.12 9.83 -2.21
N THR J 32 -10.17 11.08 -1.73
CA THR J 32 -9.52 12.17 -2.44
C THR J 32 -8.02 11.97 -2.53
N ALA J 33 -7.39 11.55 -1.44
CA ALA J 33 -5.93 11.39 -1.44
C ALA J 33 -5.51 10.25 -2.36
N LYS J 34 -6.15 9.09 -2.24
CA LYS J 34 -5.76 7.94 -3.05
C LYS J 34 -6.05 8.18 -4.53
N SER J 35 -7.27 8.63 -4.83
CA SER J 35 -7.60 8.94 -6.22
C SER J 35 -6.72 10.05 -6.76
N GLY J 36 -6.40 11.04 -5.95
CA GLY J 36 -5.59 12.15 -6.42
C GLY J 36 -4.15 11.76 -6.69
N VAL J 37 -3.59 10.88 -5.86
CA VAL J 37 -2.27 10.33 -6.17
C VAL J 37 -2.32 9.55 -7.47
N GLY J 38 -3.36 8.74 -7.65
CA GLY J 38 -3.53 8.04 -8.90
C GLY J 38 -3.62 8.99 -10.08
N ILE J 39 -4.36 10.09 -9.92
CA ILE J 39 -4.53 11.07 -10.98
C ILE J 39 -3.21 11.75 -11.30
N CYS J 40 -2.46 12.15 -10.27
CA CYS J 40 -1.17 12.78 -10.51
C CYS J 40 -0.20 11.84 -11.19
N ALA J 41 -0.20 10.56 -10.79
CA ALA J 41 0.66 9.58 -11.44
C ALA J 41 0.26 9.36 -12.89
N THR J 42 -1.05 9.29 -13.14
CA THR J 42 -1.55 9.07 -14.50
C THR J 42 -1.27 10.24 -15.41
N CYS J 43 -1.46 11.45 -14.92
CA CYS J 43 -1.46 12.65 -15.75
C CYS J 43 -0.09 13.24 -15.95
N VAL J 44 0.97 12.62 -15.42
CA VAL J 44 2.32 13.01 -15.82
C VAL J 44 2.54 12.68 -17.28
N LEU J 45 2.16 11.48 -17.70
CA LEU J 45 2.33 11.05 -19.08
C LEU J 45 1.08 11.20 -19.92
N ARG J 46 -0.09 11.31 -19.31
CA ARG J 46 -1.36 11.47 -20.02
C ARG J 46 -2.14 12.63 -19.42
N PRO J 47 -1.65 13.86 -19.60
CA PRO J 47 -2.39 15.01 -19.05
C PRO J 47 -3.74 15.23 -19.72
N ASP J 48 -3.97 14.67 -20.91
CA ASP J 48 -5.25 14.82 -21.58
C ASP J 48 -6.37 14.12 -20.83
N LEU J 49 -6.04 13.18 -19.95
CA LEU J 49 -7.04 12.48 -19.16
C LEU J 49 -7.25 13.10 -17.78
N LEU J 50 -6.70 14.29 -17.55
CA LEU J 50 -6.76 14.90 -16.23
C LEU J 50 -8.19 15.11 -15.76
N PHE J 51 -8.94 15.96 -16.47
CA PHE J 51 -10.29 16.28 -16.06
C PHE J 51 -11.25 15.11 -16.24
N LYS J 52 -10.87 14.12 -17.04
CA LYS J 52 -11.65 12.90 -17.13
C LYS J 52 -11.42 12.02 -15.90
N ASN J 53 -10.25 12.11 -15.29
CA ASN J 53 -9.88 11.32 -14.13
C ASN J 53 -10.31 11.94 -12.81
N ILE J 54 -10.87 13.15 -12.83
CA ILE J 54 -11.28 13.80 -11.59
C ILE J 54 -12.51 13.15 -10.98
N VAL J 55 -13.18 12.27 -11.72
CA VAL J 55 -14.45 11.70 -11.26
C VAL J 55 -14.35 11.05 -9.89
N PRO J 56 -13.36 10.20 -9.59
CA PRO J 56 -13.30 9.62 -8.25
C PRO J 56 -13.17 10.64 -7.14
N VAL J 57 -12.52 11.77 -7.38
CA VAL J 57 -12.39 12.80 -6.35
C VAL J 57 -13.75 13.42 -6.04
N ILE J 58 -14.56 13.65 -7.07
CA ILE J 58 -15.90 14.21 -6.87
C ILE J 58 -16.81 13.19 -6.18
N MET J 59 -16.72 11.92 -6.58
CA MET J 59 -17.50 10.90 -5.89
C MET J 59 -16.99 10.64 -4.48
N ALA J 60 -15.76 11.03 -4.16
CA ALA J 60 -15.36 11.03 -2.76
C ALA J 60 -15.96 12.22 -2.02
N GLY J 61 -16.01 13.37 -2.68
CA GLY J 61 -16.60 14.53 -2.04
C GLY J 61 -18.06 14.36 -1.68
N ILE J 62 -18.79 13.59 -2.49
CA ILE J 62 -20.22 13.38 -2.18
C ILE J 62 -20.39 12.62 -0.87
N ILE J 63 -19.38 11.84 -0.47
CA ILE J 63 -19.43 11.13 0.81
C ILE J 63 -19.43 12.13 1.97
N ALA J 64 -18.51 13.09 1.93
CA ALA J 64 -18.49 14.14 2.94
C ALA J 64 -19.74 14.99 2.89
N ILE J 65 -20.32 15.16 1.70
CA ILE J 65 -21.57 15.91 1.59
C ILE J 65 -22.71 15.16 2.30
N TYR J 66 -22.75 13.83 2.16
CA TYR J 66 -23.75 13.04 2.88
C TYR J 66 -23.56 13.18 4.39
N GLY J 67 -22.32 13.11 4.85
CA GLY J 67 -22.05 13.32 6.26
C GLY J 67 -22.49 14.70 6.73
N LEU J 68 -22.26 15.71 5.90
CA LEU J 68 -22.70 17.07 6.23
C LEU J 68 -24.22 17.14 6.34
N VAL J 69 -24.93 16.47 5.43
CA VAL J 69 -26.38 16.46 5.47
C VAL J 69 -26.87 15.88 6.79
N VAL J 70 -26.31 14.73 7.18
CA VAL J 70 -26.77 14.10 8.42
C VAL J 70 -26.37 14.94 9.63
N SER J 71 -25.20 15.57 9.58
CA SER J 71 -24.79 16.42 10.70
C SER J 71 -25.72 17.61 10.85
N VAL J 72 -26.13 18.22 9.74
CA VAL J 72 -27.08 19.31 9.78
C VAL J 72 -28.40 18.85 10.38
N LEU J 73 -28.90 17.68 9.95
CA LEU J 73 -30.16 17.19 10.47
C LEU J 73 -30.10 16.95 11.98
N VAL J 74 -29.11 16.17 12.42
CA VAL J 74 -29.07 15.82 13.84
C VAL J 74 -28.66 17.01 14.68
N CYS J 75 -28.00 18.01 14.09
CA CYS J 75 -27.72 19.22 14.83
C CYS J 75 -28.98 20.03 15.06
N TYR J 76 -29.82 20.16 14.04
CA TYR J 76 -31.08 20.86 14.25
C TYR J 76 -32.08 20.06 15.08
N SER J 77 -31.86 18.76 15.28
CA SER J 77 -32.70 18.02 16.22
C SER J 77 -32.16 18.05 17.64
N LEU J 78 -31.00 18.66 17.89
CA LEU J 78 -30.39 18.67 19.21
C LEU J 78 -31.12 19.61 20.15
N GLY J 79 -31.02 19.32 21.44
CA GLY J 79 -31.63 20.15 22.45
C GLY J 79 -31.11 19.81 23.82
N GLN J 80 -31.15 20.80 24.71
CA GLN J 80 -30.62 20.61 26.06
C GLN J 80 -31.41 19.55 26.82
N LYS J 81 -32.73 19.54 26.66
CA LYS J 81 -33.61 18.66 27.41
C LYS J 81 -34.23 17.60 26.51
N GLN J 82 -33.44 17.05 25.59
CA GLN J 82 -33.97 16.02 24.70
C GLN J 82 -33.96 14.68 25.40
N ALA J 83 -34.78 13.77 24.89
CA ALA J 83 -34.90 12.44 25.45
C ALA J 83 -33.68 11.60 25.10
N LEU J 84 -33.41 10.61 25.95
CA LEU J 84 -32.38 9.63 25.63
C LEU J 84 -32.73 8.86 24.37
N TYR J 85 -34.02 8.64 24.12
CA TYR J 85 -34.48 8.10 22.86
C TYR J 85 -33.97 8.93 21.69
N THR J 86 -34.17 10.24 21.78
CA THR J 86 -33.77 11.14 20.71
C THR J 86 -32.26 11.17 20.54
N GLY J 87 -31.52 11.24 21.65
CA GLY J 87 -30.07 11.26 21.57
C GLY J 87 -29.49 10.00 20.96
N PHE J 88 -30.06 8.85 21.30
CA PHE J 88 -29.58 7.62 20.69
C PHE J 88 -30.02 7.48 19.25
N ILE J 89 -31.16 8.06 18.88
CA ILE J 89 -31.54 8.12 17.48
C ILE J 89 -30.52 8.92 16.68
N GLN J 90 -30.14 10.09 17.20
CA GLN J 90 -29.14 10.90 16.51
C GLN J 90 -27.77 10.25 16.49
N LEU J 91 -27.42 9.55 17.57
CA LEU J 91 -26.17 8.79 17.56
C LEU J 91 -26.21 7.70 16.51
N GLY J 92 -27.34 6.98 16.40
CA GLY J 92 -27.44 5.95 15.40
C GLY J 92 -27.39 6.48 13.98
N ALA J 93 -28.03 7.62 13.75
CA ALA J 93 -27.99 8.25 12.43
C ALA J 93 -26.56 8.65 12.08
N GLY J 94 -25.89 9.35 13.01
CA GLY J 94 -24.53 9.78 12.76
C GLY J 94 -23.59 8.61 12.55
N LEU J 95 -23.69 7.59 13.39
CA LEU J 95 -22.82 6.43 13.27
C LEU J 95 -23.08 5.68 11.97
N SER J 96 -24.34 5.48 11.60
CA SER J 96 -24.65 4.76 10.37
C SER J 96 -24.10 5.49 9.16
N VAL J 97 -24.40 6.78 9.03
CA VAL J 97 -23.91 7.50 7.86
C VAL J 97 -22.39 7.61 7.89
N GLY J 98 -21.82 7.83 9.07
CA GLY J 98 -20.38 8.03 9.14
C GLY J 98 -19.62 6.77 8.79
N LEU J 99 -20.06 5.63 9.31
CA LEU J 99 -19.37 4.38 9.02
C LEU J 99 -19.59 3.98 7.56
N SER J 100 -20.79 4.20 7.03
CA SER J 100 -21.04 3.93 5.62
C SER J 100 -20.20 4.83 4.72
N GLY J 101 -20.11 6.12 5.04
CA GLY J 101 -19.30 7.02 4.25
C GLY J 101 -17.82 6.73 4.36
N LEU J 102 -17.37 6.32 5.54
CA LEU J 102 -15.99 5.89 5.71
C LEU J 102 -15.66 4.72 4.78
N ALA J 103 -16.51 3.69 4.80
CA ALA J 103 -16.30 2.54 3.93
C ALA J 103 -16.37 2.93 2.45
N ALA J 104 -17.39 3.71 2.09
CA ALA J 104 -17.58 4.10 0.70
C ALA J 104 -16.43 4.95 0.20
N GLY J 105 -15.94 5.88 1.01
CA GLY J 105 -14.81 6.70 0.61
C GLY J 105 -13.53 5.90 0.48
N PHE J 106 -13.29 4.95 1.38
CA PHE J 106 -12.13 4.09 1.23
C PHE J 106 -12.20 3.29 -0.07
N ALA J 107 -13.37 2.71 -0.36
CA ALA J 107 -13.53 1.97 -1.60
C ALA J 107 -13.37 2.87 -2.82
N ILE J 108 -13.90 4.08 -2.75
CA ILE J 108 -13.77 5.03 -3.86
C ILE J 108 -12.31 5.36 -4.08
N GLY J 109 -11.55 5.58 -3.00
CA GLY J 109 -10.14 5.87 -3.16
C GLY J 109 -9.37 4.74 -3.80
N ILE J 110 -9.57 3.51 -3.30
CA ILE J 110 -8.82 2.37 -3.83
C ILE J 110 -9.22 2.11 -5.29
N VAL J 111 -10.53 2.06 -5.56
CA VAL J 111 -11.00 1.76 -6.90
C VAL J 111 -10.66 2.88 -7.87
N GLY J 112 -10.77 4.14 -7.44
CA GLY J 112 -10.44 5.24 -8.32
C GLY J 112 -8.97 5.32 -8.65
N ASP J 113 -8.10 5.08 -7.67
CA ASP J 113 -6.68 4.96 -7.94
C ASP J 113 -6.41 3.89 -8.99
N ALA J 114 -6.91 2.67 -8.73
CA ALA J 114 -6.68 1.57 -9.64
C ALA J 114 -7.22 1.90 -11.03
N GLY J 115 -8.37 2.55 -11.09
CA GLY J 115 -9.05 2.73 -12.35
C GLY J 115 -8.50 3.87 -13.18
N VAL J 116 -8.01 4.93 -12.53
CA VAL J 116 -7.34 5.97 -13.32
C VAL J 116 -6.04 5.41 -13.89
N ARG J 117 -5.34 4.56 -13.12
CA ARG J 117 -4.15 3.93 -13.69
C ARG J 117 -4.50 3.00 -14.85
N GLY J 118 -5.54 2.17 -14.67
CA GLY J 118 -5.92 1.25 -15.72
C GLY J 118 -6.42 1.96 -16.98
N SER J 119 -7.22 3.00 -16.81
CA SER J 119 -7.68 3.79 -17.94
C SER J 119 -6.54 4.52 -18.62
N SER J 120 -5.49 4.87 -17.88
CA SER J 120 -4.27 5.31 -18.53
C SER J 120 -3.74 4.23 -19.45
N GLN J 121 -3.77 2.97 -19.00
CA GLN J 121 -3.29 1.90 -19.85
C GLN J 121 -4.34 1.34 -20.79
N GLN J 122 -5.61 1.37 -20.41
CA GLN J 122 -6.67 0.76 -21.20
C GLN J 122 -7.89 1.67 -21.13
N PRO J 123 -8.16 2.45 -22.19
CA PRO J 123 -9.28 3.40 -22.13
C PRO J 123 -10.62 2.75 -21.91
N ARG J 124 -10.76 1.47 -22.28
CA ARG J 124 -12.01 0.75 -22.04
C ARG J 124 -12.28 0.54 -20.56
N LEU J 125 -11.25 0.69 -19.70
CA LEU J 125 -11.44 0.49 -18.28
C LEU J 125 -12.07 1.69 -17.59
N PHE J 126 -12.18 2.83 -18.27
CA PHE J 126 -12.75 4.01 -17.62
C PHE J 126 -14.22 3.79 -17.29
N VAL J 127 -14.97 3.19 -18.23
CA VAL J 127 -16.39 2.95 -17.99
C VAL J 127 -16.58 1.96 -16.85
N GLY J 128 -15.79 0.89 -16.81
CA GLY J 128 -15.86 -0.07 -15.73
C GLY J 128 -15.53 0.55 -14.40
N MET J 129 -14.52 1.43 -14.39
CA MET J 129 -14.14 2.13 -13.17
C MET J 129 -15.25 3.07 -12.71
N ILE J 130 -15.91 3.75 -13.64
CA ILE J 130 -17.05 4.60 -13.29
C ILE J 130 -18.16 3.76 -12.69
N LEU J 131 -18.42 2.59 -13.26
CA LEU J 131 -19.48 1.73 -12.76
C LEU J 131 -19.18 1.25 -11.34
N ILE J 132 -17.94 0.82 -11.11
CA ILE J 132 -17.57 0.37 -9.78
C ILE J 132 -17.64 1.51 -8.78
N LEU J 133 -17.28 2.72 -9.21
CA LEU J 133 -17.36 3.87 -8.30
C LEU J 133 -18.81 4.22 -7.98
N ILE J 134 -19.71 4.06 -8.95
CA ILE J 134 -21.13 4.27 -8.69
C ILE J 134 -21.63 3.28 -7.64
N PHE J 135 -21.23 2.02 -7.79
CA PHE J 135 -21.56 1.01 -6.78
C PHE J 135 -20.99 1.38 -5.42
N ALA J 136 -19.77 1.90 -5.39
CA ALA J 136 -19.15 2.30 -4.13
C ALA J 136 -19.82 3.51 -3.49
N GLU J 137 -20.36 4.42 -4.29
CA GLU J 137 -21.02 5.63 -3.83
C GLU J 137 -22.42 5.36 -3.29
N VAL J 138 -23.15 4.40 -3.87
CA VAL J 138 -24.47 4.12 -3.34
C VAL J 138 -24.39 3.54 -1.92
N LEU J 139 -23.22 3.11 -1.48
CA LEU J 139 -23.07 2.63 -0.11
C LEU J 139 -23.14 3.77 0.90
N GLY J 140 -22.43 4.86 0.63
CA GLY J 140 -22.62 6.06 1.42
C GLY J 140 -24.06 6.55 1.31
N LEU J 141 -24.67 6.37 0.14
CA LEU J 141 -26.08 6.71 0.02
C LEU J 141 -26.96 5.88 0.94
N TYR J 142 -26.67 4.58 1.07
CA TYR J 142 -27.45 3.71 1.96
C TYR J 142 -27.31 4.15 3.41
N GLY J 143 -26.08 4.45 3.82
CA GLY J 143 -25.89 4.99 5.16
C GLY J 143 -26.68 6.27 5.39
N LEU J 144 -26.69 7.14 4.38
CA LEU J 144 -27.50 8.35 4.44
C LEU J 144 -28.98 8.03 4.59
N ILE J 145 -29.46 7.03 3.84
CA ILE J 145 -30.88 6.67 3.89
C ILE J 145 -31.27 6.19 5.27
N VAL J 146 -30.44 5.34 5.88
CA VAL J 146 -30.72 4.88 7.23
C VAL J 146 -30.71 6.03 8.21
N ALA J 147 -29.75 6.94 8.05
CA ALA J 147 -29.72 8.14 8.88
C ALA J 147 -30.98 8.96 8.72
N LEU J 148 -31.48 9.06 7.49
CA LEU J 148 -32.72 9.81 7.25
C LEU J 148 -33.91 9.16 7.92
N LEU J 149 -34.00 7.83 7.86
CA LEU J 149 -35.07 7.12 8.56
C LEU J 149 -35.03 7.39 10.06
N LEU J 150 -33.84 7.25 10.65
CA LEU J 150 -33.70 7.47 12.08
C LEU J 150 -34.04 8.91 12.45
N ASN J 151 -33.52 9.87 11.70
CA ASN J 151 -33.80 11.27 11.95
C ASN J 151 -35.27 11.61 11.81
N SER J 152 -35.96 11.02 10.82
CA SER J 152 -37.39 11.23 10.70
C SER J 152 -38.11 10.72 11.92
N ARG J 153 -37.68 9.57 12.44
CA ARG J 153 -38.31 8.99 13.60
C ARG J 153 -37.91 9.67 14.91
N ALA J 154 -36.88 10.53 14.87
CA ALA J 154 -36.39 11.18 16.07
C ALA J 154 -37.43 12.04 16.78
N THR J 155 -38.38 12.63 16.05
CA THR J 155 -39.32 13.58 16.62
C THR J 155 -40.60 12.93 17.14
N GLN J 156 -40.71 11.61 17.03
CA GLN J 156 -41.92 10.88 17.39
C GLN J 156 -42.16 10.88 18.90
N ASP J 157 -43.32 11.42 19.32
CA ASP J 157 -43.89 11.20 20.65
C ASP J 157 -42.92 11.47 21.79
N VAL J 158 -41.88 12.27 21.57
CA VAL J 158 -40.86 12.50 22.60
C VAL J 158 -41.36 13.56 23.57
N VAL J 159 -41.40 13.23 24.85
CA VAL J 159 -41.87 14.13 25.88
C VAL J 159 -40.91 14.14 27.06
N THR K 2 -25.64 22.87 39.52
CA THR K 2 -27.00 22.37 39.32
C THR K 2 -26.99 21.06 38.54
N GLU K 3 -28.17 20.48 38.36
CA GLU K 3 -28.27 19.24 37.61
C GLU K 3 -27.97 19.44 36.13
N LEU K 4 -28.55 20.48 35.53
CA LEU K 4 -28.32 20.77 34.12
C LEU K 4 -26.98 21.42 33.87
N CYS K 5 -26.41 22.08 34.88
CA CYS K 5 -25.13 22.77 34.77
C CYS K 5 -24.19 22.25 35.86
N PRO K 6 -23.67 21.04 35.70
CA PRO K 6 -22.73 20.52 36.68
C PRO K 6 -21.39 21.23 36.61
N VAL K 7 -20.57 21.01 37.63
CA VAL K 7 -19.28 21.69 37.72
C VAL K 7 -18.33 21.21 36.62
N TYR K 8 -18.51 19.97 36.16
CA TYR K 8 -17.65 19.41 35.14
C TYR K 8 -18.11 19.73 33.72
N ALA K 9 -19.23 20.43 33.58
CA ALA K 9 -19.71 20.79 32.24
C ALA K 9 -18.68 21.58 31.43
N PRO K 10 -17.95 22.56 31.97
CA PRO K 10 -16.90 23.21 31.19
C PRO K 10 -15.74 22.32 30.80
N PHE K 11 -15.60 21.12 31.38
CA PHE K 11 -14.52 20.23 30.96
C PHE K 11 -14.68 19.87 29.50
N PHE K 12 -15.89 19.49 29.08
CA PHE K 12 -16.11 19.11 27.69
C PHE K 12 -15.96 20.31 26.77
N GLY K 13 -16.34 21.49 27.23
CA GLY K 13 -16.12 22.68 26.43
C GLY K 13 -14.65 23.02 26.24
N ALA K 14 -13.86 22.92 27.31
CA ALA K 14 -12.44 23.17 27.21
C ALA K 14 -11.76 22.11 26.34
N ILE K 15 -12.19 20.86 26.46
CA ILE K 15 -11.65 19.80 25.61
C ILE K 15 -12.03 20.06 24.15
N GLY K 16 -13.25 20.51 23.88
CA GLY K 16 -13.63 20.83 22.52
C GLY K 16 -12.85 22.00 21.95
N CYS K 17 -12.65 23.04 22.76
CA CYS K 17 -11.87 24.20 22.33
C CYS K 17 -10.43 23.81 22.04
N ALA K 18 -9.84 22.97 22.91
CA ALA K 18 -8.51 22.46 22.64
C ALA K 18 -8.50 21.58 21.38
N SER K 19 -9.51 20.71 21.24
CA SER K 19 -9.54 19.75 20.15
C SER K 19 -9.61 20.42 18.80
N ALA K 20 -10.40 21.49 18.70
CA ALA K 20 -10.51 22.21 17.43
C ALA K 20 -9.12 22.56 16.89
N ILE K 21 -8.37 23.35 17.67
CA ILE K 21 -7.08 23.82 17.21
C ILE K 21 -6.08 22.67 17.17
N ILE K 22 -6.16 21.73 18.10
CA ILE K 22 -5.16 20.65 18.15
C ILE K 22 -5.24 19.80 16.90
N PHE K 23 -6.44 19.35 16.55
CA PHE K 23 -6.54 18.45 15.41
C PHE K 23 -6.48 19.17 14.09
N THR K 24 -6.97 20.42 14.00
CA THR K 24 -6.75 21.15 12.77
C THR K 24 -5.27 21.49 12.58
N SER K 25 -4.54 21.74 13.66
CA SER K 25 -3.11 21.96 13.56
C SER K 25 -2.37 20.67 13.25
N LEU K 26 -2.86 19.53 13.71
CA LEU K 26 -2.26 18.26 13.31
C LEU K 26 -2.45 18.02 11.82
N GLY K 27 -3.67 18.24 11.32
CA GLY K 27 -3.91 18.12 9.89
C GLY K 27 -3.12 19.11 9.08
N ALA K 28 -3.06 20.35 9.54
CA ALA K 28 -2.27 21.38 8.87
C ALA K 28 -0.79 21.06 8.89
N ALA K 29 -0.30 20.50 10.00
CA ALA K 29 1.10 20.12 10.10
C ALA K 29 1.42 18.98 9.16
N TYR K 30 0.53 18.00 9.06
CA TYR K 30 0.75 16.92 8.11
C TYR K 30 0.74 17.44 6.68
N GLY K 31 -0.22 18.29 6.35
CA GLY K 31 -0.28 18.86 5.02
C GLY K 31 0.95 19.68 4.69
N THR K 32 1.36 20.52 5.63
CA THR K 32 2.55 21.34 5.46
C THR K 32 3.78 20.47 5.30
N ALA K 33 3.94 19.43 6.12
CA ALA K 33 5.13 18.60 6.06
C ALA K 33 5.20 17.82 4.76
N LYS K 34 4.12 17.15 4.38
CA LYS K 34 4.12 16.37 3.15
C LYS K 34 4.32 17.27 1.93
N SER K 35 3.51 18.32 1.82
CA SER K 35 3.64 19.23 0.69
C SER K 35 5.00 19.90 0.67
N GLY K 36 5.55 20.25 1.83
CA GLY K 36 6.86 20.87 1.88
C GLY K 36 7.99 19.95 1.51
N VAL K 37 7.90 18.68 1.87
CA VAL K 37 8.88 17.70 1.39
C VAL K 37 8.80 17.62 -0.13
N GLY K 38 7.58 17.56 -0.68
CA GLY K 38 7.44 17.58 -2.13
C GLY K 38 8.01 18.84 -2.76
N ILE K 39 7.75 19.99 -2.14
CA ILE K 39 8.19 21.26 -2.69
C ILE K 39 9.70 21.36 -2.66
N CYS K 40 10.32 20.98 -1.55
CA CYS K 40 11.78 21.03 -1.45
C CYS K 40 12.42 19.99 -2.36
N ALA K 41 11.74 18.87 -2.63
CA ALA K 41 12.26 17.92 -3.59
C ALA K 41 12.22 18.47 -5.01
N THR K 42 11.09 19.04 -5.41
CA THR K 42 10.94 19.47 -6.80
C THR K 42 11.66 20.78 -7.09
N CYS K 43 11.79 21.65 -6.10
CA CYS K 43 12.34 22.98 -6.31
C CYS K 43 13.86 23.03 -6.20
N VAL K 44 14.50 21.88 -6.00
CA VAL K 44 15.95 21.82 -6.20
C VAL K 44 16.27 21.96 -7.68
N LEU K 45 15.54 21.25 -8.53
CA LEU K 45 15.75 21.31 -9.97
C LEU K 45 14.90 22.38 -10.63
N ARG K 46 13.78 22.74 -10.03
CA ARG K 46 12.84 23.71 -10.59
C ARG K 46 12.54 24.78 -9.57
N PRO K 47 13.51 25.64 -9.25
CA PRO K 47 13.26 26.72 -8.28
C PRO K 47 12.21 27.71 -8.74
N ASP K 48 11.95 27.79 -10.06
CA ASP K 48 10.97 28.73 -10.56
C ASP K 48 9.55 28.35 -10.15
N LEU K 49 9.32 27.08 -9.87
CA LEU K 49 8.00 26.60 -9.50
C LEU K 49 7.71 26.71 -8.01
N LEU K 50 8.53 27.45 -7.25
CA LEU K 50 8.45 27.47 -5.80
C LEU K 50 7.16 28.12 -5.30
N PHE K 51 6.92 29.38 -5.67
CA PHE K 51 5.73 30.08 -5.22
C PHE K 51 4.47 29.54 -5.86
N LYS K 52 4.60 28.69 -6.87
CA LYS K 52 3.50 28.00 -7.50
C LYS K 52 3.16 26.70 -6.76
N ASN K 53 4.18 25.98 -6.30
CA ASN K 53 3.99 24.78 -5.51
C ASN K 53 3.65 25.07 -4.06
N ILE K 54 3.84 26.31 -3.59
CA ILE K 54 3.50 26.65 -2.22
C ILE K 54 2.01 26.55 -1.90
N VAL K 55 1.17 26.32 -2.90
CA VAL K 55 -0.28 26.42 -2.70
C VAL K 55 -0.82 25.36 -1.73
N PRO K 56 -0.45 24.08 -1.83
CA PRO K 56 -0.93 23.12 -0.83
C PRO K 56 -0.55 23.48 0.59
N VAL K 57 0.61 24.10 0.80
CA VAL K 57 0.99 24.56 2.13
C VAL K 57 0.01 25.60 2.63
N ILE K 58 -0.40 26.52 1.76
CA ILE K 58 -1.35 27.56 2.13
C ILE K 58 -2.69 26.96 2.52
N MET K 59 -3.16 25.97 1.75
CA MET K 59 -4.46 25.38 2.08
C MET K 59 -4.39 24.53 3.34
N ALA K 60 -3.27 23.84 3.57
CA ALA K 60 -3.05 23.20 4.85
C ALA K 60 -3.12 24.22 5.99
N GLY K 61 -2.55 25.40 5.79
CA GLY K 61 -2.65 26.44 6.81
C GLY K 61 -4.07 26.93 7.04
N ILE K 62 -4.86 26.99 5.97
CA ILE K 62 -6.25 27.41 6.12
C ILE K 62 -7.02 26.39 6.95
N ILE K 63 -6.63 25.12 6.89
CA ILE K 63 -7.23 24.13 7.78
C ILE K 63 -7.06 24.55 9.25
N ALA K 64 -5.84 24.91 9.62
CA ALA K 64 -5.59 25.36 10.99
C ALA K 64 -6.30 26.66 11.29
N ILE K 65 -6.53 27.50 10.27
CA ILE K 65 -7.31 28.72 10.49
C ILE K 65 -8.76 28.37 10.85
N TYR K 66 -9.34 27.38 10.16
CA TYR K 66 -10.66 26.87 10.52
C TYR K 66 -10.68 26.46 11.98
N GLY K 67 -9.69 25.68 12.38
CA GLY K 67 -9.61 25.23 13.76
C GLY K 67 -9.50 26.37 14.74
N LEU K 68 -8.68 27.38 14.42
CA LEU K 68 -8.52 28.54 15.28
C LEU K 68 -9.83 29.31 15.42
N VAL K 69 -10.58 29.46 14.32
CA VAL K 69 -11.86 30.15 14.38
C VAL K 69 -12.81 29.44 15.34
N VAL K 70 -12.92 28.11 15.17
CA VAL K 70 -13.83 27.36 16.03
C VAL K 70 -13.36 27.39 17.48
N SER K 71 -12.04 27.34 17.69
CA SER K 71 -11.51 27.41 19.05
C SER K 71 -11.86 28.72 19.71
N VAL K 72 -11.73 29.84 18.99
CA VAL K 72 -12.07 31.14 19.55
C VAL K 72 -13.56 31.21 19.87
N LEU K 73 -14.40 30.74 18.93
CA LEU K 73 -15.84 30.83 19.15
C LEU K 73 -16.29 29.96 20.32
N VAL K 74 -15.71 28.78 20.47
CA VAL K 74 -16.02 27.94 21.62
C VAL K 74 -15.44 28.54 22.90
N CYS K 75 -14.24 29.10 22.82
CA CYS K 75 -13.59 29.66 24.01
C CYS K 75 -14.41 30.79 24.60
N TYR K 76 -14.97 31.64 23.76
CA TYR K 76 -15.74 32.77 24.29
C TYR K 76 -17.14 32.38 24.72
N SER K 77 -17.54 31.13 24.52
CA SER K 77 -18.79 30.62 25.06
C SER K 77 -18.58 29.72 26.28
N LEU K 78 -17.34 29.49 26.68
CA LEU K 78 -17.07 28.73 27.89
C LEU K 78 -17.42 29.54 29.13
N GLY K 79 -17.92 28.84 30.15
CA GLY K 79 -18.26 29.49 31.39
C GLY K 79 -18.22 28.52 32.54
N GLN K 80 -18.09 29.07 33.74
CA GLN K 80 -18.05 28.23 34.93
C GLN K 80 -19.38 27.53 35.16
N LYS K 81 -20.49 28.23 34.93
CA LYS K 81 -21.83 27.70 35.17
C LYS K 81 -22.53 27.30 33.88
N GLN K 82 -21.77 26.98 32.84
CA GLN K 82 -22.38 26.58 31.58
C GLN K 82 -23.07 25.23 31.74
N ALA K 83 -24.04 24.97 30.88
CA ALA K 83 -24.77 23.72 30.93
C ALA K 83 -23.93 22.57 30.39
N LEU K 84 -24.29 21.35 30.82
CA LEU K 84 -23.66 20.18 30.24
C LEU K 84 -23.97 20.04 28.76
N TYR K 85 -25.15 20.51 28.34
CA TYR K 85 -25.49 20.52 26.93
C TYR K 85 -24.56 21.46 26.16
N THR K 86 -24.25 22.63 26.73
CA THR K 86 -23.29 23.53 26.10
C THR K 86 -21.93 22.89 26.00
N GLY K 87 -21.51 22.16 27.04
CA GLY K 87 -20.24 21.46 26.99
C GLY K 87 -20.20 20.40 25.92
N PHE K 88 -21.29 19.63 25.80
CA PHE K 88 -21.38 18.61 24.76
C PHE K 88 -21.35 19.24 23.38
N ILE K 89 -22.03 20.36 23.21
CA ILE K 89 -22.06 21.05 21.92
C ILE K 89 -20.68 21.58 21.57
N GLN K 90 -19.99 22.17 22.54
CA GLN K 90 -18.65 22.67 22.29
C GLN K 90 -17.68 21.53 21.99
N LEU K 91 -17.81 20.41 22.70
CA LEU K 91 -17.00 19.24 22.41
C LEU K 91 -17.28 18.70 21.01
N GLY K 92 -18.55 18.63 20.63
CA GLY K 92 -18.90 18.14 19.32
C GLY K 92 -18.40 19.04 18.21
N ALA K 93 -18.50 20.36 18.41
CA ALA K 93 -17.98 21.31 17.42
C ALA K 93 -16.47 21.21 17.32
N GLY K 94 -15.79 21.12 18.45
CA GLY K 94 -14.34 20.99 18.42
C GLY K 94 -13.89 19.73 17.70
N LEU K 95 -14.50 18.60 18.03
CA LEU K 95 -14.19 17.35 17.34
C LEU K 95 -14.57 17.42 15.86
N SER K 96 -15.71 18.03 15.54
CA SER K 96 -16.11 18.15 14.14
C SER K 96 -15.05 18.86 13.33
N VAL K 97 -14.78 20.12 13.68
CA VAL K 97 -13.82 20.88 12.90
C VAL K 97 -12.45 20.23 12.98
N GLY K 98 -12.04 19.74 14.15
CA GLY K 98 -10.69 19.27 14.31
C GLY K 98 -10.42 17.98 13.54
N LEU K 99 -11.31 17.01 13.64
CA LEU K 99 -11.08 15.75 12.95
C LEU K 99 -11.37 15.86 11.46
N SER K 100 -12.36 16.66 11.05
CA SER K 100 -12.54 16.92 9.63
C SER K 100 -11.33 17.65 9.05
N GLY K 101 -10.73 18.56 9.82
CA GLY K 101 -9.52 19.22 9.39
C GLY K 101 -8.30 18.32 9.38
N LEU K 102 -8.25 17.36 10.30
CA LEU K 102 -7.21 16.35 10.25
C LEU K 102 -7.31 15.51 8.99
N ALA K 103 -8.53 15.10 8.64
CA ALA K 103 -8.75 14.37 7.39
C ALA K 103 -8.38 15.23 6.18
N ALA K 104 -8.82 16.48 6.18
CA ALA K 104 -8.51 17.37 5.07
C ALA K 104 -7.02 17.63 4.97
N GLY K 105 -6.33 17.75 6.10
CA GLY K 105 -4.88 17.92 6.06
C GLY K 105 -4.17 16.69 5.55
N PHE K 106 -4.66 15.50 5.90
CA PHE K 106 -4.11 14.28 5.31
C PHE K 106 -4.27 14.29 3.79
N ALA K 107 -5.48 14.59 3.30
CA ALA K 107 -5.71 14.63 1.87
C ALA K 107 -4.87 15.72 1.20
N ILE K 108 -4.78 16.88 1.82
CA ILE K 108 -4.00 17.99 1.27
C ILE K 108 -2.51 17.65 1.24
N GLY K 109 -2.00 17.04 2.30
CA GLY K 109 -0.59 16.67 2.29
C GLY K 109 -0.28 15.63 1.24
N ILE K 110 -1.10 14.59 1.16
CA ILE K 110 -0.87 13.52 0.18
C ILE K 110 -0.97 14.07 -1.24
N VAL K 111 -2.06 14.79 -1.54
CA VAL K 111 -2.28 15.29 -2.89
C VAL K 111 -1.28 16.39 -3.23
N GLY K 112 -0.93 17.25 -2.27
CA GLY K 112 0.03 18.29 -2.54
C GLY K 112 1.41 17.73 -2.81
N ASP K 113 1.86 16.77 -2.01
CA ASP K 113 3.11 16.08 -2.31
C ASP K 113 3.07 15.48 -3.71
N ALA K 114 2.05 14.68 -4.00
CA ALA K 114 1.98 13.99 -5.28
C ALA K 114 1.93 14.97 -6.45
N GLY K 115 1.12 16.01 -6.34
CA GLY K 115 0.93 16.94 -7.44
C GLY K 115 2.05 17.92 -7.62
N VAL K 116 2.72 18.31 -6.53
CA VAL K 116 3.92 19.11 -6.65
C VAL K 116 5.01 18.32 -7.34
N ARG K 117 5.15 17.05 -6.99
CA ARG K 117 6.13 16.21 -7.67
C ARG K 117 5.76 15.99 -9.14
N GLY K 118 4.49 15.72 -9.42
CA GLY K 118 4.07 15.48 -10.78
C GLY K 118 4.15 16.70 -11.67
N SER K 119 3.79 17.87 -11.13
CA SER K 119 3.79 19.10 -11.91
C SER K 119 5.20 19.55 -12.27
N SER K 120 6.21 19.03 -11.58
CA SER K 120 7.58 19.30 -11.98
C SER K 120 7.88 18.69 -13.34
N GLN K 121 7.23 17.56 -13.66
CA GLN K 121 7.37 16.90 -14.96
C GLN K 121 6.21 17.18 -15.90
N GLN K 122 5.08 17.66 -15.40
CA GLN K 122 3.90 17.93 -16.22
C GLN K 122 3.30 19.25 -15.80
N PRO K 123 3.59 20.34 -16.50
CA PRO K 123 3.00 21.63 -16.13
C PRO K 123 1.49 21.63 -16.17
N ARG K 124 0.88 20.79 -17.02
CA ARG K 124 -0.57 20.74 -17.10
C ARG K 124 -1.20 20.08 -15.88
N LEU K 125 -0.41 19.44 -15.04
CA LEU K 125 -0.95 18.73 -13.88
C LEU K 125 -1.27 19.69 -12.74
N PHE K 126 -0.79 20.93 -12.82
CA PHE K 126 -0.95 21.86 -11.71
C PHE K 126 -2.41 22.25 -11.50
N VAL K 127 -3.15 22.46 -12.59
CA VAL K 127 -4.56 22.82 -12.45
C VAL K 127 -5.34 21.66 -11.86
N GLY K 128 -4.98 20.42 -12.25
CA GLY K 128 -5.61 19.26 -11.64
C GLY K 128 -5.29 19.13 -10.17
N MET K 129 -4.04 19.40 -9.79
CA MET K 129 -3.69 19.43 -8.38
C MET K 129 -4.51 20.46 -7.63
N ILE K 130 -4.67 21.64 -8.21
CA ILE K 130 -5.41 22.71 -7.55
C ILE K 130 -6.86 22.30 -7.33
N LEU K 131 -7.45 21.66 -8.33
CA LEU K 131 -8.84 21.20 -8.19
C LEU K 131 -8.95 20.12 -7.11
N ILE K 132 -8.06 19.13 -7.13
CA ILE K 132 -8.12 18.07 -6.14
C ILE K 132 -7.88 18.62 -4.75
N LEU K 133 -7.03 19.64 -4.64
CA LEU K 133 -6.72 20.23 -3.35
C LEU K 133 -7.87 21.09 -2.84
N ILE K 134 -8.62 21.71 -3.73
CA ILE K 134 -9.86 22.37 -3.29
C ILE K 134 -10.85 21.34 -2.78
N PHE K 135 -10.95 20.20 -3.47
CA PHE K 135 -11.84 19.14 -3.01
C PHE K 135 -11.40 18.59 -1.66
N ALA K 136 -10.10 18.58 -1.40
CA ALA K 136 -9.60 18.16 -0.09
C ALA K 136 -9.85 19.23 0.97
N GLU K 137 -9.75 20.50 0.59
CA GLU K 137 -9.92 21.59 1.54
C GLU K 137 -11.37 21.70 2.00
N VAL K 138 -12.31 21.47 1.10
CA VAL K 138 -13.70 21.59 1.52
C VAL K 138 -14.11 20.46 2.45
N LEU K 139 -13.31 19.40 2.55
CA LEU K 139 -13.56 18.40 3.60
C LEU K 139 -13.42 19.02 4.98
N GLY K 140 -12.38 19.83 5.19
CA GLY K 140 -12.26 20.53 6.45
C GLY K 140 -13.25 21.68 6.57
N LEU K 141 -13.63 22.25 5.43
CA LEU K 141 -14.61 23.34 5.47
C LEU K 141 -16.00 22.82 5.85
N TYR K 142 -16.32 21.58 5.48
CA TYR K 142 -17.56 20.95 5.95
C TYR K 142 -17.57 20.79 7.46
N GLY K 143 -16.43 20.36 8.02
CA GLY K 143 -16.32 20.27 9.46
C GLY K 143 -16.43 21.62 10.13
N LEU K 144 -15.88 22.65 9.48
CA LEU K 144 -16.06 24.01 9.98
C LEU K 144 -17.53 24.40 9.98
N ILE K 145 -18.26 24.03 8.93
CA ILE K 145 -19.70 24.31 8.85
C ILE K 145 -20.44 23.62 9.99
N VAL K 146 -20.14 22.35 10.20
CA VAL K 146 -20.83 21.58 11.24
C VAL K 146 -20.52 22.15 12.61
N ALA K 147 -19.26 22.49 12.85
CA ALA K 147 -18.86 23.08 14.12
C ALA K 147 -19.53 24.44 14.33
N LEU K 148 -19.64 25.25 13.28
CA LEU K 148 -20.27 26.54 13.41
C LEU K 148 -21.76 26.40 13.71
N LEU K 149 -22.43 25.44 13.07
CA LEU K 149 -23.83 25.20 13.37
C LEU K 149 -24.01 24.75 14.82
N LEU K 150 -23.22 23.78 15.24
CA LEU K 150 -23.26 23.34 16.63
C LEU K 150 -23.07 24.50 17.58
N ASN K 151 -22.00 25.28 17.37
CA ASN K 151 -21.71 26.42 18.24
C ASN K 151 -22.85 27.42 18.24
N SER K 152 -23.48 27.66 17.09
CA SER K 152 -24.66 28.51 17.07
C SER K 152 -25.76 27.95 17.94
N ARG K 153 -25.84 26.64 18.11
CA ARG K 153 -26.87 26.06 18.96
C ARG K 153 -26.41 25.82 20.39
N ALA K 154 -25.21 26.29 20.75
CA ALA K 154 -24.61 25.91 22.03
C ALA K 154 -25.39 26.46 23.21
N THR K 155 -25.68 27.75 23.21
CA THR K 155 -26.40 28.39 24.32
C THR K 155 -27.82 28.77 23.91
N GLN K 156 -28.32 28.17 22.84
CA GLN K 156 -29.65 28.46 22.34
C GLN K 156 -30.67 27.63 23.10
N ASP K 157 -31.64 28.31 23.72
CA ASP K 157 -32.69 27.67 24.51
C ASP K 157 -32.10 26.82 25.64
N VAL K 158 -31.07 27.36 26.30
CA VAL K 158 -30.31 26.64 27.32
C VAL K 158 -30.54 27.33 28.66
N VAL K 159 -30.91 26.55 29.66
CA VAL K 159 -31.27 27.07 30.97
C VAL K 159 -30.29 26.53 32.01
N CYS K 160 -30.29 27.17 33.17
CA CYS K 160 -29.41 26.79 34.26
C CYS K 160 -29.90 25.53 34.95
N THR L 2 -17.22 24.65 48.01
CA THR L 2 -16.19 23.77 47.48
C THR L 2 -16.77 22.79 46.47
N GLU L 3 -18.03 23.00 46.08
CA GLU L 3 -18.59 22.24 44.96
C GLU L 3 -17.99 22.71 43.64
N LEU L 4 -17.93 24.03 43.44
CA LEU L 4 -17.29 24.59 42.26
C LEU L 4 -15.77 24.55 42.34
N CYS L 5 -15.22 24.45 43.54
CA CYS L 5 -13.77 24.42 43.75
C CYS L 5 -13.41 23.18 44.57
N PRO L 6 -13.48 22.00 43.98
CA PRO L 6 -13.04 20.80 44.70
C PRO L 6 -11.53 20.78 44.86
N VAL L 7 -11.07 19.92 45.77
CA VAL L 7 -9.65 19.87 46.08
C VAL L 7 -8.82 19.41 44.91
N TYR L 8 -9.41 18.67 43.97
CA TYR L 8 -8.69 18.17 42.80
C TYR L 8 -8.72 19.13 41.64
N ALA L 9 -9.31 20.32 41.80
CA ALA L 9 -9.26 21.31 40.74
C ALA L 9 -7.85 21.72 40.35
N PRO L 10 -6.90 21.95 41.27
CA PRO L 10 -5.55 22.28 40.84
C PRO L 10 -4.86 21.17 40.06
N PHE L 11 -5.34 19.94 40.11
CA PHE L 11 -4.72 18.86 39.37
C PHE L 11 -4.77 19.14 37.87
N PHE L 12 -5.92 19.57 37.37
CA PHE L 12 -6.05 19.86 35.96
C PHE L 12 -5.23 21.06 35.56
N GLY L 13 -5.18 22.07 36.41
CA GLY L 13 -4.33 23.22 36.13
C GLY L 13 -2.85 22.85 36.07
N ALA L 14 -2.40 22.03 37.01
CA ALA L 14 -0.99 21.62 37.03
C ALA L 14 -0.68 20.70 35.86
N ILE L 15 -1.60 19.82 35.49
CA ILE L 15 -1.40 18.98 34.31
C ILE L 15 -1.35 19.83 33.06
N GLY L 16 -2.21 20.83 32.94
CA GLY L 16 -2.13 21.73 31.81
C GLY L 16 -0.85 22.54 31.77
N CYS L 17 -0.40 23.02 32.93
CA CYS L 17 0.86 23.76 32.99
C CYS L 17 2.03 22.87 32.59
N ALA L 18 2.04 21.64 33.07
CA ALA L 18 3.10 20.71 32.68
C ALA L 18 3.03 20.39 31.20
N SER L 19 1.83 20.14 30.68
CA SER L 19 1.68 19.68 29.30
C SER L 19 2.02 20.79 28.31
N ALA L 20 1.75 22.04 28.67
CA ALA L 20 2.11 23.16 27.82
C ALA L 20 3.59 23.17 27.47
N ILE L 21 4.44 22.90 28.45
CA ILE L 21 5.87 22.86 28.20
C ILE L 21 6.31 21.48 27.72
N ILE L 22 5.67 20.41 28.19
CA ILE L 22 6.08 19.06 27.81
C ILE L 22 5.90 18.83 26.32
N PHE L 23 4.71 19.12 25.81
CA PHE L 23 4.43 18.80 24.41
C PHE L 23 5.06 19.81 23.47
N THR L 24 5.17 21.07 23.87
CA THR L 24 5.88 22.04 23.05
C THR L 24 7.37 21.73 23.02
N SER L 25 7.93 21.23 24.12
CA SER L 25 9.32 20.80 24.12
C SER L 25 9.50 19.53 23.32
N LEU L 26 8.51 18.66 23.29
CA LEU L 26 8.58 17.49 22.42
C LEU L 26 8.58 17.89 20.96
N GLY L 27 7.69 18.81 20.59
CA GLY L 27 7.66 19.30 19.22
C GLY L 27 8.93 20.05 18.85
N ALA L 28 9.41 20.90 19.75
CA ALA L 28 10.67 21.59 19.54
C ALA L 28 11.85 20.64 19.47
N ALA L 29 11.82 19.55 20.25
CA ALA L 29 12.89 18.57 20.20
C ALA L 29 12.89 17.82 18.88
N TYR L 30 11.70 17.42 18.39
CA TYR L 30 11.63 16.78 17.10
C TYR L 30 12.11 17.74 16.00
N GLY L 31 11.66 18.99 16.05
CA GLY L 31 12.10 19.95 15.06
C GLY L 31 13.60 20.15 15.10
N THR L 32 14.16 20.33 16.30
CA THR L 32 15.58 20.53 16.45
C THR L 32 16.36 19.32 15.97
N ALA L 33 15.91 18.11 16.32
CA ALA L 33 16.66 16.91 15.98
C ALA L 33 16.64 16.64 14.49
N LYS L 34 15.47 16.71 13.86
CA LYS L 34 15.39 16.45 12.43
C LYS L 34 16.07 17.55 11.63
N SER L 35 15.77 18.81 11.95
CA SER L 35 16.48 19.91 11.31
C SER L 35 17.98 19.82 11.56
N GLY L 36 18.39 19.31 12.70
CA GLY L 36 19.79 19.22 13.05
C GLY L 36 20.53 18.17 12.28
N VAL L 37 19.93 16.99 12.09
CA VAL L 37 20.58 16.01 11.24
C VAL L 37 20.66 16.53 9.80
N GLY L 38 19.62 17.23 9.35
CA GLY L 38 19.70 17.86 8.05
C GLY L 38 20.82 18.89 7.96
N ILE L 39 20.94 19.73 9.00
CA ILE L 39 21.95 20.78 9.01
C ILE L 39 23.35 20.19 9.05
N CYS L 40 23.53 19.13 9.85
CA CYS L 40 24.85 18.51 9.93
C CYS L 40 25.24 17.87 8.61
N ALA L 41 24.32 17.14 7.99
CA ALA L 41 24.61 16.55 6.68
C ALA L 41 24.93 17.63 5.66
N THR L 42 24.20 18.74 5.69
CA THR L 42 24.43 19.82 4.74
C THR L 42 25.77 20.51 4.98
N CYS L 43 26.07 20.85 6.23
CA CYS L 43 27.24 21.62 6.57
C CYS L 43 28.52 20.80 6.59
N VAL L 44 28.43 19.48 6.45
CA VAL L 44 29.63 18.72 6.11
C VAL L 44 30.22 19.24 4.80
N LEU L 45 29.37 19.49 3.82
CA LEU L 45 29.79 20.01 2.51
C LEU L 45 29.87 21.53 2.47
N ARG L 46 28.89 22.21 3.06
CA ARG L 46 28.82 23.66 2.97
C ARG L 46 28.78 24.27 4.37
N PRO L 47 29.92 24.31 5.07
CA PRO L 47 29.91 24.87 6.43
C PRO L 47 29.57 26.34 6.48
N ASP L 48 29.70 27.06 5.37
CA ASP L 48 29.34 28.47 5.34
C ASP L 48 27.83 28.68 5.45
N LEU L 49 27.03 27.69 5.05
CA LEU L 49 25.57 27.82 5.10
C LEU L 49 25.00 27.51 6.47
N LEU L 50 25.85 27.38 7.50
CA LEU L 50 25.37 26.99 8.82
C LEU L 50 24.37 28.00 9.37
N PHE L 51 24.74 29.29 9.35
CA PHE L 51 23.87 30.31 9.94
C PHE L 51 22.61 30.55 9.12
N LYS L 52 22.62 30.19 7.84
CA LYS L 52 21.37 30.18 7.08
C LYS L 52 20.51 29.00 7.47
N ASN L 53 21.13 27.83 7.68
CA ASN L 53 20.38 26.62 7.93
C ASN L 53 19.93 26.49 9.38
N ILE L 54 20.38 27.35 10.28
CA ILE L 54 19.96 27.28 11.67
C ILE L 54 18.53 27.74 11.88
N VAL L 55 17.86 28.23 10.82
CA VAL L 55 16.51 28.77 10.97
C VAL L 55 15.52 27.73 11.48
N PRO L 56 15.44 26.51 10.93
CA PRO L 56 14.47 25.56 11.47
C PRO L 56 14.65 25.26 12.95
N VAL L 57 15.89 25.21 13.42
CA VAL L 57 16.15 24.97 14.84
C VAL L 57 15.67 26.16 15.67
N ILE L 58 15.92 27.38 15.19
CA ILE L 58 15.43 28.57 15.88
C ILE L 58 13.91 28.56 15.94
N MET L 59 13.27 28.10 14.86
CA MET L 59 11.82 28.18 14.79
C MET L 59 11.19 27.13 15.72
N ALA L 60 11.78 25.94 15.79
CA ALA L 60 11.38 24.98 16.80
C ALA L 60 11.59 25.52 18.21
N GLY L 61 12.69 26.22 18.44
CA GLY L 61 12.89 26.86 19.73
C GLY L 61 11.80 27.85 20.06
N ILE L 62 11.32 28.57 19.05
CA ILE L 62 10.21 29.49 19.25
C ILE L 62 8.95 28.75 19.66
N ILE L 63 8.74 27.56 19.09
CA ILE L 63 7.62 26.72 19.52
C ILE L 63 7.75 26.41 21.02
N ALA L 64 8.95 26.01 21.44
CA ALA L 64 9.17 25.75 22.86
C ALA L 64 8.94 26.99 23.71
N ILE L 65 9.26 28.17 23.19
CA ILE L 65 9.03 29.41 23.94
C ILE L 65 7.54 29.69 24.09
N TYR L 66 6.75 29.39 23.05
CA TYR L 66 5.29 29.44 23.18
C TYR L 66 4.82 28.57 24.34
N GLY L 67 5.31 27.34 24.38
CA GLY L 67 4.94 26.45 25.47
C GLY L 67 5.36 26.98 26.83
N LEU L 68 6.56 27.55 26.91
CA LEU L 68 7.02 28.12 28.18
C LEU L 68 6.15 29.29 28.61
N VAL L 69 5.75 30.14 27.67
CA VAL L 69 4.89 31.27 27.99
C VAL L 69 3.57 30.78 28.58
N VAL L 70 2.96 29.79 27.93
CA VAL L 70 1.68 29.29 28.42
C VAL L 70 1.84 28.60 29.77
N SER L 71 2.94 27.85 29.95
CA SER L 71 3.17 27.21 31.25
C SER L 71 3.33 28.23 32.36
N VAL L 72 4.05 29.31 32.11
CA VAL L 72 4.23 30.33 33.14
C VAL L 72 2.89 30.99 33.46
N LEU L 73 2.12 31.33 32.43
CA LEU L 73 0.84 32.00 32.66
C LEU L 73 -0.13 31.10 33.41
N VAL L 74 -0.17 29.82 33.06
CA VAL L 74 -1.01 28.88 33.80
C VAL L 74 -0.51 28.71 35.22
N CYS L 75 0.80 28.57 35.40
CA CYS L 75 1.37 28.34 36.72
C CYS L 75 1.03 29.47 37.67
N TYR L 76 1.13 30.72 37.21
CA TYR L 76 0.85 31.84 38.08
C TYR L 76 -0.63 32.06 38.30
N SER L 77 -1.47 31.13 37.86
CA SER L 77 -2.89 31.12 38.16
C SER L 77 -3.33 29.88 38.92
N LEU L 78 -2.43 28.92 39.15
CA LEU L 78 -2.72 27.80 40.02
C LEU L 78 -2.97 28.27 41.45
N GLY L 79 -3.96 27.68 42.09
CA GLY L 79 -4.27 28.00 43.47
C GLY L 79 -4.85 26.80 44.15
N GLN L 80 -4.63 26.69 45.46
CA GLN L 80 -5.17 25.56 46.21
C GLN L 80 -6.69 25.56 46.17
N LYS L 81 -7.31 26.72 46.30
CA LYS L 81 -8.76 26.86 46.28
C LYS L 81 -9.28 27.41 44.96
N GLN L 82 -8.62 27.07 43.86
CA GLN L 82 -9.08 27.49 42.56
C GLN L 82 -10.32 26.72 42.13
N ALA L 83 -11.06 27.29 41.20
CA ALA L 83 -12.27 26.66 40.71
C ALA L 83 -11.94 25.47 39.81
N LEU L 84 -12.87 24.53 39.75
CA LEU L 84 -12.73 23.43 38.80
C LEU L 84 -12.76 23.91 37.37
N TYR L 85 -13.52 24.96 37.11
CA TYR L 85 -13.53 25.58 35.78
C TYR L 85 -12.17 26.17 35.46
N THR L 86 -11.52 26.81 36.43
CA THR L 86 -10.18 27.33 36.21
C THR L 86 -9.21 26.21 35.85
N GLY L 87 -9.30 25.07 36.54
CA GLY L 87 -8.44 23.95 36.22
C GLY L 87 -8.72 23.37 34.86
N PHE L 88 -10.00 23.25 34.49
CA PHE L 88 -10.34 22.74 33.17
C PHE L 88 -9.84 23.68 32.08
N ILE L 89 -9.94 24.98 32.31
CA ILE L 89 -9.49 25.96 31.32
C ILE L 89 -7.97 25.93 31.21
N GLN L 90 -7.28 25.80 32.35
CA GLN L 90 -5.82 25.70 32.32
C GLN L 90 -5.37 24.43 31.62
N LEU L 91 -6.07 23.32 31.85
CA LEU L 91 -5.77 22.10 31.14
C LEU L 91 -6.00 22.27 29.64
N GLY L 92 -7.10 22.92 29.27
CA GLY L 92 -7.38 23.16 27.87
C GLY L 92 -6.33 24.04 27.21
N ALA L 93 -5.89 25.08 27.91
CA ALA L 93 -4.84 25.94 27.37
C ALA L 93 -3.53 25.20 27.22
N GLY L 94 -3.16 24.39 28.22
CA GLY L 94 -1.96 23.60 28.12
C GLY L 94 -2.02 22.62 26.97
N LEU L 95 -3.13 21.92 26.83
CA LEU L 95 -3.28 20.97 25.72
C LEU L 95 -3.26 21.69 24.39
N SER L 96 -3.94 22.83 24.28
CA SER L 96 -3.96 23.59 23.04
C SER L 96 -2.55 23.94 22.61
N VAL L 97 -1.84 24.70 23.44
CA VAL L 97 -0.50 25.12 23.03
C VAL L 97 0.42 23.92 22.86
N GLY L 98 0.33 22.93 23.76
CA GLY L 98 1.27 21.83 23.71
C GLY L 98 1.11 20.97 22.48
N LEU L 99 -0.11 20.55 22.18
CA LEU L 99 -0.30 19.66 21.05
C LEU L 99 -0.27 20.41 19.73
N SER L 100 -0.70 21.68 19.70
CA SER L 100 -0.51 22.48 18.50
C SER L 100 0.97 22.69 18.21
N GLY L 101 1.77 22.97 19.24
CA GLY L 101 3.20 23.12 19.04
C GLY L 101 3.90 21.81 18.78
N LEU L 102 3.34 20.70 19.25
CA LEU L 102 3.86 19.39 18.89
C LEU L 102 3.68 19.13 17.41
N ALA L 103 2.47 19.39 16.89
CA ALA L 103 2.24 19.28 15.46
C ALA L 103 3.13 20.24 14.68
N ALA L 104 3.24 21.47 15.16
CA ALA L 104 4.08 22.47 14.51
C ALA L 104 5.54 22.05 14.49
N GLY L 105 6.03 21.50 15.59
CA GLY L 105 7.41 21.07 15.65
C GLY L 105 7.69 19.86 14.80
N PHE L 106 6.72 18.96 14.67
CA PHE L 106 6.88 17.85 13.73
C PHE L 106 6.96 18.36 12.30
N ALA L 107 6.08 19.29 11.93
CA ALA L 107 6.13 19.89 10.61
C ALA L 107 7.45 20.62 10.40
N ILE L 108 7.94 21.29 11.44
CA ILE L 108 9.19 22.03 11.34
C ILE L 108 10.37 21.08 11.17
N GLY L 109 10.40 19.99 11.93
CA GLY L 109 11.48 19.04 11.76
C GLY L 109 11.52 18.48 10.36
N ILE L 110 10.37 18.01 9.87
CA ILE L 110 10.32 17.40 8.54
C ILE L 110 10.68 18.42 7.46
N VAL L 111 10.01 19.58 7.48
CA VAL L 111 10.20 20.57 6.43
C VAL L 111 11.58 21.21 6.52
N GLY L 112 12.07 21.46 7.74
CA GLY L 112 13.39 22.04 7.88
C GLY L 112 14.49 21.10 7.43
N ASP L 113 14.36 19.81 7.75
CA ASP L 113 15.30 18.83 7.21
C ASP L 113 15.30 18.87 5.69
N ALA L 114 14.10 18.75 5.09
CA ALA L 114 14.00 18.73 3.64
C ALA L 114 14.54 20.01 3.03
N GLY L 115 14.21 21.16 3.62
CA GLY L 115 14.57 22.43 3.03
C GLY L 115 16.03 22.77 3.21
N VAL L 116 16.62 22.40 4.34
CA VAL L 116 18.06 22.58 4.52
C VAL L 116 18.82 21.73 3.52
N ARG L 117 18.39 20.48 3.35
CA ARG L 117 19.07 19.61 2.39
C ARG L 117 18.90 20.13 0.96
N GLY L 118 17.71 20.62 0.62
CA GLY L 118 17.51 21.19 -0.70
C GLY L 118 18.28 22.46 -0.95
N SER L 119 18.26 23.39 0.02
CA SER L 119 18.98 24.65 -0.11
C SER L 119 20.48 24.45 -0.09
N SER L 120 20.96 23.30 0.38
CA SER L 120 22.35 22.94 0.13
C SER L 120 22.64 22.92 -1.36
N GLN L 121 21.70 22.43 -2.15
CA GLN L 121 21.88 22.32 -3.60
C GLN L 121 21.36 23.55 -4.33
N GLN L 122 20.15 23.99 -3.99
CA GLN L 122 19.51 25.13 -4.66
C GLN L 122 19.34 26.27 -3.68
N PRO L 123 20.20 27.29 -3.71
CA PRO L 123 20.05 28.41 -2.78
C PRO L 123 18.74 29.16 -2.92
N ARG L 124 18.10 29.10 -4.11
CA ARG L 124 16.81 29.75 -4.27
C ARG L 124 15.71 29.04 -3.49
N LEU L 125 15.94 27.82 -3.04
CA LEU L 125 14.96 27.11 -2.23
C LEU L 125 14.93 27.61 -0.79
N PHE L 126 15.88 28.46 -0.40
CA PHE L 126 15.93 28.92 0.98
C PHE L 126 14.69 29.73 1.35
N VAL L 127 14.27 30.64 0.47
CA VAL L 127 13.11 31.47 0.76
C VAL L 127 11.85 30.62 0.84
N GLY L 128 11.73 29.62 -0.04
CA GLY L 128 10.58 28.74 0.03
C GLY L 128 10.55 27.90 1.29
N MET L 129 11.71 27.42 1.72
CA MET L 129 11.79 26.69 2.99
C MET L 129 11.41 27.60 4.14
N ILE L 130 11.83 28.87 4.10
CA ILE L 130 11.43 29.82 5.13
C ILE L 130 9.92 29.99 5.13
N LEU L 131 9.31 30.06 3.95
CA LEU L 131 7.86 30.22 3.85
C LEU L 131 7.14 29.02 4.47
N ILE L 132 7.55 27.81 4.11
CA ILE L 132 6.90 26.62 4.67
C ILE L 132 7.15 26.54 6.16
N LEU L 133 8.32 26.99 6.61
CA LEU L 133 8.65 26.96 8.04
C LEU L 133 7.79 27.95 8.82
N ILE L 134 7.51 29.11 8.21
CA ILE L 134 6.61 30.09 8.81
C ILE L 134 5.19 29.52 8.88
N PHE L 135 4.79 28.79 7.83
CA PHE L 135 3.48 28.16 7.85
C PHE L 135 3.40 27.06 8.90
N ALA L 136 4.53 26.45 9.24
CA ALA L 136 4.55 25.49 10.35
C ALA L 136 4.57 26.19 11.71
N GLU L 137 5.22 27.35 11.81
CA GLU L 137 5.13 28.18 13.01
C GLU L 137 3.72 28.65 13.30
N VAL L 138 2.96 29.04 12.28
CA VAL L 138 1.67 29.63 12.60
C VAL L 138 0.77 28.61 13.28
N LEU L 139 1.07 27.32 13.14
CA LEU L 139 0.31 26.30 13.86
C LEU L 139 0.53 26.41 15.37
N GLY L 140 1.79 26.46 15.79
CA GLY L 140 2.09 26.67 17.19
C GLY L 140 1.62 28.02 17.68
N LEU L 141 1.65 29.03 16.80
CA LEU L 141 1.17 30.35 17.17
C LEU L 141 -0.34 30.34 17.38
N TYR L 142 -1.08 29.59 16.56
CA TYR L 142 -2.51 29.44 16.76
C TYR L 142 -2.80 28.74 18.07
N GLY L 143 -2.04 27.69 18.37
CA GLY L 143 -2.16 27.04 19.65
C GLY L 143 -1.88 27.97 20.80
N LEU L 144 -0.86 28.82 20.66
CA LEU L 144 -0.55 29.82 21.67
C LEU L 144 -1.70 30.81 21.83
N ILE L 145 -2.29 31.25 20.71
CA ILE L 145 -3.38 32.21 20.77
C ILE L 145 -4.58 31.62 21.48
N VAL L 146 -4.92 30.37 21.14
CA VAL L 146 -6.04 29.69 21.79
C VAL L 146 -5.76 29.53 23.28
N ALA L 147 -4.54 29.15 23.64
CA ALA L 147 -4.17 29.00 25.04
C ALA L 147 -4.23 30.33 25.77
N LEU L 148 -3.78 31.41 25.14
CA LEU L 148 -3.80 32.73 25.77
C LEU L 148 -5.23 33.20 25.99
N LEU L 149 -6.12 32.97 25.03
CA LEU L 149 -7.51 33.36 25.20
C LEU L 149 -8.17 32.55 26.31
N LEU L 150 -7.95 31.23 26.31
CA LEU L 150 -8.45 30.39 27.38
C LEU L 150 -7.95 30.87 28.73
N ASN L 151 -6.65 31.08 28.85
CA ASN L 151 -6.06 31.55 30.10
C ASN L 151 -6.66 32.89 30.53
N SER L 152 -6.89 33.80 29.59
CA SER L 152 -7.55 35.06 29.92
C SER L 152 -8.96 34.83 30.43
N ARG L 153 -9.62 33.75 30.05
CA ARG L 153 -10.94 33.43 30.56
C ARG L 153 -10.93 32.44 31.73
N ALA L 154 -9.76 32.07 32.23
CA ALA L 154 -9.69 31.02 33.25
C ALA L 154 -10.21 31.50 34.59
N THR L 155 -9.82 32.69 35.02
CA THR L 155 -10.17 33.22 36.32
C THR L 155 -11.20 34.34 36.22
N GLN L 156 -11.71 34.59 35.02
CA GLN L 156 -12.70 35.63 34.80
C GLN L 156 -14.09 35.15 35.19
N ASP L 157 -14.75 35.92 36.06
CA ASP L 157 -16.13 35.65 36.47
C ASP L 157 -16.28 34.26 37.08
N VAL L 158 -15.32 33.87 37.93
CA VAL L 158 -15.36 32.58 38.60
C VAL L 158 -15.60 32.81 40.08
N VAL L 159 -16.46 31.99 40.68
CA VAL L 159 -16.80 32.09 42.08
C VAL L 159 -16.44 30.77 42.75
N CYS L 160 -16.65 30.71 44.05
CA CYS L 160 -16.30 29.53 44.84
C CYS L 160 -17.54 28.78 45.31
N THR M 2 -6.97 15.80 56.42
CA THR M 2 -8.13 16.67 56.28
C THR M 2 -8.68 16.63 54.86
N GLU M 3 -9.60 17.55 54.57
CA GLU M 3 -10.23 17.57 53.25
C GLU M 3 -9.29 18.13 52.20
N LEU M 4 -8.56 19.19 52.53
CA LEU M 4 -7.59 19.77 51.61
C LEU M 4 -6.24 19.09 51.65
N CYS M 5 -5.99 18.27 52.68
CA CYS M 5 -4.73 17.56 52.85
C CYS M 5 -5.03 16.08 53.07
N PRO M 6 -5.46 15.37 52.04
CA PRO M 6 -5.72 13.93 52.20
C PRO M 6 -4.43 13.16 52.42
N VAL M 7 -4.58 11.97 53.00
CA VAL M 7 -3.42 11.14 53.31
C VAL M 7 -2.68 10.70 52.06
N TYR M 8 -3.35 10.72 50.91
CA TYR M 8 -2.75 10.34 49.65
C TYR M 8 -2.15 11.52 48.89
N ALA M 9 -2.23 12.72 49.45
CA ALA M 9 -1.59 13.87 48.82
C ALA M 9 -0.09 13.70 48.60
N PRO M 10 0.70 13.18 49.55
CA PRO M 10 2.13 13.01 49.29
C PRO M 10 2.43 12.01 48.19
N PHE M 11 1.47 11.19 47.78
CA PHE M 11 1.73 10.25 46.68
C PHE M 11 2.07 11.00 45.41
N PHE M 12 1.31 12.06 45.10
CA PHE M 12 1.56 12.83 43.89
C PHE M 12 2.88 13.56 43.97
N GLY M 13 3.23 14.08 45.14
CA GLY M 13 4.52 14.72 45.29
C GLY M 13 5.68 13.76 45.14
N ALA M 14 5.55 12.57 45.73
CA ALA M 14 6.60 11.56 45.61
C ALA M 14 6.73 11.05 44.19
N ILE M 15 5.61 10.89 43.49
CA ILE M 15 5.65 10.48 42.09
C ILE M 15 6.28 11.56 41.24
N GLY M 16 5.99 12.83 41.54
CA GLY M 16 6.64 13.92 40.82
C GLY M 16 8.13 13.97 41.07
N CYS M 17 8.54 13.80 42.32
CA CYS M 17 9.96 13.76 42.65
C CYS M 17 10.67 12.61 41.97
N ALA M 18 10.03 11.44 41.94
CA ALA M 18 10.60 10.31 41.22
C ALA M 18 10.67 10.57 39.73
N SER M 19 9.59 11.10 39.16
CA SER M 19 9.48 11.25 37.71
C SER M 19 10.46 12.29 37.20
N ALA M 20 10.70 13.34 37.97
CA ALA M 20 11.72 14.32 37.57
C ALA M 20 13.03 13.64 37.22
N ILE M 21 13.62 12.95 38.19
CA ILE M 21 14.91 12.31 37.97
C ILE M 21 14.79 11.16 36.99
N ILE M 22 13.70 10.40 37.04
CA ILE M 22 13.56 9.24 36.15
C ILE M 22 13.58 9.67 34.70
N PHE M 23 12.75 10.65 34.35
CA PHE M 23 12.64 11.03 32.95
C PHE M 23 13.80 11.89 32.48
N THR M 24 14.37 12.74 33.35
CA THR M 24 15.57 13.44 32.92
C THR M 24 16.75 12.48 32.79
N SER M 25 16.82 11.44 33.63
CA SER M 25 17.85 10.44 33.46
C SER M 25 17.63 9.60 32.22
N LEU M 26 16.37 9.35 31.85
CA LEU M 26 16.11 8.65 30.60
C LEU M 26 16.55 9.49 29.40
N GLY M 27 16.21 10.79 29.40
CA GLY M 27 16.66 11.65 28.32
C GLY M 27 18.17 11.80 28.28
N ALA M 28 18.79 11.94 29.46
CA ALA M 28 20.24 12.01 29.52
C ALA M 28 20.88 10.72 29.06
N ALA M 29 20.27 9.58 29.38
CA ALA M 29 20.80 8.29 28.94
C ALA M 29 20.69 8.13 27.44
N TYR M 30 19.58 8.55 26.84
CA TYR M 30 19.47 8.51 25.39
C TYR M 30 20.49 9.44 24.74
N GLY M 31 20.62 10.65 25.26
CA GLY M 31 21.60 11.57 24.70
C GLY M 31 23.00 11.05 24.82
N THR M 32 23.35 10.52 26.00
CA THR M 32 24.68 9.97 26.22
C THR M 32 24.93 8.77 25.32
N ALA M 33 23.95 7.88 25.18
CA ALA M 33 24.15 6.70 24.35
C ALA M 33 24.35 7.06 22.89
N LYS M 34 23.48 7.90 22.33
CA LYS M 34 23.61 8.27 20.93
C LYS M 34 24.90 9.05 20.67
N SER M 35 25.16 10.06 21.49
CA SER M 35 26.38 10.84 21.32
C SER M 35 27.61 9.99 21.52
N GLY M 36 27.57 9.05 22.48
CA GLY M 36 28.72 8.20 22.72
C GLY M 36 28.99 7.23 21.59
N VAL M 37 27.93 6.69 20.99
CA VAL M 37 28.11 5.88 19.78
C VAL M 37 28.78 6.71 18.70
N GLY M 38 28.30 7.93 18.48
CA GLY M 38 28.93 8.79 17.49
C GLY M 38 30.38 9.08 17.81
N ILE M 39 30.67 9.38 19.08
CA ILE M 39 32.03 9.74 19.49
C ILE M 39 32.97 8.56 19.31
N CYS M 40 32.54 7.37 19.75
CA CYS M 40 33.39 6.20 19.64
C CYS M 40 33.55 5.77 18.19
N ALA M 41 32.56 6.05 17.35
CA ALA M 41 32.68 5.71 15.94
C ALA M 41 33.63 6.65 15.22
N THR M 42 33.63 7.93 15.60
CA THR M 42 34.48 8.90 14.90
C THR M 42 35.90 8.93 15.45
N CYS M 43 36.08 8.70 16.74
CA CYS M 43 37.39 8.79 17.37
C CYS M 43 38.26 7.57 17.08
N VAL M 44 37.73 6.57 16.40
CA VAL M 44 38.57 5.47 15.92
C VAL M 44 39.67 6.01 15.02
N LEU M 45 39.33 6.97 14.17
CA LEU M 45 40.29 7.60 13.25
C LEU M 45 40.84 8.92 13.76
N ARG M 46 40.08 9.65 14.58
CA ARG M 46 40.46 10.97 15.06
C ARG M 46 40.37 11.01 16.58
N PRO M 47 41.35 10.40 17.27
CA PRO M 47 41.34 10.43 18.74
C PRO M 47 41.49 11.83 19.31
N ASP M 48 42.12 12.75 18.58
CA ASP M 48 42.35 14.09 19.08
C ASP M 48 41.05 14.86 19.30
N LEU M 49 39.97 14.39 18.68
CA LEU M 49 38.67 15.05 18.76
C LEU M 49 37.79 14.50 19.87
N LEU M 50 38.30 13.60 20.71
CA LEU M 50 37.47 13.00 21.75
C LEU M 50 36.97 14.05 22.74
N PHE M 51 37.87 14.90 23.22
CA PHE M 51 37.50 15.90 24.21
C PHE M 51 36.71 17.05 23.61
N LYS M 52 36.66 17.17 22.29
CA LYS M 52 35.73 18.09 21.65
C LYS M 52 34.35 17.46 21.50
N ASN M 53 34.32 16.22 21.02
CA ASN M 53 33.05 15.53 20.78
C ASN M 53 32.36 15.10 22.07
N ILE M 54 33.04 15.16 23.21
CA ILE M 54 32.39 14.85 24.49
C ILE M 54 31.28 15.82 24.85
N VAL M 55 31.09 16.90 24.08
CA VAL M 55 30.17 17.96 24.49
C VAL M 55 28.71 17.51 24.55
N PRO M 56 28.16 16.80 23.55
CA PRO M 56 26.76 16.36 23.69
C PRO M 56 26.52 15.48 24.89
N VAL M 57 27.50 14.66 25.28
CA VAL M 57 27.38 13.87 26.50
C VAL M 57 27.30 14.77 27.71
N ILE M 58 28.10 15.84 27.73
CA ILE M 58 28.06 16.80 28.85
C ILE M 58 26.69 17.48 28.92
N MET M 59 26.11 17.79 27.77
CA MET M 59 24.83 18.49 27.77
C MET M 59 23.69 17.56 28.19
N ALA M 60 23.77 16.29 27.80
CA ALA M 60 22.83 15.31 28.34
C ALA M 60 22.98 15.18 29.86
N GLY M 61 24.21 15.20 30.34
CA GLY M 61 24.42 15.18 31.78
C GLY M 61 23.81 16.38 32.47
N ILE M 62 23.87 17.55 31.83
CA ILE M 62 23.25 18.73 32.42
C ILE M 62 21.72 18.61 32.44
N ILE M 63 21.15 17.94 31.45
CA ILE M 63 19.72 17.62 31.50
C ILE M 63 19.41 16.79 32.75
N ALA M 64 20.22 15.76 32.98
CA ALA M 64 20.04 14.95 34.18
C ALA M 64 20.21 15.77 35.45
N ILE M 65 21.10 16.76 35.42
CA ILE M 65 21.31 17.62 36.59
C ILE M 65 20.09 18.49 36.84
N TYR M 66 19.45 18.98 35.78
CA TYR M 66 18.19 19.70 35.93
C TYR M 66 17.16 18.85 36.66
N GLY M 67 17.04 17.60 36.21
CA GLY M 67 16.11 16.69 36.85
C GLY M 67 16.44 16.44 38.31
N LEU M 68 17.73 16.29 38.60
CA LEU M 68 18.17 16.08 39.99
C LEU M 68 17.83 17.30 40.85
N VAL M 69 18.01 18.50 40.31
CA VAL M 69 17.69 19.72 41.05
C VAL M 69 16.21 19.74 41.43
N VAL M 70 15.35 19.46 40.45
CA VAL M 70 13.91 19.47 40.73
C VAL M 70 13.56 18.37 41.72
N SER M 71 14.15 17.19 41.57
CA SER M 71 13.85 16.10 42.49
C SER M 71 14.25 16.46 43.92
N VAL M 72 15.40 17.09 44.10
CA VAL M 72 15.85 17.48 45.42
C VAL M 72 14.88 18.50 46.03
N LEU M 73 14.50 19.51 45.24
CA LEU M 73 13.61 20.54 45.78
C LEU M 73 12.25 19.95 46.15
N VAL M 74 11.69 19.12 45.27
CA VAL M 74 10.40 18.51 45.54
C VAL M 74 10.49 17.60 46.76
N CYS M 75 11.56 16.79 46.85
CA CYS M 75 11.70 15.88 47.98
C CYS M 75 11.77 16.64 49.28
N TYR M 76 12.51 17.75 49.32
CA TYR M 76 12.55 18.52 50.56
C TYR M 76 11.26 19.29 50.81
N SER M 77 10.40 19.45 49.81
CA SER M 77 9.09 20.04 50.04
C SER M 77 8.01 19.02 50.37
N LEU M 78 8.36 17.74 50.48
CA LEU M 78 7.39 16.70 50.78
C LEU M 78 7.08 16.65 52.27
N GLY M 79 5.86 16.21 52.59
CA GLY M 79 5.44 16.06 53.97
C GLY M 79 4.28 15.12 54.06
N GLN M 80 4.11 14.53 55.25
CA GLN M 80 3.03 13.57 55.45
C GLN M 80 1.67 14.23 55.36
N LYS M 81 1.53 15.41 55.97
CA LYS M 81 0.27 16.14 55.99
C LYS M 81 0.26 17.28 54.97
N GLN M 82 1.00 17.13 53.88
CA GLN M 82 1.02 18.16 52.85
C GLN M 82 -0.32 18.21 52.13
N ALA M 83 -0.60 19.36 51.52
CA ALA M 83 -1.85 19.56 50.85
C ALA M 83 -1.90 18.80 49.54
N LEU M 84 -3.12 18.47 49.10
CA LEU M 84 -3.29 17.88 47.79
C LEU M 84 -2.84 18.83 46.69
N TYR M 85 -3.01 20.13 46.90
CA TYR M 85 -2.51 21.11 45.95
C TYR M 85 -0.98 21.05 45.86
N THR M 86 -0.31 20.92 47.00
CA THR M 86 1.13 20.78 46.99
C THR M 86 1.56 19.51 46.25
N GLY M 87 0.85 18.42 46.47
CA GLY M 87 1.16 17.19 45.76
C GLY M 87 0.96 17.31 44.26
N PHE M 88 -0.15 17.95 43.86
CA PHE M 88 -0.39 18.18 42.43
C PHE M 88 0.69 19.06 41.82
N ILE M 89 1.09 20.11 42.53
CA ILE M 89 2.10 21.02 42.01
C ILE M 89 3.45 20.32 41.89
N GLN M 90 3.80 19.50 42.89
CA GLN M 90 5.05 18.75 42.83
C GLN M 90 5.02 17.74 41.70
N LEU M 91 3.88 17.08 41.49
CA LEU M 91 3.75 16.17 40.36
C LEU M 91 3.89 16.92 39.05
N GLY M 92 3.27 18.09 38.93
CA GLY M 92 3.39 18.87 37.72
C GLY M 92 4.81 19.33 37.46
N ALA M 93 5.50 19.79 38.50
CA ALA M 93 6.89 20.21 38.36
C ALA M 93 7.77 19.04 37.94
N GLY M 94 7.61 17.89 38.59
CA GLY M 94 8.38 16.72 38.24
C GLY M 94 8.13 16.27 36.82
N LEU M 95 6.86 16.20 36.42
CA LEU M 95 6.53 15.79 35.06
C LEU M 95 7.06 16.78 34.04
N SER M 96 6.91 18.08 34.31
CA SER M 96 7.34 19.09 33.36
C SER M 96 8.85 19.01 33.15
N VAL M 97 9.63 19.03 34.23
CA VAL M 97 11.08 18.97 34.05
C VAL M 97 11.49 17.62 33.47
N GLY M 98 10.87 16.53 33.92
CA GLY M 98 11.28 15.22 33.47
C GLY M 98 11.02 14.99 31.99
N LEU M 99 9.81 15.33 31.53
CA LEU M 99 9.48 15.08 30.15
C LEU M 99 10.07 16.12 29.22
N SER M 100 10.21 17.37 29.68
CA SER M 100 10.97 18.35 28.90
C SER M 100 12.43 17.91 28.76
N GLY M 101 13.02 17.39 29.83
CA GLY M 101 14.38 16.91 29.74
C GLY M 101 14.51 15.63 28.97
N LEU M 102 13.46 14.81 28.94
CA LEU M 102 13.46 13.64 28.08
C LEU M 102 13.47 14.04 26.62
N ALA M 103 12.61 14.99 26.24
CA ALA M 103 12.62 15.50 24.88
C ALA M 103 13.96 16.16 24.55
N ALA M 104 14.48 16.96 25.48
CA ALA M 104 15.77 17.61 25.28
C ALA M 104 16.88 16.60 25.12
N GLY M 105 16.88 15.53 25.92
CA GLY M 105 17.90 14.52 25.80
C GLY M 105 17.81 13.73 24.52
N PHE M 106 16.59 13.46 24.05
CA PHE M 106 16.44 12.82 22.75
C PHE M 106 16.98 13.69 21.62
N ALA M 107 16.64 14.99 21.65
CA ALA M 107 17.18 15.91 20.67
C ALA M 107 18.70 15.98 20.75
N ILE M 108 19.23 16.01 21.98
CA ILE M 108 20.68 16.07 22.17
C ILE M 108 21.33 14.81 21.64
N GLY M 109 20.73 13.64 21.90
CA GLY M 109 21.30 12.42 21.38
C GLY M 109 21.36 12.40 19.87
N ILE M 110 20.24 12.74 19.22
CA ILE M 110 20.20 12.69 17.76
C ILE M 110 21.15 13.73 17.16
N VAL M 111 21.08 14.97 17.65
CA VAL M 111 21.88 16.05 17.10
C VAL M 111 23.35 15.83 17.38
N GLY M 112 23.70 15.37 18.59
CA GLY M 112 25.10 15.11 18.90
C GLY M 112 25.66 13.97 18.11
N ASP M 113 24.88 12.90 17.92
CA ASP M 113 25.32 11.82 17.04
C ASP M 113 25.63 12.35 15.66
N ALA M 114 24.68 13.08 15.06
CA ALA M 114 24.89 13.60 13.72
C ALA M 114 26.08 14.56 13.66
N GLY M 115 26.20 15.43 14.67
CA GLY M 115 27.22 16.47 14.63
C GLY M 115 28.62 15.98 14.92
N VAL M 116 28.76 14.91 15.70
CA VAL M 116 30.09 14.35 15.87
C VAL M 116 30.45 13.47 14.69
N ARG M 117 29.46 12.80 14.07
CA ARG M 117 29.75 12.05 12.85
C ARG M 117 30.10 12.97 11.70
N GLY M 118 29.57 14.19 11.69
CA GLY M 118 29.86 15.14 10.64
C GLY M 118 31.03 16.06 10.95
N SER M 119 31.35 16.22 12.23
CA SER M 119 32.48 17.07 12.61
C SER M 119 33.82 16.37 12.37
N SER M 120 33.84 15.04 12.42
CA SER M 120 35.05 14.31 12.10
C SER M 120 35.47 14.55 10.65
N GLN M 121 34.52 14.89 9.79
CA GLN M 121 34.78 15.21 8.40
C GLN M 121 34.92 16.71 8.18
N GLN M 122 34.11 17.52 8.86
CA GLN M 122 34.14 18.97 8.73
C GLN M 122 34.43 19.60 10.08
N PRO M 123 35.66 20.08 10.32
CA PRO M 123 35.94 20.74 11.61
C PRO M 123 35.06 21.95 11.89
N ARG M 124 34.67 22.69 10.84
CA ARG M 124 33.85 23.87 11.03
C ARG M 124 32.44 23.53 11.51
N LEU M 125 32.03 22.27 11.42
CA LEU M 125 30.69 21.89 11.84
C LEU M 125 30.58 21.82 13.36
N PHE M 126 31.71 21.89 14.06
CA PHE M 126 31.69 21.77 15.52
C PHE M 126 30.87 22.88 16.15
N VAL M 127 31.10 24.13 15.72
CA VAL M 127 30.38 25.25 16.32
C VAL M 127 28.90 25.18 16.00
N GLY M 128 28.56 24.68 14.80
CA GLY M 128 27.16 24.52 14.46
C GLY M 128 26.48 23.46 15.30
N MET M 129 27.18 22.36 15.54
CA MET M 129 26.65 21.33 16.42
C MET M 129 26.48 21.87 17.83
N ILE M 130 27.43 22.68 18.29
CA ILE M 130 27.31 23.30 19.60
C ILE M 130 26.07 24.18 19.66
N LEU M 131 25.80 24.94 18.59
CA LEU M 131 24.65 25.82 18.57
C LEU M 131 23.34 25.03 18.61
N ILE M 132 23.25 23.99 17.79
CA ILE M 132 22.04 23.18 17.79
C ILE M 132 21.87 22.45 19.12
N LEU M 133 22.98 22.04 19.74
CA LEU M 133 22.91 21.38 21.03
C LEU M 133 22.48 22.34 22.13
N ILE M 134 22.88 23.61 22.02
CA ILE M 134 22.39 24.62 22.96
C ILE M 134 20.88 24.79 22.79
N PHE M 135 20.40 24.78 21.55
CA PHE M 135 18.97 24.89 21.32
C PHE M 135 18.22 23.68 21.84
N ALA M 136 18.84 22.50 21.79
CA ALA M 136 18.22 21.32 22.37
C ALA M 136 18.29 21.33 23.89
N GLU M 137 19.31 21.98 24.45
CA GLU M 137 19.48 22.06 25.89
C GLU M 137 18.50 23.04 26.53
N VAL M 138 18.19 24.12 25.81
CA VAL M 138 17.27 25.10 26.39
C VAL M 138 15.87 24.52 26.54
N LEU M 139 15.56 23.41 25.85
CA LEU M 139 14.29 22.74 26.09
C LEU M 139 14.21 22.19 27.51
N GLY M 140 15.23 21.44 27.92
CA GLY M 140 15.30 21.00 29.29
C GLY M 140 15.37 22.16 30.26
N LEU M 141 16.03 23.25 29.84
CA LEU M 141 16.08 24.43 30.70
C LEU M 141 14.69 25.05 30.89
N TYR M 142 13.88 25.07 29.84
CA TYR M 142 12.52 25.60 29.97
C TYR M 142 11.68 24.72 30.86
N GLY M 143 11.82 23.40 30.71
CA GLY M 143 11.16 22.49 31.63
C GLY M 143 11.58 22.71 33.06
N LEU M 144 12.88 22.94 33.27
CA LEU M 144 13.39 23.23 34.61
C LEU M 144 12.81 24.52 35.15
N ILE M 145 12.71 25.55 34.31
CA ILE M 145 12.15 26.83 34.75
C ILE M 145 10.69 26.65 35.16
N VAL M 146 9.93 25.92 34.35
CA VAL M 146 8.54 25.66 34.68
C VAL M 146 8.41 24.91 35.99
N ALA M 147 9.25 23.88 36.17
CA ALA M 147 9.25 23.12 37.42
C ALA M 147 9.63 23.98 38.61
N LEU M 148 10.61 24.88 38.45
CA LEU M 148 11.02 25.74 39.55
C LEU M 148 9.91 26.72 39.93
N LEU M 149 9.23 27.28 38.93
CA LEU M 149 8.12 28.19 39.24
C LEU M 149 6.98 27.46 39.94
N LEU M 150 6.64 26.27 39.44
CA LEU M 150 5.63 25.47 40.12
C LEU M 150 6.04 25.18 41.55
N ASN M 151 7.27 24.71 41.76
CA ASN M 151 7.73 24.38 43.10
C ASN M 151 7.73 25.60 44.01
N SER M 152 8.05 26.77 43.47
CA SER M 152 7.95 27.99 44.27
C SER M 152 6.51 28.28 44.66
N ARG M 153 5.55 27.90 43.83
CA ARG M 153 4.15 28.08 44.20
C ARG M 153 3.56 26.89 44.96
N ALA M 154 4.35 25.86 45.23
CA ALA M 154 3.81 24.62 45.78
C ALA M 154 3.27 24.80 47.19
N THR M 155 3.97 25.59 48.01
CA THR M 155 3.60 25.78 49.41
C THR M 155 3.15 27.22 49.67
N GLN M 156 3.13 28.05 48.63
CA GLN M 156 2.79 29.46 48.75
C GLN M 156 1.27 29.59 48.85
N ASP M 157 0.80 30.21 49.94
CA ASP M 157 -0.63 30.35 50.24
C ASP M 157 -1.34 28.99 50.28
N VAL M 158 -0.78 28.06 51.04
CA VAL M 158 -1.33 26.71 51.16
C VAL M 158 -1.71 26.47 52.61
N VAL M 159 -2.94 25.98 52.83
CA VAL M 159 -3.47 25.72 54.17
C VAL M 159 -3.96 24.29 54.25
N CYS M 160 -4.18 23.84 55.49
CA CYS M 160 -4.70 22.51 55.74
C CYS M 160 -6.17 22.54 56.14
N THR N 2 -5.37 2.90 60.94
CA THR N 2 -5.29 4.35 61.07
C THR N 2 -5.49 5.02 59.72
N GLU N 3 -6.02 6.25 59.73
CA GLU N 3 -6.16 7.02 58.50
C GLU N 3 -4.81 7.32 57.88
N LEU N 4 -3.84 7.74 58.71
CA LEU N 4 -2.51 8.06 58.21
C LEU N 4 -1.68 6.82 57.93
N CYS N 5 -1.94 5.72 58.64
CA CYS N 5 -1.17 4.48 58.50
C CYS N 5 -2.11 3.32 58.22
N PRO N 6 -2.66 3.26 57.02
CA PRO N 6 -3.56 2.15 56.69
C PRO N 6 -2.79 0.84 56.54
N VAL N 7 -3.55 -0.26 56.54
CA VAL N 7 -2.94 -1.58 56.53
C VAL N 7 -2.20 -1.86 55.23
N TYR N 8 -2.60 -1.22 54.14
CA TYR N 8 -1.94 -1.39 52.85
C TYR N 8 -0.79 -0.43 52.64
N ALA N 9 -0.48 0.41 53.62
CA ALA N 9 0.67 1.31 53.50
C ALA N 9 1.98 0.57 53.23
N PRO N 10 2.29 -0.56 53.88
CA PRO N 10 3.54 -1.26 53.54
C PRO N 10 3.60 -1.83 52.14
N PHE N 11 2.47 -1.87 51.42
CA PHE N 11 2.51 -2.35 50.04
C PHE N 11 3.40 -1.47 49.18
N PHE N 12 3.25 -0.15 49.31
CA PHE N 12 4.06 0.78 48.53
C PHE N 12 5.52 0.68 48.92
N GLY N 13 5.81 0.51 50.21
CA GLY N 13 7.18 0.36 50.64
C GLY N 13 7.82 -0.90 50.09
N ALA N 14 7.09 -2.01 50.15
CA ALA N 14 7.60 -3.27 49.62
C ALA N 14 7.81 -3.19 48.11
N ILE N 15 6.89 -2.53 47.41
CA ILE N 15 7.03 -2.38 45.97
C ILE N 15 8.22 -1.48 45.63
N GLY N 16 8.44 -0.43 46.41
CA GLY N 16 9.62 0.40 46.20
C GLY N 16 10.90 -0.36 46.46
N CYS N 17 10.95 -1.14 47.54
CA CYS N 17 12.11 -1.96 47.83
C CYS N 17 12.36 -2.97 46.72
N ALA N 18 11.30 -3.59 46.22
CA ALA N 18 11.45 -4.55 45.14
C ALA N 18 11.93 -3.87 43.87
N SER N 19 11.30 -2.76 43.48
CA SER N 19 11.63 -2.12 42.21
C SER N 19 13.01 -1.50 42.22
N ALA N 20 13.47 -1.07 43.41
CA ALA N 20 14.83 -0.55 43.53
C ALA N 20 15.85 -1.55 43.02
N ILE N 21 15.72 -2.81 43.43
CA ILE N 21 16.67 -3.81 42.96
C ILE N 21 16.27 -4.34 41.59
N ILE N 22 14.96 -4.41 41.29
CA ILE N 22 14.51 -5.01 40.04
C ILE N 22 14.98 -4.20 38.85
N PHE N 23 14.72 -2.88 38.88
CA PHE N 23 15.03 -2.08 37.72
C PHE N 23 16.52 -1.78 37.59
N THR N 24 17.21 -1.63 38.71
CA THR N 24 18.66 -1.48 38.65
C THR N 24 19.33 -2.77 38.17
N SER N 25 18.81 -3.93 38.57
CA SER N 25 19.34 -5.19 38.06
C SER N 25 19.02 -5.36 36.58
N LEU N 26 17.87 -4.88 36.15
CA LEU N 26 17.53 -4.96 34.73
C LEU N 26 18.43 -4.05 33.89
N GLY N 27 18.67 -2.83 34.37
CA GLY N 27 19.59 -1.94 33.68
C GLY N 27 21.02 -2.44 33.71
N ALA N 28 21.45 -2.98 34.85
CA ALA N 28 22.77 -3.55 34.97
C ALA N 28 22.93 -4.78 34.10
N ALA N 29 21.87 -5.59 33.97
CA ALA N 29 21.90 -6.73 33.07
C ALA N 29 22.00 -6.29 31.63
N TYR N 30 21.28 -5.24 31.24
CA TYR N 30 21.43 -4.73 29.88
C TYR N 30 22.84 -4.23 29.64
N GLY N 31 23.38 -3.47 30.59
CA GLY N 31 24.74 -2.97 30.44
C GLY N 31 25.75 -4.09 30.36
N THR N 32 25.63 -5.08 31.24
CA THR N 32 26.52 -6.22 31.25
C THR N 32 26.41 -7.01 29.96
N ALA N 33 25.18 -7.22 29.47
CA ALA N 33 24.99 -8.02 28.27
C ALA N 33 25.60 -7.34 27.05
N LYS N 34 25.31 -6.05 26.86
CA LYS N 34 25.86 -5.37 25.68
C LYS N 34 27.37 -5.20 25.77
N SER N 35 27.88 -4.80 26.94
CA SER N 35 29.33 -4.67 27.09
C SER N 35 30.02 -6.01 26.96
N GLY N 36 29.41 -7.08 27.47
CA GLY N 36 30.01 -8.40 27.34
C GLY N 36 30.01 -8.91 25.91
N VAL N 37 28.97 -8.62 25.14
CA VAL N 37 28.99 -8.94 23.72
C VAL N 37 30.14 -8.19 23.05
N GLY N 38 30.28 -6.90 23.35
CA GLY N 38 31.39 -6.14 22.78
C GLY N 38 32.74 -6.72 23.16
N ILE N 39 32.90 -7.10 24.42
CA ILE N 39 34.15 -7.65 24.91
C ILE N 39 34.48 -8.97 24.22
N CYS N 40 33.50 -9.88 24.20
CA CYS N 40 33.71 -11.19 23.60
C CYS N 40 33.82 -11.12 22.09
N ALA N 41 33.42 -10.01 21.48
CA ALA N 41 33.61 -9.84 20.05
C ALA N 41 34.95 -9.22 19.72
N THR N 42 35.48 -8.36 20.59
CA THR N 42 36.76 -7.72 20.32
C THR N 42 37.94 -8.52 20.86
N CYS N 43 37.78 -9.17 22.00
CA CYS N 43 38.90 -9.84 22.65
C CYS N 43 39.32 -11.11 21.92
N VAL N 44 38.57 -11.56 20.92
CA VAL N 44 39.03 -12.71 20.13
C VAL N 44 40.32 -12.38 19.41
N LEU N 45 40.46 -11.14 18.94
CA LEU N 45 41.68 -10.69 18.28
C LEU N 45 42.57 -9.83 19.17
N ARG N 46 42.03 -9.28 20.25
CA ARG N 46 42.81 -8.52 21.22
C ARG N 46 42.52 -9.00 22.64
N PRO N 47 42.98 -10.21 22.98
CA PRO N 47 42.75 -10.70 24.35
C PRO N 47 43.51 -9.94 25.42
N ASP N 48 44.51 -9.15 25.04
CA ASP N 48 45.26 -8.37 26.02
C ASP N 48 44.40 -7.25 26.61
N LEU N 49 43.54 -6.65 25.80
CA LEU N 49 42.66 -5.57 26.25
C LEU N 49 41.50 -6.06 27.09
N LEU N 50 41.53 -7.32 27.54
CA LEU N 50 40.38 -7.90 28.20
C LEU N 50 40.09 -7.22 29.53
N PHE N 51 41.13 -7.00 30.33
CA PHE N 51 40.92 -6.37 31.64
C PHE N 51 40.73 -4.86 31.55
N LYS N 52 40.97 -4.25 30.39
CA LYS N 52 40.58 -2.86 30.19
C LYS N 52 39.15 -2.73 29.68
N ASN N 53 38.72 -3.63 28.81
CA ASN N 53 37.36 -3.59 28.27
C ASN N 53 36.32 -4.05 29.27
N ILE N 54 36.73 -4.58 30.43
CA ILE N 54 35.79 -5.02 31.45
C ILE N 54 35.13 -3.85 32.17
N VAL N 55 35.59 -2.63 31.93
CA VAL N 55 35.13 -1.48 32.74
C VAL N 55 33.61 -1.27 32.64
N PRO N 56 32.99 -1.23 31.46
CA PRO N 56 31.54 -1.02 31.42
C PRO N 56 30.73 -2.06 32.17
N VAL N 57 31.20 -3.31 32.19
CA VAL N 57 30.56 -4.35 32.99
C VAL N 57 30.63 -4.00 34.47
N ILE N 58 31.79 -3.53 34.93
CA ILE N 58 31.94 -3.12 36.32
C ILE N 58 31.01 -1.97 36.65
N MET N 59 30.87 -1.02 35.72
CA MET N 59 30.02 0.14 36.01
C MET N 59 28.53 -0.22 36.02
N ALA N 60 28.10 -1.11 35.13
CA ALA N 60 26.75 -1.65 35.25
C ALA N 60 26.56 -2.36 36.59
N GLY N 61 27.59 -3.07 37.05
CA GLY N 61 27.52 -3.66 38.38
C GLY N 61 27.36 -2.61 39.46
N ILE N 62 28.00 -1.46 39.31
CA ILE N 62 27.84 -0.39 40.28
C ILE N 62 26.40 0.12 40.28
N ILE N 63 25.78 0.16 39.10
CA ILE N 63 24.36 0.53 39.03
C ILE N 63 23.52 -0.44 39.85
N ALA N 64 23.79 -1.74 39.69
CA ALA N 64 23.06 -2.73 40.46
C ALA N 64 23.31 -2.57 41.96
N ILE N 65 24.53 -2.18 42.33
CA ILE N 65 24.83 -1.95 43.74
C ILE N 65 24.06 -0.76 44.28
N TYR N 66 23.89 0.29 43.47
CA TYR N 66 23.03 1.40 43.86
C TYR N 66 21.63 0.91 44.19
N GLY N 67 21.07 0.09 43.30
CA GLY N 67 19.75 -0.45 43.55
C GLY N 67 19.69 -1.29 44.81
N LEU N 68 20.73 -2.09 45.05
CA LEU N 68 20.79 -2.91 46.25
C LEU N 68 20.85 -2.06 47.52
N VAL N 69 21.62 -0.98 47.49
CA VAL N 69 21.73 -0.09 48.65
C VAL N 69 20.38 0.51 48.96
N VAL N 70 19.69 1.02 47.95
CA VAL N 70 18.37 1.60 48.18
C VAL N 70 17.39 0.53 48.64
N SER N 71 17.50 -0.68 48.11
CA SER N 71 16.60 -1.75 48.52
C SER N 71 16.78 -2.10 50.00
N VAL N 72 18.02 -2.22 50.46
CA VAL N 72 18.21 -2.57 51.87
C VAL N 72 17.78 -1.43 52.76
N LEU N 73 18.03 -0.18 52.34
CA LEU N 73 17.62 0.95 53.14
C LEU N 73 16.10 1.04 53.25
N VAL N 74 15.39 0.78 52.15
CA VAL N 74 13.92 0.79 52.19
C VAL N 74 13.40 -0.40 52.99
N CYS N 75 14.03 -1.56 52.83
CA CYS N 75 13.61 -2.76 53.55
C CYS N 75 13.70 -2.56 55.06
N TYR N 76 14.77 -1.94 55.53
CA TYR N 76 14.90 -1.74 56.96
C TYR N 76 14.01 -0.62 57.49
N SER N 77 13.44 0.19 56.61
CA SER N 77 12.48 1.21 56.98
C SER N 77 11.05 0.69 56.96
N LEU N 78 10.85 -0.55 56.54
CA LEU N 78 9.52 -1.12 56.41
C LEU N 78 8.97 -1.57 57.74
N GLY N 79 7.66 -1.46 57.89
CA GLY N 79 7.00 -1.87 59.12
C GLY N 79 5.54 -2.11 58.86
N GLN N 80 4.94 -2.93 59.73
CA GLN N 80 3.54 -3.29 59.56
C GLN N 80 2.63 -2.08 59.68
N LYS N 81 2.93 -1.20 60.65
CA LYS N 81 2.13 -0.02 60.92
C LYS N 81 2.79 1.26 60.44
N GLN N 82 3.54 1.22 59.35
CA GLN N 82 4.16 2.44 58.87
C GLN N 82 3.12 3.35 58.25
N ALA N 83 3.45 4.62 58.10
CA ALA N 83 2.54 5.59 57.53
C ALA N 83 2.37 5.34 56.03
N LEU N 84 1.24 5.80 55.50
CA LEU N 84 1.06 5.81 54.05
C LEU N 84 2.08 6.70 53.39
N TYR N 85 2.44 7.81 54.04
CA TYR N 85 3.47 8.71 53.52
C TYR N 85 4.82 8.00 53.45
N THR N 86 5.14 7.20 54.46
CA THR N 86 6.38 6.43 54.42
C THR N 86 6.38 5.46 53.25
N GLY N 87 5.25 4.80 52.99
CA GLY N 87 5.15 3.92 51.84
C GLY N 87 5.32 4.66 50.54
N PHE N 88 4.71 5.84 50.42
CA PHE N 88 4.88 6.66 49.22
C PHE N 88 6.33 7.05 49.02
N ILE N 89 7.00 7.46 50.09
CA ILE N 89 8.39 7.89 49.98
C ILE N 89 9.28 6.71 49.61
N GLN N 90 9.02 5.55 50.20
CA GLN N 90 9.79 4.36 49.86
C GLN N 90 9.58 3.95 48.41
N LEU N 91 8.34 4.03 47.93
CA LEU N 91 8.07 3.73 46.53
C LEU N 91 8.77 4.73 45.62
N GLY N 92 8.73 6.01 45.96
CA GLY N 92 9.43 7.00 45.17
C GLY N 92 10.93 6.78 45.15
N ALA N 93 11.51 6.41 46.29
CA ALA N 93 12.94 6.10 46.34
C ALA N 93 13.27 4.91 45.47
N GLY N 94 12.51 3.83 45.60
CA GLY N 94 12.75 2.65 44.78
C GLY N 94 12.60 2.94 43.31
N LEU N 95 11.55 3.67 42.93
CA LEU N 95 11.35 4.01 41.53
C LEU N 95 12.46 4.91 41.01
N SER N 96 12.86 5.91 41.80
CA SER N 96 13.91 6.82 41.37
C SER N 96 15.20 6.06 41.09
N VAL N 97 15.67 5.29 42.08
CA VAL N 97 16.94 4.60 41.88
C VAL N 97 16.79 3.54 40.80
N GLY N 98 15.68 2.80 40.78
CA GLY N 98 15.54 1.72 39.83
C GLY N 98 15.47 2.20 38.40
N LEU N 99 14.67 3.23 38.13
CA LEU N 99 14.48 3.66 36.77
C LEU N 99 15.62 4.56 36.28
N SER N 100 16.21 5.36 37.17
CA SER N 100 17.45 6.04 36.80
C SER N 100 18.57 5.04 36.53
N GLY N 101 18.63 3.96 37.31
CA GLY N 101 19.62 2.93 37.06
C GLY N 101 19.33 2.10 35.82
N LEU N 102 18.06 1.94 35.48
CA LEU N 102 17.70 1.32 34.21
C LEU N 102 18.18 2.17 33.04
N ALA N 103 17.93 3.46 33.10
CA ALA N 103 18.42 4.36 32.05
C ALA N 103 19.93 4.36 31.99
N ALA N 104 20.58 4.43 33.15
CA ALA N 104 22.04 4.42 33.21
C ALA N 104 22.59 3.11 32.66
N GLY N 105 21.94 1.99 32.96
CA GLY N 105 22.41 0.71 32.44
C GLY N 105 22.25 0.59 30.94
N PHE N 106 21.16 1.14 30.39
CA PHE N 106 21.03 1.16 28.93
C PHE N 106 22.11 2.00 28.28
N ALA N 107 22.35 3.19 28.83
CA ALA N 107 23.42 4.04 28.30
C ALA N 107 24.77 3.34 28.45
N ILE N 108 24.98 2.66 29.57
CA ILE N 108 26.25 1.98 29.81
C ILE N 108 26.43 0.85 28.83
N GLY N 109 25.39 0.06 28.59
CA GLY N 109 25.51 -1.03 27.64
C GLY N 109 25.84 -0.54 26.25
N ILE N 110 25.09 0.45 25.76
CA ILE N 110 25.31 0.94 24.41
C ILE N 110 26.68 1.59 24.28
N VAL N 111 27.00 2.51 25.21
CA VAL N 111 28.25 3.23 25.17
C VAL N 111 29.43 2.30 25.38
N GLY N 112 29.29 1.31 26.27
CA GLY N 112 30.37 0.38 26.50
C GLY N 112 30.63 -0.53 25.31
N ASP N 113 29.56 -1.00 24.67
CA ASP N 113 29.73 -1.75 23.44
C ASP N 113 30.51 -0.94 22.42
N ALA N 114 30.06 0.29 22.15
CA ALA N 114 30.73 1.14 21.17
C ALA N 114 32.17 1.41 21.56
N GLY N 115 32.40 1.70 22.84
CA GLY N 115 33.74 2.04 23.30
C GLY N 115 34.69 0.87 23.26
N VAL N 116 34.22 -0.32 23.62
CA VAL N 116 35.07 -1.51 23.55
C VAL N 116 35.46 -1.79 22.11
N ARG N 117 34.51 -1.70 21.18
CA ARG N 117 34.85 -1.91 19.78
C ARG N 117 35.85 -0.86 19.29
N GLY N 118 35.62 0.41 19.63
CA GLY N 118 36.52 1.46 19.20
C GLY N 118 37.90 1.35 19.80
N SER N 119 37.98 0.95 21.07
CA SER N 119 39.27 0.75 21.72
C SER N 119 40.02 -0.42 21.12
N SER N 120 39.30 -1.47 20.73
CA SER N 120 39.93 -2.52 19.94
C SER N 120 40.45 -1.96 18.62
N GLN N 121 39.77 -0.94 18.08
CA GLN N 121 40.24 -0.29 16.87
C GLN N 121 41.22 0.85 17.14
N GLN N 122 41.16 1.49 18.31
CA GLN N 122 41.98 2.68 18.59
C GLN N 122 42.30 2.76 20.07
N PRO N 123 43.58 2.65 20.44
CA PRO N 123 43.94 2.69 21.87
C PRO N 123 43.58 4.00 22.57
N ARG N 124 43.64 5.13 21.86
CA ARG N 124 43.40 6.42 22.51
C ARG N 124 41.93 6.65 22.84
N LEU N 125 41.03 5.85 22.28
CA LEU N 125 39.60 6.04 22.52
C LEU N 125 39.17 5.50 23.89
N PHE N 126 40.07 4.80 24.58
CA PHE N 126 39.72 4.22 25.88
C PHE N 126 39.36 5.29 26.89
N VAL N 127 40.14 6.37 26.93
CA VAL N 127 39.87 7.45 27.89
C VAL N 127 38.52 8.10 27.61
N GLY N 128 38.23 8.36 26.34
CA GLY N 128 36.94 8.94 25.99
C GLY N 128 35.79 8.00 26.37
N MET N 129 35.99 6.70 26.17
CA MET N 129 34.99 5.73 26.58
C MET N 129 34.78 5.80 28.10
N ILE N 130 35.86 5.96 28.85
CA ILE N 130 35.76 6.05 30.30
C ILE N 130 34.96 7.28 30.70
N LEU N 131 35.22 8.41 30.04
CA LEU N 131 34.45 9.63 30.32
C LEU N 131 32.97 9.43 30.03
N ILE N 132 32.62 8.86 28.88
CA ILE N 132 31.21 8.69 28.57
C ILE N 132 30.56 7.69 29.53
N LEU N 133 31.31 6.66 29.93
CA LEU N 133 30.76 5.69 30.87
C LEU N 133 30.58 6.29 32.26
N ILE N 134 31.47 7.20 32.66
CA ILE N 134 31.28 7.90 33.92
C ILE N 134 30.04 8.79 33.84
N PHE N 135 29.83 9.41 32.69
CA PHE N 135 28.64 10.24 32.51
C PHE N 135 27.37 9.39 32.49
N ALA N 136 27.48 8.12 32.12
CA ALA N 136 26.36 7.20 32.27
C ALA N 136 26.17 6.75 33.72
N GLU N 137 27.26 6.55 34.46
CA GLU N 137 27.18 6.28 35.89
C GLU N 137 26.52 7.38 36.68
N VAL N 138 26.81 8.63 36.37
CA VAL N 138 26.26 9.69 37.20
C VAL N 138 24.75 9.73 37.10
N LEU N 139 24.15 9.14 36.07
CA LEU N 139 22.69 9.08 36.01
C LEU N 139 22.12 8.18 37.10
N GLY N 140 22.65 6.96 37.21
CA GLY N 140 22.26 6.09 38.29
C GLY N 140 22.66 6.63 39.64
N LEU N 141 23.76 7.38 39.69
CA LEU N 141 24.17 8.01 40.95
C LEU N 141 23.20 9.11 41.36
N TYR N 142 22.68 9.87 40.39
CA TYR N 142 21.65 10.86 40.69
C TYR N 142 20.40 10.18 41.20
N GLY N 143 20.03 9.06 40.58
CA GLY N 143 18.92 8.27 41.09
C GLY N 143 19.16 7.80 42.51
N LEU N 144 20.38 7.36 42.81
CA LEU N 144 20.74 6.97 44.16
C LEU N 144 20.61 8.14 45.13
N ILE N 145 21.08 9.31 44.73
CA ILE N 145 21.02 10.48 45.59
C ILE N 145 19.58 10.85 45.89
N VAL N 146 18.74 10.84 44.85
CA VAL N 146 17.32 11.16 45.03
C VAL N 146 16.66 10.15 45.96
N ALA N 147 16.96 8.87 45.75
CA ALA N 147 16.38 7.82 46.58
C ALA N 147 16.83 7.94 48.03
N LEU N 148 18.09 8.26 48.25
CA LEU N 148 18.62 8.41 49.60
C LEU N 148 18.02 9.64 50.29
N LEU N 149 17.86 10.73 49.55
CA LEU N 149 17.23 11.92 50.11
C LEU N 149 15.78 11.66 50.47
N LEU N 150 15.08 10.92 49.62
CA LEU N 150 13.71 10.53 49.94
C LEU N 150 13.67 9.65 51.18
N ASN N 151 14.47 8.58 51.19
CA ASN N 151 14.50 7.65 52.30
C ASN N 151 14.91 8.31 53.61
N SER N 152 15.67 9.39 53.57
CA SER N 152 16.00 10.12 54.77
C SER N 152 14.83 10.93 55.30
N ARG N 153 13.74 11.04 54.54
CA ARG N 153 12.54 11.73 54.97
C ARG N 153 11.34 10.81 55.11
N ALA N 154 11.51 9.51 54.88
CA ALA N 154 10.37 8.60 54.87
C ALA N 154 9.70 8.53 56.24
N THR N 155 10.50 8.52 57.31
CA THR N 155 9.98 8.49 58.67
C THR N 155 10.33 9.77 59.44
N GLN N 156 10.74 10.82 58.72
CA GLN N 156 11.13 12.08 59.34
C GLN N 156 9.88 12.92 59.58
N ASP N 157 9.55 13.13 60.87
CA ASP N 157 8.34 13.84 61.28
C ASP N 157 7.09 13.15 60.71
N VAL N 158 6.91 11.90 61.11
CA VAL N 158 5.80 11.07 60.65
C VAL N 158 5.00 10.63 61.85
N VAL N 159 3.69 10.84 61.81
CA VAL N 159 2.79 10.56 62.91
C VAL N 159 2.08 9.24 62.65
N CYS N 160 1.99 8.41 63.70
CA CYS N 160 1.31 7.14 63.63
C CYS N 160 -0.18 7.30 63.36
N THR O 2 -7.55 -8.99 62.46
CA THR O 2 -8.20 -9.42 61.23
C THR O 2 -8.43 -8.19 60.35
N GLU O 3 -8.44 -7.01 60.97
CA GLU O 3 -8.42 -5.78 60.19
C GLU O 3 -7.10 -5.62 59.47
N LEU O 4 -5.99 -5.86 60.16
CA LEU O 4 -4.67 -5.83 59.59
C LEU O 4 -4.11 -7.22 59.28
N CYS O 5 -4.92 -8.26 59.46
CA CYS O 5 -4.58 -9.61 58.98
C CYS O 5 -5.76 -10.14 58.17
N PRO O 6 -6.04 -9.52 57.01
CA PRO O 6 -7.26 -9.88 56.28
C PRO O 6 -7.16 -11.26 55.65
N VAL O 7 -8.32 -11.73 55.17
CA VAL O 7 -8.42 -13.07 54.62
C VAL O 7 -7.61 -13.22 53.33
N TYR O 8 -7.50 -12.14 52.57
CA TYR O 8 -6.77 -12.15 51.31
C TYR O 8 -5.28 -11.86 51.47
N ALA O 9 -4.81 -11.67 52.69
CA ALA O 9 -3.38 -11.48 52.93
C ALA O 9 -2.52 -12.60 52.36
N PRO O 10 -2.87 -13.89 52.49
CA PRO O 10 -2.02 -14.93 51.88
C PRO O 10 -1.95 -14.88 50.37
N PHE O 11 -2.82 -14.11 49.70
CA PHE O 11 -2.75 -14.04 48.25
C PHE O 11 -1.42 -13.47 47.79
N PHE O 12 -1.00 -12.38 48.42
CA PHE O 12 0.25 -11.75 48.02
C PHE O 12 1.44 -12.62 48.37
N GLY O 13 1.38 -13.32 49.50
CA GLY O 13 2.45 -14.24 49.84
C GLY O 13 2.56 -15.39 48.86
N ALA O 14 1.42 -15.96 48.47
CA ALA O 14 1.44 -17.06 47.49
C ALA O 14 1.88 -16.56 46.12
N ILE O 15 1.45 -15.37 45.73
CA ILE O 15 1.89 -14.80 44.46
C ILE O 15 3.38 -14.51 44.48
N GLY O 16 3.91 -14.03 45.60
CA GLY O 16 5.34 -13.81 45.70
C GLY O 16 6.13 -15.12 45.68
N CYS O 17 5.63 -16.14 46.39
CA CYS O 17 6.27 -17.45 46.36
C CYS O 17 6.28 -18.01 44.94
N ALA O 18 5.18 -17.88 44.22
CA ALA O 18 5.15 -18.32 42.83
C ALA O 18 6.09 -17.49 41.97
N SER O 19 6.10 -16.17 42.17
CA SER O 19 6.88 -15.27 41.32
C SER O 19 8.37 -15.53 41.46
N ALA O 20 8.84 -15.76 42.68
CA ALA O 20 10.25 -16.06 42.90
C ALA O 20 10.73 -17.15 41.95
N ILE O 21 10.16 -18.35 42.08
CA ILE O 21 10.58 -19.47 41.26
C ILE O 21 10.21 -19.27 39.79
N ILE O 22 9.06 -18.65 39.50
CA ILE O 22 8.63 -18.52 38.11
C ILE O 22 9.59 -17.64 37.34
N PHE O 23 9.91 -16.48 37.88
CA PHE O 23 10.77 -15.56 37.13
C PHE O 23 12.22 -15.96 37.18
N THR O 24 12.70 -16.57 38.27
CA THR O 24 14.06 -17.10 38.22
C THR O 24 14.17 -18.27 37.27
N SER O 25 13.09 -19.06 37.13
CA SER O 25 13.09 -20.13 36.14
C SER O 25 13.03 -19.58 34.72
N LEU O 26 12.33 -18.47 34.52
CA LEU O 26 12.32 -17.85 33.19
C LEU O 26 13.70 -17.30 32.84
N GLY O 27 14.34 -16.62 33.79
CA GLY O 27 15.70 -16.15 33.55
C GLY O 27 16.68 -17.27 33.35
N ALA O 28 16.59 -18.33 34.17
CA ALA O 28 17.43 -19.50 34.01
C ALA O 28 17.16 -20.21 32.71
N ALA O 29 15.91 -20.24 32.25
CA ALA O 29 15.59 -20.86 30.98
C ALA O 29 16.16 -20.07 29.82
N TYR O 30 16.06 -18.75 29.86
CA TYR O 30 16.66 -17.93 28.82
C TYR O 30 18.18 -18.10 28.81
N GLY O 31 18.79 -18.05 30.00
CA GLY O 31 20.23 -18.23 30.07
C GLY O 31 20.67 -19.59 29.57
N THR O 32 19.99 -20.64 30.03
CA THR O 32 20.32 -21.99 29.61
C THR O 32 20.10 -22.17 28.12
N ALA O 33 19.00 -21.65 27.59
CA ALA O 33 18.70 -21.83 26.17
C ALA O 33 19.73 -21.14 25.29
N LYS O 34 20.04 -19.87 25.59
CA LYS O 34 20.97 -19.16 24.72
C LYS O 34 22.41 -19.66 24.90
N SER O 35 22.82 -19.92 26.14
CA SER O 35 24.14 -20.49 26.36
C SER O 35 24.26 -21.88 25.73
N GLY O 36 23.20 -22.69 25.81
CA GLY O 36 23.26 -24.02 25.24
C GLY O 36 23.25 -24.01 23.73
N VAL O 37 22.55 -23.05 23.12
CA VAL O 37 22.65 -22.88 21.68
C VAL O 37 24.08 -22.52 21.30
N GLY O 38 24.70 -21.60 22.04
CA GLY O 38 26.09 -21.29 21.78
C GLY O 38 27.01 -22.49 21.94
N ILE O 39 26.78 -23.29 22.99
CA ILE O 39 27.60 -24.46 23.25
C ILE O 39 27.46 -25.46 22.11
N CYS O 40 26.24 -25.76 21.71
CA CYS O 40 26.02 -26.71 20.61
C CYS O 40 26.55 -26.17 19.30
N ALA O 41 26.59 -24.85 19.14
CA ALA O 41 27.14 -24.28 17.92
C ALA O 41 28.66 -24.37 17.89
N THR O 42 29.31 -24.25 19.04
CA THR O 42 30.77 -24.29 19.08
C THR O 42 31.33 -25.68 19.27
N CYS O 43 30.56 -26.59 19.86
CA CYS O 43 31.06 -27.93 20.15
C CYS O 43 30.98 -28.86 18.95
N VAL O 44 30.41 -28.42 17.83
CA VAL O 44 30.47 -29.20 16.61
C VAL O 44 31.91 -29.32 16.14
N LEU O 45 32.65 -28.21 16.15
CA LEU O 45 34.03 -28.20 15.70
C LEU O 45 35.03 -28.30 16.84
N ARG O 46 34.63 -27.94 18.06
CA ARG O 46 35.51 -27.97 19.23
C ARG O 46 34.82 -28.69 20.38
N PRO O 47 34.60 -30.00 20.26
CA PRO O 47 33.98 -30.74 21.37
C PRO O 47 34.85 -30.81 22.60
N ASP O 48 36.15 -30.50 22.49
CA ASP O 48 37.02 -30.51 23.66
C ASP O 48 36.62 -29.43 24.67
N LEU O 49 36.06 -28.33 24.20
CA LEU O 49 35.66 -27.23 25.07
C LEU O 49 34.28 -27.39 25.66
N LEU O 50 33.67 -28.58 25.52
CA LEU O 50 32.27 -28.75 25.91
C LEU O 50 32.08 -28.52 27.40
N PHE O 51 32.96 -29.08 28.23
CA PHE O 51 32.78 -28.95 29.67
C PHE O 51 33.28 -27.61 30.19
N LYS O 52 34.09 -26.89 29.42
CA LYS O 52 34.39 -25.51 29.77
C LYS O 52 33.23 -24.58 29.43
N ASN O 53 32.53 -24.84 28.34
CA ASN O 53 31.46 -23.97 27.89
C ASN O 53 30.18 -24.15 28.69
N ILE O 54 30.09 -25.18 29.54
CA ILE O 54 28.88 -25.43 30.33
C ILE O 54 28.71 -24.44 31.47
N VAL O 55 29.67 -23.54 31.68
CA VAL O 55 29.63 -22.65 32.84
C VAL O 55 28.41 -21.73 32.83
N PRO O 56 28.07 -21.02 31.76
CA PRO O 56 26.88 -20.15 31.79
C PRO O 56 25.60 -20.90 32.11
N VAL O 57 25.49 -22.15 31.66
CA VAL O 57 24.33 -22.97 32.00
C VAL O 57 24.27 -23.20 33.51
N ILE O 58 25.43 -23.41 34.13
CA ILE O 58 25.48 -23.57 35.58
C ILE O 58 25.10 -22.27 36.28
N MET O 59 25.53 -21.13 35.75
CA MET O 59 25.16 -19.85 36.36
C MET O 59 23.65 -19.63 36.29
N ALA O 60 23.04 -19.94 35.16
CA ALA O 60 21.58 -19.86 35.06
C ALA O 60 20.90 -20.81 36.03
N GLY O 61 21.43 -22.03 36.16
CA GLY O 61 20.88 -22.95 37.14
C GLY O 61 20.95 -22.41 38.55
N ILE O 62 22.04 -21.72 38.87
CA ILE O 62 22.16 -21.10 40.20
C ILE O 62 21.12 -20.01 40.37
N ILE O 63 20.82 -19.28 39.30
CA ILE O 63 19.75 -18.28 39.37
C ILE O 63 18.43 -18.95 39.76
N ALA O 64 18.12 -20.06 39.09
CA ALA O 64 16.92 -20.80 39.44
C ALA O 64 16.94 -21.30 40.87
N ILE O 65 18.13 -21.67 41.37
CA ILE O 65 18.25 -22.11 42.76
C ILE O 65 17.97 -20.96 43.72
N TYR O 66 18.44 -19.75 43.39
CA TYR O 66 18.08 -18.57 44.17
C TYR O 66 16.57 -18.44 44.30
N GLY O 67 15.89 -18.53 43.15
CA GLY O 67 14.44 -18.44 43.17
C GLY O 67 13.80 -19.54 43.99
N LEU O 68 14.31 -20.76 43.88
CA LEU O 68 13.77 -21.87 44.65
C LEU O 68 13.95 -21.64 46.14
N VAL O 69 15.10 -21.11 46.55
CA VAL O 69 15.36 -20.85 47.97
C VAL O 69 14.35 -19.85 48.51
N VAL O 70 14.15 -18.76 47.77
CA VAL O 70 13.21 -17.74 48.25
C VAL O 70 11.79 -18.29 48.24
N SER O 71 11.44 -19.10 47.24
CA SER O 71 10.11 -19.69 47.21
C SER O 71 9.86 -20.57 48.42
N VAL O 72 10.84 -21.39 48.78
CA VAL O 72 10.68 -22.28 49.94
C VAL O 72 10.53 -21.46 51.21
N LEU O 73 11.36 -20.43 51.38
CA LEU O 73 11.29 -19.62 52.59
C LEU O 73 9.94 -18.89 52.69
N VAL O 74 9.48 -18.30 51.59
CA VAL O 74 8.19 -17.62 51.59
C VAL O 74 7.06 -18.61 51.84
N CYS O 75 7.13 -19.79 51.22
CA CYS O 75 6.12 -20.81 51.42
C CYS O 75 6.01 -21.19 52.88
N TYR O 76 7.14 -21.40 53.54
CA TYR O 76 7.09 -21.78 54.94
C TYR O 76 6.76 -20.62 55.86
N SER O 77 6.84 -19.39 55.38
CA SER O 77 6.32 -18.26 56.14
C SER O 77 4.88 -17.92 55.78
N LEU O 78 4.23 -18.69 54.92
CA LEU O 78 2.84 -18.46 54.57
C LEU O 78 1.90 -19.07 55.59
N GLY O 79 0.80 -18.37 55.86
CA GLY O 79 -0.19 -18.87 56.79
C GLY O 79 -1.55 -18.33 56.43
N GLN O 80 -2.58 -19.03 56.91
CA GLN O 80 -3.95 -18.61 56.61
C GLN O 80 -4.26 -17.26 57.24
N LYS O 81 -3.81 -17.04 58.47
CA LYS O 81 -4.04 -15.79 59.18
C LYS O 81 -2.78 -14.93 59.26
N GLN O 82 -1.98 -14.93 58.20
CA GLN O 82 -0.82 -14.07 58.16
C GLN O 82 -1.25 -12.62 57.97
N ALA O 83 -0.34 -11.71 58.33
CA ALA O 83 -0.63 -10.29 58.21
C ALA O 83 -0.55 -9.84 56.75
N LEU O 84 -1.33 -8.81 56.42
CA LEU O 84 -1.21 -8.21 55.11
C LEU O 84 0.18 -7.66 54.87
N TYR O 85 0.84 -7.16 55.91
CA TYR O 85 2.22 -6.73 55.79
C TYR O 85 3.14 -7.90 55.44
N THR O 86 2.91 -9.05 56.06
CA THR O 86 3.68 -10.24 55.71
C THR O 86 3.46 -10.63 54.26
N GLY O 87 2.22 -10.56 53.80
CA GLY O 87 1.93 -10.86 52.40
C GLY O 87 2.60 -9.88 51.45
N PHE O 88 2.58 -8.59 51.80
CA PHE O 88 3.26 -7.60 50.96
C PHE O 88 4.75 -7.85 50.92
N ILE O 89 5.34 -8.20 52.07
CA ILE O 89 6.77 -8.46 52.13
C ILE O 89 7.12 -9.71 51.34
N GLN O 90 6.28 -10.74 51.42
CA GLN O 90 6.51 -11.96 50.65
C GLN O 90 6.38 -11.69 49.16
N LEU O 91 5.40 -10.89 48.76
CA LEU O 91 5.28 -10.49 47.37
C LEU O 91 6.51 -9.71 46.92
N GLY O 92 6.99 -8.80 47.76
CA GLY O 92 8.18 -8.04 47.41
C GLY O 92 9.42 -8.89 47.31
N ALA O 93 9.60 -9.84 48.22
CA ALA O 93 10.74 -10.74 48.16
C ALA O 93 10.68 -11.62 46.92
N GLY O 94 9.50 -12.15 46.61
CA GLY O 94 9.36 -12.94 45.40
C GLY O 94 9.66 -12.16 44.16
N LEU O 95 9.10 -10.94 44.06
CA LEU O 95 9.37 -10.09 42.91
C LEU O 95 10.84 -9.71 42.82
N SER O 96 11.45 -9.37 43.96
CA SER O 96 12.86 -9.03 43.99
C SER O 96 13.71 -10.15 43.40
N VAL O 97 13.67 -11.31 44.02
CA VAL O 97 14.55 -12.38 43.57
C VAL O 97 14.16 -12.81 42.16
N GLY O 98 12.86 -12.90 41.86
CA GLY O 98 12.44 -13.40 40.57
C GLY O 98 12.84 -12.49 39.42
N LEU O 99 12.52 -11.20 39.52
CA LEU O 99 12.82 -10.31 38.41
C LEU O 99 14.30 -9.94 38.34
N SER O 100 14.98 -9.86 39.49
CA SER O 100 16.43 -9.71 39.45
C SER O 100 17.10 -10.92 38.80
N GLY O 101 16.62 -12.13 39.11
CA GLY O 101 17.16 -13.31 38.47
C GLY O 101 16.75 -13.45 37.03
N LEU O 102 15.61 -12.89 36.66
CA LEU O 102 15.24 -12.80 35.25
C LEU O 102 16.22 -11.93 34.49
N ALA O 103 16.55 -10.77 35.05
CA ALA O 103 17.56 -9.90 34.44
C ALA O 103 18.93 -10.58 34.41
N ALA O 104 19.30 -11.24 35.50
CA ALA O 104 20.58 -11.93 35.56
C ALA O 104 20.64 -13.07 34.55
N GLY O 105 19.54 -13.79 34.37
CA GLY O 105 19.51 -14.86 33.39
C GLY O 105 19.56 -14.34 31.98
N PHE O 106 18.91 -13.21 31.71
CA PHE O 106 19.04 -12.56 30.41
C PHE O 106 20.50 -12.21 30.13
N ALA O 107 21.16 -11.57 31.10
CA ALA O 107 22.57 -11.23 30.93
C ALA O 107 23.43 -12.47 30.77
N ILE O 108 23.15 -13.51 31.56
CA ILE O 108 23.94 -14.74 31.48
C ILE O 108 23.75 -15.39 30.13
N GLY O 109 22.53 -15.45 29.62
CA GLY O 109 22.31 -16.04 28.31
C GLY O 109 23.05 -15.30 27.22
N ILE O 110 22.91 -13.98 27.20
CA ILE O 110 23.55 -13.19 26.15
C ILE O 110 25.08 -13.32 26.23
N VAL O 111 25.62 -13.08 27.43
CA VAL O 111 27.07 -13.08 27.61
C VAL O 111 27.65 -14.48 27.43
N GLY O 112 26.98 -15.49 27.96
CA GLY O 112 27.47 -16.85 27.81
C GLY O 112 27.44 -17.33 26.38
N ASP O 113 26.40 -16.97 25.63
CA ASP O 113 26.41 -17.25 24.20
C ASP O 113 27.61 -16.61 23.53
N ALA O 114 27.79 -15.31 23.74
CA ALA O 114 28.92 -14.62 23.12
C ALA O 114 30.24 -15.23 23.54
N GLY O 115 30.37 -15.59 24.81
CA GLY O 115 31.63 -16.08 25.33
C GLY O 115 31.97 -17.49 24.90
N VAL O 116 30.97 -18.36 24.76
CA VAL O 116 31.26 -19.69 24.25
C VAL O 116 31.57 -19.64 22.76
N ARG O 117 30.93 -18.72 22.03
CA ARG O 117 31.30 -18.58 20.63
C ARG O 117 32.69 -17.98 20.45
N GLY O 118 33.08 -17.04 21.31
CA GLY O 118 34.38 -16.41 21.18
C GLY O 118 35.53 -17.20 21.75
N SER O 119 35.26 -18.01 22.79
CA SER O 119 36.33 -18.79 23.41
C SER O 119 36.83 -19.89 22.49
N SER O 120 35.99 -20.38 21.60
CA SER O 120 36.45 -21.35 20.62
C SER O 120 37.43 -20.74 19.63
N GLN O 121 37.37 -19.42 19.45
CA GLN O 121 38.33 -18.73 18.59
C GLN O 121 39.48 -18.14 19.38
N GLN O 122 39.26 -17.78 20.65
CA GLN O 122 40.31 -17.23 21.51
C GLN O 122 40.23 -17.88 22.88
N PRO O 123 41.14 -18.80 23.20
CA PRO O 123 41.11 -19.44 24.52
C PRO O 123 41.21 -18.48 25.70
N ARG O 124 41.96 -17.38 25.56
CA ARG O 124 42.11 -16.45 26.67
C ARG O 124 40.86 -15.63 26.93
N LEU O 125 39.88 -15.66 26.01
CA LEU O 125 38.61 -14.99 26.25
C LEU O 125 37.74 -15.75 27.24
N PHE O 126 38.11 -16.98 27.58
CA PHE O 126 37.32 -17.75 28.52
C PHE O 126 37.26 -17.09 29.89
N VAL O 127 38.41 -16.59 30.38
CA VAL O 127 38.42 -15.95 31.68
C VAL O 127 37.64 -14.65 31.68
N GLY O 128 37.65 -13.92 30.57
CA GLY O 128 36.85 -12.72 30.44
C GLY O 128 35.37 -13.03 30.47
N MET O 129 34.97 -14.09 29.75
CA MET O 129 33.58 -14.52 29.79
C MET O 129 33.19 -14.95 31.19
N ILE O 130 34.10 -15.61 31.91
CA ILE O 130 33.82 -16.02 33.29
C ILE O 130 33.59 -14.79 34.16
N LEU O 131 34.43 -13.77 34.01
CA LEU O 131 34.26 -12.56 34.81
C LEU O 131 32.93 -11.87 34.51
N ILE O 132 32.59 -11.75 33.23
CA ILE O 132 31.33 -11.09 32.89
C ILE O 132 30.14 -11.91 33.39
N LEU O 133 30.27 -13.24 33.34
CA LEU O 133 29.19 -14.10 33.83
C LEU O 133 29.05 -14.00 35.34
N ILE O 134 30.16 -13.83 36.05
CA ILE O 134 30.09 -13.60 37.49
C ILE O 134 29.37 -12.29 37.77
N PHE O 135 29.69 -11.26 36.99
CA PHE O 135 29.00 -9.98 37.16
C PHE O 135 27.51 -10.10 36.88
N ALA O 136 27.13 -10.88 35.88
CA ALA O 136 25.73 -11.12 35.59
C ALA O 136 25.06 -11.91 36.72
N GLU O 137 25.75 -12.91 37.25
CA GLU O 137 25.21 -13.74 38.32
C GLU O 137 24.98 -12.93 39.58
N VAL O 138 25.87 -11.97 39.84
CA VAL O 138 25.79 -11.19 41.06
C VAL O 138 24.55 -10.31 41.07
N LEU O 139 23.95 -10.07 39.91
CA LEU O 139 22.66 -9.36 39.87
C LEU O 139 21.56 -10.19 40.52
N GLY O 140 21.43 -11.44 40.11
CA GLY O 140 20.50 -12.32 40.78
C GLY O 140 20.84 -12.53 42.23
N LEU O 141 22.14 -12.47 42.56
CA LEU O 141 22.54 -12.56 43.96
C LEU O 141 22.07 -11.34 44.76
N TYR O 142 22.15 -10.14 44.19
CA TYR O 142 21.59 -8.95 44.84
C TYR O 142 20.09 -9.10 45.04
N GLY O 143 19.39 -9.59 44.03
CA GLY O 143 17.97 -9.83 44.18
C GLY O 143 17.68 -10.82 45.29
N LEU O 144 18.47 -11.88 45.38
CA LEU O 144 18.31 -12.86 46.44
C LEU O 144 18.59 -12.26 47.81
N ILE O 145 19.61 -11.39 47.91
CA ILE O 145 19.92 -10.75 49.18
C ILE O 145 18.77 -9.87 49.63
N VAL O 146 18.22 -9.08 48.68
CA VAL O 146 17.06 -8.24 48.99
C VAL O 146 15.89 -9.10 49.43
N ALA O 147 15.65 -10.21 48.73
CA ALA O 147 14.56 -11.10 49.07
C ALA O 147 14.74 -11.72 50.44
N LEU O 148 15.97 -12.11 50.78
CA LEU O 148 16.22 -12.73 52.09
C LEU O 148 16.05 -11.73 53.22
N LEU O 149 16.57 -10.51 53.05
CA LEU O 149 16.38 -9.48 54.06
C LEU O 149 14.90 -9.15 54.24
N LEU O 150 14.19 -9.02 53.12
CA LEU O 150 12.77 -8.74 53.15
C LEU O 150 12.01 -9.85 53.85
N ASN O 151 12.23 -11.09 53.45
CA ASN O 151 11.61 -12.24 54.09
C ASN O 151 11.93 -12.30 55.58
N SER O 152 13.14 -11.88 55.96
CA SER O 152 13.46 -11.76 57.38
C SER O 152 12.60 -10.72 58.07
N ARG O 153 12.23 -9.65 57.37
CA ARG O 153 11.35 -8.65 57.98
C ARG O 153 9.87 -9.05 57.98
N ALA O 154 9.51 -10.16 57.32
CA ALA O 154 8.11 -10.44 57.05
C ALA O 154 7.29 -10.67 58.32
N THR O 155 7.85 -11.42 59.27
CA THR O 155 7.13 -11.74 60.49
C THR O 155 7.79 -11.12 61.72
N GLN O 156 8.74 -10.20 61.50
CA GLN O 156 9.44 -9.54 62.59
C GLN O 156 8.56 -8.43 63.14
N ASP O 157 8.19 -8.54 64.42
CA ASP O 157 7.41 -7.53 65.12
C ASP O 157 6.08 -7.28 64.40
N VAL O 158 5.38 -8.35 64.09
CA VAL O 158 4.16 -8.31 63.28
C VAL O 158 3.01 -8.85 64.11
N VAL O 159 1.92 -8.09 64.15
CA VAL O 159 0.77 -8.43 64.98
C VAL O 159 -0.35 -8.95 64.09
N THR P 2 -18.50 -18.34 54.45
CA THR P 2 -17.88 -17.76 55.64
C THR P 2 -17.02 -16.57 55.28
N GLU P 3 -16.17 -16.15 56.21
CA GLU P 3 -15.21 -15.09 55.97
C GLU P 3 -13.86 -15.63 55.54
N LEU P 4 -13.31 -16.59 56.30
CA LEU P 4 -12.09 -17.26 55.90
C LEU P 4 -12.31 -18.19 54.72
N CYS P 5 -13.55 -18.63 54.50
CA CYS P 5 -13.90 -19.55 53.42
C CYS P 5 -15.03 -18.94 52.61
N PRO P 6 -14.73 -17.95 51.78
CA PRO P 6 -15.77 -17.34 50.95
C PRO P 6 -16.22 -18.31 49.86
N VAL P 7 -17.36 -17.98 49.24
CA VAL P 7 -17.92 -18.86 48.22
C VAL P 7 -17.00 -18.95 47.01
N TYR P 8 -16.28 -17.88 46.71
CA TYR P 8 -15.41 -17.83 45.54
C TYR P 8 -14.03 -18.43 45.78
N ALA P 9 -13.75 -18.89 46.99
CA ALA P 9 -12.45 -19.49 47.29
C ALA P 9 -12.07 -20.65 46.37
N PRO P 10 -12.98 -21.56 45.99
CA PRO P 10 -12.57 -22.63 45.06
C PRO P 10 -12.21 -22.14 43.67
N PHE P 11 -12.54 -20.91 43.32
CA PHE P 11 -12.17 -20.39 42.00
C PHE P 11 -10.66 -20.37 41.84
N PHE P 12 -9.95 -19.90 42.86
CA PHE P 12 -8.50 -19.80 42.78
C PHE P 12 -7.86 -21.17 42.76
N GLY P 13 -8.42 -22.12 43.52
CA GLY P 13 -7.91 -23.47 43.47
C GLY P 13 -8.13 -24.14 42.13
N ALA P 14 -9.32 -23.95 41.55
CA ALA P 14 -9.61 -24.53 40.24
C ALA P 14 -8.76 -23.90 39.16
N ILE P 15 -8.53 -22.59 39.25
CA ILE P 15 -7.66 -21.91 38.30
C ILE P 15 -6.23 -22.40 38.45
N GLY P 16 -5.79 -22.65 39.69
CA GLY P 16 -4.46 -23.19 39.89
C GLY P 16 -4.31 -24.60 39.35
N CYS P 17 -5.32 -25.45 39.59
CA CYS P 17 -5.32 -26.80 39.05
C CYS P 17 -5.29 -26.79 37.54
N ALA P 18 -6.10 -25.92 36.92
CA ALA P 18 -6.08 -25.82 35.47
C ALA P 18 -4.75 -25.30 34.97
N SER P 19 -4.23 -24.24 35.60
CA SER P 19 -3.03 -23.58 35.11
C SER P 19 -1.80 -24.46 35.23
N ALA P 20 -1.73 -25.30 36.26
CA ALA P 20 -0.64 -26.26 36.35
C ALA P 20 -0.50 -27.04 35.06
N ILE P 21 -1.53 -27.80 34.69
CA ILE P 21 -1.47 -28.62 33.50
C ILE P 21 -1.41 -27.75 32.24
N ILE P 22 -2.10 -26.62 32.23
CA ILE P 22 -2.15 -25.79 31.03
C ILE P 22 -0.77 -25.27 30.68
N PHE P 23 -0.08 -24.67 31.64
CA PHE P 23 1.21 -24.07 31.34
C PHE P 23 2.31 -25.10 31.23
N THR P 24 2.27 -26.19 32.00
CA THR P 24 3.25 -27.24 31.76
C THR P 24 3.01 -27.92 30.42
N SER P 25 1.75 -28.02 29.98
CA SER P 25 1.45 -28.55 28.66
C SER P 25 1.93 -27.60 27.57
N LEU P 26 1.81 -26.29 27.79
CA LEU P 26 2.34 -25.34 26.82
C LEU P 26 3.85 -25.43 26.71
N GLY P 27 4.53 -25.53 27.85
CA GLY P 27 5.98 -25.70 27.82
C GLY P 27 6.40 -27.02 27.20
N ALA P 28 5.71 -28.10 27.56
CA ALA P 28 5.97 -29.40 26.97
C ALA P 28 5.70 -29.38 25.47
N ALA P 29 4.68 -28.67 25.05
CA ALA P 29 4.34 -28.60 23.63
C ALA P 29 5.39 -27.82 22.86
N TYR P 30 5.86 -26.70 23.41
CA TYR P 30 6.92 -25.96 22.76
C TYR P 30 8.18 -26.81 22.67
N GLY P 31 8.56 -27.47 23.77
CA GLY P 31 9.73 -28.31 23.74
C GLY P 31 9.61 -29.44 22.74
N THR P 32 8.47 -30.13 22.76
CA THR P 32 8.25 -31.24 21.84
C THR P 32 8.24 -30.77 20.39
N ALA P 33 7.58 -29.65 20.10
CA ALA P 33 7.48 -29.17 18.73
C ALA P 33 8.84 -28.77 18.20
N LYS P 34 9.61 -27.98 18.96
CA LYS P 34 10.89 -27.53 18.45
C LYS P 34 11.91 -28.66 18.39
N SER P 35 11.99 -29.48 19.44
CA SER P 35 12.89 -30.62 19.40
C SER P 35 12.50 -31.59 18.30
N GLY P 36 11.20 -31.78 18.06
CA GLY P 36 10.75 -32.68 17.01
C GLY P 36 11.06 -32.16 15.63
N VAL P 37 10.96 -30.84 15.43
CA VAL P 37 11.41 -30.26 14.17
C VAL P 37 12.89 -30.53 13.97
N GLY P 38 13.70 -30.32 15.01
CA GLY P 38 15.11 -30.65 14.91
C GLY P 38 15.36 -32.11 14.59
N ILE P 39 14.62 -33.00 15.26
CA ILE P 39 14.80 -34.44 15.07
C ILE P 39 14.44 -34.84 13.65
N CYS P 40 13.30 -34.34 13.16
CA CYS P 40 12.88 -34.67 11.80
C CYS P 40 13.86 -34.12 10.77
N ALA P 41 14.43 -32.95 11.03
CA ALA P 41 15.46 -32.42 10.14
C ALA P 41 16.68 -33.33 10.13
N THR P 42 17.15 -33.74 11.31
CA THR P 42 18.41 -34.45 11.39
C THR P 42 18.29 -35.91 10.96
N CYS P 43 17.17 -36.55 11.26
CA CYS P 43 17.03 -37.98 11.03
C CYS P 43 16.56 -38.29 9.61
N VAL P 44 16.47 -37.30 8.74
CA VAL P 44 16.31 -37.57 7.33
C VAL P 44 17.54 -38.25 6.77
N LEU P 45 18.73 -37.77 7.15
CA LEU P 45 19.98 -38.35 6.70
C LEU P 45 20.53 -39.42 7.64
N ARG P 46 20.25 -39.31 8.93
CA ARG P 46 20.80 -40.20 9.95
C ARG P 46 19.68 -40.76 10.80
N PRO P 47 18.93 -41.73 10.27
CA PRO P 47 17.90 -42.39 11.10
C PRO P 47 18.47 -43.18 12.26
N ASP P 48 19.75 -43.52 12.23
CA ASP P 48 20.34 -44.27 13.33
C ASP P 48 20.36 -43.45 14.62
N LEU P 49 20.29 -42.12 14.51
CA LEU P 49 20.23 -41.25 15.67
C LEU P 49 18.81 -40.93 16.10
N LEU P 50 17.82 -41.63 15.56
CA LEU P 50 16.42 -41.28 15.82
C LEU P 50 16.06 -41.46 17.30
N PHE P 51 16.49 -42.56 17.91
CA PHE P 51 16.13 -42.83 19.29
C PHE P 51 17.12 -42.25 20.29
N LYS P 52 18.29 -41.79 19.85
CA LYS P 52 19.12 -40.96 20.70
C LYS P 52 18.55 -39.55 20.79
N ASN P 53 18.10 -39.00 19.67
CA ASN P 53 17.63 -37.63 19.57
C ASN P 53 16.26 -37.43 20.22
N ILE P 54 15.60 -38.51 20.65
CA ILE P 54 14.26 -38.38 21.21
C ILE P 54 14.25 -37.84 22.64
N VAL P 55 15.41 -37.71 23.29
CA VAL P 55 15.42 -37.39 24.72
C VAL P 55 14.89 -36.00 25.05
N PRO P 56 15.11 -34.93 24.26
CA PRO P 56 14.44 -33.67 24.59
C PRO P 56 12.92 -33.78 24.55
N VAL P 57 12.37 -34.60 23.66
CA VAL P 57 10.93 -34.80 23.61
C VAL P 57 10.46 -35.50 24.89
N ILE P 58 11.23 -36.48 25.36
CA ILE P 58 10.91 -37.15 26.62
C ILE P 58 10.97 -36.17 27.78
N MET P 59 11.92 -35.23 27.75
CA MET P 59 12.06 -34.31 28.86
C MET P 59 10.95 -33.26 28.89
N ALA P 60 10.52 -32.81 27.71
CA ALA P 60 9.32 -31.97 27.67
C ALA P 60 8.10 -32.75 28.17
N GLY P 61 7.99 -34.03 27.82
CA GLY P 61 6.91 -34.84 28.35
C GLY P 61 6.96 -34.95 29.86
N ILE P 62 8.17 -35.04 30.42
CA ILE P 62 8.30 -35.10 31.87
C ILE P 62 7.86 -33.78 32.51
N ILE P 63 8.12 -32.66 31.83
CA ILE P 63 7.58 -31.38 32.29
C ILE P 63 6.06 -31.44 32.38
N ALA P 64 5.43 -31.96 31.32
CA ALA P 64 3.98 -32.10 31.34
C ALA P 64 3.52 -33.03 32.46
N ILE P 65 4.32 -34.04 32.79
CA ILE P 65 3.98 -34.95 33.88
C ILE P 65 4.05 -34.25 35.23
N TYR P 66 5.03 -33.38 35.42
CA TYR P 66 5.06 -32.53 36.60
C TYR P 66 3.77 -31.74 36.74
N GLY P 67 3.36 -31.11 35.63
CA GLY P 67 2.11 -30.35 35.65
C GLY P 67 0.91 -31.21 35.97
N LEU P 68 0.84 -32.41 35.39
CA LEU P 68 -0.27 -33.31 35.65
C LEU P 68 -0.31 -33.74 37.11
N VAL P 69 0.86 -34.01 37.70
CA VAL P 69 0.92 -34.41 39.10
C VAL P 69 0.37 -33.29 39.98
N VAL P 70 0.83 -32.07 39.75
CA VAL P 70 0.36 -30.97 40.58
C VAL P 70 -1.13 -30.73 40.37
N SER P 71 -1.61 -30.86 39.12
CA SER P 71 -3.02 -30.69 38.85
C SER P 71 -3.87 -31.71 39.59
N VAL P 72 -3.43 -32.97 39.61
CA VAL P 72 -4.17 -34.01 40.32
C VAL P 72 -4.20 -33.71 41.81
N LEU P 73 -3.04 -33.36 42.37
CA LEU P 73 -2.98 -33.09 43.81
C LEU P 73 -3.84 -31.89 44.20
N VAL P 74 -3.84 -30.83 43.39
CA VAL P 74 -4.69 -29.68 43.68
C VAL P 74 -6.15 -30.06 43.51
N CYS P 75 -6.47 -30.86 42.50
CA CYS P 75 -7.86 -31.25 42.26
C CYS P 75 -8.43 -32.01 43.44
N TYR P 76 -7.63 -32.88 44.06
CA TYR P 76 -8.17 -33.68 45.15
C TYR P 76 -8.21 -32.95 46.49
N SER P 77 -7.59 -31.78 46.60
CA SER P 77 -7.69 -30.94 47.79
C SER P 77 -8.67 -29.79 47.59
N LEU P 78 -9.59 -29.94 46.66
CA LEU P 78 -10.44 -28.86 46.18
C LEU P 78 -11.87 -29.13 46.61
N GLY P 79 -12.45 -28.19 47.36
CA GLY P 79 -13.76 -28.41 47.96
C GLY P 79 -14.63 -27.17 47.85
N GLN P 80 -15.92 -27.38 48.10
CA GLN P 80 -16.87 -26.29 47.98
C GLN P 80 -16.69 -25.25 49.08
N LYS P 81 -16.43 -25.71 50.30
CA LYS P 81 -16.29 -24.83 51.45
C LYS P 81 -14.84 -24.73 51.90
N GLN P 82 -13.91 -24.85 50.96
CA GLN P 82 -12.50 -24.72 51.27
C GLN P 82 -12.17 -23.27 51.61
N ALA P 83 -11.03 -23.09 52.28
CA ALA P 83 -10.60 -21.77 52.69
C ALA P 83 -10.12 -20.97 51.49
N LEU P 84 -10.19 -19.64 51.62
CA LEU P 84 -9.57 -18.77 50.64
C LEU P 84 -8.06 -18.94 50.65
N TYR P 85 -7.48 -19.20 51.81
CA TYR P 85 -6.05 -19.48 51.88
C TYR P 85 -5.70 -20.74 51.11
N THR P 86 -6.52 -21.77 51.23
CA THR P 86 -6.30 -22.99 50.44
C THR P 86 -6.36 -22.68 48.96
N GLY P 87 -7.31 -21.86 48.54
CA GLY P 87 -7.39 -21.50 47.13
C GLY P 87 -6.19 -20.70 46.66
N PHE P 88 -5.71 -19.78 47.49
CA PHE P 88 -4.52 -19.02 47.15
C PHE P 88 -3.32 -19.94 47.02
N ILE P 89 -3.19 -20.89 47.93
CA ILE P 89 -2.06 -21.81 47.89
C ILE P 89 -2.14 -22.72 46.68
N GLN P 90 -3.34 -23.18 46.33
CA GLN P 90 -3.51 -24.01 45.14
C GLN P 90 -3.21 -23.21 43.88
N LEU P 91 -3.63 -21.95 43.83
CA LEU P 91 -3.28 -21.10 42.70
C LEU P 91 -1.78 -20.90 42.63
N GLY P 92 -1.14 -20.67 43.77
CA GLY P 92 0.31 -20.49 43.78
C GLY P 92 1.05 -21.73 43.33
N ALA P 93 0.61 -22.91 43.80
CA ALA P 93 1.22 -24.16 43.38
C ALA P 93 1.05 -24.37 41.87
N GLY P 94 -0.17 -24.17 41.38
CA GLY P 94 -0.40 -24.31 39.96
C GLY P 94 0.42 -23.35 39.13
N LEU P 95 0.44 -22.07 39.52
CA LEU P 95 1.21 -21.08 38.78
C LEU P 95 2.69 -21.39 38.81
N SER P 96 3.21 -21.75 39.98
CA SER P 96 4.64 -22.03 40.10
C SER P 96 5.03 -23.20 39.21
N VAL P 97 4.33 -24.33 39.36
CA VAL P 97 4.69 -25.49 38.55
C VAL P 97 4.46 -25.21 37.07
N GLY P 98 3.34 -24.57 36.73
CA GLY P 98 2.99 -24.37 35.35
C GLY P 98 3.95 -23.45 34.62
N LEU P 99 4.29 -22.32 35.24
CA LEU P 99 5.15 -21.36 34.55
C LEU P 99 6.61 -21.74 34.65
N SER P 100 7.03 -22.43 35.72
CA SER P 100 8.36 -23.03 35.71
C SER P 100 8.47 -24.08 34.64
N GLY P 101 7.42 -24.88 34.44
CA GLY P 101 7.42 -25.85 33.36
C GLY P 101 7.33 -25.23 31.99
N LEU P 102 6.67 -24.08 31.88
CA LEU P 102 6.68 -23.35 30.61
C LEU P 102 8.08 -22.86 30.26
N ALA P 103 8.77 -22.26 31.23
CA ALA P 103 10.15 -21.83 31.00
C ALA P 103 11.05 -23.02 30.72
N ALA P 104 10.90 -24.10 31.48
CA ALA P 104 11.70 -25.30 31.26
C ALA P 104 11.43 -25.87 29.88
N GLY P 105 10.18 -25.85 29.42
CA GLY P 105 9.88 -26.35 28.09
C GLY P 105 10.43 -25.48 26.99
N PHE P 106 10.40 -24.16 27.17
CA PHE P 106 11.10 -23.27 26.24
C PHE P 106 12.57 -23.69 26.12
N ALA P 107 13.23 -23.85 27.26
CA ALA P 107 14.64 -24.22 27.24
C ALA P 107 14.83 -25.61 26.63
N ILE P 108 13.95 -26.57 26.95
CA ILE P 108 14.05 -27.90 26.39
C ILE P 108 13.95 -27.85 24.88
N GLY P 109 12.95 -27.12 24.36
CA GLY P 109 12.80 -27.02 22.92
C GLY P 109 14.00 -26.40 22.24
N ILE P 110 14.45 -25.25 22.76
CA ILE P 110 15.55 -24.54 22.12
C ILE P 110 16.83 -25.37 22.18
N VAL P 111 17.19 -25.83 23.38
CA VAL P 111 18.42 -26.59 23.56
C VAL P 111 18.36 -27.92 22.83
N GLY P 112 17.22 -28.60 22.88
CA GLY P 112 17.11 -29.88 22.21
C GLY P 112 17.16 -29.76 20.71
N ASP P 113 16.52 -28.73 20.14
CA ASP P 113 16.67 -28.48 18.72
C ASP P 113 18.13 -28.26 18.35
N ALA P 114 18.80 -27.34 19.05
CA ALA P 114 20.19 -27.05 18.74
C ALA P 114 21.05 -28.30 18.93
N GLY P 115 20.79 -29.08 19.97
CA GLY P 115 21.64 -30.21 20.28
C GLY P 115 21.44 -31.43 19.41
N VAL P 116 20.21 -31.66 18.94
CA VAL P 116 20.00 -32.75 17.99
C VAL P 116 20.54 -32.34 16.63
N ARG P 117 20.48 -31.05 16.29
CA ARG P 117 21.04 -30.60 15.03
C ARG P 117 22.56 -30.65 15.07
N GLY P 118 23.17 -30.37 16.22
CA GLY P 118 24.61 -30.43 16.33
C GLY P 118 25.13 -31.85 16.51
N SER P 119 24.36 -32.70 17.18
CA SER P 119 24.81 -34.07 17.45
C SER P 119 24.80 -34.92 16.19
N SER P 120 24.02 -34.53 15.19
CA SER P 120 24.09 -35.21 13.90
C SER P 120 25.44 -35.01 13.24
N GLN P 121 26.11 -33.92 13.57
CA GLN P 121 27.46 -33.63 13.07
C GLN P 121 28.55 -34.01 14.05
N GLN P 122 28.32 -33.80 15.34
CA GLN P 122 29.31 -34.12 16.37
C GLN P 122 28.72 -35.14 17.34
N PRO P 123 29.08 -36.42 17.22
CA PRO P 123 28.54 -37.42 18.16
C PRO P 123 28.89 -37.12 19.60
N ARG P 124 30.01 -36.46 19.86
CA ARG P 124 30.37 -36.10 21.23
C ARG P 124 29.44 -35.04 21.81
N LEU P 125 28.71 -34.31 20.97
CA LEU P 125 27.87 -33.22 21.45
C LEU P 125 26.62 -33.75 22.13
N PHE P 126 26.36 -35.06 22.03
CA PHE P 126 25.16 -35.64 22.62
C PHE P 126 25.17 -35.51 24.14
N VAL P 127 26.33 -35.75 24.76
CA VAL P 127 26.46 -35.64 26.21
C VAL P 127 26.25 -34.20 26.65
N GLY P 128 26.79 -33.25 25.90
CA GLY P 128 26.56 -31.85 26.21
C GLY P 128 25.10 -31.47 26.09
N MET P 129 24.43 -31.98 25.05
CA MET P 129 23.00 -31.76 24.92
C MET P 129 22.25 -32.28 26.13
N ILE P 130 22.57 -33.50 26.58
CA ILE P 130 21.86 -34.08 27.71
C ILE P 130 22.13 -33.29 28.99
N LEU P 131 23.36 -32.80 29.14
CA LEU P 131 23.68 -32.01 30.34
C LEU P 131 22.88 -30.71 30.37
N ILE P 132 22.88 -29.98 29.24
CA ILE P 132 22.10 -28.74 29.20
C ILE P 132 20.61 -29.03 29.33
N LEU P 133 20.16 -30.17 28.81
CA LEU P 133 18.75 -30.52 28.91
C LEU P 133 18.38 -30.88 30.34
N ILE P 134 19.30 -31.50 31.09
CA ILE P 134 19.07 -31.73 32.51
C ILE P 134 18.96 -30.41 33.25
N PHE P 135 19.83 -29.46 32.91
CA PHE P 135 19.77 -28.15 33.55
C PHE P 135 18.46 -27.42 33.22
N ALA P 136 17.92 -27.66 32.02
CA ALA P 136 16.64 -27.08 31.67
C ALA P 136 15.48 -27.80 32.36
N GLU P 137 15.60 -29.12 32.52
CA GLU P 137 14.55 -29.93 33.13
C GLU P 137 14.41 -29.62 34.61
N VAL P 138 15.53 -29.36 35.29
CA VAL P 138 15.45 -29.10 36.72
C VAL P 138 14.74 -27.78 37.01
N LEU P 139 14.54 -26.92 36.01
CA LEU P 139 13.69 -25.74 36.23
C LEU P 139 12.25 -26.16 36.50
N GLY P 140 11.69 -27.00 35.64
CA GLY P 140 10.39 -27.55 35.92
C GLY P 140 10.38 -28.39 37.18
N LEU P 141 11.51 -29.03 37.48
CA LEU P 141 11.61 -29.76 38.74
C LEU P 141 11.49 -28.83 39.95
N TYR P 142 12.17 -27.68 39.90
CA TYR P 142 12.07 -26.71 40.99
C TYR P 142 10.66 -26.19 41.12
N GLY P 143 10.01 -25.91 39.99
CA GLY P 143 8.61 -25.51 40.03
C GLY P 143 7.74 -26.56 40.67
N LEU P 144 7.98 -27.83 40.35
CA LEU P 144 7.25 -28.94 40.95
C LEU P 144 7.50 -29.01 42.45
N ILE P 145 8.74 -28.83 42.87
CA ILE P 145 9.08 -28.89 44.29
C ILE P 145 8.34 -27.78 45.04
N VAL P 146 8.35 -26.57 44.49
CA VAL P 146 7.65 -25.46 45.12
C VAL P 146 6.16 -25.73 45.18
N ALA P 147 5.61 -26.30 44.10
CA ALA P 147 4.18 -26.61 44.07
C ALA P 147 3.81 -27.67 45.10
N LEU P 148 4.63 -28.71 45.25
CA LEU P 148 4.35 -29.73 46.26
C LEU P 148 4.48 -29.17 47.67
N LEU P 149 5.47 -28.32 47.93
CA LEU P 149 5.56 -27.72 49.26
C LEU P 149 4.34 -26.86 49.56
N LEU P 150 3.96 -26.01 48.61
CA LEU P 150 2.75 -25.21 48.76
C LEU P 150 1.53 -26.11 49.02
N ASN P 151 1.35 -27.12 48.16
CA ASN P 151 0.20 -28.00 48.29
C ASN P 151 0.18 -28.72 49.62
N SER P 152 1.35 -29.06 50.16
CA SER P 152 1.41 -29.63 51.49
C SER P 152 1.01 -28.64 52.57
N ARG P 153 1.23 -27.35 52.34
CA ARG P 153 0.79 -26.33 53.30
C ARG P 153 -0.62 -25.82 53.03
N ALA P 154 -1.32 -26.37 52.03
CA ALA P 154 -2.57 -25.78 51.57
C ALA P 154 -3.71 -25.98 52.56
N THR P 155 -3.85 -27.18 53.12
CA THR P 155 -4.92 -27.48 54.07
C THR P 155 -4.37 -27.88 55.43
N GLN P 156 -3.16 -27.44 55.76
CA GLN P 156 -2.54 -27.71 57.04
C GLN P 156 -2.64 -26.45 57.90
N ASP P 157 -3.15 -26.60 59.12
CA ASP P 157 -3.43 -25.48 60.02
C ASP P 157 -4.47 -24.52 59.46
N VAL P 158 -5.43 -25.05 58.71
CA VAL P 158 -6.42 -24.24 58.00
C VAL P 158 -7.78 -24.55 58.57
N VAL P 159 -8.50 -23.49 58.97
CA VAL P 159 -9.72 -23.67 59.75
C VAL P 159 -10.91 -23.02 59.05
N CYS P 160 -12.06 -23.06 59.72
CA CYS P 160 -13.32 -22.47 59.25
C CYS P 160 -13.84 -23.18 58.01
N THR Q 2 -29.32 -18.71 46.42
CA THR Q 2 -28.49 -19.27 47.49
C THR Q 2 -27.13 -18.60 47.51
N GLU Q 3 -26.53 -18.49 48.70
CA GLU Q 3 -25.18 -17.98 48.80
C GLU Q 3 -24.19 -18.90 48.08
N LEU Q 4 -24.33 -20.21 48.28
CA LEU Q 4 -23.44 -21.17 47.66
C LEU Q 4 -23.78 -21.45 46.20
N CYS Q 5 -25.02 -21.18 45.79
CA CYS Q 5 -25.49 -21.45 44.43
C CYS Q 5 -26.12 -20.18 43.86
N PRO Q 6 -25.30 -19.20 43.49
CA PRO Q 6 -25.85 -17.99 42.88
C PRO Q 6 -26.48 -18.27 41.53
N VAL Q 7 -27.27 -17.31 41.05
CA VAL Q 7 -27.91 -17.50 39.76
C VAL Q 7 -26.89 -17.43 38.62
N TYR Q 8 -25.76 -16.77 38.84
CA TYR Q 8 -24.70 -16.69 37.84
C TYR Q 8 -23.72 -17.84 37.94
N ALA Q 9 -23.91 -18.76 38.87
CA ALA Q 9 -23.04 -19.94 38.96
C ALA Q 9 -22.95 -20.73 37.66
N PRO Q 10 -24.04 -20.94 36.90
CA PRO Q 10 -23.88 -21.67 35.63
C PRO Q 10 -23.07 -20.94 34.58
N PHE Q 11 -22.78 -19.65 34.77
CA PHE Q 11 -21.97 -18.93 33.80
C PHE Q 11 -20.58 -19.56 33.69
N PHE Q 12 -20.00 -19.92 34.84
CA PHE Q 12 -18.66 -20.47 34.85
C PHE Q 12 -18.64 -21.85 34.21
N GLY Q 13 -19.66 -22.65 34.46
CA GLY Q 13 -19.74 -23.96 33.82
C GLY Q 13 -19.96 -23.86 32.32
N ALA Q 14 -20.80 -22.92 31.90
CA ALA Q 14 -21.03 -22.71 30.47
C ALA Q 14 -19.77 -22.22 29.77
N ILE Q 15 -19.03 -21.32 30.41
CA ILE Q 15 -17.75 -20.87 29.85
C ILE Q 15 -16.75 -22.01 29.85
N GLY Q 16 -16.80 -22.89 30.84
CA GLY Q 16 -15.93 -24.06 30.82
C GLY Q 16 -16.22 -24.99 29.67
N CYS Q 17 -17.49 -25.27 29.43
CA CYS Q 17 -17.88 -26.08 28.27
C CYS Q 17 -17.47 -25.40 26.96
N ALA Q 18 -17.73 -24.11 26.86
CA ALA Q 18 -17.35 -23.37 25.67
C ALA Q 18 -15.84 -23.44 25.46
N SER Q 19 -15.07 -23.25 26.53
CA SER Q 19 -13.61 -23.29 26.42
C SER Q 19 -13.12 -24.65 25.99
N ALA Q 20 -13.73 -25.70 26.53
CA ALA Q 20 -13.36 -27.05 26.14
C ALA Q 20 -13.53 -27.25 24.64
N ILE Q 21 -14.66 -26.81 24.09
CA ILE Q 21 -14.81 -26.89 22.64
C ILE Q 21 -13.86 -25.94 21.92
N ILE Q 22 -13.80 -24.69 22.34
CA ILE Q 22 -13.14 -23.63 21.61
C ILE Q 22 -11.65 -23.91 21.44
N PHE Q 23 -10.96 -24.19 22.54
CA PHE Q 23 -9.51 -24.28 22.46
C PHE Q 23 -9.07 -25.61 21.89
N THR Q 24 -9.80 -26.69 22.16
CA THR Q 24 -9.46 -27.95 21.52
C THR Q 24 -9.74 -27.90 20.03
N SER Q 25 -10.77 -27.17 19.62
CA SER Q 25 -11.02 -26.99 18.20
C SER Q 25 -9.93 -26.15 17.55
N LEU Q 26 -9.48 -25.10 18.23
CA LEU Q 26 -8.38 -24.31 17.69
C LEU Q 26 -7.12 -25.15 17.54
N GLY Q 27 -6.80 -25.95 18.56
CA GLY Q 27 -5.65 -26.83 18.51
C GLY Q 27 -5.75 -27.88 17.43
N ALA Q 28 -6.92 -28.52 17.33
CA ALA Q 28 -7.15 -29.53 16.30
C ALA Q 28 -7.08 -28.91 14.91
N ALA Q 29 -7.64 -27.71 14.75
CA ALA Q 29 -7.60 -27.03 13.46
C ALA Q 29 -6.19 -26.68 13.07
N TYR Q 30 -5.39 -26.19 14.03
CA TYR Q 30 -4.00 -25.87 13.73
C TYR Q 30 -3.23 -27.13 13.36
N GLY Q 31 -3.41 -28.20 14.13
CA GLY Q 31 -2.73 -29.44 13.86
C GLY Q 31 -3.10 -30.01 12.50
N THR Q 32 -4.40 -30.07 12.22
CA THR Q 32 -4.89 -30.55 10.94
C THR Q 32 -4.40 -29.70 9.79
N ALA Q 33 -4.42 -28.39 9.93
CA ALA Q 33 -4.00 -27.51 8.85
C ALA Q 33 -2.53 -27.66 8.55
N LYS Q 34 -1.68 -27.58 9.58
CA LYS Q 34 -0.24 -27.69 9.36
C LYS Q 34 0.13 -29.07 8.82
N SER Q 35 -0.42 -30.12 9.43
CA SER Q 35 -0.11 -31.47 8.98
C SER Q 35 -0.62 -31.71 7.56
N GLY Q 36 -1.79 -31.18 7.22
CA GLY Q 36 -2.31 -31.36 5.88
C GLY Q 36 -1.53 -30.61 4.83
N VAL Q 37 -1.07 -29.40 5.17
CA VAL Q 37 -0.17 -28.67 4.26
C VAL Q 37 1.07 -29.50 3.99
N GLY Q 38 1.67 -30.04 5.05
CA GLY Q 38 2.82 -30.93 4.86
C GLY Q 38 2.49 -32.15 4.03
N ILE Q 39 1.33 -32.77 4.29
CA ILE Q 39 0.93 -33.98 3.56
C ILE Q 39 0.81 -33.69 2.07
N CYS Q 40 0.13 -32.59 1.74
CA CYS Q 40 -0.07 -32.25 0.33
C CYS Q 40 1.25 -31.87 -0.32
N ALA Q 41 2.11 -31.14 0.40
CA ALA Q 41 3.41 -30.77 -0.17
C ALA Q 41 4.28 -32.00 -0.42
N THR Q 42 4.11 -33.05 0.39
CA THR Q 42 4.93 -34.25 0.23
C THR Q 42 4.35 -35.24 -0.78
N CYS Q 43 3.03 -35.30 -0.91
CA CYS Q 43 2.40 -36.25 -1.80
C CYS Q 43 2.43 -35.82 -3.26
N VAL Q 44 2.93 -34.62 -3.55
CA VAL Q 44 3.07 -34.18 -4.93
C VAL Q 44 4.09 -35.05 -5.68
N LEU Q 45 4.97 -35.73 -4.95
CA LEU Q 45 5.96 -36.62 -5.54
C LEU Q 45 5.73 -38.09 -5.22
N ARG Q 46 5.29 -38.41 -4.00
CA ARG Q 46 5.17 -39.79 -3.53
C ARG Q 46 3.75 -40.01 -3.03
N PRO Q 47 2.79 -40.24 -3.94
CA PRO Q 47 1.39 -40.38 -3.52
C PRO Q 47 1.11 -41.57 -2.61
N ASP Q 48 1.90 -42.65 -2.70
CA ASP Q 48 1.60 -43.84 -1.91
C ASP Q 48 1.78 -43.62 -0.42
N LEU Q 49 2.49 -42.57 -0.03
CA LEU Q 49 2.75 -42.26 1.37
C LEU Q 49 1.62 -41.45 1.99
N LEU Q 50 0.57 -41.16 1.21
CA LEU Q 50 -0.52 -40.30 1.66
C LEU Q 50 -1.22 -40.86 2.89
N PHE Q 51 -1.58 -42.14 2.86
CA PHE Q 51 -2.27 -42.74 4.00
C PHE Q 51 -1.34 -42.98 5.17
N LYS Q 52 -0.02 -42.97 4.94
CA LYS Q 52 0.91 -42.99 6.06
C LYS Q 52 1.01 -41.63 6.73
N ASN Q 53 0.94 -40.54 5.96
CA ASN Q 53 1.07 -39.21 6.53
C ASN Q 53 -0.23 -38.69 7.14
N ILE Q 54 -1.33 -39.45 7.07
CA ILE Q 54 -2.60 -39.02 7.64
C ILE Q 54 -2.57 -39.01 9.16
N VAL Q 55 -1.50 -39.53 9.77
CA VAL Q 55 -1.48 -39.74 11.22
C VAL Q 55 -1.61 -38.44 12.01
N PRO Q 56 -0.84 -37.39 11.74
CA PRO Q 56 -1.00 -36.16 12.56
C PRO Q 56 -2.39 -35.56 12.48
N VAL Q 57 -3.07 -35.68 11.34
CA VAL Q 57 -4.45 -35.23 11.25
C VAL Q 57 -5.34 -36.03 12.19
N ILE Q 58 -5.08 -37.33 12.32
CA ILE Q 58 -5.85 -38.14 13.25
C ILE Q 58 -5.55 -37.75 14.70
N MET Q 59 -4.29 -37.41 15.00
CA MET Q 59 -3.96 -36.94 16.34
C MET Q 59 -4.70 -35.65 16.68
N ALA Q 60 -4.75 -34.72 15.73
CA ALA Q 60 -5.50 -33.49 15.92
C ALA Q 60 -6.98 -33.79 16.13
N GLY Q 61 -7.53 -34.72 15.35
CA GLY Q 61 -8.91 -35.11 15.54
C GLY Q 61 -9.17 -35.68 16.92
N ILE Q 62 -8.23 -36.45 17.44
CA ILE Q 62 -8.38 -37.01 18.78
C ILE Q 62 -8.35 -35.90 19.83
N ILE Q 63 -7.54 -34.87 19.60
CA ILE Q 63 -7.55 -33.72 20.51
C ILE Q 63 -8.93 -33.06 20.52
N ALA Q 64 -9.50 -32.88 19.33
CA ALA Q 64 -10.85 -32.32 19.24
C ALA Q 64 -11.86 -33.21 19.94
N ILE Q 65 -11.67 -34.53 19.88
CA ILE Q 65 -12.59 -35.44 20.54
C ILE Q 65 -12.46 -35.34 22.06
N TYR Q 66 -11.24 -35.13 22.56
CA TYR Q 66 -11.06 -34.84 23.99
C TYR Q 66 -11.90 -33.64 24.40
N GLY Q 67 -11.79 -32.57 23.62
CA GLY Q 67 -12.57 -31.38 23.91
C GLY Q 67 -14.07 -31.65 23.90
N LEU Q 68 -14.52 -32.40 22.89
CA LEU Q 68 -15.94 -32.73 22.79
C LEU Q 68 -16.40 -33.55 23.99
N VAL Q 69 -15.59 -34.51 24.42
CA VAL Q 69 -15.96 -35.35 25.56
C VAL Q 69 -16.12 -34.51 26.82
N VAL Q 70 -15.14 -33.64 27.08
CA VAL Q 70 -15.22 -32.83 28.30
C VAL Q 70 -16.41 -31.86 28.21
N SER Q 71 -16.67 -31.32 27.03
CA SER Q 71 -17.81 -30.41 26.89
C SER Q 71 -19.12 -31.15 27.14
N VAL Q 72 -19.28 -32.35 26.61
CA VAL Q 72 -20.50 -33.11 26.84
C VAL Q 72 -20.67 -33.42 28.32
N LEU Q 73 -19.59 -33.80 28.98
CA LEU Q 73 -19.65 -34.12 30.41
C LEU Q 73 -20.03 -32.89 31.23
N VAL Q 74 -19.44 -31.73 30.91
CA VAL Q 74 -19.79 -30.51 31.63
C VAL Q 74 -21.24 -30.11 31.35
N CYS Q 75 -21.69 -30.24 30.09
CA CYS Q 75 -23.08 -29.98 29.76
C CYS Q 75 -24.01 -30.79 30.64
N TYR Q 76 -23.75 -32.08 30.74
CA TYR Q 76 -24.63 -32.92 31.54
C TYR Q 76 -24.42 -32.74 33.03
N SER Q 77 -23.37 -32.04 33.44
CA SER Q 77 -23.22 -31.60 34.81
C SER Q 77 -23.82 -30.22 35.06
N LEU Q 78 -24.25 -29.51 34.01
CA LEU Q 78 -24.70 -28.13 34.15
C LEU Q 78 -26.16 -28.08 34.61
N GLY Q 79 -26.45 -27.14 35.52
CA GLY Q 79 -27.79 -27.00 36.04
C GLY Q 79 -28.09 -25.54 36.33
N GLN Q 80 -29.38 -25.26 36.46
CA GLN Q 80 -29.84 -23.91 36.75
C GLN Q 80 -29.51 -23.51 38.18
N LYS Q 81 -29.57 -24.46 39.11
CA LYS Q 81 -29.33 -24.23 40.52
C LYS Q 81 -28.08 -24.95 40.99
N GLN Q 82 -27.02 -24.92 40.19
CA GLN Q 82 -25.80 -25.58 40.61
C GLN Q 82 -24.98 -24.65 41.49
N ALA Q 83 -24.00 -25.22 42.17
CA ALA Q 83 -23.17 -24.45 43.07
C ALA Q 83 -22.18 -23.60 42.28
N LEU Q 84 -21.75 -22.50 42.90
CA LEU Q 84 -20.65 -21.74 42.33
C LEU Q 84 -19.38 -22.56 42.28
N TYR Q 85 -19.20 -23.47 43.24
CA TYR Q 85 -18.08 -24.39 43.22
C TYR Q 85 -18.16 -25.32 42.02
N THR Q 86 -19.37 -25.81 41.71
CA THR Q 86 -19.55 -26.65 40.53
C THR Q 86 -19.19 -25.90 39.27
N GLY Q 87 -19.58 -24.63 39.19
CA GLY Q 87 -19.21 -23.82 38.04
C GLY Q 87 -17.72 -23.57 37.94
N PHE Q 88 -17.07 -23.33 39.07
CA PHE Q 88 -15.63 -23.17 39.08
C PHE Q 88 -14.93 -24.44 38.61
N ILE Q 89 -15.43 -25.59 39.07
CA ILE Q 89 -14.85 -26.86 38.66
C ILE Q 89 -15.03 -27.07 37.17
N GLN Q 90 -16.21 -26.77 36.65
CA GLN Q 90 -16.47 -26.95 35.22
C GLN Q 90 -15.62 -26.01 34.39
N LEU Q 91 -15.43 -24.78 34.86
CA LEU Q 91 -14.56 -23.84 34.17
C LEU Q 91 -13.12 -24.34 34.17
N GLY Q 92 -12.65 -24.83 35.32
CA GLY Q 92 -11.30 -25.37 35.38
C GLY Q 92 -11.13 -26.57 34.47
N ALA Q 93 -12.12 -27.46 34.43
CA ALA Q 93 -12.05 -28.62 33.56
C ALA Q 93 -12.00 -28.21 32.09
N GLY Q 94 -12.89 -27.31 31.70
CA GLY Q 94 -12.91 -26.84 30.33
C GLY Q 94 -11.63 -26.14 29.94
N LEU Q 95 -11.12 -25.27 30.81
CA LEU Q 95 -9.87 -24.58 30.53
C LEU Q 95 -8.71 -25.55 30.41
N SER Q 96 -8.62 -26.51 31.32
CA SER Q 96 -7.52 -27.46 31.29
C SER Q 96 -7.55 -28.27 30.01
N VAL Q 97 -8.68 -28.90 29.68
CA VAL Q 97 -8.73 -29.71 28.49
C VAL Q 97 -8.52 -28.86 27.24
N GLY Q 98 -9.16 -27.69 27.19
CA GLY Q 98 -9.07 -26.87 25.99
C GLY Q 98 -7.68 -26.36 25.73
N LEU Q 99 -7.02 -25.82 26.77
CA LEU Q 99 -5.71 -25.22 26.55
C LEU Q 99 -4.60 -26.26 26.47
N SER Q 100 -4.73 -27.37 27.20
CA SER Q 100 -3.79 -28.47 27.00
C SER Q 100 -3.93 -29.04 25.60
N GLY Q 101 -5.17 -29.17 25.09
CA GLY Q 101 -5.37 -29.65 23.74
C GLY Q 101 -4.96 -28.65 22.69
N LEU Q 102 -5.02 -27.36 23.01
CA LEU Q 102 -4.50 -26.33 22.11
C LEU Q 102 -2.99 -26.44 22.00
N ALA Q 103 -2.30 -26.59 23.14
CA ALA Q 103 -0.85 -26.80 23.11
C ALA Q 103 -0.52 -28.09 22.37
N ALA Q 104 -1.25 -29.16 22.64
CA ALA Q 104 -1.04 -30.42 21.95
C ALA Q 104 -1.26 -30.26 20.45
N GLY Q 105 -2.28 -29.50 20.05
CA GLY Q 105 -2.56 -29.32 18.64
C GLY Q 105 -1.51 -28.51 17.93
N PHE Q 106 -0.97 -27.48 18.59
CA PHE Q 106 0.14 -26.75 18.00
C PHE Q 106 1.37 -27.62 17.88
N ALA Q 107 1.69 -28.39 18.92
CA ALA Q 107 2.81 -29.32 18.82
C ALA Q 107 2.58 -30.33 17.71
N ILE Q 108 1.35 -30.83 17.59
CA ILE Q 108 1.03 -31.82 16.57
C ILE Q 108 1.16 -31.21 15.17
N GLY Q 109 0.65 -29.99 14.99
CA GLY Q 109 0.77 -29.36 13.68
C GLY Q 109 2.22 -29.16 13.28
N ILE Q 110 3.03 -28.62 14.18
CA ILE Q 110 4.43 -28.34 13.86
C ILE Q 110 5.18 -29.65 13.62
N VAL Q 111 5.04 -30.60 14.55
CA VAL Q 111 5.77 -31.86 14.44
C VAL Q 111 5.30 -32.65 13.23
N GLY Q 112 4.00 -32.68 12.98
CA GLY Q 112 3.49 -33.43 11.85
C GLY Q 112 3.90 -32.84 10.52
N ASP Q 113 3.91 -31.50 10.42
CA ASP Q 113 4.44 -30.87 9.22
C ASP Q 113 5.88 -31.29 8.99
N ALA Q 114 6.74 -31.11 10.00
CA ALA Q 114 8.15 -31.46 9.84
C ALA Q 114 8.32 -32.93 9.55
N GLY Q 115 7.53 -33.78 10.20
CA GLY Q 115 7.69 -35.21 10.07
C GLY Q 115 7.23 -35.76 8.75
N VAL Q 116 6.13 -35.23 8.20
CA VAL Q 116 5.73 -35.68 6.87
C VAL Q 116 6.71 -35.18 5.83
N ARG Q 117 7.22 -33.95 6.00
CA ARG Q 117 8.28 -33.48 5.10
C ARG Q 117 9.48 -34.41 5.13
N GLY Q 118 9.90 -34.81 6.33
CA GLY Q 118 11.04 -35.71 6.44
C GLY Q 118 10.76 -37.11 5.93
N SER Q 119 9.56 -37.62 6.18
CA SER Q 119 9.22 -38.99 5.79
C SER Q 119 9.10 -39.10 4.27
N SER Q 120 8.68 -38.03 3.60
CA SER Q 120 8.71 -38.03 2.15
C SER Q 120 10.12 -38.27 1.62
N GLN Q 121 11.14 -37.93 2.41
CA GLN Q 121 12.53 -38.13 2.07
C GLN Q 121 13.13 -39.36 2.73
N GLN Q 122 12.81 -39.61 4.00
CA GLN Q 122 13.37 -40.72 4.77
C GLN Q 122 12.25 -41.64 5.24
N PRO Q 123 12.09 -42.82 4.64
CA PRO Q 123 11.02 -43.72 5.09
C PRO Q 123 11.16 -44.17 6.54
N ARG Q 124 12.37 -44.17 7.08
CA ARG Q 124 12.59 -44.60 8.46
C ARG Q 124 12.16 -43.56 9.47
N LEU Q 125 11.99 -42.30 9.05
CA LEU Q 125 11.62 -41.24 9.98
C LEU Q 125 10.14 -41.30 10.34
N PHE Q 126 9.37 -42.18 9.71
CA PHE Q 126 7.94 -42.28 10.00
C PHE Q 126 7.70 -42.69 11.45
N VAL Q 127 8.46 -43.67 11.94
CA VAL Q 127 8.26 -44.13 13.31
C VAL Q 127 8.67 -43.05 14.30
N GLY Q 128 9.71 -42.28 13.96
CA GLY Q 128 10.09 -41.16 14.80
C GLY Q 128 9.02 -40.09 14.84
N MET Q 129 8.42 -39.80 13.69
CA MET Q 129 7.30 -38.87 13.66
C MET Q 129 6.16 -39.36 14.53
N ILE Q 130 5.82 -40.65 14.44
CA ILE Q 130 4.72 -41.18 15.23
C ILE Q 130 5.04 -41.09 16.72
N LEU Q 131 6.29 -41.33 17.08
CA LEU Q 131 6.66 -41.27 18.50
C LEU Q 131 6.55 -39.85 19.03
N ILE Q 132 7.08 -38.87 18.29
CA ILE Q 132 6.97 -37.48 18.71
C ILE Q 132 5.51 -37.04 18.71
N LEU Q 133 4.70 -37.57 17.79
CA LEU Q 133 3.30 -37.22 17.74
C LEU Q 133 2.54 -37.78 18.92
N ILE Q 134 2.89 -38.98 19.36
CA ILE Q 134 2.29 -39.54 20.57
C ILE Q 134 2.68 -38.69 21.78
N PHE Q 135 3.93 -38.22 21.80
CA PHE Q 135 4.35 -37.36 22.90
C PHE Q 135 3.61 -36.03 22.88
N ALA Q 136 3.29 -35.52 21.70
CA ALA Q 136 2.49 -34.30 21.62
C ALA Q 136 1.02 -34.58 21.95
N GLU Q 137 0.57 -35.81 21.70
CA GLU Q 137 -0.81 -36.20 21.97
C GLU Q 137 -1.07 -36.35 23.46
N VAL Q 138 -0.09 -36.85 24.20
CA VAL Q 138 -0.33 -37.09 25.62
C VAL Q 138 -0.49 -35.77 26.38
N LEU Q 139 -0.11 -34.64 25.78
CA LEU Q 139 -0.40 -33.35 26.41
C LEU Q 139 -1.90 -33.10 26.46
N GLY Q 140 -2.58 -33.27 25.32
CA GLY Q 140 -4.02 -33.21 25.31
C GLY Q 140 -4.64 -34.29 26.16
N LEU Q 141 -3.99 -35.45 26.23
CA LEU Q 141 -4.50 -36.52 27.08
C LEU Q 141 -4.45 -36.15 28.56
N TYR Q 142 -3.35 -35.52 28.99
CA TYR Q 142 -3.24 -35.06 30.38
C TYR Q 142 -4.26 -33.99 30.67
N GLY Q 143 -4.46 -33.06 29.74
CA GLY Q 143 -5.53 -32.10 29.92
C GLY Q 143 -6.88 -32.76 30.07
N LEU Q 144 -7.14 -33.78 29.25
CA LEU Q 144 -8.36 -34.57 29.36
C LEU Q 144 -8.48 -35.21 30.73
N ILE Q 145 -7.39 -35.81 31.21
CA ILE Q 145 -7.42 -36.52 32.49
C ILE Q 145 -7.73 -35.56 33.62
N VAL Q 146 -7.09 -34.38 33.59
CA VAL Q 146 -7.34 -33.38 34.62
C VAL Q 146 -8.77 -32.89 34.56
N ALA Q 147 -9.31 -32.70 33.35
CA ALA Q 147 -10.70 -32.29 33.21
C ALA Q 147 -11.66 -33.33 33.72
N LEU Q 148 -11.41 -34.62 33.44
CA LEU Q 148 -12.26 -35.68 33.97
C LEU Q 148 -12.19 -35.78 35.49
N LEU Q 149 -10.99 -35.63 36.07
CA LEU Q 149 -10.90 -35.65 37.53
C LEU Q 149 -11.66 -34.48 38.13
N LEU Q 150 -11.48 -33.29 37.57
CA LEU Q 150 -12.24 -32.13 38.03
C LEU Q 150 -13.74 -32.39 37.92
N ASN Q 151 -14.20 -32.84 36.76
CA ASN Q 151 -15.62 -33.06 36.54
C ASN Q 151 -16.16 -34.15 37.48
N SER Q 152 -15.34 -35.12 37.84
CA SER Q 152 -15.76 -36.09 38.85
C SER Q 152 -15.91 -35.46 40.21
N ARG Q 153 -15.11 -34.44 40.53
CA ARG Q 153 -15.27 -33.73 41.78
C ARG Q 153 -16.21 -32.52 41.68
N ALA Q 154 -16.90 -32.36 40.55
CA ALA Q 154 -17.71 -31.16 40.34
C ALA Q 154 -18.89 -31.09 41.31
N THR Q 155 -19.61 -32.20 41.47
CA THR Q 155 -20.81 -32.24 42.31
C THR Q 155 -20.65 -33.27 43.42
N GLN Q 156 -19.41 -33.52 43.83
CA GLN Q 156 -19.12 -34.50 44.85
C GLN Q 156 -19.05 -33.81 46.20
N ASP Q 157 -19.99 -34.17 47.10
CA ASP Q 157 -20.19 -33.48 48.38
C ASP Q 157 -20.37 -31.97 48.18
N VAL Q 158 -21.38 -31.61 47.41
CA VAL Q 158 -21.66 -30.22 47.07
C VAL Q 158 -23.03 -29.86 47.62
N VAL Q 159 -23.08 -28.84 48.45
CA VAL Q 159 -24.29 -28.42 49.13
C VAL Q 159 -25.02 -27.39 48.27
N CYS Q 160 -26.33 -27.58 48.14
CA CYS Q 160 -27.16 -26.66 47.38
C CYS Q 160 -27.40 -25.37 48.14
N SER R 7 -39.02 -9.83 40.30
CA SER R 7 -39.74 -11.06 39.99
C SER R 7 -38.89 -12.28 40.30
N ASN R 8 -38.91 -13.25 39.39
CA ASN R 8 -38.12 -14.47 39.56
C ASN R 8 -36.65 -14.16 39.49
N ILE R 9 -35.89 -14.63 40.49
CA ILE R 9 -34.47 -14.34 40.55
C ILE R 9 -33.72 -15.12 39.48
N TYR R 10 -34.18 -16.33 39.16
CA TYR R 10 -33.51 -17.17 38.19
C TYR R 10 -33.76 -16.74 36.76
N ALA R 11 -34.70 -15.83 36.53
CA ALA R 11 -34.99 -15.31 35.20
C ALA R 11 -35.00 -13.79 35.24
N PRO R 12 -33.84 -13.17 35.43
CA PRO R 12 -33.79 -11.71 35.33
C PRO R 12 -33.96 -11.25 33.90
N LEU R 13 -34.32 -9.98 33.75
CA LEU R 13 -34.72 -9.48 32.44
C LEU R 13 -33.55 -9.25 31.50
N TYR R 14 -32.31 -9.43 31.96
CA TYR R 14 -31.14 -9.27 31.10
C TYR R 14 -30.62 -10.59 30.54
N ALA R 15 -31.19 -11.72 30.94
CA ALA R 15 -30.81 -13.00 30.35
C ALA R 15 -30.97 -13.05 28.82
N PRO R 16 -31.98 -12.44 28.21
CA PRO R 16 -32.02 -12.41 26.75
C PRO R 16 -30.79 -11.80 26.12
N PHE R 17 -30.09 -10.92 26.82
CA PHE R 17 -28.85 -10.38 26.26
C PHE R 17 -27.86 -11.50 25.97
N PHE R 18 -27.73 -12.44 26.90
CA PHE R 18 -26.80 -13.55 26.72
C PHE R 18 -27.33 -14.57 25.72
N GLY R 19 -28.65 -14.78 25.70
CA GLY R 19 -29.19 -15.65 24.66
C GLY R 19 -28.94 -15.11 23.25
N PHE R 20 -29.17 -13.81 23.06
CA PHE R 20 -28.94 -13.21 21.77
C PHE R 20 -27.46 -13.10 21.45
N ALA R 21 -26.62 -12.93 22.47
CA ALA R 21 -25.18 -13.00 22.26
C ALA R 21 -24.77 -14.38 21.78
N GLY R 22 -25.44 -15.42 22.29
CA GLY R 22 -25.23 -16.75 21.75
C GLY R 22 -25.62 -16.86 20.29
N CYS R 23 -26.79 -16.34 19.93
CA CYS R 23 -27.19 -16.32 18.52
C CYS R 23 -26.14 -15.65 17.66
N ALA R 24 -25.71 -14.45 18.07
CA ALA R 24 -24.76 -13.68 17.29
C ALA R 24 -23.41 -14.40 17.19
N ALA R 25 -22.91 -14.93 18.30
CA ALA R 25 -21.66 -15.67 18.26
C ALA R 25 -21.76 -16.85 17.32
N ALA R 26 -22.79 -17.68 17.48
CA ALA R 26 -23.00 -18.80 16.58
C ALA R 26 -22.91 -18.37 15.13
N MET R 27 -23.81 -17.46 14.72
CA MET R 27 -23.92 -17.20 13.29
C MET R 27 -22.72 -16.42 12.75
N VAL R 28 -22.25 -15.42 13.49
CA VAL R 28 -21.15 -14.60 13.00
C VAL R 28 -19.85 -15.40 12.93
N LEU R 29 -19.55 -16.19 13.96
CA LEU R 29 -18.30 -16.93 13.92
C LEU R 29 -18.38 -18.09 12.92
N SER R 30 -19.57 -18.68 12.74
CA SER R 30 -19.73 -19.70 11.72
C SER R 30 -19.60 -19.12 10.32
N CYS R 31 -20.17 -17.93 10.08
CA CYS R 31 -19.97 -17.26 8.80
C CYS R 31 -18.51 -16.89 8.60
N LEU R 32 -17.83 -16.46 9.65
CA LEU R 32 -16.41 -16.15 9.53
C LEU R 32 -15.60 -17.37 9.14
N GLY R 33 -15.86 -18.51 9.79
CA GLY R 33 -15.17 -19.73 9.42
C GLY R 33 -15.52 -20.19 8.01
N ALA R 34 -16.80 -20.14 7.67
CA ALA R 34 -17.24 -20.52 6.33
C ALA R 34 -16.60 -19.63 5.27
N ALA R 35 -16.47 -18.34 5.56
CA ALA R 35 -15.87 -17.41 4.61
C ALA R 35 -14.38 -17.61 4.50
N ILE R 36 -13.70 -17.86 5.61
CA ILE R 36 -12.28 -18.19 5.56
C ILE R 36 -12.07 -19.41 4.69
N GLY R 37 -12.83 -20.47 4.94
CA GLY R 37 -12.70 -21.68 4.16
C GLY R 37 -13.00 -21.45 2.69
N THR R 38 -14.13 -20.78 2.41
CA THR R 38 -14.55 -20.57 1.03
C THR R 38 -13.56 -19.71 0.28
N ALA R 39 -13.10 -18.62 0.88
CA ALA R 39 -12.22 -17.70 0.18
C ALA R 39 -10.83 -18.29 0.00
N LYS R 40 -10.30 -18.98 1.01
CA LYS R 40 -8.96 -19.51 0.88
C LYS R 40 -8.95 -20.71 -0.06
N SER R 41 -9.97 -21.57 0.02
CA SER R 41 -10.13 -22.65 -0.94
C SER R 41 -10.34 -22.11 -2.34
N GLY R 42 -11.08 -21.01 -2.48
CA GLY R 42 -11.26 -20.40 -3.80
C GLY R 42 -9.99 -19.82 -4.36
N ILE R 43 -9.12 -19.29 -3.49
CA ILE R 43 -7.78 -18.92 -3.95
C ILE R 43 -7.05 -20.14 -4.49
N GLY R 44 -7.21 -21.29 -3.81
CA GLY R 44 -6.65 -22.53 -4.34
C GLY R 44 -7.24 -22.90 -5.69
N ILE R 45 -8.56 -22.77 -5.83
CA ILE R 45 -9.24 -23.12 -7.07
C ILE R 45 -8.75 -22.23 -8.20
N ALA R 46 -8.62 -20.93 -7.94
CA ALA R 46 -8.09 -20.01 -8.94
C ALA R 46 -6.65 -20.35 -9.29
N GLY R 47 -5.87 -20.78 -8.29
CA GLY R 47 -4.53 -21.24 -8.56
C GLY R 47 -4.50 -22.44 -9.50
N ILE R 48 -5.50 -23.31 -9.38
CA ILE R 48 -5.65 -24.39 -10.37
C ILE R 48 -5.83 -23.80 -11.77
N GLY R 49 -6.56 -22.70 -11.87
CA GLY R 49 -6.81 -22.05 -13.15
C GLY R 49 -5.54 -21.63 -13.85
N THR R 50 -5.63 -21.55 -15.19
CA THR R 50 -4.58 -21.19 -16.16
C THR R 50 -3.36 -22.10 -16.04
N PHE R 51 -3.45 -23.13 -15.21
CA PHE R 51 -2.44 -24.17 -15.16
C PHE R 51 -3.04 -25.53 -15.49
N LYS R 52 -4.07 -25.96 -14.76
CA LYS R 52 -4.70 -27.26 -14.97
C LYS R 52 -6.22 -27.09 -14.86
N PRO R 53 -6.84 -26.40 -15.81
CA PRO R 53 -8.31 -26.27 -15.79
C PRO R 53 -8.97 -27.61 -16.04
N GLU R 54 -9.78 -28.05 -15.08
CA GLU R 54 -10.39 -29.37 -15.14
C GLU R 54 -11.67 -29.32 -15.98
N LEU R 55 -12.41 -30.42 -15.99
CA LEU R 55 -13.73 -30.50 -16.64
C LEU R 55 -14.84 -30.78 -15.65
N ILE R 56 -14.66 -31.78 -14.79
CA ILE R 56 -15.63 -32.12 -13.74
C ILE R 56 -15.18 -31.43 -12.46
N MET R 57 -16.16 -30.86 -11.74
CA MET R 57 -15.90 -29.95 -10.64
C MET R 57 -15.94 -30.71 -9.31
N LYS R 58 -14.85 -31.45 -9.05
CA LYS R 58 -14.59 -31.97 -7.71
C LYS R 58 -13.80 -30.98 -6.86
N SER R 59 -13.41 -29.86 -7.44
CA SER R 59 -12.66 -28.85 -6.71
C SER R 59 -13.54 -28.03 -5.77
N LEU R 60 -14.86 -28.18 -5.85
CA LEU R 60 -15.77 -27.43 -5.02
C LEU R 60 -16.01 -28.07 -3.66
N ILE R 61 -15.38 -29.20 -3.36
CA ILE R 61 -15.61 -29.88 -2.08
C ILE R 61 -15.21 -29.00 -0.89
N PRO R 62 -14.03 -28.36 -0.87
CA PRO R 62 -13.72 -27.48 0.27
C PRO R 62 -14.70 -26.33 0.43
N VAL R 63 -15.16 -25.77 -0.68
CA VAL R 63 -16.11 -24.66 -0.63
C VAL R 63 -17.44 -25.14 -0.08
N VAL R 64 -17.88 -26.33 -0.49
CA VAL R 64 -19.14 -26.87 -0.01
C VAL R 64 -19.08 -27.13 1.48
N MET R 65 -17.96 -27.68 1.96
CA MET R 65 -17.88 -27.95 3.40
C MET R 65 -17.71 -26.68 4.22
N SER R 66 -17.03 -25.68 3.68
CA SER R 66 -17.05 -24.37 4.30
C SER R 66 -18.48 -23.86 4.46
N GLY R 67 -19.28 -23.98 3.40
CA GLY R 67 -20.68 -23.57 3.50
C GLY R 67 -21.46 -24.39 4.52
N ILE R 68 -21.12 -25.68 4.65
CA ILE R 68 -21.77 -26.51 5.66
C ILE R 68 -21.46 -25.98 7.06
N LEU R 69 -20.28 -25.37 7.25
CA LEU R 69 -20.00 -24.74 8.54
C LEU R 69 -21.00 -23.63 8.85
N ALA R 70 -21.26 -22.77 7.87
CA ALA R 70 -22.28 -21.74 8.04
C ALA R 70 -23.66 -22.35 8.24
N ILE R 71 -23.91 -23.53 7.68
CA ILE R 71 -25.18 -24.22 7.94
C ILE R 71 -25.26 -24.67 9.39
N TYR R 72 -24.15 -25.15 9.95
CA TYR R 72 -24.11 -25.50 11.37
C TYR R 72 -24.45 -24.28 12.23
N GLY R 73 -23.77 -23.17 11.96
CA GLY R 73 -24.03 -21.95 12.70
C GLY R 73 -25.45 -21.46 12.54
N LEU R 74 -26.00 -21.55 11.32
CA LEU R 74 -27.39 -21.22 11.08
C LEU R 74 -28.32 -22.07 11.93
N VAL R 75 -28.09 -23.37 11.95
CA VAL R 75 -28.97 -24.29 12.69
C VAL R 75 -28.97 -23.92 14.16
N VAL R 76 -27.77 -23.71 14.73
CA VAL R 76 -27.70 -23.41 16.15
C VAL R 76 -28.33 -22.06 16.45
N ALA R 77 -28.07 -21.06 15.61
CA ALA R 77 -28.63 -19.73 15.82
C ALA R 77 -30.15 -19.76 15.75
N VAL R 78 -30.69 -20.50 14.78
CA VAL R 78 -32.15 -20.63 14.65
C VAL R 78 -32.73 -21.32 15.87
N LEU R 79 -32.08 -22.37 16.36
CA LEU R 79 -32.59 -23.07 17.53
C LEU R 79 -32.56 -22.18 18.76
N ILE R 80 -31.53 -21.36 18.90
CA ILE R 80 -31.47 -20.43 20.03
C ILE R 80 -32.57 -19.38 19.91
N ALA R 81 -32.68 -18.76 18.73
CA ALA R 81 -33.65 -17.68 18.55
C ALA R 81 -35.08 -18.18 18.67
N GLY R 82 -35.30 -19.47 18.44
CA GLY R 82 -36.62 -20.04 18.68
C GLY R 82 -37.03 -19.99 20.14
N ASN R 83 -36.07 -20.13 21.05
CA ASN R 83 -36.34 -20.15 22.48
C ASN R 83 -36.36 -18.77 23.11
N LEU R 84 -36.01 -17.73 22.37
CA LEU R 84 -35.97 -16.37 22.89
C LEU R 84 -37.27 -15.66 22.56
N SER R 85 -38.03 -15.30 23.59
CA SER R 85 -39.28 -14.58 23.43
C SER R 85 -39.37 -13.51 24.50
N PRO R 86 -40.02 -12.37 24.20
CA PRO R 86 -40.20 -11.33 25.21
C PRO R 86 -41.33 -11.59 26.18
N THR R 87 -42.11 -12.64 25.96
CA THR R 87 -43.21 -13.00 26.83
C THR R 87 -42.95 -14.26 27.62
N GLU R 88 -41.92 -15.01 27.28
CA GLU R 88 -41.61 -16.27 27.94
C GLU R 88 -40.56 -16.05 29.03
N ASP R 89 -40.65 -16.90 30.06
CA ASP R 89 -39.74 -16.83 31.20
C ASP R 89 -38.40 -17.39 30.77
N TYR R 90 -37.49 -16.49 30.39
CA TYR R 90 -36.15 -16.87 29.95
C TYR R 90 -35.21 -16.78 31.15
N THR R 91 -34.68 -17.91 31.58
CA THR R 91 -33.83 -17.93 32.77
C THR R 91 -32.42 -17.49 32.42
N LEU R 92 -31.71 -17.01 33.44
CA LEU R 92 -30.30 -16.67 33.25
C LEU R 92 -29.49 -17.89 32.90
N PHE R 93 -29.85 -19.04 33.45
CA PHE R 93 -29.22 -20.30 33.07
C PHE R 93 -29.42 -20.58 31.59
N ASN R 94 -30.63 -20.33 31.08
CA ASN R 94 -30.89 -20.51 29.66
C ASN R 94 -30.05 -19.54 28.83
N GLY R 95 -29.91 -18.30 29.28
CA GLY R 95 -29.08 -17.35 28.56
C GLY R 95 -27.62 -17.76 28.51
N PHE R 96 -27.08 -18.25 29.63
CA PHE R 96 -25.71 -18.71 29.64
C PHE R 96 -25.55 -19.96 28.79
N MET R 97 -26.55 -20.85 28.81
CA MET R 97 -26.54 -22.03 27.96
C MET R 97 -26.53 -21.66 26.49
N HIS R 98 -27.31 -20.64 26.11
CA HIS R 98 -27.36 -20.20 24.72
C HIS R 98 -26.09 -19.49 24.33
N LEU R 99 -25.51 -18.72 25.23
CA LEU R 99 -24.21 -18.11 24.96
C LEU R 99 -23.16 -19.19 24.75
N SER R 100 -23.21 -20.26 25.55
CA SER R 100 -22.30 -21.37 25.36
C SER R 100 -22.56 -22.08 24.03
N CYS R 101 -23.83 -22.29 23.67
CA CYS R 101 -24.17 -22.85 22.36
C CYS R 101 -23.51 -22.05 21.25
N GLY R 102 -23.69 -20.73 21.30
CA GLY R 102 -23.12 -19.88 20.27
C GLY R 102 -21.62 -19.92 20.25
N LEU R 103 -20.98 -19.78 21.41
CA LEU R 103 -19.53 -19.80 21.45
C LEU R 103 -18.99 -21.13 20.95
N CYS R 104 -19.57 -22.24 21.43
CA CYS R 104 -19.17 -23.57 21.01
C CYS R 104 -19.23 -23.71 19.50
N VAL R 105 -20.43 -23.59 18.93
CA VAL R 105 -20.58 -23.87 17.50
C VAL R 105 -19.79 -22.84 16.68
N GLY R 106 -19.82 -21.57 17.08
CA GLY R 106 -19.18 -20.55 16.28
C GLY R 106 -17.67 -20.70 16.24
N PHE R 107 -17.05 -20.94 17.40
CA PHE R 107 -15.60 -21.08 17.41
C PHE R 107 -15.16 -22.40 16.81
N ALA R 108 -15.95 -23.46 17.01
CA ALA R 108 -15.64 -24.72 16.32
C ALA R 108 -15.72 -24.55 14.81
N CYS R 109 -16.72 -23.83 14.32
CA CYS R 109 -16.83 -23.62 12.88
C CYS R 109 -15.77 -22.66 12.37
N LEU R 110 -15.33 -21.71 13.20
CA LEU R 110 -14.21 -20.86 12.84
C LEU R 110 -12.94 -21.67 12.67
N SER R 111 -12.68 -22.59 13.59
CA SER R 111 -11.53 -23.47 13.47
C SER R 111 -11.66 -24.41 12.27
N SER R 112 -12.85 -24.96 12.05
CA SER R 112 -13.08 -25.80 10.89
C SER R 112 -12.85 -25.04 9.60
N GLY R 113 -13.29 -23.78 9.55
CA GLY R 113 -13.08 -22.99 8.35
C GLY R 113 -11.62 -22.67 8.12
N TYR R 114 -10.87 -22.38 9.20
CA TYR R 114 -9.44 -22.19 9.05
C TYR R 114 -8.77 -23.44 8.48
N ALA R 115 -9.07 -24.60 9.07
CA ALA R 115 -8.45 -25.84 8.62
C ALA R 115 -8.88 -26.18 7.19
N ILE R 116 -10.16 -26.01 6.87
CA ILE R 116 -10.66 -26.29 5.53
C ILE R 116 -10.02 -25.35 4.52
N GLY R 117 -9.89 -24.08 4.86
CA GLY R 117 -9.26 -23.14 3.96
C GLY R 117 -7.82 -23.50 3.68
N MET R 118 -7.06 -23.81 4.73
CA MET R 118 -5.66 -24.19 4.53
C MET R 118 -5.55 -25.43 3.66
N VAL R 119 -6.29 -26.49 4.04
CA VAL R 119 -6.18 -27.77 3.35
C VAL R 119 -6.69 -27.64 1.91
N GLY R 120 -7.79 -26.92 1.71
CA GLY R 120 -8.29 -26.72 0.37
C GLY R 120 -7.34 -25.97 -0.52
N ASP R 121 -6.83 -24.82 -0.04
CA ASP R 121 -5.89 -24.05 -0.84
C ASP R 121 -4.68 -24.88 -1.22
N VAL R 122 -4.12 -25.62 -0.26
CA VAL R 122 -2.90 -26.36 -0.59
C VAL R 122 -3.19 -27.59 -1.44
N GLY R 123 -4.29 -28.29 -1.20
CA GLY R 123 -4.45 -29.61 -1.75
C GLY R 123 -5.48 -29.81 -2.84
N VAL R 124 -6.30 -28.80 -3.14
CA VAL R 124 -7.20 -28.95 -4.27
C VAL R 124 -6.41 -28.98 -5.57
N ARG R 125 -5.34 -28.18 -5.65
CA ARG R 125 -4.45 -28.25 -6.80
C ARG R 125 -3.86 -29.64 -6.93
N LYS R 126 -3.46 -30.23 -5.82
CA LYS R 126 -2.72 -31.48 -5.82
C LYS R 126 -3.60 -32.72 -5.93
N TYR R 127 -4.92 -32.61 -5.73
CA TYR R 127 -5.80 -33.72 -6.07
C TYR R 127 -6.59 -33.47 -7.34
N MET R 128 -6.51 -32.28 -7.93
CA MET R 128 -6.92 -32.12 -9.31
C MET R 128 -5.82 -32.50 -10.30
N HIS R 129 -4.56 -32.24 -9.94
CA HIS R 129 -3.46 -32.66 -10.79
C HIS R 129 -3.36 -34.17 -10.86
N GLN R 130 -3.50 -34.85 -9.72
CA GLN R 130 -3.41 -36.30 -9.66
C GLN R 130 -4.59 -36.84 -8.85
N PRO R 131 -5.49 -37.59 -9.47
CA PRO R 131 -6.69 -38.05 -8.75
C PRO R 131 -6.39 -39.05 -7.64
N ARG R 132 -5.16 -39.55 -7.53
CA ARG R 132 -4.84 -40.47 -6.46
C ARG R 132 -4.95 -39.81 -5.09
N LEU R 133 -4.54 -38.54 -4.99
CA LEU R 133 -4.56 -37.82 -3.73
C LEU R 133 -5.96 -37.37 -3.32
N PHE R 134 -6.97 -37.61 -4.17
CA PHE R 134 -8.32 -37.13 -3.89
C PHE R 134 -8.83 -37.68 -2.56
N VAL R 135 -8.71 -39.00 -2.37
CA VAL R 135 -9.27 -39.63 -1.19
C VAL R 135 -8.60 -39.10 0.07
N GLY R 136 -7.28 -38.99 0.07
CA GLY R 136 -6.56 -38.48 1.22
C GLY R 136 -6.86 -37.04 1.55
N ILE R 137 -6.90 -36.18 0.54
CA ILE R 137 -7.18 -34.77 0.79
C ILE R 137 -8.62 -34.58 1.25
N VAL R 138 -9.55 -35.35 0.67
CA VAL R 138 -10.94 -35.29 1.10
C VAL R 138 -11.06 -35.80 2.53
N LEU R 139 -10.24 -36.78 2.91
CA LEU R 139 -10.27 -37.28 4.28
C LEU R 139 -9.75 -36.23 5.26
N ILE R 140 -8.69 -35.52 4.89
CA ILE R 140 -8.22 -34.41 5.71
C ILE R 140 -9.31 -33.34 5.83
N LEU R 141 -10.02 -33.08 4.73
CA LEU R 141 -11.07 -32.08 4.76
C LEU R 141 -12.24 -32.53 5.63
N ILE R 142 -12.53 -33.83 5.64
CA ILE R 142 -13.55 -34.37 6.54
C ILE R 142 -13.12 -34.21 7.99
N PHE R 143 -11.84 -34.45 8.27
CA PHE R 143 -11.34 -34.24 9.63
C PHE R 143 -11.39 -32.77 10.01
N SER R 144 -11.30 -31.87 9.04
CA SER R 144 -11.49 -30.45 9.30
C SER R 144 -12.96 -30.10 9.52
N GLU R 145 -13.86 -30.82 8.84
CA GLU R 145 -15.30 -30.54 8.93
C GLU R 145 -15.87 -31.04 10.25
N VAL R 146 -15.33 -32.14 10.77
CA VAL R 146 -15.91 -32.73 11.97
C VAL R 146 -15.66 -31.85 13.19
N LEU R 147 -14.73 -30.90 13.12
CA LEU R 147 -14.55 -29.97 14.23
C LEU R 147 -15.80 -29.10 14.40
N GLY R 148 -16.28 -28.52 13.30
CA GLY R 148 -17.54 -27.81 13.33
C GLY R 148 -18.70 -28.72 13.69
N LEU R 149 -18.65 -29.98 13.24
CA LEU R 149 -19.69 -30.91 13.62
C LEU R 149 -19.73 -31.12 15.14
N TYR R 150 -18.55 -31.27 15.77
CA TYR R 150 -18.47 -31.40 17.22
C TYR R 150 -19.03 -30.17 17.91
N GLY R 151 -18.67 -28.99 17.40
CA GLY R 151 -19.19 -27.77 17.97
C GLY R 151 -20.70 -27.70 17.91
N MET R 152 -21.28 -28.09 16.78
CA MET R 152 -22.73 -28.10 16.65
C MET R 152 -23.36 -29.13 17.58
N ILE R 153 -22.74 -30.30 17.74
CA ILE R 153 -23.30 -31.31 18.64
C ILE R 153 -23.35 -30.79 20.06
N VAL R 154 -22.26 -30.16 20.51
CA VAL R 154 -22.24 -29.60 21.86
C VAL R 154 -23.26 -28.48 21.98
N ALA R 155 -23.40 -27.66 20.93
CA ALA R 155 -24.38 -26.59 20.95
C ALA R 155 -25.81 -27.14 21.04
N LEU R 156 -26.09 -28.23 20.32
CA LEU R 156 -27.41 -28.85 20.39
C LEU R 156 -27.69 -29.37 21.79
N ILE R 157 -26.71 -30.04 22.40
CA ILE R 157 -26.88 -30.55 23.75
C ILE R 157 -27.10 -29.40 24.73
N LEU R 158 -26.31 -28.33 24.58
CA LEU R 158 -26.43 -27.17 25.46
C LEU R 158 -27.79 -26.50 25.32
N ASN R 159 -28.29 -26.40 24.09
CA ASN R 159 -29.61 -25.83 23.88
C ASN R 159 -30.70 -26.68 24.54
N THR R 160 -30.61 -28.00 24.38
CA THR R 160 -31.57 -28.88 25.03
C THR R 160 -31.52 -28.73 26.55
N ARG R 161 -30.31 -28.69 27.11
CA ARG R 161 -30.16 -28.56 28.55
C ARG R 161 -30.67 -27.22 29.06
N GLY R 162 -30.37 -26.13 28.35
CA GLY R 162 -30.79 -24.82 28.76
C GLY R 162 -32.29 -24.62 28.70
N SER R 163 -32.96 -25.20 27.70
CA SER R 163 -34.40 -25.09 27.64
C SER R 163 -35.09 -25.94 28.71
N GLU R 164 -34.48 -27.04 29.12
CA GLU R 164 -35.05 -27.89 30.16
C GLU R 164 -34.38 -27.62 31.50
#